data_6O6R
#
_entry.id   6O6R
#
_cell.length_a   1
_cell.length_b   1
_cell.length_c   1
_cell.angle_alpha   90
_cell.angle_beta   90
_cell.angle_gamma   90
#
_symmetry.space_group_name_H-M   'P 1'
#
loop_
_entity.id
_entity.type
_entity.pdbx_description
1 polymer 'Transient receptor potential cation channel subfamily M member 8'
2 non-polymer 'CHOLESTEROL HEMISUCCINATE'
3 non-polymer UNDECANE
4 non-polymer '(1R)-2-{[(S)-(2-aminoethoxy)(hydroxy)phosphoryl]oxy}-1-[(heptanoyloxy)methyl]ethyl octadecanoate'
5 non-polymer N-(3-aminopropyl)-2-[(3-methylphenyl)methoxy]-N-[(thiophen-2-yl)methyl]benzamide
6 non-polymer 'SODIUM ION'
#
_entity_poly.entity_id   1
_entity_poly.type   'polypeptide(L)'
_entity_poly.pdbx_seq_one_letter_code
;GAMGSRHRRNGNFESSRLLYSSMSRSIDVACSDADLANFIQENFKKRECVFFTKDTKSMGNLCKCGYPENQHIEGTQVNT
TEKWNYKKHTKELPTDAFGDIQFENLGKRGKYIRLSCDTDSETLYDLMTQHWHLKTPNLVISVTGGAKNFALKPRMRKIF
SRLIYIAQSKGAWIFTGGTHYGLMKYIGEVVRDNTISRSSEENVVAIGIAAWGMISNRETLIRTADSDGSFLARYIMDDL
KRDPLYCLDNNHTHLLLVDNGTHGHPTTEAKVRTQLEKYISERVIPESNYGGKIPIVCFAQGGGKETLKSINVAIKSKIP
CVVVEGSGRIADVIASLVEAEGTLASSCVKESLLRFLPRTISRLSEEETESWIKWIKEVLESPHLLTVIKIEEAGDEIVS
NAISFALYKAFSTNEHDRDNWNGQLKLLLEWNQLDLASDEIFTNDRNWESADLQDVMFTALVKDRPKFVRLFLENGLNLR
KFLTTEVLRELYTNNFSSLVFKNLQIAKNSYNDALLTFVWKMVEDFRRGFKRDYKNSKDEMEIQLSEECPITRHPLQALF
IWSVLQNKKELSKVIWEQTRGCTLAALGASKLLKSMAKVKNDINAAGESEELANEYETRAVELFTECYSNDEDLAEQLLT
YSCEAWGGSNCLELAVEARDQQFIAQPGVQNFLSKQWYGEISRDTKNWKIIMCLFFFPLIGCGFISFRKKPVEKSKKLFL
YYVSFFTSPFVVFSWNVIFYIAFLLLFAYVLLMDFQKEPTALEIILYVLVFVLLCDEVRQWYMNGSKYFSDLWNVMDTLA
IFYFIAGIVFRLHSDESSWYSGRVIFCLDYIVFTLRLIHIFTVSRNLGPKIIMLQRMMIDVFFFLFLFAVWMVAFGVARQ
GILRKNEHRWEWIFRSVIYEPYLAMFGQYPDDIDGTTYNFDRCTFSGNESKPLCVELDANNQPRFPEWITIPLVCIYMLS
TNILLVNLLVAMFGYTVGSVQENNDQVWKFQRFFLVQEYCSRLTIPFPFVIFAYIFMVMRKCFKCCCNKESKEPSICCSR
NEDNEILAWEAVMKENYLVKINTKANDSSEEMVHRFRQLDAKLSDLKGLLKEISSKIK
;
_entity_poly.pdbx_strand_id   A,B,C,D
#
# COMPACT_ATOMS: atom_id res chain seq x y z
N LYS A 108 -47.35 -21.27 13.36
CA LYS A 108 -48.70 -21.53 13.82
C LYS A 108 -49.69 -21.68 12.68
N ARG A 109 -49.77 -20.66 11.83
CA ARG A 109 -50.84 -20.58 10.85
C ARG A 109 -50.56 -21.47 9.65
N GLY A 110 -51.33 -21.27 8.59
CA GLY A 110 -51.31 -22.17 7.46
C GLY A 110 -52.68 -22.79 7.27
N LYS A 111 -53.38 -22.37 6.24
CA LYS A 111 -54.74 -22.80 5.98
C LYS A 111 -54.75 -23.78 4.82
N TYR A 112 -55.62 -24.78 4.91
CA TYR A 112 -55.69 -25.85 3.92
C TYR A 112 -57.15 -26.06 3.52
N ILE A 113 -57.36 -26.34 2.23
CA ILE A 113 -58.69 -26.59 1.69
C ILE A 113 -58.60 -27.79 0.76
N ARG A 114 -59.40 -28.82 1.02
CA ARG A 114 -59.54 -29.95 0.11
C ARG A 114 -60.39 -29.51 -1.07
N LEU A 115 -59.91 -29.76 -2.29
CA LEU A 115 -60.61 -29.33 -3.49
C LEU A 115 -60.46 -30.37 -4.60
N SER A 116 -61.41 -30.35 -5.51
CA SER A 116 -61.45 -31.30 -6.62
C SER A 116 -60.63 -30.80 -7.81
N THR A 123 -64.55 -17.90 -8.95
CA THR A 123 -65.37 -18.62 -7.99
C THR A 123 -64.56 -18.95 -6.75
N LEU A 124 -63.27 -19.15 -6.96
CA LEU A 124 -62.31 -19.45 -5.90
C LEU A 124 -61.63 -18.21 -5.36
N TYR A 125 -61.44 -17.20 -6.21
CA TYR A 125 -60.58 -16.08 -5.89
C TYR A 125 -61.19 -15.18 -4.81
N ASP A 126 -62.52 -15.08 -4.77
CA ASP A 126 -63.16 -14.23 -3.77
C ASP A 126 -63.05 -14.81 -2.37
N LEU A 127 -62.86 -16.12 -2.26
CA LEU A 127 -62.70 -16.77 -0.95
C LEU A 127 -61.29 -16.64 -0.40
N MET A 128 -60.41 -15.86 -1.04
CA MET A 128 -59.10 -15.56 -0.49
C MET A 128 -58.71 -14.10 -0.58
N THR A 129 -59.44 -13.27 -1.32
CA THR A 129 -59.19 -11.82 -1.29
C THR A 129 -60.20 -11.06 -0.45
N GLN A 130 -61.34 -11.66 -0.14
CA GLN A 130 -62.33 -11.03 0.72
C GLN A 130 -62.33 -11.59 2.13
N HIS A 131 -62.06 -12.88 2.27
CA HIS A 131 -62.00 -13.52 3.58
C HIS A 131 -60.60 -13.49 4.18
N TRP A 132 -59.55 -13.48 3.37
CA TRP A 132 -58.20 -13.73 3.88
C TRP A 132 -57.27 -12.53 3.78
N HIS A 133 -57.01 -12.00 2.59
CA HIS A 133 -55.87 -11.09 2.45
C HIS A 133 -56.03 -10.16 1.26
N LEU A 134 -54.93 -9.54 0.85
CA LEU A 134 -54.92 -8.33 0.03
C LEU A 134 -54.92 -8.64 -1.47
N LYS A 135 -54.63 -7.62 -2.25
CA LYS A 135 -54.62 -7.64 -3.72
C LYS A 135 -53.19 -7.85 -4.21
N THR A 136 -53.06 -8.25 -5.48
CA THR A 136 -51.78 -8.58 -6.08
C THR A 136 -51.29 -7.50 -7.02
N PRO A 137 -50.17 -6.82 -6.73
CA PRO A 137 -49.47 -6.10 -7.81
C PRO A 137 -48.57 -6.99 -8.65
N ASN A 138 -48.38 -8.25 -8.30
CA ASN A 138 -47.57 -9.18 -9.05
C ASN A 138 -48.02 -10.59 -8.70
N LEU A 139 -47.62 -11.57 -9.51
CA LEU A 139 -48.04 -12.94 -9.28
C LEU A 139 -47.08 -13.87 -10.00
N VAL A 140 -46.34 -14.67 -9.24
CA VAL A 140 -45.27 -15.52 -9.78
C VAL A 140 -45.74 -16.98 -9.72
N ILE A 141 -45.40 -17.75 -10.75
CA ILE A 141 -45.72 -19.17 -10.83
C ILE A 141 -44.41 -19.94 -10.93
N SER A 142 -44.14 -20.78 -9.94
CA SER A 142 -42.98 -21.67 -9.98
C SER A 142 -43.48 -23.08 -10.23
N VAL A 143 -43.12 -23.66 -11.37
CA VAL A 143 -43.54 -25.01 -11.72
C VAL A 143 -42.31 -25.91 -11.83
N THR A 144 -42.24 -26.87 -10.94
CA THR A 144 -41.34 -28.02 -11.02
C THR A 144 -42.10 -29.32 -10.87
N GLY A 145 -43.15 -29.34 -10.06
CA GLY A 145 -43.82 -30.57 -9.72
C GLY A 145 -43.05 -31.32 -8.66
N GLY A 146 -43.55 -32.49 -8.32
CA GLY A 146 -42.99 -33.27 -7.23
C GLY A 146 -41.66 -33.93 -7.52
N ALA A 147 -40.66 -33.15 -7.91
CA ALA A 147 -39.31 -33.66 -8.06
C ALA A 147 -38.72 -33.82 -6.66
N LYS A 148 -38.56 -35.08 -6.23
CA LYS A 148 -38.06 -35.35 -4.89
C LYS A 148 -36.60 -34.93 -4.74
N ASN A 149 -35.85 -34.92 -5.83
CA ASN A 149 -34.49 -34.41 -5.84
C ASN A 149 -34.46 -33.08 -6.60
N PHE A 150 -33.64 -32.17 -6.12
CA PHE A 150 -33.41 -30.89 -6.79
C PHE A 150 -32.05 -30.39 -6.36
N ALA A 151 -31.11 -30.36 -7.31
CA ALA A 151 -29.76 -29.88 -7.03
C ALA A 151 -29.76 -28.38 -6.85
N LEU A 152 -29.76 -27.91 -5.60
CA LEU A 152 -29.69 -26.48 -5.35
C LEU A 152 -28.22 -26.07 -5.35
N LYS A 153 -27.81 -25.39 -6.40
CA LYS A 153 -26.46 -24.87 -6.53
C LYS A 153 -26.35 -23.62 -5.66
N PRO A 154 -25.17 -23.02 -5.55
CA PRO A 154 -25.13 -21.63 -5.05
C PRO A 154 -25.86 -20.65 -5.95
N ARG A 155 -26.02 -20.94 -7.24
CA ARG A 155 -26.72 -20.03 -8.13
C ARG A 155 -28.23 -20.16 -7.98
N MET A 156 -28.76 -21.38 -8.02
CA MET A 156 -30.20 -21.57 -7.90
C MET A 156 -30.71 -21.27 -6.50
N ARG A 157 -29.83 -21.33 -5.50
CA ARG A 157 -30.17 -20.84 -4.18
C ARG A 157 -30.30 -19.33 -4.18
N LYS A 158 -29.62 -18.64 -5.08
CA LYS A 158 -29.64 -17.19 -5.15
C LYS A 158 -30.75 -16.66 -6.04
N ILE A 159 -31.08 -17.37 -7.13
CA ILE A 159 -32.16 -16.94 -8.03
C ILE A 159 -33.50 -17.00 -7.32
N PHE A 160 -33.75 -18.06 -6.58
CA PHE A 160 -35.00 -18.22 -5.86
C PHE A 160 -34.95 -17.65 -4.46
N SER A 161 -33.92 -16.88 -4.14
CA SER A 161 -33.94 -16.02 -2.95
C SER A 161 -34.09 -14.56 -3.30
N ARG A 162 -33.59 -14.14 -4.46
CA ARG A 162 -33.90 -12.82 -4.97
C ARG A 162 -35.36 -12.72 -5.37
N LEU A 163 -35.94 -13.83 -5.84
CA LEU A 163 -37.32 -13.83 -6.33
C LEU A 163 -38.30 -13.59 -5.19
N ILE A 164 -38.07 -14.18 -4.03
CA ILE A 164 -38.98 -13.97 -2.91
C ILE A 164 -38.79 -12.58 -2.33
N TYR A 165 -37.59 -12.02 -2.44
CA TYR A 165 -37.40 -10.64 -2.04
C TYR A 165 -38.15 -9.69 -2.98
N ILE A 166 -38.23 -10.05 -4.26
CA ILE A 166 -39.01 -9.27 -5.21
C ILE A 166 -40.50 -9.38 -4.89
N ALA A 167 -40.97 -10.58 -4.58
CA ALA A 167 -42.35 -10.75 -4.14
C ALA A 167 -42.61 -10.13 -2.78
N GLN A 168 -41.59 -9.96 -1.95
CA GLN A 168 -41.74 -9.19 -0.73
C GLN A 168 -41.89 -7.71 -1.05
N SER A 169 -41.16 -7.23 -2.04
CA SER A 169 -41.17 -5.81 -2.40
C SER A 169 -42.46 -5.44 -3.14
N LYS A 170 -42.83 -6.23 -4.14
CA LYS A 170 -44.02 -5.92 -4.91
C LYS A 170 -45.30 -6.42 -4.27
N GLY A 171 -45.21 -7.39 -3.36
CA GLY A 171 -46.40 -7.92 -2.73
C GLY A 171 -47.12 -8.94 -3.59
N ALA A 172 -46.45 -10.02 -3.95
CA ALA A 172 -46.95 -10.97 -4.93
C ALA A 172 -47.51 -12.22 -4.25
N TRP A 173 -48.19 -13.03 -5.05
CA TRP A 173 -48.54 -14.39 -4.69
C TRP A 173 -47.65 -15.34 -5.47
N ILE A 174 -47.19 -16.39 -4.81
CA ILE A 174 -46.27 -17.34 -5.42
C ILE A 174 -46.96 -18.69 -5.41
N PHE A 175 -47.62 -19.03 -6.52
CA PHE A 175 -48.26 -20.32 -6.62
C PHE A 175 -47.22 -21.38 -6.94
N THR A 176 -47.22 -22.45 -6.16
CA THR A 176 -46.35 -23.59 -6.42
C THR A 176 -46.99 -24.84 -5.86
N GLY A 177 -46.36 -25.99 -6.10
CA GLY A 177 -46.86 -27.24 -5.56
C GLY A 177 -46.45 -27.39 -4.11
N GLY A 178 -47.39 -27.27 -3.19
CA GLY A 178 -47.05 -27.19 -1.78
C GLY A 178 -46.62 -28.48 -1.10
N THR A 179 -45.66 -29.20 -1.69
CA THR A 179 -45.14 -30.42 -1.10
C THR A 179 -43.67 -30.24 -0.73
N HIS A 180 -43.25 -31.01 0.27
CA HIS A 180 -42.01 -30.76 1.01
C HIS A 180 -40.81 -31.43 0.34
N TYR A 181 -40.54 -31.05 -0.91
CA TYR A 181 -39.51 -31.71 -1.70
C TYR A 181 -38.80 -30.72 -2.60
N GLY A 182 -37.47 -30.64 -2.46
CA GLY A 182 -36.63 -29.94 -3.42
C GLY A 182 -36.77 -28.44 -3.45
N LEU A 183 -37.26 -27.92 -4.58
CA LEU A 183 -37.44 -26.49 -4.73
C LEU A 183 -38.62 -25.98 -3.91
N MET A 184 -39.73 -26.70 -3.95
CA MET A 184 -40.95 -26.24 -3.30
C MET A 184 -40.85 -26.29 -1.77
N LYS A 185 -39.96 -27.10 -1.23
CA LYS A 185 -39.62 -26.97 0.18
C LYS A 185 -38.55 -25.92 0.41
N TYR A 186 -37.80 -25.54 -0.62
CA TYR A 186 -36.86 -24.45 -0.49
C TYR A 186 -37.55 -23.11 -0.68
N ILE A 187 -38.51 -23.04 -1.61
CA ILE A 187 -39.32 -21.84 -1.79
C ILE A 187 -40.11 -21.54 -0.52
N GLY A 188 -40.62 -22.59 0.13
CA GLY A 188 -41.33 -22.40 1.38
C GLY A 188 -40.44 -21.92 2.50
N GLU A 189 -39.20 -22.41 2.56
CA GLU A 189 -38.35 -22.04 3.69
C GLU A 189 -37.65 -20.71 3.47
N VAL A 190 -37.65 -20.17 2.25
CA VAL A 190 -37.19 -18.80 2.07
C VAL A 190 -38.30 -17.84 2.47
N VAL A 191 -39.57 -18.28 2.30
CA VAL A 191 -40.71 -17.45 2.66
C VAL A 191 -40.75 -17.22 4.17
N ARG A 192 -40.50 -18.25 4.97
CA ARG A 192 -40.41 -18.02 6.41
C ARG A 192 -39.12 -17.31 6.81
N ASP A 193 -38.10 -17.31 5.95
CA ASP A 193 -36.93 -16.49 6.22
C ASP A 193 -37.22 -15.01 6.00
N ASN A 194 -38.12 -14.68 5.07
CA ASN A 194 -38.47 -13.28 4.86
C ASN A 194 -39.50 -12.78 5.85
N THR A 195 -40.31 -13.68 6.42
CA THR A 195 -41.17 -13.28 7.52
C THR A 195 -40.43 -13.22 8.85
N ILE A 196 -39.21 -13.74 8.91
CA ILE A 196 -38.38 -13.54 10.09
C ILE A 196 -37.65 -12.22 9.99
N SER A 197 -37.03 -11.94 8.85
CA SER A 197 -36.38 -10.67 8.62
C SER A 197 -37.35 -9.64 8.03
N ASN A 203 -45.96 -8.18 2.35
CA ASN A 203 -45.59 -9.52 2.79
C ASN A 203 -45.85 -10.56 1.71
N VAL A 204 -45.22 -11.72 1.86
CA VAL A 204 -45.24 -12.75 0.82
C VAL A 204 -46.36 -13.72 1.12
N VAL A 205 -47.14 -14.06 0.10
CA VAL A 205 -48.26 -14.98 0.21
C VAL A 205 -47.92 -16.16 -0.70
N ALA A 206 -47.34 -17.21 -0.13
CA ALA A 206 -46.90 -18.36 -0.92
C ALA A 206 -47.98 -19.43 -0.91
N ILE A 207 -48.94 -19.28 -1.80
CA ILE A 207 -50.06 -20.21 -1.88
C ILE A 207 -49.59 -21.49 -2.55
N GLY A 208 -49.90 -22.62 -1.94
CA GLY A 208 -49.51 -23.93 -2.46
C GLY A 208 -50.72 -24.67 -3.00
N ILE A 209 -50.53 -25.36 -4.13
CA ILE A 209 -51.60 -26.10 -4.80
C ILE A 209 -51.05 -27.47 -5.17
N ALA A 210 -51.64 -28.52 -4.59
CA ALA A 210 -51.22 -29.90 -4.88
C ALA A 210 -52.36 -30.88 -4.64
N PRO A 244 -42.78 -42.80 -2.09
CA PRO A 244 -43.81 -43.23 -3.05
C PRO A 244 -44.95 -42.24 -3.14
N LEU A 245 -45.19 -41.51 -2.06
CA LEU A 245 -46.22 -40.48 -2.00
C LEU A 245 -45.62 -39.23 -1.35
N TYR A 246 -46.01 -38.07 -1.85
CA TYR A 246 -45.44 -36.81 -1.38
C TYR A 246 -46.00 -36.43 -0.02
N CYS A 247 -45.15 -35.80 0.79
CA CYS A 247 -45.55 -35.23 2.06
C CYS A 247 -45.73 -33.72 1.92
N LEU A 248 -46.62 -33.17 2.73
CA LEU A 248 -47.02 -31.78 2.60
C LEU A 248 -45.94 -30.87 3.16
N ASP A 249 -45.87 -29.64 2.63
CA ASP A 249 -44.85 -28.68 3.05
C ASP A 249 -45.41 -27.79 4.14
N ASN A 250 -44.70 -27.74 5.27
CA ASN A 250 -45.12 -26.94 6.42
C ASN A 250 -44.47 -25.56 6.42
N ASN A 251 -44.51 -24.87 5.29
CA ASN A 251 -43.99 -23.51 5.25
C ASN A 251 -44.78 -22.57 4.35
N HIS A 252 -45.88 -23.02 3.77
CA HIS A 252 -46.66 -22.20 2.86
C HIS A 252 -47.81 -21.56 3.62
N THR A 253 -48.20 -20.37 3.18
CA THR A 253 -49.18 -19.60 3.94
C THR A 253 -50.58 -20.17 3.76
N HIS A 254 -50.95 -20.54 2.53
CA HIS A 254 -52.25 -21.12 2.26
C HIS A 254 -52.07 -22.33 1.36
N LEU A 255 -52.65 -23.45 1.74
CA LEU A 255 -52.57 -24.67 0.95
C LEU A 255 -53.92 -24.94 0.30
N LEU A 256 -53.88 -25.42 -0.94
CA LEU A 256 -55.07 -25.64 -1.74
C LEU A 256 -55.04 -27.01 -2.41
N LEU A 257 -54.73 -28.03 -1.63
CA LEU A 257 -54.69 -29.38 -2.16
C LEU A 257 -56.10 -29.91 -2.41
N THR A 267 -49.95 -33.85 -11.17
CA THR A 267 -50.74 -34.76 -11.99
C THR A 267 -52.19 -34.28 -12.09
N THR A 268 -52.98 -34.59 -11.06
CA THR A 268 -54.40 -34.28 -11.08
C THR A 268 -54.72 -32.86 -10.66
N GLU A 269 -53.73 -32.10 -10.18
CA GLU A 269 -53.98 -30.78 -9.62
C GLU A 269 -53.75 -29.64 -10.61
N ALA A 270 -53.12 -29.91 -11.76
CA ALA A 270 -52.71 -28.84 -12.66
C ALA A 270 -53.80 -28.49 -13.67
N LYS A 271 -55.01 -28.33 -13.20
CA LYS A 271 -56.06 -27.69 -13.98
C LYS A 271 -56.77 -26.60 -13.20
N VAL A 272 -56.96 -26.80 -11.90
CA VAL A 272 -57.50 -25.74 -11.06
C VAL A 272 -56.45 -24.67 -10.81
N ARG A 273 -55.16 -25.04 -10.88
CA ARG A 273 -54.09 -24.06 -10.76
C ARG A 273 -54.03 -23.16 -11.98
N THR A 274 -54.20 -23.74 -13.17
CA THR A 274 -54.21 -22.95 -14.40
C THR A 274 -55.44 -22.06 -14.48
N GLN A 275 -56.63 -22.63 -14.29
CA GLN A 275 -57.88 -21.87 -14.38
C GLN A 275 -58.05 -20.85 -13.26
N LEU A 276 -57.22 -20.89 -12.23
CA LEU A 276 -57.15 -19.79 -11.27
C LEU A 276 -56.24 -18.68 -11.76
N GLU A 277 -55.00 -19.01 -12.13
CA GLU A 277 -54.08 -17.98 -12.58
C GLU A 277 -54.45 -17.41 -13.95
N LYS A 278 -55.27 -18.12 -14.73
CA LYS A 278 -55.83 -17.55 -15.94
C LYS A 278 -56.97 -16.60 -15.64
N TYR A 279 -57.57 -16.69 -14.46
CA TYR A 279 -58.62 -15.75 -14.07
C TYR A 279 -58.04 -14.46 -13.52
N ILE A 280 -56.89 -14.54 -12.83
CA ILE A 280 -56.28 -13.33 -12.30
C ILE A 280 -55.67 -12.50 -13.42
N SER A 281 -55.20 -13.16 -14.48
CA SER A 281 -54.81 -12.45 -15.69
C SER A 281 -55.99 -11.84 -16.41
N GLU A 282 -57.19 -12.38 -16.21
CA GLU A 282 -58.40 -11.89 -16.85
C GLU A 282 -58.95 -10.63 -16.21
N ARG A 283 -58.49 -10.27 -15.02
CA ARG A 283 -59.16 -9.27 -14.23
C ARG A 283 -58.86 -7.87 -14.74
N VAL A 284 -59.70 -6.92 -14.34
CA VAL A 284 -59.56 -5.50 -14.66
C VAL A 284 -59.47 -4.74 -13.35
N ILE A 285 -58.44 -3.91 -13.22
CA ILE A 285 -58.06 -3.31 -11.94
C ILE A 285 -58.07 -1.79 -12.10
N PRO A 286 -58.77 -1.06 -11.22
CA PRO A 286 -58.82 0.40 -11.35
C PRO A 286 -57.57 1.11 -10.85
N GLU A 287 -56.68 0.42 -10.11
CA GLU A 287 -55.37 1.00 -9.80
C GLU A 287 -54.57 1.19 -11.07
N SER A 288 -54.56 0.16 -11.94
CA SER A 288 -54.16 0.25 -13.35
C SER A 288 -52.70 0.69 -13.54
N ASN A 289 -51.79 -0.18 -13.11
CA ASN A 289 -50.39 0.04 -13.43
C ASN A 289 -49.96 -0.73 -14.67
N TYR A 290 -50.30 -2.01 -14.72
CA TYR A 290 -50.03 -2.87 -15.88
C TYR A 290 -51.22 -2.89 -16.84
N GLY A 291 -51.75 -1.72 -17.16
CA GLY A 291 -53.06 -1.63 -17.80
C GLY A 291 -54.15 -2.32 -17.00
N GLY A 292 -54.10 -2.21 -15.69
CA GLY A 292 -54.83 -3.14 -14.84
C GLY A 292 -54.17 -4.50 -14.89
N LYS A 293 -55.00 -5.53 -15.03
CA LYS A 293 -54.62 -6.82 -15.59
C LYS A 293 -53.72 -7.72 -14.74
N ILE A 294 -53.17 -7.23 -13.63
CA ILE A 294 -52.47 -8.02 -12.60
C ILE A 294 -51.32 -8.88 -13.14
N PRO A 295 -50.11 -8.33 -13.26
CA PRO A 295 -48.98 -9.04 -13.91
C PRO A 295 -48.68 -10.47 -13.45
N ILE A 296 -48.82 -11.44 -14.36
CA ILE A 296 -48.57 -12.85 -14.09
C ILE A 296 -47.25 -13.24 -14.74
N VAL A 297 -46.36 -13.83 -13.96
CA VAL A 297 -45.12 -14.40 -14.46
C VAL A 297 -45.11 -15.87 -14.09
N CYS A 298 -44.55 -16.71 -14.96
CA CYS A 298 -44.40 -18.13 -14.71
C CYS A 298 -42.93 -18.51 -14.82
N PHE A 299 -42.31 -18.96 -13.73
CA PHE A 299 -40.94 -19.43 -13.82
C PHE A 299 -40.87 -20.87 -14.30
N ALA A 300 -39.65 -21.29 -14.60
CA ALA A 300 -39.36 -22.66 -15.03
C ALA A 300 -37.87 -22.89 -14.88
N GLN A 301 -37.50 -23.98 -14.20
CA GLN A 301 -36.09 -24.29 -14.03
C GLN A 301 -35.74 -25.76 -14.20
N GLY A 302 -36.69 -26.69 -14.18
CA GLY A 302 -36.40 -28.10 -14.18
C GLY A 302 -37.13 -28.83 -15.29
N GLY A 303 -36.93 -30.15 -15.31
CA GLY A 303 -37.45 -31.00 -16.36
C GLY A 303 -38.64 -31.83 -15.92
N GLY A 304 -39.09 -32.67 -16.84
CA GLY A 304 -40.27 -33.48 -16.64
C GLY A 304 -41.41 -33.05 -17.55
N LYS A 305 -42.40 -33.93 -17.62
CA LYS A 305 -43.56 -33.67 -18.45
C LYS A 305 -44.43 -32.56 -17.87
N GLU A 306 -44.46 -32.44 -16.55
CA GLU A 306 -45.41 -31.54 -15.91
C GLU A 306 -45.03 -30.08 -16.10
N THR A 307 -43.74 -29.76 -15.98
CA THR A 307 -43.30 -28.40 -16.23
C THR A 307 -43.26 -28.05 -17.71
N LEU A 308 -43.44 -29.02 -18.60
CA LEU A 308 -43.50 -28.70 -20.02
C LEU A 308 -44.89 -28.28 -20.44
N LYS A 309 -45.92 -28.94 -19.91
CA LYS A 309 -47.27 -28.52 -20.21
C LYS A 309 -47.67 -27.29 -19.41
N SER A 310 -46.94 -26.97 -18.33
CA SER A 310 -47.22 -25.76 -17.57
C SER A 310 -46.79 -24.53 -18.34
N ILE A 311 -45.67 -24.62 -19.05
CA ILE A 311 -45.27 -23.56 -19.98
C ILE A 311 -46.24 -23.48 -21.15
N ASN A 312 -46.73 -24.63 -21.60
CA ASN A 312 -47.73 -24.68 -22.67
C ASN A 312 -49.02 -23.99 -22.27
N VAL A 313 -49.65 -24.44 -21.18
CA VAL A 313 -50.98 -23.96 -20.85
C VAL A 313 -50.93 -22.53 -20.33
N ALA A 314 -49.74 -22.04 -19.98
CA ALA A 314 -49.58 -20.60 -19.75
C ALA A 314 -49.62 -19.84 -21.07
N ILE A 315 -48.68 -20.14 -21.97
CA ILE A 315 -48.48 -19.34 -23.18
C ILE A 315 -49.64 -19.53 -24.16
N LYS A 316 -50.12 -20.75 -24.31
CA LYS A 316 -51.12 -21.04 -25.34
C LYS A 316 -52.49 -20.49 -24.97
N SER A 317 -52.92 -20.69 -23.72
CA SER A 317 -54.28 -20.34 -23.34
C SER A 317 -54.45 -18.83 -23.23
N LYS A 318 -53.74 -18.20 -22.33
CA LYS A 318 -53.79 -16.76 -22.16
C LYS A 318 -52.38 -16.22 -22.41
N ILE A 319 -52.15 -14.95 -22.09
CA ILE A 319 -50.83 -14.37 -22.21
C ILE A 319 -50.26 -14.03 -20.84
N PRO A 320 -49.78 -15.01 -20.03
CA PRO A 320 -48.73 -14.67 -19.06
C PRO A 320 -47.37 -14.96 -19.64
N CYS A 321 -46.44 -14.05 -19.45
CA CYS A 321 -45.07 -14.29 -19.88
C CYS A 321 -44.42 -15.37 -19.01
N VAL A 322 -43.44 -16.06 -19.58
CA VAL A 322 -42.80 -17.19 -18.94
C VAL A 322 -41.30 -16.94 -18.93
N VAL A 323 -40.65 -17.17 -17.79
CA VAL A 323 -39.22 -16.97 -17.64
C VAL A 323 -38.57 -18.32 -17.35
N VAL A 324 -37.56 -18.68 -18.13
CA VAL A 324 -36.80 -19.90 -17.90
C VAL A 324 -35.36 -19.51 -17.64
N GLU A 325 -34.54 -20.50 -17.27
CA GLU A 325 -33.11 -20.26 -17.14
C GLU A 325 -32.32 -21.51 -17.50
N GLY A 326 -31.05 -21.28 -17.86
CA GLY A 326 -30.19 -22.33 -18.33
C GLY A 326 -29.51 -23.12 -17.23
N SER A 327 -30.29 -23.74 -16.34
CA SER A 327 -29.76 -24.70 -15.39
C SER A 327 -30.90 -25.65 -15.03
N GLY A 328 -30.90 -26.82 -15.66
CA GLY A 328 -32.00 -27.76 -15.49
C GLY A 328 -32.08 -28.67 -16.71
N ARG A 329 -33.12 -29.50 -16.71
CA ARG A 329 -33.24 -30.49 -17.79
C ARG A 329 -33.88 -29.88 -19.03
N ILE A 330 -35.15 -29.47 -18.94
CA ILE A 330 -35.85 -28.97 -20.12
C ILE A 330 -35.95 -27.46 -20.14
N ALA A 331 -35.69 -26.78 -19.02
CA ALA A 331 -35.54 -25.34 -19.08
C ALA A 331 -34.24 -24.94 -19.73
N ASP A 332 -33.25 -25.84 -19.76
CA ASP A 332 -32.07 -25.63 -20.58
C ASP A 332 -32.33 -25.93 -22.05
N VAL A 333 -33.34 -26.75 -22.35
CA VAL A 333 -33.71 -27.01 -23.74
C VAL A 333 -34.31 -25.77 -24.38
N ILE A 334 -35.29 -25.16 -23.71
CA ILE A 334 -35.90 -23.95 -24.26
C ILE A 334 -34.98 -22.75 -24.09
N ALA A 335 -33.97 -22.83 -23.22
CA ALA A 335 -32.93 -21.81 -23.23
C ALA A 335 -31.99 -21.97 -24.41
N SER A 336 -31.99 -23.13 -25.06
CA SER A 336 -31.19 -23.36 -26.26
C SER A 336 -32.00 -23.23 -27.54
N LEU A 337 -33.33 -23.33 -27.48
CA LEU A 337 -34.18 -23.26 -28.65
C LEU A 337 -34.88 -21.92 -28.77
N VAL A 338 -34.23 -20.84 -28.33
CA VAL A 338 -34.74 -19.50 -28.55
C VAL A 338 -33.77 -18.62 -29.32
N GLU A 339 -32.48 -18.92 -29.32
CA GLU A 339 -31.52 -18.18 -30.14
C GLU A 339 -31.34 -18.81 -31.51
N ALA A 340 -32.46 -19.13 -32.15
CA ALA A 340 -32.45 -19.89 -33.39
C ALA A 340 -33.79 -19.70 -34.10
N GLU A 341 -33.72 -19.34 -35.37
CA GLU A 341 -34.88 -19.33 -36.25
C GLU A 341 -34.64 -20.37 -37.34
N GLY A 342 -35.44 -21.42 -37.34
CA GLY A 342 -35.29 -22.47 -38.33
C GLY A 342 -36.61 -22.90 -38.93
N THR A 343 -37.52 -21.93 -39.09
CA THR A 343 -38.92 -22.13 -39.47
C THR A 343 -39.59 -23.17 -38.56
N LEU A 344 -39.64 -22.79 -37.28
CA LEU A 344 -40.24 -23.49 -36.13
C LEU A 344 -39.42 -24.69 -35.68
N ALA A 345 -38.38 -25.05 -36.44
CA ALA A 345 -37.39 -26.08 -36.10
C ALA A 345 -38.06 -27.44 -35.82
N SER A 346 -38.60 -28.01 -36.90
CA SER A 346 -39.59 -29.09 -36.80
C SER A 346 -39.04 -30.37 -36.17
N SER A 347 -37.73 -30.59 -36.23
CA SER A 347 -37.14 -31.75 -35.58
C SER A 347 -35.89 -31.41 -34.80
N CYS A 348 -35.60 -30.13 -34.56
CA CYS A 348 -34.49 -29.76 -33.69
C CYS A 348 -34.82 -29.99 -32.22
N VAL A 349 -36.09 -30.20 -31.89
CA VAL A 349 -36.47 -30.68 -30.56
C VAL A 349 -35.85 -32.05 -30.32
N LYS A 350 -35.83 -32.90 -31.34
CA LYS A 350 -35.07 -34.14 -31.31
C LYS A 350 -33.57 -33.93 -31.39
N GLU A 351 -33.11 -32.90 -32.10
CA GLU A 351 -31.70 -32.59 -32.16
C GLU A 351 -31.23 -31.84 -30.92
N SER A 352 -32.15 -31.25 -30.17
CA SER A 352 -31.89 -30.91 -28.77
C SER A 352 -32.45 -32.04 -27.92
N LEU A 353 -32.46 -31.86 -26.60
CA LEU A 353 -33.23 -32.65 -25.63
C LEU A 353 -32.76 -34.10 -25.48
N LEU A 354 -31.87 -34.56 -26.34
CA LEU A 354 -31.29 -35.91 -26.30
C LEU A 354 -29.83 -35.89 -25.90
N ARG A 355 -29.11 -34.89 -26.36
CA ARG A 355 -27.69 -34.73 -26.12
C ARG A 355 -27.42 -33.97 -24.83
N PHE A 356 -28.48 -33.56 -24.13
CA PHE A 356 -28.36 -32.82 -22.88
C PHE A 356 -29.25 -33.36 -21.77
N LEU A 357 -30.05 -34.40 -22.03
CA LEU A 357 -30.81 -35.17 -21.05
C LEU A 357 -31.17 -36.52 -21.66
N PRO A 358 -30.22 -37.46 -21.70
CA PRO A 358 -30.38 -38.64 -22.56
C PRO A 358 -31.19 -39.78 -21.96
N ARG A 359 -31.69 -39.66 -20.73
CA ARG A 359 -32.32 -40.81 -20.11
C ARG A 359 -33.84 -40.72 -20.02
N THR A 360 -34.44 -39.56 -20.29
CA THR A 360 -35.88 -39.44 -20.18
C THR A 360 -36.62 -39.89 -21.42
N ILE A 361 -35.95 -39.95 -22.58
CA ILE A 361 -36.59 -40.34 -23.82
C ILE A 361 -36.75 -41.86 -23.89
N SER A 362 -35.79 -42.60 -23.36
CA SER A 362 -35.88 -44.05 -23.30
C SER A 362 -36.61 -44.50 -22.04
N ARG A 363 -37.77 -43.88 -21.78
CA ARG A 363 -38.66 -44.26 -20.70
C ARG A 363 -40.12 -44.17 -21.09
N LEU A 364 -40.44 -43.85 -22.34
CA LEU A 364 -41.81 -43.61 -22.77
C LEU A 364 -41.90 -43.88 -24.26
N SER A 365 -43.13 -43.85 -24.78
CA SER A 365 -43.38 -44.22 -26.17
C SER A 365 -42.91 -43.12 -27.12
N GLU A 366 -42.95 -43.42 -28.41
CA GLU A 366 -42.51 -42.48 -29.44
C GLU A 366 -43.61 -41.48 -29.79
N GLU A 367 -44.87 -41.93 -29.80
CA GLU A 367 -45.97 -41.05 -30.17
C GLU A 367 -46.23 -39.96 -29.16
N GLU A 368 -45.86 -40.18 -27.90
CA GLU A 368 -45.86 -39.13 -26.90
C GLU A 368 -44.55 -38.36 -26.88
N THR A 369 -43.45 -38.99 -27.31
CA THR A 369 -42.20 -38.26 -27.47
C THR A 369 -42.29 -37.28 -28.64
N GLU A 370 -42.97 -37.67 -29.71
CA GLU A 370 -43.28 -36.71 -30.76
C GLU A 370 -44.31 -35.69 -30.31
N SER A 371 -45.16 -36.06 -29.34
CA SER A 371 -46.07 -35.07 -28.77
C SER A 371 -45.33 -34.05 -27.93
N TRP A 372 -44.18 -34.42 -27.37
CA TRP A 372 -43.32 -33.43 -26.71
C TRP A 372 -42.72 -32.46 -27.70
N ILE A 373 -42.46 -32.92 -28.93
CA ILE A 373 -42.05 -32.01 -29.99
C ILE A 373 -43.21 -31.11 -30.38
N LYS A 374 -44.44 -31.66 -30.35
CA LYS A 374 -45.61 -30.81 -30.52
C LYS A 374 -45.82 -29.91 -29.31
N TRP A 375 -45.41 -30.36 -28.11
CA TRP A 375 -45.51 -29.50 -26.94
C TRP A 375 -44.53 -28.34 -27.03
N ILE A 376 -43.27 -28.62 -27.36
CA ILE A 376 -42.23 -27.59 -27.32
C ILE A 376 -42.41 -26.59 -28.45
N LYS A 377 -42.81 -27.04 -29.64
CA LYS A 377 -42.87 -26.15 -30.78
C LYS A 377 -44.03 -25.15 -30.72
N GLU A 378 -45.06 -25.41 -29.92
CA GLU A 378 -46.09 -24.41 -29.75
C GLU A 378 -45.80 -23.45 -28.60
N VAL A 379 -44.78 -23.73 -27.79
CA VAL A 379 -44.23 -22.71 -26.89
C VAL A 379 -43.54 -21.63 -27.71
N LEU A 380 -42.71 -22.04 -28.66
CA LEU A 380 -41.90 -21.12 -29.46
C LEU A 380 -42.71 -20.41 -30.55
N GLU A 381 -44.03 -20.57 -30.59
CA GLU A 381 -44.84 -19.83 -31.54
C GLU A 381 -44.89 -18.35 -31.20
N SER A 382 -44.68 -18.00 -29.95
CA SER A 382 -44.51 -16.60 -29.53
C SER A 382 -43.25 -16.49 -28.71
N PRO A 383 -42.13 -16.06 -29.28
CA PRO A 383 -40.89 -15.91 -28.52
C PRO A 383 -40.82 -14.61 -27.72
N HIS A 384 -41.85 -13.79 -27.77
CA HIS A 384 -41.94 -12.60 -26.95
C HIS A 384 -42.53 -12.89 -25.57
N LEU A 385 -42.79 -14.16 -25.25
CA LEU A 385 -43.23 -14.56 -23.92
C LEU A 385 -42.23 -15.50 -23.28
N LEU A 386 -40.94 -15.29 -23.55
CA LEU A 386 -39.95 -16.27 -23.13
C LEU A 386 -38.63 -15.55 -22.86
N THR A 387 -38.41 -15.20 -21.61
CA THR A 387 -37.16 -14.60 -21.18
C THR A 387 -36.28 -15.69 -20.57
N VAL A 388 -34.98 -15.59 -20.82
CA VAL A 388 -34.02 -16.57 -20.34
C VAL A 388 -33.06 -15.88 -19.39
N ILE A 389 -33.00 -16.35 -18.15
CA ILE A 389 -31.99 -15.89 -17.20
C ILE A 389 -30.71 -16.66 -17.54
N LYS A 390 -29.84 -16.05 -18.33
CA LYS A 390 -28.69 -16.75 -18.85
C LYS A 390 -27.64 -16.95 -17.77
N ILE A 391 -26.66 -17.81 -18.08
CA ILE A 391 -25.75 -18.28 -17.04
C ILE A 391 -24.67 -17.26 -16.74
N GLU A 392 -24.27 -16.46 -17.73
CA GLU A 392 -23.20 -15.48 -17.55
C GLU A 392 -23.65 -14.23 -16.81
N GLU A 393 -24.90 -14.17 -16.37
CA GLU A 393 -25.40 -13.04 -15.57
C GLU A 393 -24.98 -13.20 -14.12
N ALA A 394 -23.67 -13.02 -13.89
CA ALA A 394 -23.08 -13.19 -12.56
C ALA A 394 -23.12 -11.88 -11.79
N GLY A 395 -24.32 -11.50 -11.38
CA GLY A 395 -24.51 -10.26 -10.67
C GLY A 395 -25.88 -10.19 -10.03
N ASP A 396 -26.01 -9.25 -9.11
CA ASP A 396 -27.30 -8.99 -8.49
C ASP A 396 -28.25 -8.33 -9.49
N GLU A 397 -29.54 -8.36 -9.15
CA GLU A 397 -30.63 -7.76 -9.92
C GLU A 397 -30.66 -8.33 -11.34
N ILE A 398 -30.77 -9.65 -11.41
CA ILE A 398 -30.98 -10.33 -12.68
C ILE A 398 -32.28 -11.11 -12.72
N VAL A 399 -32.89 -11.40 -11.59
CA VAL A 399 -34.24 -11.95 -11.60
C VAL A 399 -35.24 -10.86 -11.99
N SER A 400 -35.15 -9.70 -11.34
CA SER A 400 -36.02 -8.59 -11.70
C SER A 400 -35.69 -7.99 -13.05
N ASN A 401 -34.46 -8.17 -13.52
CA ASN A 401 -34.14 -7.78 -14.90
C ASN A 401 -34.79 -8.71 -15.91
N ALA A 402 -35.15 -9.92 -15.50
CA ALA A 402 -35.84 -10.86 -16.37
C ALA A 402 -37.34 -10.83 -16.18
N ILE A 403 -37.83 -10.59 -14.96
CA ILE A 403 -39.26 -10.50 -14.73
C ILE A 403 -39.83 -9.24 -15.36
N SER A 404 -39.12 -8.11 -15.22
CA SER A 404 -39.60 -6.87 -15.80
C SER A 404 -39.52 -6.89 -17.31
N PHE A 405 -38.47 -7.51 -17.86
CA PHE A 405 -38.35 -7.62 -19.30
C PHE A 405 -39.40 -8.59 -19.86
N ALA A 406 -39.81 -9.56 -19.07
CA ALA A 406 -40.92 -10.41 -19.48
C ALA A 406 -42.24 -9.67 -19.42
N LEU A 407 -42.42 -8.84 -18.40
CA LEU A 407 -43.65 -8.07 -18.29
C LEU A 407 -43.68 -6.92 -19.29
N TYR A 408 -42.51 -6.39 -19.66
CA TYR A 408 -42.47 -5.34 -20.67
C TYR A 408 -42.77 -5.89 -22.04
N LYS A 409 -42.35 -7.13 -22.32
CA LYS A 409 -42.65 -7.76 -23.60
C LYS A 409 -44.13 -8.02 -23.75
N ALA A 410 -44.76 -8.56 -22.71
CA ALA A 410 -46.19 -8.89 -22.79
C ALA A 410 -47.06 -7.65 -22.80
N PHE A 411 -46.61 -6.57 -22.17
CA PHE A 411 -47.38 -5.34 -22.16
C PHE A 411 -47.28 -4.62 -23.49
N SER A 412 -46.06 -4.40 -23.97
CA SER A 412 -45.84 -3.59 -25.16
C SER A 412 -46.29 -4.29 -26.45
N THR A 413 -46.44 -5.61 -26.44
CA THR A 413 -46.90 -6.35 -27.62
C THR A 413 -48.39 -6.66 -27.49
N ASN A 414 -49.14 -5.74 -26.90
CA ASN A 414 -50.60 -5.82 -26.89
C ASN A 414 -51.23 -5.24 -28.14
N GLU A 415 -50.45 -4.49 -28.93
CA GLU A 415 -50.89 -3.78 -30.15
C GLU A 415 -52.02 -2.80 -29.85
N HIS A 416 -52.04 -2.27 -28.63
CA HIS A 416 -52.99 -1.27 -28.20
C HIS A 416 -52.34 -0.05 -27.57
N ASP A 417 -51.12 -0.19 -27.04
CA ASP A 417 -50.44 0.88 -26.32
C ASP A 417 -49.40 1.59 -27.19
N ARG A 418 -49.68 1.74 -28.49
CA ARG A 418 -48.79 2.54 -29.33
C ARG A 418 -48.91 4.02 -29.00
N ASP A 419 -50.12 4.47 -28.67
CA ASP A 419 -50.30 5.81 -28.16
C ASP A 419 -50.02 5.91 -26.67
N ASN A 420 -49.92 4.78 -25.97
CA ASN A 420 -49.71 4.76 -24.53
C ASN A 420 -48.23 4.51 -24.25
N TRP A 421 -47.44 5.58 -24.43
CA TRP A 421 -46.05 5.56 -24.01
C TRP A 421 -45.91 5.69 -22.50
N ASN A 422 -46.92 6.24 -21.83
CA ASN A 422 -46.83 6.51 -20.40
C ASN A 422 -47.02 5.24 -19.58
N GLY A 423 -47.88 4.33 -20.04
CA GLY A 423 -48.05 3.06 -19.36
C GLY A 423 -46.84 2.17 -19.45
N GLN A 424 -46.07 2.30 -20.53
CA GLN A 424 -44.78 1.61 -20.59
C GLN A 424 -43.76 2.26 -19.66
N LEU A 425 -43.93 3.54 -19.36
CA LEU A 425 -42.97 4.23 -18.52
C LEU A 425 -43.17 3.87 -17.05
N LYS A 426 -44.42 3.89 -16.58
CA LYS A 426 -44.69 3.59 -15.18
C LYS A 426 -44.41 2.13 -14.85
N LEU A 427 -44.53 1.24 -15.84
CA LEU A 427 -44.11 -0.14 -15.64
C LEU A 427 -42.60 -0.23 -15.53
N LEU A 428 -41.89 0.41 -16.45
CA LEU A 428 -40.43 0.38 -16.44
C LEU A 428 -39.84 1.27 -15.35
N LEU A 429 -40.64 2.05 -14.64
CA LEU A 429 -40.16 2.85 -13.52
C LEU A 429 -40.30 2.11 -12.20
N GLU A 430 -41.36 1.31 -12.05
CA GLU A 430 -41.58 0.56 -10.82
C GLU A 430 -40.48 -0.47 -10.62
N TRP A 431 -40.21 -1.27 -11.64
CA TRP A 431 -38.96 -2.00 -11.71
C TRP A 431 -37.86 -1.01 -12.08
N ASN A 432 -36.64 -1.29 -11.65
CA ASN A 432 -35.57 -0.32 -11.86
C ASN A 432 -34.87 -0.59 -13.20
N GLN A 433 -35.63 -0.42 -14.28
CA GLN A 433 -35.14 -0.71 -15.62
C GLN A 433 -34.75 0.59 -16.31
N LEU A 434 -33.56 1.10 -15.95
CA LEU A 434 -33.10 2.36 -16.51
C LEU A 434 -32.66 2.20 -17.95
N ASP A 435 -31.78 1.23 -18.22
CA ASP A 435 -31.21 1.07 -19.54
C ASP A 435 -32.20 0.51 -20.55
N LEU A 436 -33.38 0.08 -20.10
CA LEU A 436 -34.47 -0.25 -21.02
C LEU A 436 -35.37 0.94 -21.27
N ALA A 437 -35.56 1.81 -20.28
CA ALA A 437 -36.40 2.97 -20.48
C ALA A 437 -35.72 4.06 -21.29
N SER A 438 -34.39 4.05 -21.37
CA SER A 438 -33.69 5.09 -22.09
C SER A 438 -33.73 4.86 -23.59
N ASP A 439 -33.62 3.60 -24.01
CA ASP A 439 -33.52 3.28 -25.43
C ASP A 439 -34.80 2.74 -26.05
N GLU A 440 -35.84 2.53 -25.25
CA GLU A 440 -37.13 2.12 -25.80
C GLU A 440 -38.21 3.17 -25.63
N ILE A 441 -37.96 4.23 -24.87
CA ILE A 441 -38.99 5.23 -24.64
C ILE A 441 -38.48 6.62 -25.02
N PHE A 442 -37.33 7.00 -24.47
CA PHE A 442 -36.76 8.33 -24.70
C PHE A 442 -35.77 8.24 -25.85
N THR A 443 -36.29 8.17 -27.08
CA THR A 443 -35.44 8.07 -28.26
C THR A 443 -35.78 9.07 -29.35
N ASN A 444 -36.67 10.04 -29.09
CA ASN A 444 -37.03 11.18 -29.93
C ASN A 444 -37.76 10.81 -31.21
N ASP A 445 -37.94 9.53 -31.51
CA ASP A 445 -38.91 9.15 -32.53
C ASP A 445 -40.30 9.06 -31.94
N ARG A 446 -40.41 8.64 -30.69
CA ARG A 446 -41.67 8.71 -29.98
C ARG A 446 -41.93 10.16 -29.57
N ASN A 447 -43.19 10.55 -29.61
CA ASN A 447 -43.58 11.95 -29.42
C ASN A 447 -44.07 12.14 -28.00
N TRP A 448 -43.25 12.83 -27.19
CA TRP A 448 -43.66 13.30 -25.88
C TRP A 448 -43.34 14.77 -25.79
N GLU A 449 -44.15 15.52 -25.04
CA GLU A 449 -43.98 16.96 -24.94
C GLU A 449 -43.24 17.41 -23.70
N SER A 450 -42.76 16.47 -22.87
CA SER A 450 -42.11 16.73 -21.58
C SER A 450 -43.00 17.55 -20.65
N ALA A 451 -44.31 17.38 -20.76
CA ALA A 451 -45.27 18.01 -19.86
C ALA A 451 -45.99 17.01 -18.99
N ASP A 452 -46.21 15.80 -19.49
CA ASP A 452 -46.75 14.70 -18.70
C ASP A 452 -45.67 13.91 -17.98
N LEU A 453 -44.44 14.42 -17.94
CA LEU A 453 -43.34 13.79 -17.24
C LEU A 453 -43.26 14.23 -15.77
N GLN A 454 -44.35 14.72 -15.20
CA GLN A 454 -44.33 15.31 -13.88
C GLN A 454 -44.92 14.40 -12.81
N ASP A 455 -46.08 13.77 -13.08
CA ASP A 455 -46.59 12.76 -12.17
C ASP A 455 -45.73 11.50 -12.19
N VAL A 456 -45.03 11.24 -13.30
CA VAL A 456 -44.06 10.15 -13.33
C VAL A 456 -42.82 10.54 -12.54
N MET A 457 -42.51 11.83 -12.48
CA MET A 457 -41.36 12.30 -11.73
C MET A 457 -41.61 12.22 -10.22
N PHE A 458 -42.84 12.54 -9.79
CA PHE A 458 -43.14 12.49 -8.36
C PHE A 458 -43.14 11.06 -7.84
N THR A 459 -43.40 10.09 -8.70
CA THR A 459 -43.26 8.69 -8.31
C THR A 459 -41.80 8.26 -8.31
N ALA A 460 -40.97 8.83 -9.17
CA ALA A 460 -39.55 8.48 -9.18
C ALA A 460 -38.82 9.02 -7.98
N LEU A 461 -39.37 10.04 -7.32
CA LEU A 461 -38.76 10.59 -6.12
C LEU A 461 -39.12 9.80 -4.88
N VAL A 462 -40.38 9.37 -4.77
CA VAL A 462 -40.83 8.80 -3.51
C VAL A 462 -40.45 7.33 -3.39
N LYS A 463 -40.34 6.61 -4.50
CA LYS A 463 -39.94 5.21 -4.46
C LYS A 463 -38.44 5.02 -4.53
N ASP A 464 -37.68 6.13 -4.53
CA ASP A 464 -36.22 6.16 -4.58
C ASP A 464 -35.70 5.41 -5.82
N ARG A 465 -36.02 5.99 -6.97
CA ARG A 465 -35.40 5.62 -8.24
C ARG A 465 -34.46 6.75 -8.61
N PRO A 466 -33.21 6.73 -8.14
CA PRO A 466 -32.32 7.85 -8.45
C PRO A 466 -31.87 7.90 -9.89
N LYS A 467 -31.73 6.75 -10.54
CA LYS A 467 -31.35 6.73 -11.95
C LYS A 467 -32.47 7.21 -12.85
N PHE A 468 -33.71 7.15 -12.39
CA PHE A 468 -34.82 7.64 -13.18
C PHE A 468 -35.09 9.12 -12.96
N VAL A 469 -34.73 9.63 -11.79
CA VAL A 469 -34.75 11.07 -11.56
C VAL A 469 -33.72 11.75 -12.46
N ARG A 470 -32.55 11.14 -12.61
CA ARG A 470 -31.54 11.69 -13.50
C ARG A 470 -31.96 11.61 -14.95
N LEU A 471 -32.65 10.54 -15.34
CA LEU A 471 -33.09 10.39 -16.72
C LEU A 471 -34.22 11.35 -17.06
N PHE A 472 -35.07 11.68 -16.10
CA PHE A 472 -36.14 12.63 -16.37
C PHE A 472 -35.62 14.05 -16.49
N LEU A 473 -34.56 14.38 -15.75
CA LEU A 473 -33.98 15.72 -15.83
C LEU A 473 -33.20 15.93 -17.12
N GLU A 474 -32.48 14.90 -17.58
CA GLU A 474 -31.66 15.08 -18.77
C GLU A 474 -32.46 14.90 -20.06
N ASN A 475 -33.74 14.53 -19.96
CA ASN A 475 -34.62 14.49 -21.12
C ASN A 475 -35.52 15.71 -21.18
N GLY A 476 -35.32 16.67 -20.29
CA GLY A 476 -36.07 17.91 -20.31
C GLY A 476 -37.17 17.92 -19.27
N LEU A 477 -36.88 18.53 -18.12
CA LEU A 477 -37.85 18.68 -17.05
C LEU A 477 -37.35 19.79 -16.15
N ASN A 478 -38.04 20.92 -16.12
CA ASN A 478 -37.60 22.03 -15.31
C ASN A 478 -37.96 21.73 -13.86
N LEU A 479 -36.95 21.39 -13.06
CA LEU A 479 -37.18 21.04 -11.66
C LEU A 479 -37.59 22.23 -10.82
N ARG A 480 -37.30 23.46 -11.28
CA ARG A 480 -37.80 24.63 -10.57
C ARG A 480 -39.30 24.79 -10.76
N LYS A 481 -39.80 24.55 -11.98
CA LYS A 481 -41.23 24.59 -12.23
C LYS A 481 -41.95 23.44 -11.53
N PHE A 482 -41.32 22.27 -11.50
CA PHE A 482 -41.98 21.08 -10.96
C PHE A 482 -42.16 21.19 -9.45
N LEU A 483 -41.13 21.64 -8.73
CA LEU A 483 -41.18 21.71 -7.27
C LEU A 483 -42.04 22.89 -6.84
N THR A 484 -43.35 22.71 -6.91
CA THR A 484 -44.26 23.75 -6.47
C THR A 484 -44.40 23.72 -4.95
N THR A 485 -45.27 24.60 -4.43
CA THR A 485 -45.38 24.78 -2.99
C THR A 485 -46.01 23.58 -2.30
N GLU A 486 -46.85 22.83 -3.02
CA GLU A 486 -47.55 21.71 -2.42
C GLU A 486 -46.87 20.38 -2.66
N VAL A 487 -46.00 20.28 -3.67
CA VAL A 487 -45.26 19.05 -3.89
C VAL A 487 -44.27 18.82 -2.74
N LEU A 488 -43.71 19.90 -2.22
CA LEU A 488 -42.81 19.80 -1.07
C LEU A 488 -43.54 19.41 0.20
N ARG A 489 -44.83 19.71 0.30
CA ARG A 489 -45.58 19.30 1.48
C ARG A 489 -46.36 18.00 1.28
N GLU A 490 -46.45 17.49 0.05
CA GLU A 490 -46.77 16.08 -0.15
C GLU A 490 -45.54 15.19 -0.03
N LEU A 491 -44.42 15.74 0.40
CA LEU A 491 -43.16 15.03 0.44
C LEU A 491 -42.53 15.03 1.82
N TYR A 492 -42.85 16.01 2.67
CA TYR A 492 -42.27 16.15 3.99
C TYR A 492 -43.15 15.60 5.11
N THR A 493 -44.38 15.18 4.81
CA THR A 493 -45.20 14.53 5.83
C THR A 493 -45.80 13.23 5.29
N ASN A 494 -46.05 13.17 3.98
CA ASN A 494 -46.56 11.95 3.39
C ASN A 494 -45.44 10.95 3.20
N ASN A 495 -44.31 11.39 2.65
CA ASN A 495 -43.20 10.51 2.30
C ASN A 495 -41.96 10.83 3.12
N PHE A 496 -42.16 11.16 4.39
CA PHE A 496 -41.08 11.36 5.34
C PHE A 496 -41.18 10.26 6.39
N SER A 497 -40.10 9.50 6.54
CA SER A 497 -40.09 8.40 7.49
C SER A 497 -40.06 8.95 8.91
N SER A 498 -40.90 8.38 9.77
CA SER A 498 -41.02 8.87 11.14
C SER A 498 -39.83 8.46 12.00
N LEU A 499 -39.07 7.45 11.60
CA LEU A 499 -37.86 7.09 12.34
C LEU A 499 -36.81 8.18 12.20
N VAL A 500 -36.74 8.82 11.03
CA VAL A 500 -35.84 9.95 10.86
C VAL A 500 -36.36 11.16 11.62
N PHE A 501 -37.68 11.39 11.56
CA PHE A 501 -38.28 12.53 12.25
C PHE A 501 -38.22 12.37 13.76
N LYS A 502 -38.29 11.14 14.27
CA LYS A 502 -38.04 10.92 15.67
C LYS A 502 -36.57 11.14 15.99
N ASN A 503 -35.68 10.75 15.08
CA ASN A 503 -34.27 11.05 15.23
C ASN A 503 -33.97 12.53 15.01
N LEU A 504 -34.83 13.24 14.28
CA LEU A 504 -34.67 14.67 14.14
C LEU A 504 -35.05 15.40 15.43
N GLN A 505 -35.93 14.80 16.23
CA GLN A 505 -36.25 15.37 17.54
C GLN A 505 -35.06 15.29 18.48
N ILE A 506 -34.38 14.14 18.50
CA ILE A 506 -33.29 13.91 19.46
C ILE A 506 -32.07 14.75 19.08
N ALA A 507 -31.81 14.91 17.78
CA ALA A 507 -30.68 15.73 17.36
C ALA A 507 -30.95 17.21 17.63
N LYS A 508 -32.19 17.66 17.48
CA LYS A 508 -32.53 19.05 17.75
C LYS A 508 -32.45 19.38 19.24
N ASN A 509 -32.73 18.40 20.11
CA ASN A 509 -32.76 18.67 21.54
C ASN A 509 -31.40 18.43 22.20
N SER A 510 -30.70 17.36 21.82
CA SER A 510 -29.47 16.99 22.53
C SER A 510 -28.24 17.67 21.96
N TYR A 511 -28.16 17.86 20.64
CA TYR A 511 -27.00 18.49 20.01
C TYR A 511 -27.54 19.61 19.12
N ASN A 512 -27.85 20.75 19.73
CA ASN A 512 -28.55 21.81 19.04
C ASN A 512 -27.56 22.79 18.41
N ASP A 513 -27.75 23.06 17.12
CA ASP A 513 -26.97 24.04 16.39
C ASP A 513 -27.90 25.01 15.69
N ALA A 514 -27.30 26.04 15.09
CA ALA A 514 -28.09 27.06 14.39
C ALA A 514 -28.63 26.53 13.07
N LEU A 515 -27.93 25.59 12.44
CA LEU A 515 -28.40 25.03 11.19
C LEU A 515 -29.58 24.09 11.42
N LEU A 516 -29.50 23.28 12.48
CA LEU A 516 -30.57 22.32 12.77
C LEU A 516 -31.87 23.02 13.11
N THR A 517 -31.79 24.16 13.81
CA THR A 517 -32.98 24.93 14.16
C THR A 517 -33.66 25.49 12.92
N PHE A 518 -32.89 25.81 11.88
CA PHE A 518 -33.53 26.16 10.62
C PHE A 518 -34.09 24.92 9.92
N VAL A 519 -33.41 23.79 10.07
CA VAL A 519 -33.87 22.56 9.43
C VAL A 519 -35.08 22.01 10.17
N TRP A 520 -35.04 22.01 11.52
CA TRP A 520 -36.18 21.54 12.31
C TRP A 520 -37.40 22.43 12.12
N LYS A 521 -37.19 23.73 11.91
CA LYS A 521 -38.33 24.60 11.66
C LYS A 521 -38.84 24.50 10.23
N MET A 522 -38.00 24.10 9.27
CA MET A 522 -38.48 24.03 7.89
C MET A 522 -39.07 22.66 7.59
N VAL A 523 -38.74 21.64 8.38
CA VAL A 523 -39.51 20.41 8.33
C VAL A 523 -40.89 20.63 8.92
N GLU A 524 -40.96 21.43 9.99
CA GLU A 524 -42.22 21.63 10.71
C GLU A 524 -43.21 22.47 9.91
N ASP A 525 -42.74 23.53 9.25
CA ASP A 525 -43.69 24.40 8.55
C ASP A 525 -44.22 23.79 7.26
N PHE A 526 -43.68 22.65 6.83
CA PHE A 526 -44.28 21.89 5.76
C PHE A 526 -45.28 20.87 6.28
N ARG A 527 -45.07 20.36 7.50
CA ARG A 527 -46.03 19.49 8.18
C ARG A 527 -47.03 20.27 9.00
N ARG A 528 -47.08 21.59 8.87
CA ARG A 528 -48.03 22.44 9.57
C ARG A 528 -48.95 23.19 8.63
N GLY A 529 -48.40 23.76 7.55
CA GLY A 529 -49.21 24.48 6.57
C GLY A 529 -50.07 23.56 5.74
N ARG A 553 -38.13 30.98 -2.50
CA ARG A 553 -38.26 30.25 -1.25
C ARG A 553 -37.25 29.12 -1.20
N HIS A 554 -36.38 29.09 -2.22
CA HIS A 554 -35.36 28.06 -2.48
C HIS A 554 -35.98 26.66 -2.50
N PRO A 555 -36.71 26.29 -3.53
CA PRO A 555 -37.38 24.98 -3.52
C PRO A 555 -36.42 23.82 -3.74
N LEU A 556 -35.39 24.01 -4.56
CA LEU A 556 -34.44 22.94 -4.85
C LEU A 556 -33.61 22.57 -3.63
N GLN A 557 -33.38 23.52 -2.73
CA GLN A 557 -32.63 23.23 -1.53
C GLN A 557 -33.51 22.77 -0.39
N ALA A 558 -34.81 22.60 -0.63
CA ALA A 558 -35.68 21.91 0.30
C ALA A 558 -35.88 20.45 -0.08
N LEU A 559 -35.94 20.16 -1.39
CA LEU A 559 -35.90 18.80 -1.87
C LEU A 559 -34.57 18.14 -1.56
N PHE A 560 -33.49 18.91 -1.56
CA PHE A 560 -32.19 18.35 -1.26
C PHE A 560 -32.07 17.96 0.20
N ILE A 561 -32.61 18.77 1.12
CA ILE A 561 -32.60 18.43 2.53
C ILE A 561 -33.53 17.26 2.81
N TRP A 562 -34.64 17.16 2.06
CA TRP A 562 -35.55 16.02 2.19
C TRP A 562 -34.86 14.70 1.87
N SER A 563 -34.03 14.69 0.84
CA SER A 563 -33.31 13.50 0.45
C SER A 563 -31.97 13.34 1.14
N VAL A 564 -31.59 14.28 2.01
CA VAL A 564 -30.37 14.11 2.81
C VAL A 564 -30.71 13.61 4.21
N LEU A 565 -31.81 14.08 4.78
CA LEU A 565 -32.23 13.67 6.11
C LEU A 565 -32.57 12.18 6.17
N GLN A 566 -33.10 11.63 5.08
CA GLN A 566 -33.51 10.24 5.04
C GLN A 566 -32.41 9.31 4.53
N ASN A 567 -31.19 9.83 4.37
CA ASN A 567 -30.02 9.09 3.90
C ASN A 567 -30.27 8.45 2.53
N LYS A 568 -31.00 9.16 1.67
CA LYS A 568 -31.12 8.74 0.27
C LYS A 568 -29.78 9.00 -0.38
N LYS A 569 -29.00 7.93 -0.52
CA LYS A 569 -27.58 8.07 -0.84
C LYS A 569 -27.36 8.56 -2.26
N GLU A 570 -28.14 8.07 -3.21
CA GLU A 570 -27.92 8.41 -4.61
C GLU A 570 -28.98 9.32 -5.20
N LEU A 571 -30.13 9.47 -4.55
CA LEU A 571 -31.09 10.46 -5.00
C LEU A 571 -30.59 11.86 -4.67
N SER A 572 -29.95 12.02 -3.52
CA SER A 572 -29.45 13.31 -3.11
C SER A 572 -28.24 13.75 -3.92
N LYS A 573 -27.54 12.83 -4.57
CA LYS A 573 -26.48 13.20 -5.50
C LYS A 573 -27.03 13.73 -6.82
N VAL A 574 -28.30 13.46 -7.12
CA VAL A 574 -28.90 13.99 -8.34
C VAL A 574 -29.45 15.38 -8.11
N ILE A 575 -30.06 15.61 -6.95
CA ILE A 575 -30.62 16.92 -6.64
C ILE A 575 -29.52 17.91 -6.30
N TRP A 576 -28.37 17.43 -5.83
CA TRP A 576 -27.26 18.32 -5.53
C TRP A 576 -26.70 18.96 -6.80
N GLU A 577 -26.73 18.25 -7.92
CA GLU A 577 -26.26 18.80 -9.18
C GLU A 577 -27.23 19.78 -9.81
N GLN A 578 -28.44 19.93 -9.25
CA GLN A 578 -29.38 20.91 -9.75
C GLN A 578 -29.48 22.14 -8.88
N THR A 579 -28.86 22.14 -7.71
CA THR A 579 -28.91 23.28 -6.81
C THR A 579 -28.06 24.43 -7.35
N ARG A 580 -28.26 25.61 -6.78
CA ARG A 580 -27.53 26.79 -7.23
C ARG A 580 -26.25 26.99 -6.43
N GLY A 581 -26.36 27.08 -5.11
CA GLY A 581 -25.17 27.14 -4.29
C GLY A 581 -24.72 25.73 -4.02
N CYS A 582 -23.76 25.24 -4.79
CA CYS A 582 -23.45 23.82 -4.75
C CYS A 582 -22.33 23.48 -3.79
N THR A 583 -21.38 24.39 -3.60
CA THR A 583 -20.38 24.17 -2.56
C THR A 583 -20.99 24.43 -1.19
N LEU A 584 -21.96 25.32 -1.13
CA LEU A 584 -22.60 25.64 0.14
C LEU A 584 -23.53 24.52 0.58
N ALA A 585 -24.35 24.01 -0.34
CA ALA A 585 -25.26 22.93 0.00
C ALA A 585 -24.54 21.61 0.22
N ALA A 586 -23.35 21.44 -0.34
CA ALA A 586 -22.57 20.25 -0.02
C ALA A 586 -21.96 20.33 1.37
N LEU A 587 -21.82 21.53 1.92
CA LEU A 587 -21.32 21.67 3.28
C LEU A 587 -22.44 21.70 4.30
N GLY A 588 -23.59 22.25 3.93
CA GLY A 588 -24.72 22.23 4.84
C GLY A 588 -25.31 20.85 5.00
N ALA A 589 -25.29 20.05 3.94
CA ALA A 589 -25.67 18.65 4.08
C ALA A 589 -24.65 17.88 4.89
N SER A 590 -23.36 18.19 4.70
CA SER A 590 -22.31 17.51 5.45
C SER A 590 -22.32 17.88 6.92
N LYS A 591 -22.91 19.02 7.28
CA LYS A 591 -23.09 19.37 8.69
C LYS A 591 -24.37 18.79 9.25
N LEU A 592 -25.44 18.77 8.46
CA LEU A 592 -26.71 18.26 8.91
C LEU A 592 -26.66 16.76 9.18
N LEU A 593 -25.88 16.03 8.38
CA LEU A 593 -25.71 14.61 8.62
C LEU A 593 -24.76 14.35 9.79
N LYS A 594 -23.72 15.18 9.93
CA LYS A 594 -22.78 15.00 11.03
C LYS A 594 -23.39 15.29 12.38
N SER A 595 -24.47 16.07 12.43
CA SER A 595 -25.21 16.27 13.66
C SER A 595 -26.24 15.17 13.90
N MET A 596 -26.84 14.64 12.85
CA MET A 596 -27.75 13.50 12.98
C MET A 596 -27.03 12.18 13.16
N ALA A 597 -25.72 12.15 12.95
CA ALA A 597 -24.90 10.98 13.26
C ALA A 597 -24.26 11.08 14.64
N LYS A 598 -24.49 12.18 15.35
CA LYS A 598 -24.10 12.26 16.74
C LYS A 598 -25.15 11.63 17.65
N VAL A 599 -26.31 11.29 17.12
CA VAL A 599 -27.33 10.60 17.88
C VAL A 599 -26.99 9.11 17.96
N LYS A 600 -27.03 8.55 19.17
CA LYS A 600 -26.76 7.14 19.38
C LYS A 600 -28.05 6.32 19.49
N ASN A 601 -29.13 6.79 18.87
CA ASN A 601 -30.39 6.05 18.90
C ASN A 601 -30.35 4.81 18.02
N ASP A 602 -29.56 4.87 16.95
CA ASP A 602 -29.38 3.74 16.03
C ASP A 602 -28.04 3.97 15.35
N ILE A 603 -27.06 3.11 15.62
CA ILE A 603 -25.73 3.33 15.07
C ILE A 603 -25.57 2.81 13.66
N ASN A 604 -26.60 2.16 13.11
CA ASN A 604 -26.58 1.85 11.69
C ASN A 604 -26.94 3.07 10.86
N ALA A 605 -28.01 3.77 11.24
CA ALA A 605 -28.36 5.01 10.58
C ALA A 605 -27.38 6.12 10.91
N ALA A 606 -26.76 6.08 12.10
CA ALA A 606 -25.75 7.05 12.44
C ALA A 606 -24.38 6.69 11.88
N GLY A 607 -24.22 5.50 11.34
CA GLY A 607 -22.97 5.14 10.71
C GLY A 607 -23.03 5.42 9.23
N GLU A 608 -24.24 5.37 8.68
CA GLU A 608 -24.44 5.66 7.26
C GLU A 608 -24.42 7.16 7.01
N SER A 609 -25.05 7.94 7.89
CA SER A 609 -25.11 9.38 7.67
C SER A 609 -23.79 10.07 8.00
N GLU A 610 -22.97 9.47 8.86
CA GLU A 610 -21.60 9.97 9.00
C GLU A 610 -20.79 9.67 7.77
N GLU A 611 -21.05 8.52 7.13
CA GLU A 611 -20.34 8.17 5.90
C GLU A 611 -20.81 9.03 4.74
N LEU A 612 -22.10 9.39 4.70
CA LEU A 612 -22.60 10.27 3.66
C LEU A 612 -22.13 11.70 3.87
N ALA A 613 -21.92 12.10 5.12
CA ALA A 613 -21.40 13.44 5.39
C ALA A 613 -19.93 13.55 5.01
N ASN A 614 -19.17 12.47 5.14
CA ASN A 614 -17.77 12.49 4.76
C ASN A 614 -17.56 12.49 3.26
N GLU A 615 -18.60 12.23 2.47
CA GLU A 615 -18.51 12.30 1.02
C GLU A 615 -19.28 13.47 0.44
N TYR A 616 -19.89 14.29 1.29
CA TYR A 616 -20.30 15.63 0.93
C TYR A 616 -19.23 16.66 1.23
N GLU A 617 -18.48 16.45 2.31
CA GLU A 617 -17.30 17.26 2.54
C GLU A 617 -16.26 17.01 1.46
N THR A 618 -16.11 15.75 1.04
CA THR A 618 -15.25 15.43 -0.09
C THR A 618 -15.83 15.97 -1.39
N ARG A 619 -17.16 16.00 -1.50
CA ARG A 619 -17.82 16.59 -2.67
C ARG A 619 -17.61 18.10 -2.71
N ALA A 620 -17.48 18.74 -1.56
CA ALA A 620 -17.23 20.18 -1.49
C ALA A 620 -15.77 20.54 -1.52
N VAL A 621 -14.86 19.60 -1.26
CA VAL A 621 -13.44 19.86 -1.46
C VAL A 621 -13.13 19.93 -2.95
N GLU A 622 -13.48 18.88 -3.68
CA GLU A 622 -13.08 18.76 -5.07
C GLU A 622 -13.89 19.65 -5.99
N LEU A 623 -15.04 20.13 -5.56
CA LEU A 623 -15.71 21.19 -6.30
C LEU A 623 -15.00 22.52 -6.06
N PHE A 624 -14.54 22.76 -4.84
CA PHE A 624 -13.92 24.04 -4.56
C PHE A 624 -12.48 24.12 -5.08
N THR A 625 -11.76 22.99 -5.15
CA THR A 625 -10.47 23.04 -5.82
C THR A 625 -10.62 23.20 -7.32
N GLU A 626 -11.76 22.81 -7.88
CA GLU A 626 -12.07 23.17 -9.25
C GLU A 626 -12.35 24.66 -9.37
N CYS A 627 -13.03 25.24 -8.37
CA CYS A 627 -13.29 26.66 -8.38
C CYS A 627 -12.02 27.48 -8.11
N TYR A 628 -11.08 26.91 -7.38
CA TYR A 628 -9.84 27.62 -7.07
C TYR A 628 -8.76 27.42 -8.12
N SER A 629 -8.90 26.41 -8.98
CA SER A 629 -8.00 26.29 -10.12
C SER A 629 -8.35 27.28 -11.22
N ASN A 630 -9.55 27.85 -11.18
CA ASN A 630 -9.90 29.06 -11.91
C ASN A 630 -9.48 30.26 -11.04
N ASP A 631 -10.00 31.45 -11.34
CA ASP A 631 -9.49 32.65 -10.68
C ASP A 631 -9.85 32.66 -9.20
N GLU A 632 -8.88 33.06 -8.39
CA GLU A 632 -9.00 32.99 -6.94
C GLU A 632 -9.91 34.07 -6.39
N ASP A 633 -10.10 35.17 -7.12
CA ASP A 633 -10.93 36.26 -6.64
C ASP A 633 -12.40 35.92 -6.70
N LEU A 634 -12.79 34.98 -7.55
CA LEU A 634 -14.17 34.52 -7.61
C LEU A 634 -14.43 33.35 -6.66
N ALA A 635 -13.44 32.49 -6.45
CA ALA A 635 -13.63 31.39 -5.52
C ALA A 635 -13.64 31.86 -4.08
N GLU A 636 -12.90 32.92 -3.77
CA GLU A 636 -12.95 33.53 -2.45
C GLU A 636 -14.09 34.52 -2.30
N GLN A 637 -14.67 34.96 -3.42
CA GLN A 637 -15.96 35.63 -3.37
C GLN A 637 -17.06 34.66 -2.97
N LEU A 638 -16.85 33.38 -3.26
CA LEU A 638 -17.84 32.34 -3.04
C LEU A 638 -17.76 31.74 -1.64
N LEU A 639 -16.59 31.82 -1.01
CA LEU A 639 -16.43 31.30 0.35
C LEU A 639 -17.29 32.07 1.34
N THR A 640 -17.43 33.37 1.13
CA THR A 640 -18.14 34.25 2.04
C THR A 640 -19.43 34.74 1.42
N TYR A 641 -20.14 33.87 0.71
CA TYR A 641 -21.40 34.25 0.10
C TYR A 641 -22.51 34.29 1.14
N SER A 642 -23.37 35.30 1.04
CA SER A 642 -24.38 35.62 2.06
C SER A 642 -25.57 34.66 2.06
N CYS A 643 -25.53 33.60 1.24
CA CYS A 643 -26.32 32.37 1.26
C CYS A 643 -27.81 32.52 1.01
N GLU A 644 -28.32 33.76 0.98
CA GLU A 644 -29.75 34.08 0.89
C GLU A 644 -30.59 33.26 1.88
N ALA A 645 -30.04 33.07 3.09
CA ALA A 645 -30.52 32.19 4.14
C ALA A 645 -30.69 30.74 3.65
N TRP A 646 -29.54 30.13 3.31
CA TRP A 646 -29.51 28.68 3.19
C TRP A 646 -29.69 28.04 4.56
N GLY A 647 -28.74 28.30 5.45
CA GLY A 647 -28.89 28.01 6.86
C GLY A 647 -28.64 29.28 7.64
N GLY A 648 -28.36 30.36 6.90
CA GLY A 648 -27.96 31.60 7.51
C GLY A 648 -26.47 31.77 7.69
N SER A 649 -25.66 31.13 6.84
CA SER A 649 -24.22 31.16 7.02
C SER A 649 -23.54 30.83 5.70
N ASN A 650 -22.29 31.26 5.57
CA ASN A 650 -21.52 31.05 4.35
C ASN A 650 -20.86 29.69 4.40
N CYS A 651 -19.99 29.41 3.43
CA CYS A 651 -19.33 28.12 3.36
C CYS A 651 -18.27 27.96 4.44
N LEU A 652 -17.67 29.06 4.89
CA LEU A 652 -16.66 28.95 5.93
C LEU A 652 -17.27 28.74 7.29
N GLU A 653 -18.34 29.46 7.60
CA GLU A 653 -19.00 29.28 8.88
C GLU A 653 -19.66 27.91 8.99
N LEU A 654 -20.13 27.37 7.87
CA LEU A 654 -20.76 26.07 7.86
C LEU A 654 -19.76 24.93 7.87
N ALA A 655 -18.46 25.22 7.73
CA ALA A 655 -17.43 24.20 7.75
C ALA A 655 -16.68 24.14 9.06
N VAL A 656 -16.61 25.24 9.80
CA VAL A 656 -15.97 25.21 11.12
C VAL A 656 -16.86 24.51 12.13
N GLU A 657 -18.16 24.81 12.11
CA GLU A 657 -19.07 24.20 13.05
C GLU A 657 -19.29 22.73 12.76
N ALA A 658 -19.17 22.32 11.50
CA ALA A 658 -19.21 20.90 11.16
C ALA A 658 -17.91 20.19 11.48
N ARG A 659 -16.85 20.95 11.81
CA ARG A 659 -15.48 20.45 11.95
C ARG A 659 -15.03 19.69 10.70
N ASP A 660 -15.38 20.24 9.54
CA ASP A 660 -15.00 19.67 8.26
C ASP A 660 -13.52 19.93 8.02
N GLN A 661 -12.66 19.06 8.54
CA GLN A 661 -11.23 19.31 8.50
C GLN A 661 -10.64 19.17 7.11
N GLN A 662 -11.32 18.47 6.20
CA GLN A 662 -10.78 18.33 4.86
C GLN A 662 -11.12 19.53 3.99
N PHE A 663 -12.25 20.19 4.24
CA PHE A 663 -12.58 21.39 3.48
C PHE A 663 -11.71 22.55 3.88
N ILE A 664 -11.25 22.58 5.13
CA ILE A 664 -10.52 23.72 5.62
C ILE A 664 -9.01 23.55 5.47
N ALA A 665 -8.53 22.32 5.42
CA ALA A 665 -7.12 22.08 5.16
C ALA A 665 -6.75 22.14 3.69
N GLN A 666 -7.68 22.44 2.81
CA GLN A 666 -7.30 22.49 1.41
C GLN A 666 -6.58 23.80 1.13
N PRO A 667 -5.68 23.83 0.13
CA PRO A 667 -4.87 25.04 -0.09
C PRO A 667 -5.64 26.26 -0.54
N GLY A 668 -6.89 26.13 -0.97
CA GLY A 668 -7.65 27.30 -1.33
C GLY A 668 -8.14 28.06 -0.12
N VAL A 669 -8.53 27.34 0.93
CA VAL A 669 -9.02 27.97 2.14
C VAL A 669 -7.86 28.48 2.99
N GLN A 670 -6.75 27.74 3.02
CA GLN A 670 -5.58 28.20 3.74
C GLN A 670 -4.96 29.44 3.11
N ASN A 671 -4.99 29.53 1.79
CA ASN A 671 -4.52 30.74 1.13
C ASN A 671 -5.47 31.91 1.36
N PHE A 672 -6.76 31.63 1.54
CA PHE A 672 -7.71 32.70 1.83
C PHE A 672 -7.46 33.28 3.21
N LEU A 673 -7.19 32.42 4.20
CA LEU A 673 -7.01 32.88 5.57
C LEU A 673 -5.70 33.63 5.71
N SER A 674 -4.65 33.16 5.06
CA SER A 674 -3.36 33.85 5.10
C SER A 674 -3.38 35.18 4.36
N LYS A 675 -4.39 35.43 3.55
CA LYS A 675 -4.64 36.76 3.02
C LYS A 675 -5.55 37.57 3.92
N GLN A 676 -6.45 36.91 4.65
CA GLN A 676 -7.25 37.61 5.64
C GLN A 676 -6.43 38.01 6.84
N TRP A 677 -5.33 37.30 7.11
CA TRP A 677 -4.50 37.64 8.26
C TRP A 677 -3.41 38.64 7.89
N TYR A 678 -2.81 38.49 6.72
CA TYR A 678 -1.86 39.50 6.26
C TYR A 678 -2.57 40.76 5.81
N GLY A 679 -3.87 40.69 5.53
CA GLY A 679 -4.63 41.88 5.24
C GLY A 679 -4.32 42.41 3.86
N GLU A 680 -4.31 43.73 3.74
CA GLU A 680 -3.99 44.37 2.47
C GLU A 680 -2.49 44.44 2.20
N ILE A 681 -1.66 44.00 3.14
CA ILE A 681 -0.26 43.77 2.85
C ILE A 681 -0.12 42.49 2.03
N SER A 682 0.71 42.54 1.00
CA SER A 682 1.01 41.32 0.27
C SER A 682 1.86 40.39 1.13
N ARG A 683 1.72 39.09 0.90
CA ARG A 683 2.48 38.10 1.65
C ARG A 683 3.90 37.93 1.15
N ASP A 684 4.30 38.70 0.14
CA ASP A 684 5.62 38.59 -0.45
C ASP A 684 6.56 39.71 -0.02
N THR A 685 6.22 40.47 1.02
CA THR A 685 7.05 41.64 1.34
C THR A 685 8.33 41.22 2.05
N LYS A 686 8.20 40.73 3.28
CA LYS A 686 9.07 39.91 4.12
C LYS A 686 8.31 39.76 5.43
N ASN A 687 8.89 39.01 6.36
CA ASN A 687 8.32 38.99 7.70
C ASN A 687 8.86 40.16 8.52
N TRP A 688 10.18 40.36 8.51
CA TRP A 688 10.80 41.42 9.31
C TRP A 688 10.48 42.80 8.75
N LYS A 689 10.18 42.89 7.45
CA LYS A 689 9.91 44.17 6.81
C LYS A 689 8.64 44.82 7.34
N ILE A 690 7.69 44.01 7.79
CA ILE A 690 6.46 44.53 8.39
C ILE A 690 6.73 45.04 9.79
N ILE A 691 7.58 44.35 10.55
CA ILE A 691 7.81 44.68 11.95
C ILE A 691 8.60 45.98 12.09
N MET A 692 9.62 46.16 11.25
CA MET A 692 10.43 47.37 11.33
C MET A 692 9.70 48.61 10.84
N CYS A 693 8.54 48.47 10.19
CA CYS A 693 7.71 49.62 9.88
C CYS A 693 6.85 50.06 11.06
N LEU A 694 6.69 49.20 12.07
CA LEU A 694 6.00 49.62 13.29
C LEU A 694 6.85 50.59 14.09
N PHE A 695 8.14 50.26 14.26
CA PHE A 695 9.05 51.09 15.03
C PHE A 695 9.39 52.40 14.31
N PHE A 696 9.23 52.44 12.99
CA PHE A 696 9.54 53.63 12.20
C PHE A 696 8.40 53.80 11.20
N PHE A 697 7.44 54.66 11.54
CA PHE A 697 6.31 54.95 10.65
C PHE A 697 6.65 55.47 9.25
N PRO A 698 7.69 56.29 9.00
CA PRO A 698 7.93 56.72 7.62
C PRO A 698 8.47 55.65 6.67
N LEU A 699 8.71 54.42 7.11
CA LEU A 699 9.08 53.38 6.16
C LEU A 699 7.88 52.78 5.44
N ILE A 700 6.67 53.06 5.89
CA ILE A 700 5.48 52.55 5.21
C ILE A 700 5.20 53.35 3.94
N GLY A 701 5.49 54.65 3.95
CA GLY A 701 5.17 55.49 2.80
C GLY A 701 6.09 55.32 1.61
N CYS A 702 7.20 54.62 1.78
CA CYS A 702 8.11 54.34 0.67
C CYS A 702 7.63 53.10 -0.09
N GLY A 703 8.48 52.57 -0.96
CA GLY A 703 8.19 51.33 -1.65
C GLY A 703 8.76 50.14 -0.92
N PHE A 704 8.83 50.26 0.41
CA PHE A 704 9.36 49.19 1.24
C PHE A 704 8.41 48.01 1.27
N ILE A 705 7.17 48.26 1.67
CA ILE A 705 6.11 47.26 1.66
C ILE A 705 5.33 47.41 0.35
N SER A 706 4.88 46.28 -0.20
CA SER A 706 4.39 46.18 -1.56
C SER A 706 2.95 45.71 -1.56
N PHE A 707 2.08 46.46 -0.87
CA PHE A 707 0.74 46.11 -0.38
C PHE A 707 -0.13 45.30 -1.33
N ARG A 708 -0.53 45.88 -2.45
CA ARG A 708 -1.47 45.22 -3.35
C ARG A 708 -1.20 45.61 -4.80
N PHE A 719 -1.91 56.62 -1.56
CA PHE A 719 -2.78 57.60 -0.93
C PHE A 719 -3.38 57.05 0.36
N LEU A 720 -2.78 57.47 1.49
CA LEU A 720 -3.16 57.07 2.85
C LEU A 720 -3.15 55.55 3.01
N TYR A 721 -1.96 54.97 2.84
CA TYR A 721 -1.74 53.55 3.07
C TYR A 721 -1.57 53.23 4.55
N TYR A 722 -1.59 54.23 5.42
CA TYR A 722 -1.44 53.97 6.85
C TYR A 722 -2.71 53.34 7.42
N VAL A 723 -3.88 53.73 6.92
CA VAL A 723 -5.11 53.14 7.39
C VAL A 723 -5.30 51.74 6.82
N SER A 724 -4.56 51.39 5.76
CA SER A 724 -4.55 50.03 5.25
C SER A 724 -3.49 49.17 5.91
N PHE A 725 -2.38 49.76 6.34
CA PHE A 725 -1.34 49.01 7.01
C PHE A 725 -1.75 48.66 8.43
N PHE A 726 -2.32 49.61 9.15
CA PHE A 726 -2.65 49.42 10.56
C PHE A 726 -4.04 48.84 10.76
N THR A 727 -4.63 48.22 9.74
CA THR A 727 -5.85 47.46 9.91
C THR A 727 -5.67 45.98 9.62
N SER A 728 -4.54 45.58 9.05
CA SER A 728 -4.29 44.17 8.81
C SER A 728 -4.01 43.48 10.13
N PRO A 729 -4.63 42.33 10.41
CA PRO A 729 -4.51 41.72 11.75
C PRO A 729 -3.13 41.13 12.05
N PHE A 730 -2.22 41.08 11.09
CA PHE A 730 -0.84 40.78 11.44
C PHE A 730 -0.18 41.97 12.09
N VAL A 731 -0.56 43.19 11.69
CA VAL A 731 0.00 44.39 12.28
C VAL A 731 -0.69 44.71 13.59
N VAL A 732 -1.98 44.42 13.69
CA VAL A 732 -2.70 44.59 14.95
C VAL A 732 -2.19 43.62 16.00
N PHE A 733 -1.84 42.40 15.59
CA PHE A 733 -1.27 41.45 16.54
C PHE A 733 0.16 41.83 16.90
N SER A 734 0.93 42.34 15.94
CA SER A 734 2.29 42.72 16.24
C SER A 734 2.35 43.96 17.11
N TRP A 735 1.41 44.88 16.95
CA TRP A 735 1.41 46.06 17.81
C TRP A 735 0.86 45.74 19.20
N ASN A 736 -0.09 44.82 19.30
CA ASN A 736 -0.64 44.49 20.61
C ASN A 736 0.36 43.77 21.48
N VAL A 737 1.23 42.94 20.89
CA VAL A 737 2.27 42.28 21.66
C VAL A 737 3.37 43.27 22.03
N ILE A 738 3.71 44.18 21.10
CA ILE A 738 4.70 45.22 21.38
C ILE A 738 4.19 46.17 22.45
N PHE A 739 2.89 46.47 22.43
CA PHE A 739 2.29 47.28 23.49
C PHE A 739 2.26 46.50 24.80
N TYR A 740 2.01 45.19 24.75
CA TYR A 740 1.88 44.43 25.99
C TYR A 740 3.23 44.22 26.67
N ILE A 741 4.32 44.24 25.91
CA ILE A 741 5.62 44.18 26.54
C ILE A 741 5.97 45.52 27.16
N ALA A 742 5.71 46.61 26.44
CA ALA A 742 5.91 47.94 27.00
C ALA A 742 4.93 48.25 28.12
N PHE A 743 3.79 47.57 28.17
CA PHE A 743 2.93 47.65 29.34
C PHE A 743 3.54 46.92 30.52
N LEU A 744 4.28 45.84 30.28
CA LEU A 744 4.90 45.10 31.38
C LEU A 744 6.21 45.74 31.82
N LEU A 745 6.90 46.43 30.92
CA LEU A 745 8.10 47.17 31.32
C LEU A 745 7.76 48.46 32.04
N LEU A 746 6.54 48.95 31.88
CA LEU A 746 6.08 50.11 32.64
C LEU A 746 5.42 49.70 33.95
N PHE A 747 4.77 48.54 33.98
CA PHE A 747 4.26 48.00 35.23
C PHE A 747 5.38 47.48 36.13
N ALA A 748 6.57 47.26 35.57
CA ALA A 748 7.71 46.93 36.41
C ALA A 748 8.32 48.19 37.03
N TYR A 749 8.29 49.31 36.32
CA TYR A 749 8.79 50.55 36.89
C TYR A 749 7.86 51.08 37.98
N VAL A 750 6.54 50.91 37.78
CA VAL A 750 5.57 51.34 38.78
C VAL A 750 5.72 50.52 40.05
N LEU A 751 6.01 49.23 39.92
CA LEU A 751 6.07 48.35 41.06
C LEU A 751 7.34 48.55 41.89
N LEU A 752 8.47 48.81 41.25
CA LEU A 752 9.73 48.94 41.98
C LEU A 752 10.06 50.39 42.33
N MET A 753 10.22 51.24 41.31
CA MET A 753 10.71 52.59 41.54
C MET A 753 9.62 53.52 42.06
N ASP A 754 8.41 53.37 41.56
CA ASP A 754 7.27 54.20 41.92
C ASP A 754 6.56 53.52 43.09
N PHE A 755 5.28 53.88 43.34
CA PHE A 755 4.39 53.24 44.32
C PHE A 755 4.86 53.54 45.75
N GLN A 756 5.04 54.81 46.07
CA GLN A 756 5.46 55.17 47.42
C GLN A 756 4.26 55.27 48.36
N LYS A 757 3.42 56.28 48.17
CA LYS A 757 2.13 56.33 48.87
C LYS A 757 0.99 56.86 48.01
N GLU A 758 1.26 57.67 47.00
CA GLU A 758 0.24 58.33 46.21
C GLU A 758 0.23 57.75 44.81
N PRO A 759 -0.94 57.46 44.26
CA PRO A 759 -1.01 57.03 42.85
C PRO A 759 -0.67 58.17 41.91
N THR A 760 0.62 58.38 41.66
CA THR A 760 1.05 59.47 40.79
C THR A 760 0.81 59.10 39.32
N ALA A 761 1.30 59.95 38.41
CA ALA A 761 0.89 59.95 37.01
C ALA A 761 1.21 58.67 36.26
N LEU A 762 2.15 57.85 36.76
CA LEU A 762 2.39 56.55 36.15
C LEU A 762 1.26 55.57 36.46
N GLU A 763 0.79 55.55 37.71
CA GLU A 763 -0.18 54.53 38.10
C GLU A 763 -1.59 54.82 37.58
N ILE A 764 -1.91 56.09 37.30
CA ILE A 764 -3.22 56.38 36.71
C ILE A 764 -3.30 55.85 35.28
N ILE A 765 -2.25 56.01 34.50
CA ILE A 765 -2.29 55.46 33.16
C ILE A 765 -2.16 53.95 33.19
N LEU A 766 -1.64 53.38 34.29
CA LEU A 766 -1.70 51.93 34.46
C LEU A 766 -3.13 51.43 34.57
N TYR A 767 -4.03 52.24 35.14
CA TYR A 767 -5.45 51.91 35.04
C TYR A 767 -5.92 51.98 33.60
N VAL A 768 -5.54 53.03 32.87
CA VAL A 768 -6.05 53.24 31.51
C VAL A 768 -5.54 52.18 30.55
N LEU A 769 -4.31 51.70 30.77
CA LEU A 769 -3.85 50.58 29.95
C LEU A 769 -4.53 49.28 30.37
N VAL A 770 -4.85 49.12 31.66
CA VAL A 770 -5.60 47.95 32.08
C VAL A 770 -7.07 48.10 31.72
N PHE A 771 -7.57 49.34 31.63
CA PHE A 771 -8.97 49.57 31.26
C PHE A 771 -9.23 49.14 29.83
N VAL A 772 -8.32 49.46 28.91
CA VAL A 772 -8.50 48.99 27.54
C VAL A 772 -8.21 47.50 27.42
N LEU A 773 -7.51 46.92 28.40
CA LEU A 773 -7.43 45.47 28.52
C LEU A 773 -8.68 44.89 29.15
N LEU A 774 -9.55 45.73 29.72
CA LEU A 774 -10.84 45.28 30.20
C LEU A 774 -12.00 45.72 29.31
N CYS A 775 -11.88 46.90 28.69
CA CYS A 775 -12.93 47.37 27.80
C CYS A 775 -13.06 46.50 26.55
N ASP A 776 -11.94 45.95 26.08
CA ASP A 776 -12.02 45.01 24.97
C ASP A 776 -12.55 43.66 25.43
N GLU A 777 -12.39 43.33 26.71
CA GLU A 777 -12.90 42.05 27.22
C GLU A 777 -14.41 42.05 27.36
N VAL A 778 -14.98 43.16 27.85
CA VAL A 778 -16.44 43.26 27.97
C VAL A 778 -17.07 43.35 26.59
N ARG A 779 -16.42 44.00 25.63
CA ARG A 779 -16.94 43.98 24.27
C ARG A 779 -16.66 42.67 23.56
N GLN A 780 -15.81 41.81 24.13
CA GLN A 780 -15.69 40.43 23.69
C GLN A 780 -16.37 39.49 24.67
N TRP A 781 -17.04 40.03 25.70
CA TRP A 781 -17.86 39.21 26.59
C TRP A 781 -19.17 38.79 25.97
N TYR A 782 -19.46 39.22 24.74
CA TYR A 782 -20.51 38.59 23.96
C TYR A 782 -20.05 37.22 23.48
N MET A 783 -20.97 36.52 22.81
CA MET A 783 -20.83 35.20 22.18
C MET A 783 -20.08 34.17 23.03
N ASN A 784 -20.27 34.22 24.35
CA ASN A 784 -19.56 33.32 25.25
C ASN A 784 -20.32 32.03 25.54
N GLY A 785 -21.64 32.11 25.77
CA GLY A 785 -22.45 30.94 26.07
C GLY A 785 -22.08 30.23 27.36
N SER A 786 -21.38 30.91 28.27
CA SER A 786 -20.76 30.35 29.47
C SER A 786 -19.83 29.17 29.16
N LYS A 787 -19.21 29.17 27.98
CA LYS A 787 -18.23 28.17 27.59
C LYS A 787 -16.96 28.78 27.03
N TYR A 788 -16.95 30.09 26.77
CA TYR A 788 -15.73 30.79 26.39
C TYR A 788 -14.73 30.81 27.54
N PHE A 789 -15.22 30.82 28.77
CA PHE A 789 -14.37 30.86 29.96
C PHE A 789 -13.98 29.47 30.44
N SER A 790 -14.07 28.45 29.59
CA SER A 790 -13.81 27.06 29.99
C SER A 790 -12.49 26.54 29.45
N ASP A 791 -11.43 27.37 29.44
CA ASP A 791 -10.16 26.97 28.86
C ASP A 791 -8.95 27.27 29.71
N LEU A 792 -9.11 27.96 30.84
CA LEU A 792 -8.10 28.32 31.84
C LEU A 792 -7.02 29.26 31.28
N TRP A 793 -7.24 29.84 30.10
CA TRP A 793 -6.40 30.91 29.59
C TRP A 793 -7.21 32.11 29.13
N ASN A 794 -8.54 32.00 29.13
CA ASN A 794 -9.42 33.13 28.87
C ASN A 794 -10.25 33.51 30.07
N VAL A 795 -10.50 32.58 30.98
CA VAL A 795 -11.00 32.95 32.30
C VAL A 795 -9.85 33.50 33.14
N MET A 796 -8.62 33.07 32.84
CA MET A 796 -7.45 33.62 33.50
C MET A 796 -7.24 35.09 33.12
N ASP A 797 -7.68 35.49 31.94
CA ASP A 797 -7.58 36.90 31.54
C ASP A 797 -8.48 37.79 32.38
N THR A 798 -9.71 37.34 32.63
CA THR A 798 -10.63 38.13 33.44
C THR A 798 -10.26 38.07 34.91
N LEU A 799 -9.81 36.92 35.39
CA LEU A 799 -9.40 36.78 36.78
C LEU A 799 -8.04 37.42 37.06
N ALA A 800 -7.33 37.88 36.04
CA ALA A 800 -6.11 38.64 36.28
C ALA A 800 -6.41 40.12 36.41
N ILE A 801 -7.55 40.58 35.90
CA ILE A 801 -7.93 41.97 36.05
C ILE A 801 -8.77 42.15 37.30
N PHE A 802 -9.63 41.18 37.62
CA PHE A 802 -10.42 41.27 38.84
C PHE A 802 -9.59 41.05 40.08
N TYR A 803 -8.44 40.40 39.96
CA TYR A 803 -7.43 40.38 41.01
C TYR A 803 -6.53 41.60 40.96
N PHE A 804 -6.64 42.40 39.90
CA PHE A 804 -5.91 43.66 39.78
C PHE A 804 -6.77 44.85 40.19
N ILE A 805 -8.07 44.78 39.91
CA ILE A 805 -8.99 45.83 40.35
C ILE A 805 -9.07 45.86 41.88
N ALA A 806 -9.00 44.68 42.50
CA ALA A 806 -8.88 44.60 43.96
C ALA A 806 -7.56 45.16 44.46
N GLY A 807 -6.56 45.32 43.58
CA GLY A 807 -5.35 46.03 43.95
C GLY A 807 -5.45 47.53 43.85
N ILE A 808 -6.53 48.04 43.23
CA ILE A 808 -6.76 49.48 43.19
C ILE A 808 -7.70 49.81 44.35
N VAL A 809 -8.48 48.83 44.78
CA VAL A 809 -9.31 48.99 45.98
C VAL A 809 -8.42 49.13 47.21
N PHE A 810 -7.46 48.21 47.36
CA PHE A 810 -6.54 48.26 48.48
C PHE A 810 -5.54 49.42 48.37
N ARG A 811 -5.38 49.98 47.17
CA ARG A 811 -4.50 51.13 46.99
C ARG A 811 -5.10 52.38 47.61
N LEU A 812 -6.40 52.62 47.40
CA LEU A 812 -7.06 53.83 47.87
C LEU A 812 -7.74 53.59 49.23
N HIS A 813 -6.92 53.21 50.21
CA HIS A 813 -7.39 53.07 51.58
C HIS A 813 -6.55 53.82 52.60
N SER A 814 -5.36 54.30 52.22
CA SER A 814 -4.50 55.24 52.94
C SER A 814 -3.88 54.69 54.22
N ASP A 815 -4.16 53.45 54.62
CA ASP A 815 -3.54 52.88 55.80
C ASP A 815 -2.45 51.89 55.38
N GLU A 816 -1.42 51.78 56.22
CA GLU A 816 -0.29 50.92 55.89
C GLU A 816 -0.62 49.44 56.00
N SER A 817 -1.65 49.09 56.76
CA SER A 817 -2.06 47.69 56.89
C SER A 817 -2.72 47.16 55.63
N SER A 818 -3.13 48.02 54.70
CA SER A 818 -3.70 47.60 53.44
C SER A 818 -3.06 48.26 52.23
N TRP A 819 -2.17 49.23 52.42
CA TRP A 819 -1.34 49.69 51.31
C TRP A 819 -0.33 48.63 50.91
N TYR A 820 0.29 47.98 51.90
CA TYR A 820 1.21 46.89 51.59
C TYR A 820 0.46 45.66 51.10
N SER A 821 -0.78 45.47 51.54
CA SER A 821 -1.62 44.42 50.98
C SER A 821 -2.07 44.76 49.57
N GLY A 822 -1.98 46.02 49.16
CA GLY A 822 -2.17 46.41 47.78
C GLY A 822 -0.94 46.32 46.93
N ARG A 823 0.23 46.11 47.54
CA ARG A 823 1.44 45.86 46.77
C ARG A 823 1.68 44.38 46.54
N VAL A 824 1.37 43.53 47.53
CA VAL A 824 1.58 42.10 47.36
C VAL A 824 0.51 41.50 46.45
N ILE A 825 -0.59 42.21 46.22
CA ILE A 825 -1.57 41.80 45.24
C ILE A 825 -1.29 42.42 43.87
N PHE A 826 -0.38 43.37 43.79
CA PHE A 826 0.14 43.81 42.50
C PHE A 826 1.31 42.96 42.05
N CYS A 827 2.20 42.58 42.97
CA CYS A 827 3.35 41.77 42.62
C CYS A 827 2.93 40.36 42.25
N LEU A 828 1.92 39.82 42.93
CA LEU A 828 1.39 38.52 42.53
C LEU A 828 0.66 38.62 41.21
N ASP A 829 0.01 39.75 40.93
CA ASP A 829 -0.65 39.92 39.65
C ASP A 829 0.31 40.25 38.53
N TYR A 830 1.54 40.67 38.85
CA TYR A 830 2.54 40.87 37.81
C TYR A 830 2.97 39.55 37.19
N ILE A 831 2.94 38.48 37.97
CA ILE A 831 3.30 37.17 37.43
C ILE A 831 2.17 36.65 36.54
N VAL A 832 0.93 37.01 36.82
CA VAL A 832 -0.18 36.53 35.99
C VAL A 832 -0.14 37.22 34.64
N PHE A 833 0.26 38.49 34.62
CA PHE A 833 0.32 39.21 33.35
C PHE A 833 1.49 38.76 32.51
N THR A 834 2.54 38.23 33.13
CA THR A 834 3.68 37.76 32.36
C THR A 834 3.45 36.35 31.83
N LEU A 835 2.74 35.50 32.58
CA LEU A 835 2.39 34.19 32.08
C LEU A 835 1.46 34.26 30.88
N ARG A 836 0.64 35.31 30.80
CA ARG A 836 -0.13 35.51 29.60
C ARG A 836 0.76 35.95 28.44
N LEU A 837 1.86 36.64 28.71
CA LEU A 837 2.81 36.94 27.66
C LEU A 837 3.60 35.70 27.28
N ILE A 838 3.89 34.84 28.25
CA ILE A 838 4.58 33.59 27.97
C ILE A 838 3.68 32.66 27.17
N HIS A 839 2.38 32.65 27.48
CA HIS A 839 1.43 31.84 26.73
C HIS A 839 1.23 32.38 25.32
N ILE A 840 1.36 33.69 25.12
CA ILE A 840 1.25 34.25 23.78
C ILE A 840 2.47 33.85 22.94
N PHE A 841 3.65 33.89 23.54
CA PHE A 841 4.86 33.43 22.85
C PHE A 841 4.84 31.93 22.62
N THR A 842 4.20 31.18 23.51
CA THR A 842 4.16 29.73 23.38
C THR A 842 3.25 29.31 22.24
N VAL A 843 2.08 29.93 22.12
CA VAL A 843 1.14 29.57 21.06
C VAL A 843 1.64 30.08 19.72
N SER A 844 2.08 31.33 19.66
CA SER A 844 2.46 31.95 18.40
C SER A 844 3.76 31.42 17.83
N ARG A 845 4.54 30.65 18.59
CA ARG A 845 5.67 29.98 17.98
C ARG A 845 5.30 28.58 17.51
N ASN A 846 4.50 27.87 18.29
CA ASN A 846 4.06 26.53 17.94
C ASN A 846 2.72 26.54 17.22
N LEU A 847 2.43 27.60 16.47
CA LEU A 847 1.20 27.68 15.69
C LEU A 847 1.51 27.03 14.34
N GLY A 848 1.30 25.73 14.28
CA GLY A 848 1.64 24.96 13.11
C GLY A 848 1.36 23.50 13.35
N PRO A 849 2.32 22.64 13.02
CA PRO A 849 2.14 21.21 13.33
C PRO A 849 2.19 20.91 14.80
N LYS A 850 2.77 21.79 15.62
CA LYS A 850 2.89 21.57 17.04
C LYS A 850 1.72 22.12 17.84
N ILE A 851 0.67 22.63 17.17
CA ILE A 851 -0.46 23.18 17.91
C ILE A 851 -1.42 22.09 18.33
N ILE A 852 -1.22 20.86 17.86
CA ILE A 852 -2.00 19.73 18.33
C ILE A 852 -1.30 19.04 19.50
N MET A 853 0.02 18.92 19.42
CA MET A 853 0.80 18.40 20.54
C MET A 853 0.69 19.31 21.75
N LEU A 854 0.96 20.60 21.57
CA LEU A 854 0.59 21.58 22.56
C LEU A 854 -0.93 21.71 22.57
N GLN A 855 -1.46 22.16 23.72
CA GLN A 855 -2.87 22.38 24.07
C GLN A 855 -3.64 21.07 24.25
N ARG A 856 -3.03 19.96 23.87
CA ARG A 856 -3.37 18.64 24.38
C ARG A 856 -2.48 18.25 25.54
N MET A 857 -1.21 18.63 25.47
CA MET A 857 -0.33 18.50 26.63
C MET A 857 -0.59 19.54 27.70
N MET A 858 -1.29 20.62 27.36
CA MET A 858 -1.59 21.61 28.38
C MET A 858 -2.70 21.13 29.31
N ILE A 859 -3.72 20.46 28.77
CA ILE A 859 -4.76 19.90 29.62
C ILE A 859 -4.36 18.55 30.19
N ASP A 860 -3.23 18.00 29.75
CA ASP A 860 -2.72 16.77 30.32
C ASP A 860 -1.77 17.02 31.48
N VAL A 861 -1.14 18.19 31.53
CA VAL A 861 -0.32 18.57 32.67
C VAL A 861 -1.20 19.18 33.75
N PHE A 862 -2.26 19.89 33.36
CA PHE A 862 -3.22 20.40 34.33
C PHE A 862 -3.92 19.29 35.08
N PHE A 863 -4.10 18.13 34.46
CA PHE A 863 -4.64 17.00 35.20
C PHE A 863 -3.61 16.40 36.13
N PHE A 864 -2.33 16.43 35.75
CA PHE A 864 -1.30 15.91 36.63
C PHE A 864 -1.07 16.85 37.80
N LEU A 865 -1.13 18.16 37.56
CA LEU A 865 -0.97 19.11 38.66
C LEU A 865 -2.19 19.10 39.57
N PHE A 866 -3.35 18.74 39.04
CA PHE A 866 -4.52 18.58 39.90
C PHE A 866 -4.39 17.34 40.78
N LEU A 867 -3.89 16.24 40.22
CA LEU A 867 -3.66 15.04 41.01
C LEU A 867 -2.49 15.22 41.96
N PHE A 868 -1.55 16.09 41.63
CA PHE A 868 -0.48 16.39 42.57
C PHE A 868 -0.99 17.29 43.69
N ALA A 869 -1.96 18.15 43.40
CA ALA A 869 -2.54 18.97 44.45
C ALA A 869 -3.42 18.15 45.38
N VAL A 870 -4.09 17.14 44.85
CA VAL A 870 -4.87 16.21 45.68
C VAL A 870 -3.95 15.44 46.61
N TRP A 871 -2.80 15.00 46.09
CA TRP A 871 -1.87 14.25 46.93
C TRP A 871 -1.18 15.13 47.96
N MET A 872 -0.93 16.39 47.63
CA MET A 872 -0.31 17.29 48.61
C MET A 872 -1.30 17.67 49.71
N VAL A 873 -2.59 17.65 49.42
CA VAL A 873 -3.58 17.86 50.45
C VAL A 873 -3.62 16.68 51.42
N ALA A 874 -3.61 15.47 50.87
CA ALA A 874 -3.57 14.27 51.70
C ALA A 874 -2.25 14.09 52.41
N PHE A 875 -1.17 14.63 51.86
CA PHE A 875 0.08 14.64 52.60
C PHE A 875 0.04 15.67 53.71
N GLY A 876 -0.77 16.72 53.55
CA GLY A 876 -0.87 17.73 54.59
C GLY A 876 -1.68 17.29 55.78
N VAL A 877 -2.73 16.51 55.53
CA VAL A 877 -3.53 15.96 56.63
C VAL A 877 -2.70 14.94 57.41
N ALA A 878 -1.93 14.12 56.70
CA ALA A 878 -1.09 13.12 57.35
C ALA A 878 0.03 13.76 58.15
N ARG A 879 0.61 14.85 57.64
CA ARG A 879 1.68 15.51 58.37
C ARG A 879 1.14 16.34 59.52
N GLN A 880 -0.06 16.91 59.40
CA GLN A 880 -0.65 17.63 60.51
C GLN A 880 -1.18 16.70 61.58
N GLY A 881 -1.73 15.55 61.18
CA GLY A 881 -2.26 14.61 62.14
C GLY A 881 -1.19 13.86 62.92
N ILE A 882 0.00 13.72 62.35
CA ILE A 882 1.08 13.03 63.06
C ILE A 882 1.76 13.97 64.04
N LEU A 883 2.05 15.20 63.62
CA LEU A 883 2.78 16.14 64.45
C LEU A 883 1.88 16.72 65.54
N ARG A 884 2.40 17.72 66.24
CA ARG A 884 1.84 18.16 67.52
C ARG A 884 0.62 19.05 67.29
N LYS A 885 0.21 19.75 68.35
CA LYS A 885 -1.03 20.53 68.42
C LYS A 885 -2.23 19.65 68.09
N ASN A 886 -2.43 18.66 68.95
CA ASN A 886 -3.41 17.59 68.70
C ASN A 886 -4.85 18.12 68.75
N GLU A 887 -5.28 18.64 69.89
CA GLU A 887 -6.57 19.32 70.00
C GLU A 887 -6.29 20.73 70.50
N HIS A 888 -5.86 21.58 69.58
CA HIS A 888 -5.74 23.02 69.79
C HIS A 888 -5.85 23.63 68.39
N ARG A 889 -7.08 23.96 67.98
CA ARG A 889 -7.36 24.21 66.57
C ARG A 889 -8.36 25.34 66.39
N TRP A 890 -8.46 25.79 65.15
CA TRP A 890 -9.37 26.82 64.67
C TRP A 890 -9.68 26.51 63.22
N GLU A 891 -10.10 27.54 62.47
CA GLU A 891 -9.93 27.56 61.01
C GLU A 891 -8.45 27.88 60.58
N TRP A 892 -7.52 27.87 61.55
CA TRP A 892 -6.10 27.82 61.25
C TRP A 892 -5.73 26.56 60.48
N ILE A 893 -6.42 25.45 60.74
CA ILE A 893 -6.04 24.17 60.18
C ILE A 893 -6.39 24.10 58.70
N PHE A 894 -7.65 24.42 58.35
CA PHE A 894 -8.15 24.32 56.98
C PHE A 894 -7.50 25.30 56.02
N ARG A 895 -6.72 26.27 56.51
CA ARG A 895 -5.95 27.16 55.66
C ARG A 895 -4.45 26.88 55.70
N SER A 896 -4.00 25.99 56.59
CA SER A 896 -2.59 25.63 56.66
C SER A 896 -2.28 24.32 55.97
N VAL A 897 -3.16 23.31 56.14
CA VAL A 897 -2.98 21.97 55.58
C VAL A 897 -2.82 22.02 54.06
N ILE A 898 -3.50 22.98 53.42
CA ILE A 898 -3.30 23.21 52.00
C ILE A 898 -1.89 23.75 51.73
N TYR A 899 -1.31 24.51 52.65
CA TYR A 899 -0.05 25.17 52.38
C TYR A 899 1.17 24.62 53.12
N GLU A 900 0.99 23.90 54.23
CA GLU A 900 2.14 23.31 54.93
C GLU A 900 3.04 22.37 54.10
N PRO A 901 2.54 21.54 53.17
CA PRO A 901 3.50 20.78 52.34
C PRO A 901 4.27 21.65 51.38
N TYR A 902 3.71 22.77 50.94
CA TYR A 902 4.46 23.66 50.06
C TYR A 902 5.49 24.47 50.83
N LEU A 903 5.24 24.75 52.11
CA LEU A 903 6.31 25.23 52.97
C LEU A 903 7.31 24.14 53.29
N ALA A 904 6.92 22.87 53.22
CA ALA A 904 7.84 21.76 53.32
C ALA A 904 8.45 21.39 51.98
N MET A 905 8.16 22.15 50.92
CA MET A 905 8.71 21.95 49.59
C MET A 905 9.54 23.13 49.13
N PHE A 906 9.05 24.35 49.32
CA PHE A 906 9.77 25.55 48.91
C PHE A 906 10.81 25.93 49.96
N PHE A 945 8.94 4.98 68.09
CA PHE A 945 8.16 5.52 66.97
C PHE A 945 8.46 4.83 65.61
N PRO A 946 9.73 4.47 65.30
CA PRO A 946 9.88 3.55 64.15
C PRO A 946 9.79 2.08 64.55
N GLU A 947 8.62 1.65 65.02
CA GLU A 947 8.52 0.27 65.51
C GLU A 947 8.43 -0.72 64.34
N TRP A 948 7.37 -0.64 63.54
CA TRP A 948 7.33 -1.38 62.28
C TRP A 948 6.59 -0.61 61.20
N ILE A 949 6.24 0.66 61.42
CA ILE A 949 5.48 1.44 60.45
C ILE A 949 6.37 2.22 59.48
N THR A 950 7.67 2.25 59.73
CA THR A 950 8.57 3.03 58.88
C THR A 950 8.80 2.35 57.55
N ILE A 951 8.79 1.02 57.52
CA ILE A 951 8.94 0.28 56.26
C ILE A 951 7.70 0.42 55.38
N PRO A 952 6.44 0.36 55.87
CA PRO A 952 5.33 0.74 54.98
C PRO A 952 5.20 2.23 54.72
N LEU A 953 5.99 3.09 55.38
CA LEU A 953 6.04 4.47 54.94
C LEU A 953 6.80 4.61 53.64
N VAL A 954 7.78 3.73 53.40
CA VAL A 954 8.50 3.75 52.14
C VAL A 954 7.64 3.16 51.03
N CYS A 955 6.80 2.17 51.37
CA CYS A 955 5.84 1.64 50.40
C CYS A 955 4.75 2.63 50.03
N ILE A 956 4.62 3.73 50.77
CA ILE A 956 3.81 4.85 50.30
C ILE A 956 4.58 5.65 49.27
N TYR A 957 5.86 5.90 49.53
CA TYR A 957 6.71 6.59 48.58
C TYR A 957 7.16 5.71 47.42
N MET A 958 6.79 4.43 47.41
CA MET A 958 6.91 3.62 46.22
C MET A 958 5.58 3.43 45.51
N LEU A 959 4.49 3.89 46.12
CA LEU A 959 3.18 3.95 45.46
C LEU A 959 2.82 5.34 45.00
N SER A 960 3.07 6.35 45.84
CA SER A 960 2.75 7.71 45.45
C SER A 960 3.72 8.23 44.41
N THR A 961 4.94 7.70 44.38
CA THR A 961 5.84 8.04 43.29
C THR A 961 5.38 7.39 42.00
N ASN A 962 4.86 6.17 42.10
CA ASN A 962 4.47 5.43 40.90
C ASN A 962 3.23 6.03 40.26
N ILE A 963 2.20 6.33 41.05
CA ILE A 963 0.96 6.82 40.46
C ILE A 963 1.06 8.28 40.03
N LEU A 964 2.06 9.02 40.51
CA LEU A 964 2.23 10.38 40.05
C LEU A 964 3.23 10.50 38.91
N LEU A 965 4.20 9.59 38.82
CA LEU A 965 5.09 9.61 37.66
C LEU A 965 4.37 9.08 36.43
N VAL A 966 3.43 8.16 36.60
CA VAL A 966 2.62 7.68 35.49
C VAL A 966 1.75 8.79 34.93
N ASN A 967 1.18 9.62 35.81
CA ASN A 967 0.44 10.78 35.34
C ASN A 967 1.33 11.80 34.67
N LEU A 968 2.60 11.84 35.04
CA LEU A 968 3.53 12.72 34.36
C LEU A 968 3.86 12.20 32.96
N LEU A 969 4.09 10.91 32.83
CA LEU A 969 4.43 10.34 31.53
C LEU A 969 3.21 10.25 30.62
N VAL A 970 2.01 10.10 31.19
CA VAL A 970 0.80 10.19 30.38
C VAL A 970 0.65 11.59 29.81
N ALA A 971 1.03 12.60 30.59
CA ALA A 971 1.04 13.97 30.10
C ALA A 971 2.07 14.18 29.00
N MET A 972 3.20 13.48 29.08
CA MET A 972 4.21 13.60 28.03
C MET A 972 3.74 12.97 26.73
N PHE A 973 3.32 11.71 26.79
CA PHE A 973 3.11 10.91 25.60
C PHE A 973 1.66 10.82 25.17
N GLY A 974 0.75 11.47 25.89
CA GLY A 974 -0.67 11.41 25.54
C GLY A 974 -1.04 12.16 24.28
N TYR A 975 -0.16 13.04 23.79
CA TYR A 975 -0.43 13.72 22.53
C TYR A 975 -0.35 12.76 21.33
N THR A 976 0.39 11.66 21.45
CA THR A 976 0.63 10.78 20.32
C THR A 976 -0.62 10.02 19.91
N VAL A 977 -1.26 9.37 20.86
CA VAL A 977 -2.33 8.43 20.57
C VAL A 977 -3.60 9.18 20.21
N GLY A 978 -4.33 8.66 19.23
CA GLY A 978 -5.55 9.29 18.75
C GLY A 978 -5.67 9.33 17.24
N ASN A 983 -3.64 11.73 7.76
CA ASN A 983 -4.77 12.54 8.17
C ASN A 983 -4.35 13.55 9.22
N ASN A 984 -3.08 13.51 9.62
CA ASN A 984 -2.60 14.39 10.67
C ASN A 984 -2.33 15.81 10.17
N ASP A 985 -2.19 15.99 8.86
CA ASP A 985 -1.99 17.34 8.33
C ASP A 985 -3.26 18.15 8.40
N GLN A 986 -4.41 17.51 8.19
CA GLN A 986 -5.67 18.24 8.22
C GLN A 986 -6.17 18.49 9.63
N VAL A 987 -5.53 17.91 10.65
CA VAL A 987 -5.93 18.17 12.02
C VAL A 987 -5.41 19.53 12.48
N TRP A 988 -4.13 19.81 12.22
CA TRP A 988 -3.57 21.08 12.65
C TRP A 988 -3.87 22.22 11.69
N LYS A 989 -4.15 21.92 10.42
CA LYS A 989 -4.55 22.97 9.50
C LYS A 989 -5.96 23.46 9.78
N PHE A 990 -6.79 22.62 10.39
CA PHE A 990 -8.06 23.10 10.90
C PHE A 990 -7.87 23.96 12.14
N GLN A 991 -6.91 23.59 12.99
CA GLN A 991 -6.70 24.33 14.23
C GLN A 991 -6.00 25.64 13.97
N ARG A 992 -5.02 25.65 13.07
CA ARG A 992 -4.38 26.89 12.66
C ARG A 992 -5.38 27.81 11.96
N PHE A 993 -6.37 27.25 11.26
CA PHE A 993 -7.43 28.08 10.72
C PHE A 993 -8.35 28.58 11.81
N PHE A 994 -8.69 27.72 12.78
CA PHE A 994 -9.67 28.09 13.79
C PHE A 994 -9.12 29.10 14.78
N LEU A 995 -7.82 29.08 15.03
CA LEU A 995 -7.24 30.05 15.95
C LEU A 995 -7.06 31.41 15.29
N VAL A 996 -6.65 31.43 14.02
CA VAL A 996 -6.39 32.69 13.34
C VAL A 996 -7.71 33.39 13.02
N GLN A 997 -8.73 32.62 12.62
CA GLN A 997 -10.05 33.21 12.41
C GLN A 997 -10.70 33.63 13.72
N GLU A 998 -10.29 33.04 14.84
CA GLU A 998 -10.76 33.52 16.14
C GLU A 998 -10.11 34.85 16.49
N TYR A 999 -8.85 35.04 16.11
CA TYR A 999 -8.22 36.33 16.39
C TYR A 999 -8.68 37.39 15.39
N CYS A 1000 -8.86 37.02 14.13
CA CYS A 1000 -9.35 37.97 13.13
C CYS A 1000 -10.78 38.42 13.40
N SER A 1001 -11.53 37.67 14.20
CA SER A 1001 -12.87 38.06 14.64
C SER A 1001 -12.84 39.01 15.84
N ARG A 1002 -11.68 39.53 16.21
CA ARG A 1002 -11.60 40.58 17.21
C ARG A 1002 -11.65 41.94 16.50
N LEU A 1003 -11.34 43.01 17.23
CA LEU A 1003 -11.29 44.33 16.62
C LEU A 1003 -9.99 44.48 15.83
N THR A 1004 -10.07 45.18 14.70
CA THR A 1004 -8.93 45.39 13.84
C THR A 1004 -8.15 46.67 14.16
N ILE A 1005 -8.27 47.15 15.40
CA ILE A 1005 -7.59 48.37 15.82
C ILE A 1005 -6.72 48.03 17.03
N PRO A 1006 -5.56 48.66 17.19
CA PRO A 1006 -4.63 48.29 18.27
C PRO A 1006 -5.14 48.69 19.65
N PHE A 1007 -4.40 48.28 20.68
CA PHE A 1007 -4.85 48.44 22.07
C PHE A 1007 -5.15 49.83 22.63
N PRO A 1008 -4.30 50.80 22.32
CA PRO A 1008 -4.52 52.17 22.84
C PRO A 1008 -5.69 52.88 22.15
N PHE A 1009 -6.16 52.32 21.05
CA PHE A 1009 -7.18 52.97 20.24
C PHE A 1009 -8.50 52.20 20.24
N VAL A 1010 -8.68 51.29 21.19
CA VAL A 1010 -9.97 50.60 21.33
C VAL A 1010 -11.02 51.57 21.85
N ILE A 1011 -10.60 52.57 22.64
CA ILE A 1011 -11.53 53.57 23.15
C ILE A 1011 -12.02 54.51 22.06
N PHE A 1012 -11.32 54.60 20.94
CA PHE A 1012 -11.75 55.45 19.83
C PHE A 1012 -12.80 54.77 18.96
N ALA A 1013 -13.08 53.50 19.19
CA ALA A 1013 -14.09 52.77 18.43
C ALA A 1013 -14.66 51.62 19.27
N ASN A 1044 -26.16 36.74 -7.03
CA ASN A 1044 -26.45 35.55 -7.82
C ASN A 1044 -25.63 35.56 -9.11
N GLU A 1045 -24.66 36.47 -9.18
CA GLU A 1045 -23.73 36.50 -10.30
C GLU A 1045 -22.58 35.54 -10.14
N ILE A 1046 -22.24 35.17 -8.91
CA ILE A 1046 -21.20 34.17 -8.67
C ILE A 1046 -21.77 32.76 -8.57
N LEU A 1047 -23.05 32.61 -8.22
CA LEU A 1047 -23.68 31.30 -8.25
C LEU A 1047 -23.83 30.80 -9.67
N ALA A 1048 -23.98 31.72 -10.63
CA ALA A 1048 -23.92 31.34 -12.03
C ALA A 1048 -22.52 30.99 -12.48
N TRP A 1049 -21.49 31.44 -11.75
CA TRP A 1049 -20.13 31.09 -12.11
C TRP A 1049 -19.78 29.68 -11.66
N GLU A 1050 -20.17 29.29 -10.44
CA GLU A 1050 -19.86 27.94 -10.00
C GLU A 1050 -20.79 26.90 -10.57
N ALA A 1051 -21.92 27.31 -11.16
CA ALA A 1051 -22.69 26.38 -11.98
C ALA A 1051 -21.91 25.97 -13.21
N VAL A 1052 -21.07 26.87 -13.73
CA VAL A 1052 -20.13 26.48 -14.78
C VAL A 1052 -19.03 25.61 -14.18
N MET A 1053 -18.56 25.95 -12.98
CA MET A 1053 -17.48 25.20 -12.35
C MET A 1053 -17.93 23.83 -11.87
N LYS A 1054 -19.23 23.65 -11.62
CA LYS A 1054 -19.72 22.33 -11.24
C LYS A 1054 -19.76 21.40 -12.44
N GLU A 1055 -20.27 21.90 -13.58
CA GLU A 1055 -20.34 21.08 -14.78
C GLU A 1055 -18.97 20.70 -15.31
N ASN A 1056 -17.97 21.56 -15.12
CA ASN A 1056 -16.61 21.15 -15.41
C ASN A 1056 -16.13 20.09 -14.43
N TYR A 1057 -16.63 20.11 -13.21
CA TYR A 1057 -16.21 19.13 -12.21
C TYR A 1057 -16.88 17.79 -12.43
N LEU A 1058 -18.17 17.81 -12.82
CA LEU A 1058 -18.89 16.55 -13.03
C LEU A 1058 -18.38 15.81 -14.25
N VAL A 1059 -17.78 16.52 -15.20
CA VAL A 1059 -17.10 15.87 -16.31
C VAL A 1059 -15.87 15.11 -15.81
N LYS A 1060 -15.17 15.66 -14.82
CA LYS A 1060 -13.95 15.03 -14.30
C LYS A 1060 -14.25 13.70 -13.63
N ILE A 1061 -15.25 13.68 -12.73
CA ILE A 1061 -15.53 12.46 -12.00
C ILE A 1061 -16.27 11.43 -12.84
N ASN A 1062 -16.95 11.84 -13.92
CA ASN A 1062 -17.64 10.88 -14.76
C ASN A 1062 -16.69 10.15 -15.70
N THR A 1063 -15.74 10.87 -16.29
CA THR A 1063 -14.73 10.26 -17.13
C THR A 1063 -13.56 9.68 -16.35
N LYS A 1064 -13.69 9.53 -15.04
CA LYS A 1064 -12.73 8.73 -14.28
C LYS A 1064 -13.06 7.26 -14.31
N ALA A 1065 -14.11 6.85 -15.03
CA ALA A 1065 -14.42 5.44 -15.24
C ALA A 1065 -13.59 4.92 -16.40
N ASN A 1066 -12.29 4.79 -16.14
CA ASN A 1066 -11.34 4.19 -17.07
C ASN A 1066 -10.89 2.81 -16.64
N ASP A 1067 -10.72 2.58 -15.33
CA ASP A 1067 -10.47 1.25 -14.81
C ASP A 1067 -11.72 0.39 -14.78
N SER A 1068 -12.90 1.00 -14.93
CA SER A 1068 -14.11 0.26 -15.22
C SER A 1068 -14.39 0.14 -16.71
N SER A 1069 -13.83 1.06 -17.51
CA SER A 1069 -13.86 0.88 -18.96
C SER A 1069 -12.84 -0.15 -19.41
N GLU A 1070 -11.75 -0.32 -18.67
CA GLU A 1070 -10.81 -1.39 -18.96
C GLU A 1070 -11.37 -2.75 -18.57
N GLU A 1071 -12.39 -2.79 -17.72
CA GLU A 1071 -13.22 -3.98 -17.60
C GLU A 1071 -13.97 -4.16 -18.91
N MET A 1072 -13.68 -5.26 -19.61
CA MET A 1072 -14.01 -5.40 -21.02
C MET A 1072 -15.36 -6.04 -21.25
N VAL A 1073 -16.32 -5.82 -20.35
CA VAL A 1073 -17.65 -6.43 -20.47
C VAL A 1073 -18.42 -5.91 -21.67
N HIS A 1074 -18.04 -4.76 -22.22
CA HIS A 1074 -18.51 -4.35 -23.54
C HIS A 1074 -17.71 -5.04 -24.64
N ARG A 1075 -16.41 -5.25 -24.44
CA ARG A 1075 -15.58 -5.93 -25.43
C ARG A 1075 -15.71 -7.44 -25.37
N PHE A 1076 -16.21 -7.99 -24.26
CA PHE A 1076 -16.51 -9.42 -24.23
C PHE A 1076 -17.75 -9.76 -25.03
N ARG A 1077 -18.61 -8.77 -25.29
CA ARG A 1077 -19.87 -9.01 -25.96
C ARG A 1077 -19.99 -8.29 -27.31
N GLN A 1078 -19.09 -7.35 -27.63
CA GLN A 1078 -19.14 -6.70 -28.94
C GLN A 1078 -18.62 -7.59 -30.05
N LEU A 1079 -17.82 -8.61 -29.73
CA LEU A 1079 -17.41 -9.57 -30.73
C LEU A 1079 -18.37 -10.75 -30.83
N ASP A 1080 -19.20 -10.95 -29.79
CA ASP A 1080 -20.27 -11.95 -29.88
C ASP A 1080 -21.29 -11.55 -30.94
N ALA A 1081 -21.54 -10.25 -31.10
CA ALA A 1081 -22.32 -9.78 -32.23
C ALA A 1081 -21.51 -9.86 -33.52
N LYS A 1082 -20.18 -9.78 -33.42
CA LYS A 1082 -19.34 -9.88 -34.62
C LYS A 1082 -19.14 -11.34 -35.03
N LEU A 1083 -19.02 -12.24 -34.06
CA LEU A 1083 -18.92 -13.66 -34.41
C LEU A 1083 -20.26 -14.22 -34.86
N SER A 1084 -21.38 -13.66 -34.37
CA SER A 1084 -22.68 -14.07 -34.87
C SER A 1084 -22.96 -13.44 -36.23
N ASP A 1085 -22.31 -12.32 -36.53
CA ASP A 1085 -22.36 -11.77 -37.87
C ASP A 1085 -21.65 -12.69 -38.86
N LEU A 1086 -20.57 -13.32 -38.42
CA LEU A 1086 -19.89 -14.32 -39.23
C LEU A 1086 -20.63 -15.66 -39.21
N LYS A 1087 -21.37 -15.93 -38.13
CA LYS A 1087 -22.04 -17.22 -37.98
C LYS A 1087 -23.21 -17.37 -38.96
N GLY A 1088 -24.07 -16.35 -39.03
CA GLY A 1088 -25.26 -16.44 -39.86
C GLY A 1088 -24.98 -16.41 -41.35
N LEU A 1089 -23.85 -15.83 -41.75
CA LEU A 1089 -23.51 -15.82 -43.16
C LEU A 1089 -22.92 -17.16 -43.57
N LEU A 1090 -22.33 -17.89 -42.63
CA LEU A 1090 -21.90 -19.27 -42.87
C LEU A 1090 -23.07 -20.20 -43.13
N LYS A 1091 -24.22 -19.92 -42.51
CA LYS A 1091 -25.33 -20.87 -42.60
C LYS A 1091 -26.11 -20.68 -43.91
N GLU A 1092 -26.30 -19.44 -44.33
CA GLU A 1092 -27.11 -19.16 -45.51
C GLU A 1092 -26.41 -19.53 -46.81
N ILE A 1093 -25.08 -19.51 -46.83
CA ILE A 1093 -24.33 -19.88 -48.03
C ILE A 1093 -24.39 -21.39 -48.25
N SER A 1094 -24.61 -22.16 -47.19
CA SER A 1094 -24.86 -23.59 -47.34
C SER A 1094 -26.21 -23.86 -47.98
N SER A 1095 -27.18 -22.95 -47.80
CA SER A 1095 -28.53 -23.15 -48.32
C SER A 1095 -28.62 -22.90 -49.82
N LYS A 1096 -27.63 -22.22 -50.40
CA LYS A 1096 -27.65 -21.87 -51.81
C LYS A 1096 -27.11 -23.00 -52.69
N ILE A 1097 -26.11 -23.73 -52.21
CA ILE A 1097 -25.47 -24.75 -53.04
C ILE A 1097 -26.17 -26.11 -52.96
N LYS A 1098 -27.27 -26.21 -52.22
CA LYS A 1098 -27.99 -27.46 -52.12
C LYS A 1098 -28.72 -27.78 -53.42
N LYS B 108 19.51 -49.98 0.73
CA LYS B 108 19.86 -51.36 1.04
C LYS B 108 19.11 -52.37 0.18
N ARG B 109 17.79 -52.29 0.21
CA ARG B 109 16.96 -53.35 -0.36
C ARG B 109 16.86 -53.20 -1.88
N GLY B 110 15.93 -53.93 -2.47
CA GLY B 110 15.85 -54.04 -3.90
C GLY B 110 16.05 -55.47 -4.32
N LYS B 111 14.97 -56.11 -4.76
CA LYS B 111 14.98 -57.53 -5.10
C LYS B 111 14.94 -57.68 -6.62
N TYR B 112 15.65 -58.68 -7.11
CA TYR B 112 15.78 -58.91 -8.55
C TYR B 112 15.51 -60.37 -8.86
N ILE B 113 14.85 -60.63 -9.98
CA ILE B 113 14.53 -61.98 -10.43
C ILE B 113 14.82 -62.07 -11.92
N ARG B 114 15.68 -63.01 -12.30
CA ARG B 114 15.89 -63.31 -13.71
C ARG B 114 14.69 -64.09 -14.24
N LEU B 115 14.14 -63.65 -15.37
CA LEU B 115 12.95 -64.28 -15.92
C LEU B 115 13.00 -64.28 -17.44
N SER B 116 12.28 -65.23 -18.03
CA SER B 116 12.26 -65.40 -19.48
C SER B 116 11.19 -64.52 -20.12
N THR B 123 0.42 -66.53 -12.19
CA THR B 123 1.50 -67.45 -11.85
C THR B 123 2.64 -66.70 -11.21
N LEU B 124 2.80 -65.44 -11.63
CA LEU B 124 3.82 -64.55 -11.12
C LEU B 124 3.33 -63.69 -9.98
N TYR B 125 2.04 -63.36 -9.97
CA TYR B 125 1.50 -62.34 -9.08
C TYR B 125 1.49 -62.81 -7.63
N ASP B 126 1.30 -64.11 -7.40
CA ASP B 126 1.25 -64.62 -6.03
C ASP B 126 2.63 -64.59 -5.37
N LEU B 127 3.70 -64.60 -6.16
CA LEU B 127 5.05 -64.53 -5.62
C LEU B 127 5.48 -63.12 -5.25
N MET B 128 4.57 -62.14 -5.31
CA MET B 128 4.85 -60.79 -4.83
C MET B 128 3.75 -60.20 -3.97
N THR B 129 2.55 -60.80 -3.91
CA THR B 129 1.53 -60.34 -2.99
C THR B 129 1.41 -61.23 -1.76
N GLN B 130 1.94 -62.45 -1.80
CA GLN B 130 1.93 -63.34 -0.64
C GLN B 130 3.27 -63.41 0.04
N HIS B 131 4.36 -63.33 -0.72
CA HIS B 131 5.69 -63.36 -0.16
C HIS B 131 6.23 -61.98 0.19
N TRP B 132 5.80 -60.93 -0.52
CA TRP B 132 6.46 -59.64 -0.43
C TRP B 132 5.60 -58.55 0.19
N HIS B 133 4.45 -58.21 -0.39
CA HIS B 133 3.81 -56.95 -0.01
C HIS B 133 2.31 -56.99 -0.28
N LEU B 134 1.70 -55.80 -0.28
CA LEU B 134 0.26 -55.62 -0.11
C LEU B 134 -0.48 -55.66 -1.44
N LYS B 135 -1.74 -55.22 -1.40
CA LYS B 135 -2.69 -55.21 -2.51
C LYS B 135 -2.71 -53.83 -3.15
N THR B 136 -3.23 -53.77 -4.38
CA THR B 136 -3.24 -52.54 -5.16
C THR B 136 -4.61 -51.91 -5.22
N PRO B 137 -4.80 -50.71 -4.67
CA PRO B 137 -5.97 -49.90 -5.08
C PRO B 137 -5.77 -49.14 -6.37
N ASN B 138 -4.58 -49.14 -6.95
CA ASN B 138 -4.29 -48.47 -8.20
C ASN B 138 -3.07 -49.12 -8.81
N LEU B 139 -2.83 -48.85 -10.09
CA LEU B 139 -1.70 -49.48 -10.78
C LEU B 139 -1.37 -48.66 -12.02
N VAL B 140 -0.20 -48.05 -12.05
CA VAL B 140 0.20 -47.11 -13.10
C VAL B 140 1.26 -47.78 -13.96
N ILE B 141 1.19 -47.56 -15.28
CA ILE B 141 2.16 -48.08 -16.24
C ILE B 141 2.81 -46.91 -16.95
N SER B 142 4.12 -46.75 -16.76
CA SER B 142 4.88 -45.73 -17.49
C SER B 142 5.71 -46.44 -18.55
N VAL B 143 5.42 -46.16 -19.82
CA VAL B 143 6.16 -46.77 -20.92
C VAL B 143 6.89 -45.69 -21.71
N THR B 144 8.20 -45.76 -21.68
CA THR B 144 9.09 -45.03 -22.57
C THR B 144 10.08 -45.97 -23.24
N GLY B 145 10.51 -47.02 -22.53
CA GLY B 145 11.58 -47.86 -23.02
C GLY B 145 12.92 -47.20 -22.79
N GLY B 146 13.96 -47.87 -23.24
CA GLY B 146 15.32 -47.42 -22.98
C GLY B 146 15.77 -46.20 -23.78
N ALA B 147 15.03 -45.09 -23.65
CA ALA B 147 15.46 -43.83 -24.22
C ALA B 147 16.57 -43.28 -23.33
N LYS B 148 17.81 -43.30 -23.85
CA LYS B 148 18.94 -42.85 -23.05
C LYS B 148 18.89 -41.34 -22.80
N ASN B 149 18.24 -40.59 -23.69
CA ASN B 149 18.00 -39.17 -23.51
C ASN B 149 16.53 -38.95 -23.22
N PHE B 150 16.25 -38.00 -22.33
CA PHE B 150 14.88 -37.60 -22.03
C PHE B 150 14.93 -36.18 -21.51
N ALA B 151 14.38 -35.24 -22.28
CA ALA B 151 14.37 -33.84 -21.89
C ALA B 151 13.36 -33.62 -20.77
N LEU B 152 13.84 -33.56 -19.53
CA LEU B 152 12.94 -33.28 -18.42
C LEU B 152 12.80 -31.77 -18.29
N LYS B 153 11.64 -31.25 -18.68
CA LYS B 153 11.32 -29.84 -18.56
C LYS B 153 10.99 -29.56 -17.10
N PRO B 154 10.74 -28.30 -16.74
CA PRO B 154 10.03 -28.07 -15.47
C PRO B 154 8.62 -28.64 -15.43
N ARG B 155 7.98 -28.84 -16.58
CA ARG B 155 6.64 -29.41 -16.59
C ARG B 155 6.67 -30.93 -16.41
N MET B 156 7.50 -31.63 -17.18
CA MET B 156 7.56 -33.08 -17.09
C MET B 156 8.20 -33.53 -15.79
N ARG B 157 9.00 -32.67 -15.17
CA ARG B 157 9.48 -32.94 -13.82
C ARG B 157 8.34 -32.85 -12.81
N LYS B 158 7.30 -32.07 -13.12
CA LYS B 158 6.17 -31.88 -12.22
C LYS B 158 5.08 -32.91 -12.43
N ILE B 159 4.85 -33.34 -13.68
CA ILE B 159 3.82 -34.33 -13.98
C ILE B 159 4.18 -35.67 -13.35
N PHE B 160 5.43 -36.08 -13.46
CA PHE B 160 5.90 -37.34 -12.91
C PHE B 160 6.39 -37.21 -11.48
N SER B 161 6.14 -36.07 -10.83
CA SER B 161 6.30 -35.96 -9.39
C SER B 161 4.96 -35.91 -8.68
N ARG B 162 3.94 -35.34 -9.32
CA ARG B 162 2.58 -35.46 -8.82
C ARG B 162 2.08 -36.90 -8.91
N LEU B 163 2.54 -37.63 -9.93
CA LEU B 163 2.07 -38.99 -10.17
C LEU B 163 2.53 -39.94 -9.07
N ILE B 164 3.77 -39.78 -8.60
CA ILE B 164 4.24 -40.66 -7.53
C ILE B 164 3.62 -40.28 -6.21
N TYR B 165 3.26 -39.01 -6.04
CA TYR B 165 2.51 -38.61 -4.85
C TYR B 165 1.11 -39.21 -4.87
N ILE B 166 0.52 -39.35 -6.07
CA ILE B 166 -0.77 -40.01 -6.19
C ILE B 166 -0.64 -41.50 -5.88
N ALA B 167 0.41 -42.14 -6.39
CA ALA B 167 0.68 -43.53 -6.03
C ALA B 167 1.08 -43.70 -4.58
N GLN B 168 1.62 -42.65 -3.95
CA GLN B 168 1.83 -42.70 -2.51
C GLN B 168 0.50 -42.63 -1.76
N SER B 169 -0.43 -41.84 -2.28
CA SER B 169 -1.72 -41.65 -1.62
C SER B 169 -2.62 -42.87 -1.80
N LYS B 170 -2.74 -43.36 -3.03
CA LYS B 170 -3.61 -44.49 -3.30
C LYS B 170 -2.95 -45.83 -3.02
N GLY B 171 -1.63 -45.88 -2.97
CA GLY B 171 -0.93 -47.13 -2.74
C GLY B 171 -0.83 -47.99 -3.98
N ALA B 172 -0.18 -47.48 -5.02
CA ALA B 172 -0.18 -48.12 -6.32
C ALA B 172 1.14 -48.84 -6.58
N TRP B 173 1.13 -49.64 -7.64
CA TRP B 173 2.35 -50.18 -8.23
C TRP B 173 2.64 -49.44 -9.52
N ILE B 174 3.91 -49.13 -9.75
CA ILE B 174 4.31 -48.35 -10.92
C ILE B 174 5.24 -49.24 -11.73
N PHE B 175 4.69 -49.95 -12.71
CA PHE B 175 5.51 -50.77 -13.58
C PHE B 175 6.21 -49.88 -14.60
N THR B 176 7.52 -50.04 -14.72
CA THR B 176 8.29 -49.34 -15.74
C THR B 176 9.53 -50.16 -16.08
N GLY B 177 10.28 -49.70 -17.06
CA GLY B 177 11.51 -50.37 -17.42
C GLY B 177 12.63 -49.99 -16.48
N GLY B 178 13.05 -50.92 -15.61
CA GLY B 178 13.95 -50.56 -14.54
C GLY B 178 15.40 -50.32 -14.91
N THR B 179 15.66 -49.48 -15.91
CA THR B 179 17.01 -49.13 -16.32
C THR B 179 17.28 -47.65 -16.06
N HIS B 180 18.55 -47.35 -15.84
CA HIS B 180 18.99 -46.08 -15.25
C HIS B 180 19.18 -45.00 -16.32
N TYR B 181 18.09 -44.67 -17.02
CA TYR B 181 18.19 -43.75 -18.14
C TYR B 181 16.94 -42.90 -18.25
N GLY B 182 17.11 -41.57 -18.22
CA GLY B 182 16.05 -40.64 -18.56
C GLY B 182 14.89 -40.56 -17.59
N LEU B 183 13.71 -40.98 -18.06
CA LEU B 183 12.51 -40.95 -17.22
C LEU B 183 12.56 -42.04 -16.16
N MET B 184 12.95 -43.25 -16.54
CA MET B 184 12.91 -44.38 -15.64
C MET B 184 13.96 -44.30 -14.54
N LYS B 185 15.02 -43.52 -14.74
CA LYS B 185 15.89 -43.17 -13.63
C LYS B 185 15.37 -41.96 -12.87
N TYR B 186 14.50 -41.16 -13.48
CA TYR B 186 13.87 -40.07 -12.76
C TYR B 186 12.68 -40.56 -11.95
N ILE B 187 11.91 -41.51 -12.51
CA ILE B 187 10.80 -42.13 -11.79
C ILE B 187 11.33 -42.88 -10.57
N GLY B 188 12.48 -43.53 -10.72
CA GLY B 188 13.09 -44.21 -9.59
C GLY B 188 13.57 -43.25 -8.51
N GLU B 189 14.11 -42.10 -8.90
CA GLU B 189 14.68 -41.21 -7.90
C GLU B 189 13.62 -40.31 -7.26
N VAL B 190 12.42 -40.23 -7.83
CA VAL B 190 11.32 -39.59 -7.11
C VAL B 190 10.75 -40.55 -6.08
N VAL B 191 10.83 -41.85 -6.37
CA VAL B 191 10.33 -42.87 -5.45
C VAL B 191 11.15 -42.87 -4.16
N ARG B 192 12.47 -42.78 -4.26
CA ARG B 192 13.26 -42.65 -3.04
C ARG B 192 13.11 -41.28 -2.40
N ASP B 193 12.66 -40.27 -3.14
CA ASP B 193 12.37 -39.00 -2.51
C ASP B 193 11.09 -39.06 -1.69
N ASN B 194 10.14 -39.91 -2.08
CA ASN B 194 8.92 -40.04 -1.29
C ASN B 194 9.09 -41.00 -0.12
N THR B 195 10.04 -41.93 -0.20
CA THR B 195 10.38 -42.72 0.97
C THR B 195 11.29 -41.97 1.93
N ILE B 196 11.85 -40.85 1.52
CA ILE B 196 12.57 -39.99 2.46
C ILE B 196 11.59 -39.08 3.19
N SER B 197 10.70 -38.43 2.45
CA SER B 197 9.67 -37.61 3.04
C SER B 197 8.42 -38.42 3.37
N ASN B 203 2.66 -46.72 0.86
CA ASN B 203 3.98 -46.55 0.29
C ASN B 203 4.01 -46.97 -1.18
N VAL B 204 5.04 -46.51 -1.88
CA VAL B 204 5.13 -46.67 -3.33
C VAL B 204 5.93 -47.93 -3.64
N VAL B 205 5.41 -48.74 -4.55
CA VAL B 205 6.05 -49.98 -4.96
C VAL B 205 6.37 -49.83 -6.44
N ALA B 206 7.59 -49.40 -6.75
CA ALA B 206 7.96 -49.12 -8.15
C ALA B 206 8.65 -50.35 -8.73
N ILE B 207 7.84 -51.29 -9.20
CA ILE B 207 8.36 -52.52 -9.77
C ILE B 207 8.93 -52.24 -11.16
N GLY B 208 10.14 -52.72 -11.41
CA GLY B 208 10.81 -52.53 -12.68
C GLY B 208 10.88 -53.82 -13.46
N ILE B 209 10.66 -53.73 -14.77
CA ILE B 209 10.66 -54.90 -15.66
C ILE B 209 11.49 -54.57 -16.89
N ALA B 210 12.59 -55.29 -17.08
CA ALA B 210 13.46 -55.07 -18.23
C ALA B 210 14.24 -56.34 -18.59
N PRO B 244 25.81 -48.59 -25.36
CA PRO B 244 25.40 -49.67 -26.28
C PRO B 244 24.47 -50.66 -25.58
N LEU B 245 24.62 -50.79 -24.26
CA LEU B 245 23.78 -51.65 -23.45
C LEU B 245 23.35 -50.88 -22.21
N TYR B 246 22.11 -51.10 -21.79
CA TYR B 246 21.55 -50.35 -20.66
C TYR B 246 22.11 -50.86 -19.34
N CYS B 247 22.25 -49.92 -18.41
CA CYS B 247 22.63 -50.24 -17.03
C CYS B 247 21.40 -50.19 -16.14
N LEU B 248 21.43 -51.00 -15.09
CA LEU B 248 20.27 -51.19 -14.24
C LEU B 248 20.06 -49.98 -13.34
N ASP B 249 18.83 -49.74 -12.93
CA ASP B 249 18.49 -48.60 -12.09
C ASP B 249 18.49 -49.01 -10.63
N ASN B 250 19.27 -48.31 -9.82
CA ASN B 250 19.38 -48.60 -8.40
C ASN B 250 18.43 -47.75 -7.56
N ASN B 251 17.16 -47.71 -7.95
CA ASN B 251 16.19 -46.99 -7.14
C ASN B 251 14.81 -47.63 -7.12
N HIS B 252 14.64 -48.79 -7.76
CA HIS B 252 13.34 -49.44 -7.83
C HIS B 252 13.24 -50.49 -6.73
N THR B 253 12.02 -50.70 -6.25
CA THR B 253 11.86 -51.56 -5.08
C THR B 253 12.01 -53.03 -5.46
N HIS B 254 11.42 -53.44 -6.58
CA HIS B 254 11.53 -54.82 -7.04
C HIS B 254 11.86 -54.81 -8.52
N LEU B 255 12.89 -55.55 -8.92
CA LEU B 255 13.28 -55.65 -10.31
C LEU B 255 12.91 -57.02 -10.84
N LEU B 256 12.45 -57.06 -12.10
CA LEU B 256 11.95 -58.28 -12.73
C LEU B 256 12.54 -58.43 -14.12
N LEU B 257 13.85 -58.28 -14.23
CA LEU B 257 14.50 -58.43 -15.53
C LEU B 257 14.59 -59.90 -15.93
N THR B 267 12.40 -54.39 -25.67
CA THR B 267 12.45 -55.31 -26.80
C THR B 267 11.87 -56.68 -26.42
N THR B 268 12.69 -57.51 -25.78
CA THR B 268 12.30 -58.87 -25.44
C THR B 268 11.48 -58.97 -24.16
N GLU B 269 11.34 -57.88 -23.41
CA GLU B 269 10.69 -57.94 -22.11
C GLU B 269 9.23 -57.54 -22.14
N ALA B 270 8.74 -56.96 -23.23
CA ALA B 270 7.39 -56.40 -23.25
C ALA B 270 6.35 -57.42 -23.68
N LYS B 271 6.40 -58.60 -23.10
CA LYS B 271 5.31 -59.55 -23.17
C LYS B 271 4.93 -60.08 -21.80
N VAL B 272 5.91 -60.31 -20.94
CA VAL B 272 5.62 -60.69 -19.56
C VAL B 272 5.11 -59.49 -18.78
N ARG B 273 5.48 -58.28 -19.19
CA ARG B 273 4.94 -57.08 -18.57
C ARG B 273 3.47 -56.89 -18.90
N THR B 274 3.10 -57.14 -20.16
CA THR B 274 1.70 -57.03 -20.56
C THR B 274 0.85 -58.12 -19.93
N GLN B 275 1.27 -59.38 -20.05
CA GLN B 275 0.52 -60.50 -19.50
C GLN B 275 0.47 -60.53 -17.98
N LEU B 276 1.28 -59.71 -17.30
CA LEU B 276 1.10 -59.49 -15.87
C LEU B 276 0.05 -58.43 -15.60
N GLU B 277 0.17 -57.25 -16.21
CA GLU B 277 -0.79 -56.18 -15.98
C GLU B 277 -2.15 -56.48 -16.59
N LYS B 278 -2.22 -57.39 -17.55
CA LYS B 278 -3.51 -57.85 -18.05
C LYS B 278 -4.14 -58.85 -17.09
N TYR B 279 -3.35 -59.46 -16.20
CA TYR B 279 -3.91 -60.36 -15.21
C TYR B 279 -4.45 -59.58 -14.00
N ILE B 280 -3.81 -58.47 -13.64
CA ILE B 280 -4.29 -57.70 -12.51
C ILE B 280 -5.58 -56.97 -12.87
N SER B 281 -5.74 -56.60 -14.14
CA SER B 281 -7.02 -56.10 -14.63
C SER B 281 -8.08 -57.19 -14.66
N GLU B 282 -7.67 -58.46 -14.75
CA GLU B 282 -8.60 -59.59 -14.80
C GLU B 282 -9.16 -59.95 -13.43
N ARG B 283 -8.59 -59.43 -12.35
CA ARG B 283 -8.90 -59.97 -11.04
C ARG B 283 -10.25 -59.44 -10.53
N VAL B 284 -10.78 -60.15 -9.54
CA VAL B 284 -12.03 -59.80 -8.87
C VAL B 284 -11.72 -59.61 -7.40
N ILE B 285 -12.14 -58.47 -6.84
CA ILE B 285 -11.71 -58.00 -5.54
C ILE B 285 -12.94 -57.80 -4.67
N PRO B 286 -12.98 -58.39 -3.46
CA PRO B 286 -14.15 -58.21 -2.60
C PRO B 286 -14.21 -56.88 -1.88
N GLU B 287 -13.13 -56.10 -1.86
CA GLU B 287 -13.21 -54.73 -1.38
C GLU B 287 -14.10 -53.89 -2.29
N SER B 288 -13.91 -54.04 -3.61
CA SER B 288 -14.86 -53.63 -4.65
C SER B 288 -15.15 -52.13 -4.64
N ASN B 289 -14.12 -51.34 -4.97
CA ASN B 289 -14.35 -49.92 -5.20
C ASN B 289 -14.54 -49.62 -6.68
N TYR B 290 -13.66 -50.15 -7.52
CA TYR B 290 -13.76 -50.00 -8.98
C TYR B 290 -14.50 -51.18 -9.61
N GLY B 291 -15.65 -51.54 -9.02
CA GLY B 291 -16.27 -52.81 -9.32
C GLY B 291 -15.36 -53.99 -9.07
N GLY B 292 -14.56 -53.93 -8.00
CA GLY B 292 -13.40 -54.79 -7.92
C GLY B 292 -12.35 -54.32 -8.91
N LYS B 293 -11.75 -55.29 -9.60
CA LYS B 293 -11.12 -55.12 -10.91
C LYS B 293 -9.80 -54.35 -10.93
N ILE B 294 -9.37 -53.74 -9.83
CA ILE B 294 -8.04 -53.16 -9.64
C ILE B 294 -7.62 -52.14 -10.71
N PRO B 295 -7.98 -50.85 -10.57
CA PRO B 295 -7.75 -49.84 -11.62
C PRO B 295 -6.37 -49.76 -12.24
N ILE B 296 -6.25 -50.04 -13.54
CA ILE B 296 -4.99 -49.99 -14.28
C ILE B 296 -4.99 -48.75 -15.15
N VAL B 297 -3.94 -47.95 -15.04
CA VAL B 297 -3.71 -46.80 -15.90
C VAL B 297 -2.37 -47.00 -16.59
N CYS B 298 -2.27 -46.58 -17.85
CA CYS B 298 -1.01 -46.63 -18.59
C CYS B 298 -0.67 -45.22 -19.07
N PHE B 299 0.46 -44.69 -18.60
CA PHE B 299 0.90 -43.39 -19.11
C PHE B 299 1.66 -43.53 -20.41
N ALA B 300 1.92 -42.38 -21.04
CA ALA B 300 2.68 -42.30 -22.28
C ALA B 300 3.11 -40.85 -22.46
N GLN B 301 4.41 -40.65 -22.69
CA GLN B 301 4.90 -39.30 -22.90
C GLN B 301 5.92 -39.16 -24.03
N GLY B 302 6.52 -40.24 -24.52
CA GLY B 302 7.60 -40.17 -25.47
C GLY B 302 7.33 -40.99 -26.72
N GLY B 303 8.32 -40.99 -27.61
CA GLY B 303 8.20 -41.62 -28.90
C GLY B 303 8.99 -42.92 -29.00
N GLY B 304 8.96 -43.48 -30.20
CA GLY B 304 9.57 -44.76 -30.46
C GLY B 304 8.52 -45.83 -30.76
N LYS B 305 9.03 -46.95 -31.28
CA LYS B 305 8.16 -48.07 -31.64
C LYS B 305 7.62 -48.75 -30.39
N GLU B 306 8.40 -48.76 -29.31
CA GLU B 306 8.04 -49.57 -28.15
C GLU B 306 6.87 -48.98 -27.39
N THR B 307 6.86 -47.67 -27.21
CA THR B 307 5.72 -47.02 -26.55
C THR B 307 4.49 -46.94 -27.44
N LEU B 308 4.61 -47.25 -28.72
CA LEU B 308 3.43 -47.27 -29.58
C LEU B 308 2.70 -48.59 -29.48
N LYS B 309 3.43 -49.70 -29.42
CA LYS B 309 2.76 -50.98 -29.23
C LYS B 309 2.34 -51.19 -27.79
N SER B 310 2.89 -50.43 -26.85
CA SER B 310 2.45 -50.53 -25.46
C SER B 310 1.07 -49.92 -25.27
N ILE B 311 0.79 -48.82 -25.98
CA ILE B 311 -0.56 -48.28 -26.01
C ILE B 311 -1.50 -49.23 -26.75
N ASN B 312 -0.99 -49.90 -27.80
CA ASN B 312 -1.76 -50.88 -28.53
C ASN B 312 -2.15 -52.06 -27.66
N VAL B 313 -1.16 -52.75 -27.09
CA VAL B 313 -1.44 -53.99 -26.39
C VAL B 313 -2.16 -53.73 -25.07
N ALA B 314 -2.17 -52.49 -24.59
CA ALA B 314 -3.07 -52.11 -23.50
C ALA B 314 -4.51 -52.05 -23.99
N ILE B 315 -4.78 -51.16 -24.96
CA ILE B 315 -6.15 -50.85 -25.36
C ILE B 315 -6.79 -52.02 -26.11
N LYS B 316 -6.02 -52.69 -26.97
CA LYS B 316 -6.60 -53.71 -27.85
C LYS B 316 -6.91 -54.98 -27.08
N SER B 317 -5.99 -55.43 -26.23
CA SER B 317 -6.14 -56.73 -25.57
C SER B 317 -7.22 -56.68 -24.50
N LYS B 318 -7.02 -55.88 -23.47
CA LYS B 318 -7.98 -55.73 -22.40
C LYS B 318 -8.39 -54.26 -22.36
N ILE B 319 -9.10 -53.85 -21.32
CA ILE B 319 -9.47 -52.45 -21.17
C ILE B 319 -8.75 -51.84 -19.96
N PRO B 320 -7.44 -51.51 -20.04
CA PRO B 320 -6.93 -50.44 -19.20
C PRO B 320 -6.96 -49.11 -19.95
N CYS B 321 -7.41 -48.05 -19.30
CA CYS B 321 -7.36 -46.74 -19.92
C CYS B 321 -5.92 -46.27 -20.02
N VAL B 322 -5.68 -45.39 -21.00
CA VAL B 322 -4.33 -44.91 -21.32
C VAL B 322 -4.37 -43.40 -21.29
N VAL B 323 -3.38 -42.79 -20.64
CA VAL B 323 -3.26 -41.34 -20.54
C VAL B 323 -1.99 -40.90 -21.26
N VAL B 324 -2.13 -39.96 -22.18
CA VAL B 324 -0.99 -39.37 -22.88
C VAL B 324 -0.95 -37.89 -22.57
N GLU B 325 0.11 -37.22 -23.01
CA GLU B 325 0.17 -35.78 -22.89
C GLU B 325 0.95 -35.17 -24.05
N GLY B 326 0.68 -33.89 -24.30
CA GLY B 326 1.26 -33.17 -25.42
C GLY B 326 2.64 -32.62 -25.18
N SER B 327 3.59 -33.48 -24.84
CA SER B 327 5.00 -33.10 -24.79
C SER B 327 5.82 -34.37 -25.04
N GLY B 328 6.27 -34.53 -26.27
CA GLY B 328 6.96 -35.75 -26.66
C GLY B 328 6.83 -35.96 -28.15
N ARG B 329 7.34 -37.12 -28.60
CA ARG B 329 7.34 -37.37 -30.04
C ARG B 329 6.01 -37.93 -30.52
N ILE B 330 5.62 -39.13 -30.06
CA ILE B 330 4.39 -39.74 -30.56
C ILE B 330 3.25 -39.62 -29.57
N ALA B 331 3.51 -39.27 -28.32
CA ALA B 331 2.42 -38.91 -27.43
C ALA B 331 1.83 -37.56 -27.80
N ASP B 332 2.58 -36.72 -28.49
CA ASP B 332 2.01 -35.52 -29.09
C ASP B 332 1.23 -35.83 -30.36
N VAL B 333 1.55 -36.95 -31.03
CA VAL B 333 0.78 -37.35 -32.20
C VAL B 333 -0.63 -37.75 -31.82
N ILE B 334 -0.75 -38.63 -30.82
CA ILE B 334 -2.06 -39.07 -30.39
C ILE B 334 -2.77 -37.99 -29.57
N ALA B 335 -2.02 -37.00 -29.06
CA ALA B 335 -2.66 -35.82 -28.50
C ALA B 335 -3.22 -34.92 -29.58
N SER B 336 -2.79 -35.09 -30.83
CA SER B 336 -3.33 -34.33 -31.96
C SER B 336 -4.35 -35.11 -32.77
N LEU B 337 -4.38 -36.43 -32.65
CA LEU B 337 -5.30 -37.27 -33.40
C LEU B 337 -6.46 -37.77 -32.55
N VAL B 338 -6.90 -36.98 -31.58
CA VAL B 338 -8.10 -37.29 -30.83
C VAL B 338 -9.15 -36.19 -30.91
N GLU B 339 -8.79 -34.96 -31.24
CA GLU B 339 -9.78 -33.91 -31.46
C GLU B 339 -10.19 -33.82 -32.92
N ALA B 340 -10.50 -34.98 -33.50
CA ALA B 340 -10.74 -35.07 -34.93
C ALA B 340 -11.49 -36.36 -35.21
N GLU B 341 -12.60 -36.24 -35.94
CA GLU B 341 -13.31 -37.40 -36.49
C GLU B 341 -13.24 -37.31 -38.01
N GLY B 342 -12.53 -38.26 -38.62
CA GLY B 342 -12.39 -38.27 -40.06
C GLY B 342 -12.61 -39.63 -40.66
N THR B 343 -13.53 -40.39 -40.05
CA THR B 343 -13.80 -41.80 -40.34
C THR B 343 -12.49 -42.61 -40.27
N LEU B 344 -11.93 -42.61 -39.05
CA LEU B 344 -10.73 -43.30 -38.59
C LEU B 344 -9.44 -42.67 -39.12
N ALA B 345 -9.55 -41.69 -40.03
CA ALA B 345 -8.46 -40.85 -40.54
C ALA B 345 -7.34 -41.71 -41.14
N SER B 346 -7.69 -42.35 -42.27
CA SER B 346 -6.93 -43.48 -42.82
C SER B 346 -5.50 -43.11 -43.23
N SER B 347 -5.23 -41.85 -43.54
CA SER B 347 -3.88 -41.43 -43.87
C SER B 347 -3.48 -40.13 -43.18
N CYS B 348 -4.24 -39.67 -42.19
CA CYS B 348 -3.81 -38.52 -41.41
C CYS B 348 -2.71 -38.87 -40.41
N VAL B 349 -2.48 -40.16 -40.18
CA VAL B 349 -1.29 -40.60 -39.46
C VAL B 349 -0.03 -40.20 -40.24
N LYS B 350 -0.08 -40.29 -41.56
CA LYS B 350 0.95 -39.73 -42.42
C LYS B 350 0.89 -38.20 -42.48
N GLU B 351 -0.30 -37.61 -42.39
CA GLU B 351 -0.40 -36.16 -42.37
C GLU B 351 -0.09 -35.59 -40.99
N SER B 352 -0.13 -36.42 -39.95
CA SER B 352 0.56 -36.12 -38.71
C SER B 352 1.91 -36.83 -38.75
N LEU B 353 2.63 -36.82 -37.64
CA LEU B 353 3.78 -37.69 -37.35
C LEU B 353 5.01 -37.43 -38.22
N LEU B 354 4.89 -36.62 -39.26
CA LEU B 354 5.97 -36.24 -40.17
C LEU B 354 6.38 -34.80 -40.00
N ARG B 355 5.41 -33.93 -39.76
CA ARG B 355 5.60 -32.51 -39.61
C ARG B 355 5.92 -32.13 -38.17
N PHE B 356 5.96 -33.12 -37.28
CA PHE B 356 6.24 -32.89 -35.87
C PHE B 356 7.29 -33.84 -35.29
N LEU B 357 7.80 -34.79 -36.09
CA LEU B 357 8.93 -35.65 -35.78
C LEU B 357 9.50 -36.21 -37.09
N PRO B 358 10.28 -35.40 -37.82
CA PRO B 358 10.57 -35.73 -39.22
C PRO B 358 11.71 -36.70 -39.43
N ARG B 359 12.40 -37.17 -38.39
CA ARG B 359 13.60 -37.96 -38.61
C ARG B 359 13.42 -39.45 -38.34
N THR B 360 12.31 -39.87 -37.74
CA THR B 360 12.13 -41.29 -37.43
C THR B 360 11.57 -42.08 -38.59
N ILE B 361 10.93 -41.43 -39.55
CA ILE B 361 10.33 -42.12 -40.69
C ILE B 361 11.39 -42.50 -41.71
N SER B 362 12.39 -41.65 -41.90
CA SER B 362 13.51 -41.96 -42.78
C SER B 362 14.60 -42.74 -42.06
N ARG B 363 14.18 -43.79 -41.35
CA ARG B 363 15.09 -44.73 -40.70
C ARG B 363 14.60 -46.17 -40.80
N LEU B 364 13.50 -46.44 -41.50
CA LEU B 364 12.89 -47.76 -41.53
C LEU B 364 12.10 -47.89 -42.82
N SER B 365 11.61 -49.09 -43.07
CA SER B 365 10.92 -49.41 -44.33
C SER B 365 9.53 -48.77 -44.37
N GLU B 366 8.90 -48.86 -45.54
CA GLU B 366 7.58 -48.30 -45.74
C GLU B 366 6.48 -49.23 -45.24
N GLU B 367 6.67 -50.54 -45.42
CA GLU B 367 5.65 -51.52 -45.03
C GLU B 367 5.49 -51.62 -43.53
N GLU B 368 6.52 -51.27 -42.77
CA GLU B 368 6.39 -51.12 -41.32
C GLU B 368 5.98 -49.71 -40.93
N THR B 369 6.28 -48.72 -41.77
CA THR B 369 5.76 -47.37 -41.54
C THR B 369 4.26 -47.32 -41.77
N GLU B 370 3.77 -48.05 -42.76
CA GLU B 370 2.33 -48.22 -42.90
C GLU B 370 1.76 -49.10 -41.80
N SER B 371 2.57 -49.99 -41.22
CA SER B 371 2.13 -50.75 -40.07
C SER B 371 2.00 -49.86 -38.83
N TRP B 372 2.76 -48.77 -38.76
CA TRP B 372 2.56 -47.79 -37.71
C TRP B 372 1.25 -47.05 -37.88
N ILE B 373 0.82 -46.86 -39.12
CA ILE B 373 -0.52 -46.32 -39.37
C ILE B 373 -1.57 -47.35 -38.96
N LYS B 374 -1.28 -48.63 -39.17
CA LYS B 374 -2.15 -49.67 -38.63
C LYS B 374 -2.05 -49.74 -37.11
N TRP B 375 -0.88 -49.42 -36.55
CA TRP B 375 -0.75 -49.38 -35.09
C TRP B 375 -1.56 -48.24 -34.50
N ILE B 376 -1.44 -47.04 -35.06
CA ILE B 376 -2.06 -45.86 -34.46
C ILE B 376 -3.58 -45.90 -34.63
N LYS B 377 -4.07 -46.35 -35.78
CA LYS B 377 -5.50 -46.29 -36.06
C LYS B 377 -6.31 -47.29 -35.25
N GLU B 378 -5.71 -48.34 -34.71
CA GLU B 378 -6.45 -49.22 -33.83
C GLU B 378 -6.38 -48.80 -32.37
N VAL B 379 -5.53 -47.81 -32.05
CA VAL B 379 -5.63 -47.14 -30.76
C VAL B 379 -6.90 -46.29 -30.74
N LEU B 380 -7.14 -45.53 -31.80
CA LEU B 380 -8.26 -44.61 -31.88
C LEU B 380 -9.59 -45.30 -32.15
N GLU B 381 -9.65 -46.63 -32.16
CA GLU B 381 -10.93 -47.33 -32.32
C GLU B 381 -11.80 -47.16 -31.09
N SER B 382 -11.20 -46.89 -29.94
CA SER B 382 -11.95 -46.53 -28.73
C SER B 382 -11.34 -45.26 -28.16
N PRO B 383 -11.94 -44.10 -28.42
CA PRO B 383 -11.41 -42.85 -27.86
C PRO B 383 -11.83 -42.58 -26.43
N HIS B 384 -12.59 -43.50 -25.83
CA HIS B 384 -12.94 -43.41 -24.42
C HIS B 384 -11.88 -44.03 -23.52
N LEU B 385 -10.76 -44.48 -24.09
CA LEU B 385 -9.63 -44.97 -23.31
C LEU B 385 -8.40 -44.11 -23.54
N LEU B 386 -8.60 -42.81 -23.73
CA LEU B 386 -7.48 -41.97 -24.15
C LEU B 386 -7.71 -40.56 -23.59
N THR B 387 -7.10 -40.30 -22.45
CA THR B 387 -7.13 -38.96 -21.85
C THR B 387 -5.83 -38.25 -22.18
N VAL B 388 -5.93 -36.95 -22.43
CA VAL B 388 -4.77 -36.14 -22.81
C VAL B 388 -4.56 -35.08 -21.73
N ILE B 389 -3.38 -35.11 -21.11
CA ILE B 389 -2.99 -34.03 -20.20
C ILE B 389 -2.50 -32.88 -21.08
N LYS B 390 -3.39 -31.93 -21.35
CA LYS B 390 -3.09 -30.88 -22.32
C LYS B 390 -2.11 -29.87 -21.73
N ILE B 391 -1.57 -29.04 -22.61
CA ILE B 391 -0.43 -28.20 -22.24
C ILE B 391 -0.88 -26.98 -21.45
N GLU B 392 -2.08 -26.48 -21.71
CA GLU B 392 -2.58 -25.28 -21.04
C GLU B 392 -3.05 -25.53 -19.62
N GLU B 393 -2.96 -26.76 -19.12
CA GLU B 393 -3.32 -27.09 -17.75
C GLU B 393 -2.19 -26.70 -16.79
N ALA B 394 -2.04 -25.38 -16.63
CA ALA B 394 -0.97 -24.83 -15.81
C ALA B 394 -1.45 -24.66 -14.37
N GLY B 395 -1.59 -25.81 -13.70
CA GLY B 395 -2.07 -25.81 -12.33
C GLY B 395 -1.84 -27.16 -11.68
N ASP B 396 -1.95 -27.16 -10.36
CA ASP B 396 -1.87 -28.39 -9.60
C ASP B 396 -3.13 -29.22 -9.82
N GLU B 397 -3.02 -30.50 -9.46
CA GLU B 397 -4.09 -31.50 -9.55
C GLU B 397 -4.61 -31.62 -10.99
N ILE B 398 -3.69 -31.91 -11.89
CA ILE B 398 -4.04 -32.22 -13.27
C ILE B 398 -3.62 -33.62 -13.68
N VAL B 399 -2.73 -34.27 -12.95
CA VAL B 399 -2.48 -35.68 -13.19
C VAL B 399 -3.65 -36.51 -12.69
N SER B 400 -4.08 -36.25 -11.45
CA SER B 400 -5.22 -36.96 -10.91
C SER B 400 -6.52 -36.55 -11.57
N ASN B 401 -6.58 -35.35 -12.16
CA ASN B 401 -7.73 -34.99 -12.97
C ASN B 401 -7.79 -35.77 -14.27
N ALA B 402 -6.65 -36.29 -14.72
CA ALA B 402 -6.61 -37.11 -15.92
C ALA B 402 -6.67 -38.59 -15.62
N ILE B 403 -6.09 -39.03 -14.50
CA ILE B 403 -6.15 -40.44 -14.13
C ILE B 403 -7.57 -40.82 -13.72
N SER B 404 -8.24 -39.96 -12.95
CA SER B 404 -9.60 -40.26 -12.53
C SER B 404 -10.57 -40.17 -13.69
N PHE B 405 -10.36 -39.23 -14.60
CA PHE B 405 -11.22 -39.14 -15.77
C PHE B 405 -10.98 -40.30 -16.72
N ALA B 406 -9.77 -40.86 -16.72
CA ALA B 406 -9.53 -42.07 -17.49
C ALA B 406 -10.19 -43.27 -16.82
N LEU B 407 -10.16 -43.33 -15.49
CA LEU B 407 -10.79 -44.45 -14.80
C LEU B 407 -12.31 -44.30 -14.79
N TYR B 408 -12.81 -43.07 -14.84
CA TYR B 408 -14.26 -42.87 -14.91
C TYR B 408 -14.80 -43.26 -16.27
N LYS B 409 -14.02 -43.01 -17.33
CA LYS B 409 -14.41 -43.40 -18.68
C LYS B 409 -14.48 -44.92 -18.81
N ALA B 410 -13.46 -45.62 -18.34
CA ALA B 410 -13.42 -47.07 -18.48
C ALA B 410 -14.44 -47.76 -17.58
N PHE B 411 -14.79 -47.15 -16.45
CA PHE B 411 -15.77 -47.74 -15.57
C PHE B 411 -17.18 -47.54 -16.10
N SER B 412 -17.53 -46.29 -16.45
CA SER B 412 -18.89 -45.96 -16.84
C SER B 412 -19.27 -46.51 -18.20
N THR B 413 -18.29 -46.85 -19.04
CA THR B 413 -18.57 -47.41 -20.37
C THR B 413 -18.42 -48.93 -20.34
N ASN B 414 -18.80 -49.54 -19.23
CA ASN B 414 -18.88 -50.99 -19.13
C ASN B 414 -20.21 -51.54 -19.62
N GLU B 415 -21.20 -50.65 -19.81
CA GLU B 415 -22.58 -50.99 -20.21
C GLU B 415 -23.25 -51.97 -19.25
N HIS B 416 -22.83 -51.90 -17.98
CA HIS B 416 -23.40 -52.71 -16.91
C HIS B 416 -23.81 -51.89 -15.70
N ASP B 417 -23.24 -50.70 -15.52
CA ASP B 417 -23.47 -49.87 -14.35
C ASP B 417 -24.47 -48.74 -14.63
N ARG B 418 -25.46 -48.99 -15.48
CA ARG B 418 -26.52 -48.00 -15.69
C ARG B 418 -27.41 -47.90 -14.46
N ASP B 419 -27.67 -49.03 -13.80
CA ASP B 419 -28.34 -49.02 -12.51
C ASP B 419 -27.40 -48.72 -11.36
N ASN B 420 -26.09 -48.78 -11.58
CA ASN B 420 -25.10 -48.58 -10.54
C ASN B 420 -24.58 -47.15 -10.62
N TRP B 421 -25.40 -46.22 -10.15
CA TRP B 421 -24.96 -44.84 -9.97
C TRP B 421 -24.06 -44.68 -8.76
N ASN B 422 -24.13 -45.60 -7.80
CA ASN B 422 -23.37 -45.48 -6.56
C ASN B 422 -21.91 -45.86 -6.75
N GLY B 423 -21.63 -46.84 -7.62
CA GLY B 423 -20.25 -47.18 -7.91
C GLY B 423 -19.52 -46.11 -8.68
N GLN B 424 -20.24 -45.33 -9.48
CA GLN B 424 -19.63 -44.16 -10.10
C GLN B 424 -19.39 -43.06 -9.07
N LEU B 425 -20.17 -43.04 -7.99
CA LEU B 425 -20.01 -41.99 -7.01
C LEU B 425 -18.80 -42.24 -6.12
N LYS B 426 -18.64 -43.47 -5.63
CA LYS B 426 -17.52 -43.78 -4.75
C LYS B 426 -16.19 -43.72 -5.48
N LEU B 427 -16.19 -43.96 -6.79
CA LEU B 427 -14.99 -43.75 -7.58
C LEU B 427 -14.69 -42.27 -7.71
N LEU B 428 -15.69 -41.47 -8.06
CA LEU B 428 -15.51 -40.03 -8.20
C LEU B 428 -15.38 -39.31 -6.86
N LEU B 429 -15.58 -39.99 -5.74
CA LEU B 429 -15.39 -39.40 -4.42
C LEU B 429 -13.99 -39.64 -3.90
N GLU B 430 -13.40 -40.81 -4.20
CA GLU B 430 -12.05 -41.13 -3.75
C GLU B 430 -11.04 -40.19 -4.38
N TRP B 431 -11.09 -40.05 -5.69
CA TRP B 431 -10.46 -38.92 -6.33
C TRP B 431 -11.31 -37.68 -6.08
N ASN B 432 -10.69 -36.52 -6.04
CA ASN B 432 -11.44 -35.32 -5.68
C ASN B 432 -12.05 -34.66 -6.93
N GLN B 433 -12.97 -35.39 -7.55
CA GLN B 433 -13.58 -34.96 -8.81
C GLN B 433 -14.96 -34.37 -8.51
N LEU B 434 -14.97 -33.12 -8.03
CA LEU B 434 -16.23 -32.49 -7.67
C LEU B 434 -17.01 -32.08 -8.89
N ASP B 435 -16.38 -31.34 -9.81
CA ASP B 435 -17.07 -30.81 -10.97
C ASP B 435 -17.42 -31.88 -11.99
N LEU B 436 -16.93 -33.10 -11.82
CA LEU B 436 -17.41 -34.22 -12.62
C LEU B 436 -18.56 -34.94 -11.95
N ALA B 437 -18.57 -35.00 -10.62
CA ALA B 437 -19.66 -35.67 -9.94
C ALA B 437 -20.93 -34.84 -9.89
N SER B 438 -20.83 -33.52 -10.09
CA SER B 438 -22.01 -32.68 -10.01
C SER B 438 -22.83 -32.75 -11.30
N ASP B 439 -22.16 -32.84 -12.45
CA ASP B 439 -22.84 -32.77 -13.73
C ASP B 439 -22.99 -34.12 -14.41
N GLU B 440 -22.42 -35.19 -13.86
CA GLU B 440 -22.62 -36.51 -14.41
C GLU B 440 -23.40 -37.43 -13.50
N ILE B 441 -23.66 -37.04 -12.25
CA ILE B 441 -24.37 -37.91 -11.33
C ILE B 441 -25.59 -37.19 -10.76
N PHE B 442 -25.38 -36.01 -10.21
CA PHE B 442 -26.47 -35.26 -9.57
C PHE B 442 -27.06 -34.28 -10.59
N THR B 443 -27.86 -34.81 -11.51
CA THR B 443 -28.48 -33.99 -12.54
C THR B 443 -29.98 -34.17 -12.68
N ASN B 444 -30.62 -34.91 -11.76
CA ASN B 444 -32.07 -35.11 -11.62
C ASN B 444 -32.71 -35.89 -12.75
N ASP B 445 -31.98 -36.24 -13.80
CA ASP B 445 -32.47 -37.26 -14.73
C ASP B 445 -32.18 -38.65 -14.20
N ARG B 446 -31.05 -38.82 -13.52
CA ARG B 446 -30.76 -40.06 -12.83
C ARG B 446 -31.60 -40.11 -11.55
N ASN B 447 -32.05 -41.30 -11.20
CA ASN B 447 -33.02 -41.49 -10.10
C ASN B 447 -32.27 -41.93 -8.86
N TRP B 448 -32.16 -41.03 -7.89
CA TRP B 448 -31.69 -41.36 -6.56
C TRP B 448 -32.70 -40.83 -5.56
N GLU B 449 -32.84 -41.52 -4.43
CA GLU B 449 -33.84 -41.14 -3.43
C GLU B 449 -33.26 -40.35 -2.28
N SER B 450 -31.97 -40.01 -2.31
CA SER B 450 -31.23 -39.33 -1.24
C SER B 450 -31.33 -40.09 0.09
N ALA B 451 -31.42 -41.41 0.03
CA ALA B 451 -31.41 -42.27 1.20
C ALA B 451 -30.17 -43.13 1.28
N ASP B 452 -29.61 -43.51 0.12
CA ASP B 452 -28.34 -44.21 0.05
C ASP B 452 -27.15 -43.26 -0.03
N LEU B 453 -27.38 -41.96 0.22
CA LEU B 453 -26.33 -40.96 0.23
C LEU B 453 -25.67 -40.82 1.61
N GLN B 454 -25.78 -41.84 2.46
CA GLN B 454 -25.34 -41.73 3.84
C GLN B 454 -24.02 -42.45 4.11
N ASP B 455 -23.86 -43.67 3.61
CA ASP B 455 -22.57 -44.32 3.67
C ASP B 455 -21.55 -43.66 2.75
N VAL B 456 -22.02 -43.01 1.69
CA VAL B 456 -21.12 -42.20 0.86
C VAL B 456 -20.75 -40.92 1.59
N MET B 457 -21.65 -40.43 2.45
CA MET B 457 -21.36 -39.22 3.22
C MET B 457 -20.34 -39.48 4.31
N PHE B 458 -20.42 -40.64 4.96
CA PHE B 458 -19.48 -40.95 6.03
C PHE B 458 -18.08 -41.16 5.50
N THR B 459 -17.94 -41.55 4.24
CA THR B 459 -16.63 -41.62 3.62
C THR B 459 -16.15 -40.25 3.19
N ALA B 460 -17.06 -39.34 2.82
CA ALA B 460 -16.65 -38.00 2.45
C ALA B 460 -16.18 -37.18 3.65
N LEU B 461 -16.56 -37.58 4.86
CA LEU B 461 -16.11 -36.89 6.06
C LEU B 461 -14.75 -37.37 6.51
N VAL B 462 -14.50 -38.67 6.44
CA VAL B 462 -13.29 -39.20 7.05
C VAL B 462 -12.07 -39.04 6.14
N LYS B 463 -12.26 -39.04 4.82
CA LYS B 463 -11.14 -38.84 3.91
C LYS B 463 -10.89 -37.37 3.59
N ASP B 464 -11.62 -36.47 4.25
CA ASP B 464 -11.53 -35.01 4.08
C ASP B 464 -11.74 -34.61 2.62
N ARG B 465 -12.96 -34.85 2.16
CA ARG B 465 -13.45 -34.29 0.90
C ARG B 465 -14.43 -33.19 1.27
N PRO B 466 -13.98 -31.95 1.49
CA PRO B 466 -14.92 -30.91 1.92
C PRO B 466 -15.85 -30.47 0.81
N LYS B 467 -15.41 -30.50 -0.44
CA LYS B 467 -16.28 -30.12 -1.55
C LYS B 467 -17.35 -31.15 -1.81
N PHE B 468 -17.15 -32.40 -1.38
CA PHE B 468 -18.16 -33.43 -1.56
C PHE B 468 -19.13 -33.47 -0.40
N VAL B 469 -18.70 -33.05 0.79
CA VAL B 469 -19.62 -32.86 1.89
C VAL B 469 -20.61 -31.74 1.57
N ARG B 470 -20.13 -30.67 0.94
CA ARG B 470 -21.01 -29.59 0.54
C ARG B 470 -21.96 -30.02 -0.57
N LEU B 471 -21.50 -30.87 -1.49
CA LEU B 471 -22.34 -31.32 -2.58
C LEU B 471 -23.41 -32.30 -2.10
N PHE B 472 -23.11 -33.08 -1.07
CA PHE B 472 -24.11 -34.01 -0.57
C PHE B 472 -25.18 -33.29 0.23
N LEU B 473 -24.83 -32.19 0.88
CA LEU B 473 -25.82 -31.43 1.64
C LEU B 473 -26.74 -30.62 0.74
N GLU B 474 -26.20 -30.05 -0.34
CA GLU B 474 -27.03 -29.23 -1.20
C GLU B 474 -27.82 -30.05 -2.21
N ASN B 475 -27.62 -31.36 -2.25
CA ASN B 475 -28.46 -32.23 -3.06
C ASN B 475 -29.50 -32.96 -2.23
N GLY B 476 -29.61 -32.62 -0.95
CA GLY B 476 -30.63 -33.19 -0.09
C GLY B 476 -30.07 -34.27 0.81
N LEU B 477 -29.73 -33.88 2.03
CA LEU B 477 -29.24 -34.83 3.04
C LEU B 477 -29.41 -34.17 4.39
N ASN B 478 -30.32 -34.69 5.21
CA ASN B 478 -30.56 -34.10 6.51
C ASN B 478 -29.42 -34.50 7.44
N LEU B 479 -28.53 -33.55 7.71
CA LEU B 479 -27.37 -33.82 8.56
C LEU B 479 -27.75 -34.06 10.01
N ARG B 480 -28.92 -33.60 10.44
CA ARG B 480 -29.38 -33.91 11.78
C ARG B 480 -29.81 -35.38 11.89
N LYS B 481 -30.47 -35.90 10.86
CA LYS B 481 -30.82 -37.32 10.85
C LYS B 481 -29.59 -38.20 10.68
N PHE B 482 -28.63 -37.74 9.88
CA PHE B 482 -27.45 -38.55 9.58
C PHE B 482 -26.56 -38.72 10.79
N LEU B 483 -26.31 -37.64 11.53
CA LEU B 483 -25.41 -37.68 12.69
C LEU B 483 -26.09 -38.36 13.86
N THR B 484 -26.15 -39.69 13.81
CA THR B 484 -26.73 -40.43 14.92
C THR B 484 -25.72 -40.57 16.05
N THR B 485 -26.12 -41.31 17.09
CA THR B 485 -25.33 -41.39 18.30
C THR B 485 -24.05 -42.18 18.10
N GLU B 486 -24.05 -43.12 17.15
CA GLU B 486 -22.90 -43.98 16.95
C GLU B 486 -21.99 -43.51 15.83
N VAL B 487 -22.49 -42.66 14.92
CA VAL B 487 -21.64 -42.10 13.88
C VAL B 487 -20.61 -41.16 14.49
N LEU B 488 -21.00 -40.44 15.55
CA LEU B 488 -20.07 -39.56 16.25
C LEU B 488 -19.02 -40.35 17.01
N ARG B 489 -19.32 -41.57 17.42
CA ARG B 489 -18.32 -42.38 18.11
C ARG B 489 -17.57 -43.33 17.18
N GLU B 490 -18.01 -43.50 15.93
CA GLU B 490 -17.12 -44.02 14.90
C GLU B 490 -16.25 -42.93 14.29
N LEU B 491 -16.25 -41.74 14.87
CA LEU B 491 -15.56 -40.60 14.31
C LEU B 491 -14.58 -39.97 15.29
N TYR B 492 -14.79 -40.16 16.59
CA TYR B 492 -13.96 -39.55 17.62
C TYR B 492 -12.92 -40.50 18.18
N THR B 493 -12.93 -41.78 17.81
CA THR B 493 -11.86 -42.68 18.22
C THR B 493 -11.31 -43.46 17.03
N ASN B 494 -12.16 -43.73 16.05
CA ASN B 494 -11.70 -44.40 14.85
C ASN B 494 -10.96 -43.44 13.93
N ASN B 495 -11.52 -42.26 13.70
CA ASN B 495 -10.99 -41.29 12.77
C ASN B 495 -10.55 -40.02 13.47
N PHE B 496 -9.98 -40.17 14.66
CA PHE B 496 -9.38 -39.07 15.40
C PHE B 496 -7.88 -39.32 15.48
N SER B 497 -7.10 -38.36 14.99
CA SER B 497 -5.65 -38.50 14.99
C SER B 497 -5.12 -38.41 16.41
N SER B 498 -4.21 -39.32 16.77
CA SER B 498 -3.69 -39.36 18.12
C SER B 498 -2.70 -38.25 18.40
N LEU B 499 -2.13 -37.63 17.36
CA LEU B 499 -1.24 -36.50 17.56
C LEU B 499 -2.02 -35.29 18.06
N VAL B 500 -3.26 -35.13 17.61
CA VAL B 500 -4.12 -34.08 18.13
C VAL B 500 -4.58 -34.43 19.54
N PHE B 501 -4.93 -35.70 19.77
CA PHE B 501 -5.39 -36.13 21.08
C PHE B 501 -4.28 -36.09 22.11
N LYS B 502 -3.03 -36.34 21.69
CA LYS B 502 -1.90 -36.11 22.59
C LYS B 502 -1.70 -34.63 22.83
N ASN B 503 -1.92 -33.81 21.81
CA ASN B 503 -1.89 -32.37 21.98
C ASN B 503 -3.10 -31.85 22.74
N LEU B 504 -4.20 -32.61 22.75
CA LEU B 504 -5.35 -32.24 23.57
C LEU B 504 -5.08 -32.51 25.05
N GLN B 505 -4.19 -33.46 25.34
CA GLN B 505 -3.79 -33.70 26.73
C GLN B 505 -2.98 -32.53 27.27
N ILE B 506 -2.04 -32.03 26.47
CA ILE B 506 -1.12 -30.98 26.93
C ILE B 506 -1.86 -29.66 27.07
N ALA B 507 -2.81 -29.37 26.18
CA ALA B 507 -3.58 -28.14 26.29
C ALA B 507 -4.52 -28.19 27.49
N LYS B 508 -5.10 -29.36 27.78
CA LYS B 508 -5.99 -29.49 28.92
C LYS B 508 -5.24 -29.37 30.25
N ASN B 509 -3.98 -29.78 30.29
CA ASN B 509 -3.23 -29.76 31.54
C ASN B 509 -2.47 -28.47 31.76
N SER B 510 -1.84 -27.93 30.71
CA SER B 510 -0.98 -26.75 30.88
C SER B 510 -1.72 -25.43 30.78
N TYR B 511 -2.72 -25.34 29.90
CA TYR B 511 -3.49 -24.10 29.74
C TYR B 511 -4.96 -24.48 29.85
N ASN B 512 -5.44 -24.60 31.08
CA ASN B 512 -6.76 -25.15 31.32
C ASN B 512 -7.80 -24.04 31.38
N ASP B 513 -8.86 -24.18 30.61
CA ASP B 513 -9.99 -23.26 30.63
C ASP B 513 -11.29 -24.04 30.82
N ALA B 514 -12.38 -23.30 30.99
CA ALA B 514 -13.67 -23.94 31.20
C ALA B 514 -14.21 -24.55 29.92
N LEU B 515 -13.85 -23.99 28.77
CA LEU B 515 -14.32 -24.54 27.50
C LEU B 515 -13.59 -25.84 27.17
N LEU B 516 -12.29 -25.89 27.43
CA LEU B 516 -11.50 -27.09 27.13
C LEU B 516 -11.94 -28.27 27.97
N THR B 517 -12.31 -28.02 29.23
CA THR B 517 -12.78 -29.08 30.10
C THR B 517 -14.10 -29.68 29.61
N PHE B 518 -14.93 -28.87 28.96
CA PHE B 518 -16.09 -29.45 28.30
C PHE B 518 -15.69 -30.18 27.02
N VAL B 519 -14.67 -29.67 26.32
CA VAL B 519 -14.23 -30.31 25.10
C VAL B 519 -13.46 -31.59 25.41
N TRP B 520 -12.58 -31.54 26.42
CA TRP B 520 -11.83 -32.74 26.81
C TRP B 520 -12.74 -33.82 27.37
N LYS B 521 -13.82 -33.43 28.03
CA LYS B 521 -14.76 -34.44 28.52
C LYS B 521 -15.69 -34.95 27.43
N MET B 522 -15.93 -34.17 26.37
CA MET B 522 -16.83 -34.67 25.33
C MET B 522 -16.09 -35.45 24.27
N VAL B 523 -14.77 -35.27 24.17
CA VAL B 523 -13.96 -36.20 23.40
C VAL B 523 -13.90 -37.53 24.12
N GLU B 524 -13.79 -37.49 25.45
CA GLU B 524 -13.59 -38.71 26.24
C GLU B 524 -14.85 -39.57 26.30
N ASP B 525 -16.03 -38.96 26.44
CA ASP B 525 -17.25 -39.76 26.57
C ASP B 525 -17.70 -40.38 25.26
N PHE B 526 -17.08 -40.01 24.13
CA PHE B 526 -17.28 -40.72 22.89
C PHE B 526 -16.28 -41.85 22.72
N ARG B 527 -15.08 -41.71 23.28
CA ARG B 527 -14.10 -42.78 23.31
C ARG B 527 -14.23 -43.67 24.54
N ARG B 528 -15.31 -43.52 25.31
CA ARG B 528 -15.58 -44.34 26.47
C ARG B 528 -16.87 -45.14 26.35
N GLY B 529 -17.94 -44.53 25.85
CA GLY B 529 -19.20 -45.21 25.67
C GLY B 529 -19.17 -46.21 24.52
N ARG B 553 -28.82 -33.32 22.02
CA ARG B 553 -27.48 -33.55 22.51
C ARG B 553 -26.48 -32.71 21.70
N HIS B 554 -27.04 -31.85 20.83
CA HIS B 554 -26.34 -31.01 19.87
C HIS B 554 -25.37 -31.81 19.01
N PRO B 555 -25.87 -32.59 18.05
CA PRO B 555 -24.95 -33.45 17.27
C PRO B 555 -24.13 -32.67 16.25
N LEU B 556 -24.71 -31.62 15.67
CA LEU B 556 -23.99 -30.83 14.66
C LEU B 556 -22.83 -30.06 15.26
N GLN B 557 -22.91 -29.69 16.53
CA GLN B 557 -21.82 -28.99 17.17
C GLN B 557 -20.82 -29.94 17.81
N ALA B 558 -20.99 -31.24 17.64
CA ALA B 558 -19.96 -32.21 17.97
C ALA B 558 -19.15 -32.61 16.75
N LEU B 559 -19.82 -32.70 15.60
CA LEU B 559 -19.11 -32.88 14.33
C LEU B 559 -18.27 -31.66 14.00
N PHE B 560 -18.72 -30.48 14.41
CA PHE B 560 -17.97 -29.26 14.15
C PHE B 560 -16.70 -29.20 14.98
N ILE B 561 -16.76 -29.62 16.24
CA ILE B 561 -15.57 -29.66 17.09
C ILE B 561 -14.62 -30.75 16.62
N TRP B 562 -15.16 -31.85 16.10
CA TRP B 562 -14.33 -32.93 15.54
C TRP B 562 -13.48 -32.44 14.38
N SER B 563 -14.06 -31.61 13.52
CA SER B 563 -13.36 -31.08 12.37
C SER B 563 -12.64 -29.76 12.66
N VAL B 564 -12.72 -29.25 13.88
CA VAL B 564 -11.94 -28.08 14.26
C VAL B 564 -10.68 -28.48 15.01
N LEU B 565 -10.77 -29.50 15.87
CA LEU B 565 -9.63 -29.98 16.64
C LEU B 565 -8.52 -30.53 15.74
N GLN B 566 -8.89 -31.14 14.62
CA GLN B 566 -7.92 -31.74 13.71
C GLN B 566 -7.45 -30.79 12.62
N ASN B 567 -7.81 -29.51 12.73
CA ASN B 567 -7.45 -28.46 11.77
C ASN B 567 -7.90 -28.80 10.35
N LYS B 568 -9.07 -29.42 10.23
CA LYS B 568 -9.69 -29.60 8.93
C LYS B 568 -10.17 -28.23 8.48
N LYS B 569 -9.39 -27.61 7.59
CA LYS B 569 -9.54 -26.19 7.31
C LYS B 569 -10.83 -25.90 6.55
N GLU B 570 -11.17 -26.74 5.58
CA GLU B 570 -12.33 -26.48 4.73
C GLU B 570 -13.51 -27.40 4.98
N LEU B 571 -13.31 -28.51 5.68
CA LEU B 571 -14.46 -29.31 6.08
C LEU B 571 -15.22 -28.62 7.19
N SER B 572 -14.50 -27.97 8.10
CA SER B 572 -15.14 -27.28 9.20
C SER B 572 -15.88 -26.03 8.78
N LYS B 573 -15.54 -25.47 7.61
CA LYS B 573 -16.32 -24.37 7.06
C LYS B 573 -17.64 -24.83 6.46
N VAL B 574 -17.78 -26.12 6.19
CA VAL B 574 -19.04 -26.65 5.66
C VAL B 574 -19.98 -26.99 6.79
N ILE B 575 -19.45 -27.56 7.87
CA ILE B 575 -20.29 -27.92 9.02
C ILE B 575 -20.68 -26.69 9.82
N TRP B 576 -19.88 -25.62 9.74
CA TRP B 576 -20.24 -24.39 10.43
C TRP B 576 -21.49 -23.75 9.85
N GLU B 577 -21.69 -23.89 8.55
CA GLU B 577 -22.88 -23.34 7.92
C GLU B 577 -24.14 -24.16 8.18
N GLN B 578 -24.01 -25.32 8.80
CA GLN B 578 -25.18 -26.12 9.17
C GLN B 578 -25.53 -26.05 10.64
N THR B 579 -24.68 -25.42 11.45
CA THR B 579 -24.94 -25.31 12.88
C THR B 579 -26.06 -24.31 13.14
N ARG B 580 -26.58 -24.34 14.36
CA ARG B 580 -27.67 -23.43 14.72
C ARG B 580 -27.16 -22.14 15.33
N GLY B 581 -26.38 -22.24 16.40
CA GLY B 581 -25.76 -21.05 16.93
C GLY B 581 -24.47 -20.80 16.17
N CYS B 582 -24.51 -19.94 15.18
CA CYS B 582 -23.40 -19.82 14.26
C CYS B 582 -22.39 -18.77 14.65
N THR B 583 -22.83 -17.69 15.29
CA THR B 583 -21.87 -16.74 15.83
C THR B 583 -21.23 -17.30 17.09
N LEU B 584 -21.96 -18.14 17.82
CA LEU B 584 -21.43 -18.73 19.04
C LEU B 584 -20.41 -19.80 18.73
N ALA B 585 -20.72 -20.69 17.78
CA ALA B 585 -19.79 -21.75 17.41
C ALA B 585 -18.58 -21.22 16.66
N ALA B 586 -18.70 -20.08 16.01
CA ALA B 586 -17.53 -19.47 15.40
C ALA B 586 -16.60 -18.85 16.43
N LEU B 587 -17.11 -18.54 17.61
CA LEU B 587 -16.27 -18.02 18.68
C LEU B 587 -15.74 -19.13 19.57
N GLY B 588 -16.52 -20.19 19.77
CA GLY B 588 -16.03 -21.31 20.54
C GLY B 588 -14.95 -22.09 19.82
N ALA B 589 -15.06 -22.19 18.50
CA ALA B 589 -13.97 -22.76 17.73
C ALA B 589 -12.75 -21.87 17.74
N SER B 590 -12.96 -20.55 17.67
CA SER B 590 -11.86 -19.61 17.70
C SER B 590 -11.16 -19.56 19.04
N LYS B 591 -11.83 -19.98 20.11
CA LYS B 591 -11.18 -20.10 21.41
C LYS B 591 -10.51 -21.45 21.59
N LEU B 592 -11.14 -22.52 21.07
CA LEU B 592 -10.59 -23.86 21.21
C LEU B 592 -9.31 -24.02 20.42
N LEU B 593 -9.21 -23.35 19.28
CA LEU B 593 -7.97 -23.38 18.52
C LEU B 593 -6.91 -22.48 19.14
N LYS B 594 -7.31 -21.33 19.68
CA LYS B 594 -6.36 -20.43 20.30
C LYS B 594 -5.75 -20.99 21.56
N SER B 595 -6.41 -21.95 22.20
CA SER B 595 -5.83 -22.65 23.33
C SER B 595 -4.96 -23.82 22.90
N MET B 596 -5.32 -24.50 21.81
CA MET B 596 -4.49 -25.56 21.27
C MET B 596 -3.31 -25.04 20.46
N ALA B 597 -3.28 -23.74 20.15
CA ALA B 597 -2.12 -23.11 19.55
C ALA B 597 -1.22 -22.47 20.60
N LYS B 598 -1.59 -22.52 21.87
CA LYS B 598 -0.69 -22.14 22.93
C LYS B 598 0.27 -23.25 23.31
N VAL B 599 0.04 -24.46 22.79
CA VAL B 599 0.95 -25.57 23.01
C VAL B 599 2.14 -25.44 22.07
N LYS B 600 3.35 -25.57 22.61
CA LYS B 600 4.57 -25.51 21.82
C LYS B 600 5.11 -26.90 21.50
N ASN B 601 4.24 -27.89 21.44
CA ASN B 601 4.68 -29.25 21.11
C ASN B 601 5.01 -29.38 19.63
N ASP B 602 4.35 -28.59 18.78
CA ASP B 602 4.61 -28.58 17.34
C ASP B 602 4.13 -27.23 16.84
N ILE B 603 5.06 -26.38 16.41
CA ILE B 603 4.68 -25.03 16.00
C ILE B 603 4.15 -24.96 14.58
N ASN B 604 4.15 -26.07 13.86
CA ASN B 604 3.45 -26.08 12.57
C ASN B 604 1.96 -26.28 12.77
N ALA B 605 1.58 -27.24 13.63
CA ALA B 605 0.18 -27.40 13.98
C ALA B 605 -0.32 -26.26 14.85
N ALA B 606 0.56 -25.67 15.65
CA ALA B 606 0.18 -24.51 16.46
C ALA B 606 0.21 -23.21 15.67
N GLY B 607 0.77 -23.23 14.47
CA GLY B 607 0.75 -22.04 13.64
C GLY B 607 -0.44 -22.07 12.71
N GLU B 608 -0.89 -23.27 12.38
CA GLU B 608 -2.07 -23.42 11.53
C GLU B 608 -3.35 -23.19 12.32
N SER B 609 -3.42 -23.70 13.55
CA SER B 609 -4.63 -23.55 14.33
C SER B 609 -4.79 -22.15 14.89
N GLU B 610 -3.69 -21.42 15.08
CA GLU B 610 -3.81 -19.99 15.38
C GLU B 610 -4.32 -19.23 14.17
N GLU B 611 -3.92 -19.65 12.97
CA GLU B 611 -4.39 -19.02 11.75
C GLU B 611 -5.85 -19.35 11.48
N LEU B 612 -6.28 -20.57 11.81
CA LEU B 612 -7.68 -20.94 11.66
C LEU B 612 -8.55 -20.27 12.71
N ALA B 613 -8.00 -20.00 13.89
CA ALA B 613 -8.76 -19.29 14.91
C ALA B 613 -8.94 -17.82 14.55
N ASN B 614 -7.97 -17.24 13.87
CA ASN B 614 -8.07 -15.84 13.46
C ASN B 614 -9.05 -15.64 12.32
N GLU B 615 -9.49 -16.71 11.66
CA GLU B 615 -10.48 -16.60 10.60
C GLU B 615 -11.81 -17.19 11.01
N TYR B 616 -11.94 -17.68 12.24
CA TYR B 616 -13.23 -17.89 12.88
C TYR B 616 -13.67 -16.69 13.67
N GLU B 617 -12.73 -15.97 14.28
CA GLU B 617 -13.04 -14.69 14.87
C GLU B 617 -13.45 -13.69 13.78
N THR B 618 -12.78 -13.73 12.63
CA THR B 618 -13.20 -12.92 11.49
C THR B 618 -14.52 -13.42 10.93
N ARG B 619 -14.75 -14.74 10.99
CA ARG B 619 -16.03 -15.30 10.56
C ARG B 619 -17.16 -14.87 11.49
N ALA B 620 -16.87 -14.64 12.76
CA ALA B 620 -17.87 -14.21 13.73
C ALA B 620 -18.00 -12.70 13.81
N VAL B 621 -17.03 -11.94 13.30
CA VAL B 621 -17.20 -10.50 13.18
C VAL B 621 -18.20 -10.18 12.08
N GLU B 622 -17.93 -10.67 10.88
CA GLU B 622 -18.72 -10.29 9.72
C GLU B 622 -20.08 -10.97 9.68
N LEU B 623 -20.27 -12.05 10.43
CA LEU B 623 -21.62 -12.54 10.63
C LEU B 623 -22.38 -11.65 11.61
N PHE B 624 -21.70 -11.16 12.64
CA PHE B 624 -22.40 -10.36 13.63
C PHE B 624 -22.65 -8.93 13.15
N THR B 625 -21.78 -8.39 12.29
CA THR B 625 -22.11 -7.10 11.70
C THR B 625 -23.24 -7.22 10.69
N GLU B 626 -23.44 -8.41 10.11
CA GLU B 626 -24.65 -8.67 9.36
C GLU B 626 -25.87 -8.73 10.27
N CYS B 627 -25.70 -9.31 11.45
CA CYS B 627 -26.80 -9.36 12.41
C CYS B 627 -27.09 -8.00 13.01
N TYR B 628 -26.08 -7.14 13.11
CA TYR B 628 -26.27 -5.82 13.68
C TYR B 628 -26.70 -4.78 12.66
N SER B 629 -26.53 -5.06 11.37
CA SER B 629 -27.11 -4.18 10.35
C SER B 629 -28.60 -4.38 10.20
N ASN B 630 -29.13 -5.49 10.71
CA ASN B 630 -30.55 -5.66 11.00
C ASN B 630 -30.81 -5.08 12.38
N ASP B 631 -31.95 -5.42 13.00
CA ASP B 631 -32.36 -4.75 14.22
C ASP B 631 -31.44 -5.11 15.38
N GLU B 632 -31.08 -4.07 16.15
CA GLU B 632 -30.09 -4.22 17.21
C GLU B 632 -30.64 -4.96 18.42
N ASP B 633 -31.96 -4.98 18.59
CA ASP B 633 -32.53 -5.64 19.75
C ASP B 633 -32.48 -7.15 19.62
N LEU B 634 -32.39 -7.67 18.40
CA LEU B 634 -32.23 -9.10 18.19
C LEU B 634 -30.78 -9.52 18.18
N ALA B 635 -29.88 -8.68 17.67
CA ALA B 635 -28.47 -9.02 17.67
C ALA B 635 -27.88 -8.96 19.08
N GLU B 636 -28.37 -8.07 19.92
CA GLU B 636 -27.95 -8.04 21.31
C GLU B 636 -28.73 -9.02 22.18
N GLN B 637 -29.86 -9.53 21.69
CA GLN B 637 -30.46 -10.71 22.28
C GLN B 637 -29.59 -11.92 22.05
N LEU B 638 -28.80 -11.92 20.98
CA LEU B 638 -28.00 -13.05 20.57
C LEU B 638 -26.63 -13.05 21.22
N LEU B 639 -26.13 -11.88 21.64
CA LEU B 639 -24.84 -11.80 22.29
C LEU B 639 -24.84 -12.54 23.63
N THR B 640 -25.96 -12.49 24.33
CA THR B 640 -26.10 -13.06 25.65
C THR B 640 -27.02 -14.28 25.64
N TYR B 641 -26.91 -15.09 24.60
CA TYR B 641 -27.73 -16.30 24.50
C TYR B 641 -27.19 -17.37 25.43
N SER B 642 -28.10 -18.09 26.09
CA SER B 642 -27.78 -19.03 27.16
C SER B 642 -27.20 -20.35 26.65
N CYS B 643 -26.94 -20.46 25.35
CA CYS B 643 -26.10 -21.43 24.63
C CYS B 643 -26.53 -22.88 24.67
N GLU B 644 -27.54 -23.20 25.51
CA GLU B 644 -27.99 -24.58 25.79
C GLU B 644 -26.82 -25.52 26.09
N ALA B 645 -25.83 -25.00 26.82
CA ALA B 645 -24.53 -25.62 27.08
C ALA B 645 -23.79 -25.98 25.78
N TRP B 646 -23.43 -24.94 25.01
CA TRP B 646 -22.43 -25.12 23.98
C TRP B 646 -21.08 -25.38 24.61
N GLY B 647 -20.57 -24.41 25.36
CA GLY B 647 -19.44 -24.60 26.24
C GLY B 647 -19.84 -24.17 27.63
N GLY B 648 -21.09 -23.74 27.76
CA GLY B 648 -21.58 -23.16 28.98
C GLY B 648 -21.43 -21.66 29.08
N SER B 649 -21.42 -20.96 27.95
CA SER B 649 -21.17 -19.52 27.96
C SER B 649 -21.73 -18.90 26.69
N ASN B 650 -21.99 -17.60 26.76
CA ASN B 650 -22.56 -16.86 25.63
C ASN B 650 -21.45 -16.41 24.71
N CYS B 651 -21.79 -15.58 23.71
CA CYS B 651 -20.79 -15.13 22.76
C CYS B 651 -19.85 -14.10 23.36
N LEU B 652 -20.31 -13.34 24.36
CA LEU B 652 -19.44 -12.35 24.98
C LEU B 652 -18.43 -13.00 25.93
N GLU B 653 -18.89 -13.96 26.73
CA GLU B 653 -17.97 -14.63 27.64
C GLU B 653 -16.97 -15.48 26.89
N LEU B 654 -17.35 -16.02 25.74
CA LEU B 654 -16.46 -16.84 24.94
C LEU B 654 -15.50 -16.00 24.11
N ALA B 655 -15.67 -14.69 24.07
CA ALA B 655 -14.78 -13.81 23.32
C ALA B 655 -13.79 -13.08 24.19
N VAL B 656 -14.11 -12.85 25.46
CA VAL B 656 -13.15 -12.22 26.37
C VAL B 656 -12.07 -13.20 26.76
N GLU B 657 -12.44 -14.44 27.07
CA GLU B 657 -11.45 -15.44 27.47
C GLU B 657 -10.57 -15.86 26.31
N ALA B 658 -11.10 -15.80 25.08
CA ALA B 658 -10.27 -16.04 23.90
C ALA B 658 -9.39 -14.85 23.55
N ARG B 659 -9.62 -13.71 24.19
CA ARG B 659 -9.02 -12.42 23.85
C ARG B 659 -9.22 -12.08 22.37
N ASP B 660 -10.44 -12.35 21.88
CA ASP B 660 -10.81 -12.05 20.51
C ASP B 660 -11.00 -10.56 20.36
N GLN B 661 -9.92 -9.83 20.11
CA GLN B 661 -9.98 -8.38 20.10
C GLN B 661 -10.74 -7.82 18.91
N GLN B 662 -10.88 -8.59 17.84
CA GLN B 662 -11.60 -8.08 16.68
C GLN B 662 -13.10 -8.24 16.84
N PHE B 663 -13.55 -9.27 17.57
CA PHE B 663 -14.98 -9.42 17.81
C PHE B 663 -15.50 -8.39 18.79
N ILE B 664 -14.64 -7.93 19.69
CA ILE B 664 -15.08 -7.05 20.75
C ILE B 664 -14.89 -5.57 20.38
N ALA B 665 -13.96 -5.27 19.49
CA ALA B 665 -13.80 -3.91 19.00
C ALA B 665 -14.77 -3.54 17.90
N GLN B 666 -15.67 -4.42 17.53
CA GLN B 666 -16.59 -4.04 16.47
C GLN B 666 -17.68 -3.14 17.05
N PRO B 667 -18.26 -2.24 16.23
CA PRO B 667 -19.21 -1.26 16.77
C PRO B 667 -20.51 -1.85 17.30
N GLY B 668 -20.82 -3.10 17.02
CA GLY B 668 -22.02 -3.69 17.59
C GLY B 668 -21.84 -4.06 19.04
N VAL B 669 -20.65 -4.55 19.38
CA VAL B 669 -20.37 -4.95 20.76
C VAL B 669 -20.07 -3.73 21.62
N GLN B 670 -19.38 -2.74 21.05
CA GLN B 670 -19.12 -1.51 21.78
C GLN B 670 -20.39 -0.72 22.05
N ASN B 671 -21.34 -0.75 21.12
CA ASN B 671 -22.62 -0.10 21.37
C ASN B 671 -23.43 -0.86 22.41
N PHE B 672 -23.25 -2.18 22.48
CA PHE B 672 -23.95 -2.96 23.48
C PHE B 672 -23.45 -2.64 24.88
N LEU B 673 -22.13 -2.50 25.03
CA LEU B 673 -21.55 -2.25 26.34
C LEU B 673 -21.87 -0.84 26.83
N SER B 674 -21.83 0.14 25.92
CA SER B 674 -22.18 1.51 26.28
C SER B 674 -23.66 1.67 26.59
N LYS B 675 -24.50 0.71 26.23
CA LYS B 675 -25.86 0.66 26.74
C LYS B 675 -25.97 -0.12 28.03
N GLN B 676 -25.09 -1.11 28.23
CA GLN B 676 -25.05 -1.80 29.51
C GLN B 676 -24.46 -0.93 30.59
N TRP B 677 -23.64 0.05 30.24
CA TRP B 677 -23.05 0.94 31.23
C TRP B 677 -23.91 2.15 31.50
N TYR B 678 -24.51 2.73 30.47
CA TYR B 678 -25.45 3.81 30.69
C TYR B 678 -26.77 3.29 31.25
N GLY B 679 -27.04 2.00 31.12
CA GLY B 679 -28.20 1.41 31.74
C GLY B 679 -29.47 1.79 31.01
N GLU B 680 -30.54 2.00 31.79
CA GLU B 680 -31.81 2.40 31.23
C GLU B 680 -31.88 3.90 30.92
N ILE B 681 -30.84 4.66 31.26
CA ILE B 681 -30.70 6.01 30.76
C ILE B 681 -30.28 5.96 29.31
N SER B 682 -30.90 6.78 28.48
CA SER B 682 -30.45 6.91 27.09
C SER B 682 -29.10 7.62 27.06
N ARG B 683 -28.30 7.29 26.05
CA ARG B 683 -26.99 7.89 25.90
C ARG B 683 -27.05 9.28 25.27
N ASP B 684 -28.23 9.80 24.99
CA ASP B 684 -28.39 11.08 24.34
C ASP B 684 -28.84 12.17 25.30
N THR B 685 -28.76 11.94 26.62
CA THR B 685 -29.32 12.92 27.54
C THR B 685 -28.41 14.14 27.66
N LYS B 686 -27.25 13.94 28.28
CA LYS B 686 -25.99 14.68 28.30
C LYS B 686 -25.10 13.92 29.26
N ASN B 687 -23.87 14.37 29.41
CA ASN B 687 -23.03 13.81 30.46
C ASN B 687 -23.29 14.52 31.79
N TRP B 688 -23.30 15.85 31.79
CA TRP B 688 -23.51 16.61 33.02
C TRP B 688 -24.94 16.50 33.53
N LYS B 689 -25.89 16.21 32.64
CA LYS B 689 -27.30 16.13 33.02
C LYS B 689 -27.56 14.97 33.96
N ILE B 690 -26.77 13.91 33.87
CA ILE B 690 -26.90 12.78 34.77
C ILE B 690 -26.32 13.11 36.14
N ILE B 691 -25.22 13.86 36.17
CA ILE B 691 -24.51 14.13 37.42
C ILE B 691 -25.30 15.10 38.29
N MET B 692 -25.88 16.14 37.69
CA MET B 692 -26.65 17.12 38.46
C MET B 692 -27.96 16.56 38.97
N CYS B 693 -28.41 15.40 38.51
CA CYS B 693 -29.56 14.75 39.10
C CYS B 693 -29.20 13.95 40.35
N LEU B 694 -27.92 13.68 40.57
CA LEU B 694 -27.50 13.06 41.83
C LEU B 694 -27.59 14.04 42.98
N PHE B 695 -27.11 15.26 42.76
CA PHE B 695 -27.12 16.28 43.80
C PHE B 695 -28.52 16.81 44.08
N PHE B 696 -29.44 16.66 43.13
CA PHE B 696 -30.81 17.13 43.29
C PHE B 696 -31.73 16.03 42.75
N PHE B 697 -32.24 15.21 43.66
CA PHE B 697 -33.17 14.13 43.30
C PHE B 697 -34.44 14.55 42.54
N PRO B 698 -35.11 15.70 42.80
CA PRO B 698 -36.31 15.99 42.01
C PRO B 698 -36.08 16.37 40.56
N LEU B 699 -34.85 16.43 40.05
CA LEU B 699 -34.67 16.65 38.63
C LEU B 699 -34.81 15.38 37.81
N ILE B 700 -34.87 14.21 38.45
CA ILE B 700 -35.06 12.96 37.72
C ILE B 700 -36.52 12.80 37.30
N GLY B 701 -37.45 13.27 38.13
CA GLY B 701 -38.87 13.09 37.86
C GLY B 701 -39.44 13.97 36.76
N CYS B 702 -38.68 14.96 36.32
CA CYS B 702 -39.11 15.82 35.22
C CYS B 702 -38.73 15.16 33.89
N GLY B 703 -38.83 15.93 32.81
CA GLY B 703 -38.39 15.46 31.50
C GLY B 703 -36.96 15.85 31.22
N PHE B 704 -36.16 15.94 32.29
CA PHE B 704 -34.76 16.32 32.17
C PHE B 704 -33.96 15.20 31.52
N ILE B 705 -34.02 14.01 32.08
CA ILE B 705 -33.40 12.81 31.53
C ILE B 705 -34.45 12.07 30.72
N SER B 706 -34.03 11.46 29.62
CA SER B 706 -34.91 10.95 28.58
C SER B 706 -34.71 9.46 28.40
N PHE B 707 -34.91 8.71 29.50
CA PHE B 707 -34.47 7.34 29.77
C PHE B 707 -34.59 6.35 28.61
N ARG B 708 -35.81 6.04 28.18
CA ARG B 708 -36.00 5.02 27.15
C ARG B 708 -37.22 5.34 26.30
N PHE B 719 -43.35 6.22 35.99
CA PHE B 719 -43.77 5.51 37.19
C PHE B 719 -42.57 4.85 37.86
N LEU B 720 -42.07 5.50 38.91
CA LEU B 720 -40.92 5.06 39.72
C LEU B 720 -39.67 4.85 38.84
N TYR B 721 -39.23 5.94 38.22
CA TYR B 721 -38.00 5.95 37.45
C TYR B 721 -36.76 6.08 38.34
N TYR B 722 -36.93 6.20 39.65
CA TYR B 722 -35.79 6.31 40.55
C TYR B 722 -35.08 4.98 40.68
N VAL B 723 -35.83 3.87 40.66
CA VAL B 723 -35.21 2.56 40.75
C VAL B 723 -34.57 2.18 39.43
N SER B 724 -34.92 2.86 38.33
CA SER B 724 -34.25 2.67 37.06
C SER B 724 -33.06 3.59 36.89
N PHE B 725 -33.09 4.78 37.50
CA PHE B 725 -31.97 5.70 37.41
C PHE B 725 -30.82 5.24 38.28
N PHE B 726 -31.12 4.82 39.50
CA PHE B 726 -30.09 4.46 40.47
C PHE B 726 -29.67 3.00 40.38
N THR B 727 -29.95 2.33 39.27
CA THR B 727 -29.40 1.01 39.01
C THR B 727 -28.47 0.98 37.81
N SER B 728 -28.43 2.03 37.01
CA SER B 728 -27.51 2.08 35.88
C SER B 728 -26.09 2.26 36.40
N PRO B 729 -25.12 1.48 35.92
CA PRO B 729 -23.78 1.52 36.52
C PRO B 729 -22.99 2.79 36.23
N PHE B 730 -23.49 3.68 35.39
CA PHE B 730 -22.89 5.01 35.32
C PHE B 730 -23.27 5.84 36.53
N VAL B 731 -24.48 5.63 37.06
CA VAL B 731 -24.92 6.36 38.23
C VAL B 731 -24.37 5.72 39.49
N VAL B 732 -24.23 4.40 39.50
CA VAL B 732 -23.61 3.72 40.63
C VAL B 732 -22.14 4.09 40.72
N PHE B 733 -21.46 4.25 39.59
CA PHE B 733 -20.07 4.68 39.64
C PHE B 733 -19.96 6.15 40.02
N SER B 734 -20.88 6.98 39.55
CA SER B 734 -20.82 8.39 39.91
C SER B 734 -21.16 8.63 41.37
N TRP B 735 -22.06 7.82 41.93
CA TRP B 735 -22.36 7.99 43.35
C TRP B 735 -21.28 7.41 44.23
N ASN B 736 -20.62 6.34 43.80
CA ASN B 736 -19.58 5.75 44.62
C ASN B 736 -18.35 6.64 44.70
N VAL B 737 -18.04 7.38 43.64
CA VAL B 737 -16.92 8.31 43.69
C VAL B 737 -17.30 9.54 44.51
N ILE B 738 -18.54 10.01 44.37
CA ILE B 738 -19.03 11.14 45.16
C ILE B 738 -19.09 10.76 46.64
N PHE B 739 -19.47 9.53 46.94
CA PHE B 739 -19.42 9.05 48.32
C PHE B 739 -17.99 8.91 48.81
N TYR B 740 -17.08 8.48 47.94
CA TYR B 740 -15.71 8.24 48.37
C TYR B 740 -14.97 9.54 48.64
N ILE B 741 -15.35 10.62 47.97
CA ILE B 741 -14.75 11.91 48.27
C ILE B 741 -15.30 12.45 49.59
N ALA B 742 -16.62 12.34 49.78
CA ALA B 742 -17.22 12.73 51.05
C ALA B 742 -16.81 11.81 52.19
N PHE B 743 -16.40 10.58 51.88
CA PHE B 743 -15.78 9.74 52.90
C PHE B 743 -14.39 10.24 53.26
N LEU B 744 -13.66 10.81 52.30
CA LEU B 744 -12.34 11.33 52.58
C LEU B 744 -12.36 12.72 53.20
N LEU B 745 -13.40 13.50 52.91
CA LEU B 745 -13.56 14.79 53.57
C LEU B 745 -14.07 14.64 54.99
N LEU B 746 -14.67 13.50 55.32
CA LEU B 746 -15.09 13.22 56.69
C LEU B 746 -14.00 12.51 57.46
N PHE B 747 -13.19 11.70 56.79
CA PHE B 747 -12.01 11.11 57.42
C PHE B 747 -10.91 12.14 57.65
N ALA B 748 -10.98 13.29 56.97
CA ALA B 748 -10.06 14.38 57.28
C ALA B 748 -10.52 15.16 58.51
N TYR B 749 -11.83 15.29 58.72
CA TYR B 749 -12.32 15.96 59.91
C TYR B 749 -12.10 15.12 61.16
N VAL B 750 -12.25 13.80 61.03
CA VAL B 750 -12.01 12.90 62.15
C VAL B 750 -10.55 12.92 62.56
N LEU B 751 -9.66 13.03 61.58
CA LEU B 751 -8.22 12.96 61.87
C LEU B 751 -7.70 14.24 62.50
N LEU B 752 -8.19 15.40 62.07
CA LEU B 752 -7.67 16.67 62.58
C LEU B 752 -8.48 17.21 63.76
N MET B 753 -9.76 17.48 63.54
CA MET B 753 -10.57 18.17 64.55
C MET B 753 -11.04 17.22 65.65
N ASP B 754 -11.38 16.00 65.29
CA ASP B 754 -11.89 14.98 66.20
C ASP B 754 -10.68 14.18 66.72
N PHE B 755 -10.93 12.98 67.26
CA PHE B 755 -9.90 12.00 67.68
C PHE B 755 -9.12 12.52 68.89
N GLN B 756 -9.85 12.88 69.95
CA GLN B 756 -9.18 13.34 71.16
C GLN B 756 -8.76 12.17 72.04
N LYS B 757 -9.73 11.48 72.63
CA LYS B 757 -9.45 10.22 73.32
C LYS B 757 -10.53 9.16 73.13
N GLU B 758 -11.77 9.55 72.88
CA GLU B 758 -12.88 8.63 72.80
C GLU B 758 -13.38 8.54 71.38
N PRO B 759 -13.65 7.34 70.87
CA PRO B 759 -14.27 7.21 69.56
C PRO B 759 -15.70 7.72 69.57
N THR B 760 -15.88 9.01 69.38
CA THR B 760 -17.22 9.61 69.40
C THR B 760 -17.94 9.30 68.08
N ALA B 761 -19.12 9.91 67.89
CA ALA B 761 -20.10 9.50 66.88
C ALA B 761 -19.59 9.64 65.44
N LEU B 762 -18.57 10.45 65.21
CA LEU B 762 -17.97 10.50 63.89
C LEU B 762 -17.16 9.24 63.59
N GLU B 763 -16.36 8.78 64.55
CA GLU B 763 -15.45 7.66 64.27
C GLU B 763 -16.17 6.32 64.21
N ILE B 764 -17.33 6.17 64.85
CA ILE B 764 -18.07 4.93 64.73
C ILE B 764 -18.63 4.76 63.32
N ILE B 765 -19.16 5.84 62.73
CA ILE B 765 -19.64 5.71 61.36
C ILE B 765 -18.47 5.62 60.39
N LEU B 766 -17.27 6.05 60.80
CA LEU B 766 -16.07 5.79 59.99
C LEU B 766 -15.79 4.30 59.88
N TYR B 767 -16.12 3.53 60.92
CA TYR B 767 -16.10 2.08 60.77
C TYR B 767 -17.15 1.61 59.77
N VAL B 768 -18.38 2.15 59.87
CA VAL B 768 -19.49 1.67 59.05
C VAL B 768 -19.26 2.02 57.58
N LEU B 769 -18.64 3.16 57.31
CA LEU B 769 -18.29 3.46 55.92
C LEU B 769 -17.12 2.60 55.46
N VAL B 770 -16.20 2.26 56.34
CA VAL B 770 -15.11 1.34 55.97
C VAL B 770 -15.63 -0.09 55.94
N PHE B 771 -16.66 -0.40 56.73
CA PHE B 771 -17.23 -1.75 56.73
C PHE B 771 -17.89 -2.08 55.41
N VAL B 772 -18.63 -1.13 54.83
CA VAL B 772 -19.20 -1.37 53.52
C VAL B 772 -18.13 -1.31 52.43
N LEU B 773 -16.98 -0.70 52.72
CA LEU B 773 -15.82 -0.83 51.85
C LEU B 773 -15.10 -2.15 52.07
N LEU B 774 -15.45 -2.88 53.12
CA LEU B 774 -14.94 -4.23 53.33
C LEU B 774 -15.98 -5.30 53.04
N CYS B 775 -17.26 -5.03 53.34
CA CYS B 775 -18.31 -6.00 53.07
C CYS B 775 -18.49 -6.24 51.59
N ASP B 776 -18.28 -5.21 50.76
CA ASP B 776 -18.31 -5.45 49.32
C ASP B 776 -17.06 -6.15 48.84
N GLU B 777 -15.96 -6.05 49.57
CA GLU B 777 -14.73 -6.73 49.16
C GLU B 777 -14.80 -8.23 49.43
N VAL B 778 -15.36 -8.64 50.57
CA VAL B 778 -15.52 -10.05 50.86
C VAL B 778 -16.57 -10.68 49.94
N ARG B 779 -17.61 -9.93 49.58
CA ARG B 779 -18.54 -10.45 48.60
C ARG B 779 -18.01 -10.37 47.18
N GLN B 780 -16.91 -9.66 46.97
CA GLN B 780 -16.16 -9.72 45.73
C GLN B 780 -14.87 -10.54 45.92
N TRP B 781 -14.67 -11.12 47.11
CA TRP B 781 -13.57 -12.05 47.32
C TRP B 781 -13.80 -13.41 46.69
N TYR B 782 -14.97 -13.63 46.09
CA TYR B 782 -15.13 -14.77 45.20
C TYR B 782 -14.38 -14.51 43.89
N MET B 783 -14.40 -15.53 43.02
CA MET B 783 -13.81 -15.58 41.67
C MET B 783 -12.40 -14.98 41.57
N ASN B 784 -11.59 -15.15 42.60
CA ASN B 784 -10.25 -14.58 42.63
C ASN B 784 -9.19 -15.52 42.07
N GLY B 785 -9.24 -16.81 42.43
CA GLY B 785 -8.26 -17.79 41.97
C GLY B 785 -6.84 -17.53 42.43
N SER B 786 -6.67 -16.74 43.50
CA SER B 786 -5.38 -16.20 43.98
C SER B 786 -4.62 -15.45 42.89
N LYS B 787 -5.33 -14.84 41.94
CA LYS B 787 -4.74 -14.01 40.91
C LYS B 787 -5.42 -12.66 40.77
N TYR B 788 -6.57 -12.47 41.41
CA TYR B 788 -7.20 -11.16 41.47
C TYR B 788 -6.35 -10.17 42.26
N PHE B 789 -5.60 -10.64 43.24
CA PHE B 789 -4.75 -9.81 44.07
C PHE B 789 -3.35 -9.62 43.49
N SER B 790 -3.16 -9.86 42.19
CA SER B 790 -1.85 -9.79 41.56
C SER B 790 -1.68 -8.56 40.69
N ASP B 791 -2.19 -7.41 41.12
CA ASP B 791 -2.13 -6.21 40.30
C ASP B 791 -1.66 -4.95 41.02
N LEU B 792 -1.44 -5.02 42.34
CA LEU B 792 -0.94 -3.96 43.22
C LEU B 792 -1.90 -2.76 43.31
N TRP B 793 -3.13 -2.89 42.83
CA TRP B 793 -4.17 -1.91 43.07
C TRP B 793 -5.46 -2.55 43.57
N ASN B 794 -5.52 -3.87 43.63
CA ASN B 794 -6.62 -4.58 44.25
C ASN B 794 -6.21 -5.35 45.50
N VAL B 795 -4.94 -5.73 45.59
CA VAL B 795 -4.39 -6.17 46.86
C VAL B 795 -4.12 -4.95 47.74
N MET B 796 -3.88 -3.79 47.12
CA MET B 796 -3.73 -2.55 47.86
C MET B 796 -5.04 -2.13 48.52
N ASP B 797 -6.17 -2.51 47.94
CA ASP B 797 -7.46 -2.20 48.55
C ASP B 797 -7.68 -2.97 49.84
N THR B 798 -7.31 -4.25 49.85
CA THR B 798 -7.46 -5.05 51.07
C THR B 798 -6.40 -4.69 52.10
N LEU B 799 -5.18 -4.41 51.66
CA LEU B 799 -4.13 -4.01 52.58
C LEU B 799 -4.26 -2.59 53.08
N ALA B 800 -5.20 -1.81 52.54
CA ALA B 800 -5.49 -0.50 53.11
C ALA B 800 -6.53 -0.58 54.21
N ILE B 801 -7.33 -1.65 54.21
CA ILE B 801 -8.31 -1.83 55.28
C ILE B 801 -7.71 -2.63 56.42
N PHE B 802 -6.87 -3.62 56.11
CA PHE B 802 -6.22 -4.39 57.16
C PHE B 802 -5.14 -3.58 57.87
N TYR B 803 -4.61 -2.54 57.23
CA TYR B 803 -3.79 -1.56 57.91
C TYR B 803 -4.64 -0.49 58.59
N PHE B 804 -5.94 -0.48 58.33
CA PHE B 804 -6.88 0.43 59.00
C PHE B 804 -7.59 -0.24 60.16
N ILE B 805 -7.86 -1.55 60.04
CA ILE B 805 -8.45 -2.31 61.13
C ILE B 805 -7.48 -2.39 62.30
N ALA B 806 -6.19 -2.48 62.00
CA ALA B 806 -5.15 -2.36 63.03
C ALA B 806 -5.09 -0.98 63.65
N GLY B 807 -5.68 0.02 62.99
CA GLY B 807 -5.84 1.32 63.62
C GLY B 807 -7.03 1.44 64.53
N ILE B 808 -7.93 0.45 64.51
CA ILE B 808 -9.05 0.42 65.43
C ILE B 808 -8.64 -0.45 66.61
N VAL B 809 -7.71 -1.36 66.37
CA VAL B 809 -7.13 -2.16 67.45
C VAL B 809 -6.32 -1.27 68.38
N PHE B 810 -5.44 -0.44 67.81
CA PHE B 810 -4.64 0.48 68.60
C PHE B 810 -5.46 1.62 69.18
N ARG B 811 -6.65 1.86 68.62
CA ARG B 811 -7.53 2.90 69.14
C ARG B 811 -8.11 2.50 70.50
N LEU B 812 -8.57 1.25 70.60
CA LEU B 812 -9.23 0.76 71.82
C LEU B 812 -8.24 0.05 72.74
N HIS B 813 -7.21 0.81 73.16
CA HIS B 813 -6.26 0.33 74.14
C HIS B 813 -6.06 1.27 75.32
N SER B 814 -6.53 2.51 75.24
CA SER B 814 -6.67 3.51 76.30
C SER B 814 -5.35 4.04 76.85
N ASP B 815 -4.20 3.59 76.37
CA ASP B 815 -2.91 4.12 76.81
C ASP B 815 -2.35 5.06 75.76
N GLU B 816 -1.60 6.06 76.22
CA GLU B 816 -1.05 7.05 75.30
C GLU B 816 0.09 6.51 74.45
N SER B 817 0.74 5.44 74.89
CA SER B 817 1.81 4.83 74.11
C SER B 817 1.32 4.09 72.88
N SER B 818 0.01 3.82 72.79
CA SER B 818 -0.56 3.19 71.62
C SER B 818 -1.78 3.92 71.08
N TRP B 819 -2.28 4.95 71.78
CA TRP B 819 -3.27 5.82 71.16
C TRP B 819 -2.63 6.66 70.06
N TYR B 820 -1.43 7.20 70.32
CA TYR B 820 -0.72 7.95 69.30
C TYR B 820 -0.21 7.02 68.20
N SER B 821 0.09 5.77 68.53
CA SER B 821 0.40 4.79 67.49
C SER B 821 -0.83 4.40 66.69
N GLY B 822 -2.03 4.66 67.21
CA GLY B 822 -3.25 4.52 66.44
C GLY B 822 -3.61 5.73 65.62
N ARG B 823 -2.93 6.86 65.83
CA ARG B 823 -3.11 8.02 64.98
C ARG B 823 -2.13 8.03 63.82
N VAL B 824 -0.89 7.61 64.04
CA VAL B 824 0.09 7.61 62.95
C VAL B 824 -0.18 6.47 61.97
N ILE B 825 -0.99 5.49 62.37
CA ILE B 825 -1.44 4.45 61.46
C ILE B 825 -2.76 4.81 60.81
N PHE B 826 -3.43 5.86 61.29
CA PHE B 826 -4.55 6.44 60.55
C PHE B 826 -4.09 7.48 59.55
N CYS B 827 -3.10 8.30 59.91
CA CYS B 827 -2.60 9.32 59.00
C CYS B 827 -1.84 8.70 57.85
N LEU B 828 -1.09 7.63 58.11
CA LEU B 828 -0.47 6.90 57.01
C LEU B 828 -1.49 6.19 56.15
N ASP B 829 -2.57 5.72 56.74
CA ASP B 829 -3.62 5.09 55.95
C ASP B 829 -4.51 6.09 55.23
N TYR B 830 -4.47 7.37 55.63
CA TYR B 830 -5.19 8.38 54.87
C TYR B 830 -4.57 8.62 53.52
N ILE B 831 -3.26 8.43 53.40
CA ILE B 831 -2.62 8.59 52.11
C ILE B 831 -2.93 7.41 51.21
N VAL B 832 -3.15 6.23 51.78
CA VAL B 832 -3.46 5.07 50.94
C VAL B 832 -4.86 5.20 50.37
N PHE B 833 -5.78 5.77 51.14
CA PHE B 833 -7.14 5.95 50.66
C PHE B 833 -7.24 7.04 49.61
N THR B 834 -6.31 8.00 49.64
CA THR B 834 -6.34 9.06 48.64
C THR B 834 -5.68 8.63 47.35
N LEU B 835 -4.63 7.80 47.43
CA LEU B 835 -4.01 7.26 46.22
C LEU B 835 -4.96 6.36 45.46
N ARG B 836 -5.88 5.69 46.16
CA ARG B 836 -6.92 4.96 45.47
C ARG B 836 -7.90 5.90 44.80
N LEU B 837 -8.12 7.09 45.35
CA LEU B 837 -8.93 8.07 44.65
C LEU B 837 -8.18 8.67 43.49
N ILE B 838 -6.87 8.84 43.63
CA ILE B 838 -6.05 9.35 42.54
C ILE B 838 -5.98 8.32 41.41
N HIS B 839 -5.91 7.03 41.77
CA HIS B 839 -5.90 5.98 40.76
C HIS B 839 -7.26 5.85 40.07
N ILE B 840 -8.35 6.17 40.77
CA ILE B 840 -9.66 6.14 40.14
C ILE B 840 -9.78 7.28 39.13
N PHE B 841 -9.30 8.47 39.49
CA PHE B 841 -9.28 9.59 38.55
C PHE B 841 -8.31 9.35 37.41
N THR B 842 -7.23 8.62 37.66
CA THR B 842 -6.25 8.35 36.61
C THR B 842 -6.79 7.40 35.56
N VAL B 843 -7.45 6.33 35.99
CA VAL B 843 -7.99 5.36 35.06
C VAL B 843 -9.20 5.92 34.32
N SER B 844 -10.12 6.54 35.07
CA SER B 844 -11.36 7.00 34.47
C SER B 844 -11.21 8.21 33.57
N ARG B 845 -10.05 8.87 33.58
CA ARG B 845 -9.83 9.89 32.56
C ARG B 845 -9.15 9.32 31.33
N ASN B 846 -8.18 8.43 31.53
CA ASN B 846 -7.46 7.79 30.44
C ASN B 846 -8.09 6.47 30.03
N LEU B 847 -9.41 6.34 30.20
CA LEU B 847 -10.11 5.14 29.77
C LEU B 847 -10.49 5.34 28.31
N GLY B 848 -9.59 4.95 27.42
CA GLY B 848 -9.76 5.17 26.02
C GLY B 848 -8.53 4.68 25.27
N PRO B 849 -8.00 5.51 24.36
CA PRO B 849 -6.76 5.13 23.69
C PRO B 849 -5.55 5.13 24.59
N LYS B 850 -5.61 5.83 25.72
CA LYS B 850 -4.50 5.93 26.64
C LYS B 850 -4.51 4.84 27.71
N ILE B 851 -5.43 3.89 27.64
CA ILE B 851 -5.49 2.85 28.66
C ILE B 851 -4.50 1.73 28.36
N ILE B 852 -3.87 1.76 27.19
CA ILE B 852 -2.80 0.81 26.88
C ILE B 852 -1.45 1.41 27.24
N MET B 853 -1.27 2.70 26.98
CA MET B 853 -0.06 3.40 27.41
C MET B 853 0.05 3.42 28.92
N LEU B 854 -0.99 3.88 29.59
CA LEU B 854 -1.13 3.64 31.02
C LEU B 854 -1.37 2.16 31.26
N GLN B 855 -0.99 1.71 32.46
CA GLN B 855 -1.09 0.35 33.01
C GLN B 855 -0.08 -0.61 32.37
N ARG B 856 0.57 -0.16 31.29
CA ARG B 856 1.85 -0.70 30.84
C ARG B 856 2.99 0.13 31.37
N MET B 857 2.81 1.45 31.46
CA MET B 857 3.75 2.30 32.15
C MET B 857 3.66 2.19 33.65
N MET B 858 2.57 1.65 34.18
CA MET B 858 2.46 1.49 35.62
C MET B 858 3.32 0.34 36.11
N ILE B 859 3.35 -0.77 35.37
CA ILE B 859 4.22 -1.88 35.74
C ILE B 859 5.64 -1.67 35.25
N ASP B 860 5.89 -0.64 34.45
CA ASP B 860 7.24 -0.30 34.03
C ASP B 860 7.91 0.67 34.97
N VAL B 861 7.13 1.46 35.71
CA VAL B 861 7.69 2.33 36.73
C VAL B 861 7.85 1.55 38.04
N PHE B 862 6.96 0.59 38.30
CA PHE B 862 7.11 -0.28 39.46
C PHE B 862 8.36 -1.13 39.38
N PHE B 863 8.80 -1.48 38.16
CA PHE B 863 10.06 -2.18 38.03
C PHE B 863 11.23 -1.24 38.23
N PHE B 864 11.10 0.02 37.85
CA PHE B 864 12.17 0.98 38.08
C PHE B 864 12.27 1.33 39.55
N LEU B 865 11.14 1.47 40.23
CA LEU B 865 11.17 1.76 41.65
C LEU B 865 11.65 0.55 42.46
N PHE B 866 11.45 -0.66 41.93
CA PHE B 866 12.00 -1.83 42.58
C PHE B 866 13.52 -1.86 42.42
N LEU B 867 14.01 -1.54 41.23
CA LEU B 867 15.46 -1.48 41.03
C LEU B 867 16.07 -0.31 41.75
N PHE B 868 15.31 0.76 41.96
CA PHE B 868 15.82 1.86 42.77
C PHE B 868 15.84 1.49 44.25
N ALA B 869 14.91 0.64 44.69
CA ALA B 869 14.93 0.19 46.07
C ALA B 869 16.05 -0.80 46.32
N VAL B 870 16.39 -1.61 45.31
CA VAL B 870 17.53 -2.51 45.42
C VAL B 870 18.82 -1.71 45.53
N TRP B 871 18.94 -0.65 44.74
CA TRP B 871 20.14 0.18 44.78
C TRP B 871 20.25 0.97 46.07
N MET B 872 19.12 1.41 46.62
CA MET B 872 19.18 2.16 47.88
C MET B 872 19.50 1.24 49.05
N VAL B 873 19.18 -0.04 48.95
CA VAL B 873 19.60 -1.00 49.96
C VAL B 873 21.10 -1.20 49.91
N ALA B 874 21.65 -1.37 48.71
CA ALA B 874 23.09 -1.51 48.56
C ALA B 874 23.84 -0.22 48.84
N PHE B 875 23.19 0.92 48.67
CA PHE B 875 23.81 2.17 49.12
C PHE B 875 23.77 2.28 50.63
N GLY B 876 22.79 1.63 51.27
CA GLY B 876 22.70 1.68 52.71
C GLY B 876 23.74 0.81 53.40
N VAL B 877 24.05 -0.34 52.81
CA VAL B 877 25.10 -1.21 53.35
C VAL B 877 26.45 -0.55 53.19
N ALA B 878 26.67 0.11 52.05
CA ALA B 878 27.95 0.78 51.81
C ALA B 878 28.12 1.99 52.72
N ARG B 879 27.03 2.71 53.00
CA ARG B 879 27.13 3.87 53.87
C ARG B 879 27.22 3.47 55.33
N GLN B 880 26.59 2.36 55.72
CA GLN B 880 26.71 1.89 57.09
C GLN B 880 28.07 1.22 57.33
N GLY B 881 28.59 0.50 56.34
CA GLY B 881 29.87 -0.15 56.50
C GLY B 881 31.05 0.81 56.49
N ILE B 882 30.92 1.96 55.85
CA ILE B 882 32.01 2.92 55.83
C ILE B 882 32.03 3.74 57.12
N LEU B 883 30.87 4.19 57.58
CA LEU B 883 30.80 5.06 58.75
C LEU B 883 30.99 4.26 60.03
N ARG B 884 30.76 4.91 61.16
CA ARG B 884 31.22 4.42 62.46
C ARG B 884 30.27 3.35 62.98
N LYS B 885 30.41 3.04 64.28
CA LYS B 885 29.74 1.93 64.97
C LYS B 885 30.04 0.61 64.25
N ASN B 886 31.33 0.27 64.27
CA ASN B 886 31.84 -0.85 63.48
C ASN B 886 31.33 -2.19 63.99
N GLU B 887 31.66 -2.55 65.24
CA GLU B 887 31.09 -3.72 65.88
C GLU B 887 30.40 -3.25 67.15
N HIS B 888 29.20 -2.70 66.98
CA HIS B 888 28.27 -2.38 68.06
C HIS B 888 26.88 -2.39 67.41
N ARG B 889 26.24 -3.55 67.45
CA ARG B 889 25.10 -3.80 66.58
C ARG B 889 24.03 -4.63 67.28
N TRP B 890 22.86 -4.66 66.64
CA TRP B 890 21.69 -5.42 67.06
C TRP B 890 20.93 -5.77 65.77
N GLU B 891 19.62 -6.04 65.93
CA GLU B 891 18.66 -5.87 64.83
C GLU B 891 18.30 -4.36 64.56
N TRP B 892 19.04 -3.45 65.21
CA TRP B 892 19.04 -2.04 64.82
C TRP B 892 19.51 -1.86 63.38
N ILE B 893 20.44 -2.70 62.91
CA ILE B 893 21.06 -2.51 61.61
C ILE B 893 20.09 -2.86 60.49
N PHE B 894 19.49 -4.06 60.56
CA PHE B 894 18.61 -4.57 59.52
C PHE B 894 17.31 -3.78 59.37
N ARG B 895 17.00 -2.88 60.30
CA ARG B 895 15.86 -1.98 60.17
C ARG B 895 16.26 -0.55 59.87
N SER B 896 17.55 -0.23 59.92
CA SER B 896 18.02 1.11 59.61
C SER B 896 18.58 1.23 58.20
N VAL B 897 19.33 0.21 57.75
CA VAL B 897 19.99 0.19 56.43
C VAL B 897 18.97 0.36 55.32
N ILE B 898 17.76 -0.17 55.52
CA ILE B 898 16.67 0.06 54.58
C ILE B 898 16.24 1.52 54.59
N TYR B 899 16.36 2.22 55.72
CA TYR B 899 15.81 3.57 55.85
C TYR B 899 16.85 4.69 55.91
N GLU B 900 18.10 4.41 56.30
CA GLU B 900 19.12 5.46 56.32
C GLU B 900 19.36 6.20 55.01
N PRO B 901 19.32 5.60 53.81
CA PRO B 901 19.44 6.43 52.60
C PRO B 901 18.23 7.33 52.36
N TYR B 902 17.06 6.93 52.82
CA TYR B 902 15.89 7.80 52.67
C TYR B 902 15.90 8.94 53.68
N LEU B 903 16.53 8.72 54.84
CA LEU B 903 16.84 9.85 55.71
C LEU B 903 17.98 10.70 55.14
N ALA B 904 18.83 10.12 54.30
CA ALA B 904 19.83 10.87 53.56
C ALA B 904 19.28 11.43 52.25
N MET B 905 17.99 11.25 51.99
CA MET B 905 17.33 11.76 50.80
C MET B 905 16.23 12.75 51.14
N PHE B 906 15.39 12.44 52.13
CA PHE B 906 14.31 13.33 52.54
C PHE B 906 14.84 14.41 53.47
N PHE B 945 42.16 9.55 53.60
CA PHE B 945 40.94 8.86 53.19
C PHE B 945 40.60 9.05 51.69
N PRO B 946 40.79 10.26 51.10
CA PRO B 946 40.73 10.26 49.61
C PRO B 946 42.08 9.96 48.97
N GLU B 947 42.59 8.74 49.15
CA GLU B 947 43.92 8.45 48.63
C GLU B 947 43.88 8.21 47.12
N TRP B 948 43.18 7.18 46.67
CA TRP B 948 42.90 7.03 45.25
C TRP B 948 41.53 6.41 45.01
N ILE B 949 40.68 6.24 46.04
CA ILE B 949 39.39 5.61 45.88
C ILE B 949 38.27 6.59 45.58
N THR B 950 38.55 7.89 45.66
CA THR B 950 37.51 8.88 45.45
C THR B 950 37.15 9.02 43.98
N ILE B 951 38.12 8.81 43.09
CA ILE B 951 37.87 8.86 41.65
C ILE B 951 37.04 7.65 41.20
N PRO B 952 37.27 6.40 41.64
CA PRO B 952 36.29 5.35 41.33
C PRO B 952 34.99 5.44 42.12
N LEU B 953 34.87 6.34 43.10
CA LEU B 953 33.56 6.59 43.68
C LEU B 953 32.68 7.37 42.70
N VAL B 954 33.29 8.20 41.87
CA VAL B 954 32.52 8.92 40.86
C VAL B 954 32.13 7.98 39.72
N CYS B 955 32.99 7.01 39.41
CA CYS B 955 32.65 5.98 38.42
C CYS B 955 31.55 5.05 38.90
N ILE B 956 31.20 5.07 40.19
CA ILE B 956 29.97 4.44 40.64
C ILE B 956 28.79 5.32 40.32
N TYR B 957 28.91 6.62 40.55
CA TYR B 957 27.86 7.56 40.21
C TYR B 957 27.80 7.87 38.72
N MET B 958 28.71 7.33 37.91
CA MET B 958 28.54 7.32 36.47
C MET B 958 28.06 5.98 35.95
N LEU B 959 28.00 4.96 36.81
CA LEU B 959 27.39 3.69 36.47
C LEU B 959 26.01 3.52 37.08
N SER B 960 25.84 3.92 38.34
CA SER B 960 24.54 3.80 38.97
C SER B 960 23.56 4.84 38.43
N THR B 961 24.07 5.96 37.94
CA THR B 961 23.20 6.91 37.26
C THR B 961 22.78 6.35 35.92
N ASN B 962 23.70 5.66 35.24
CA ASN B 962 23.42 5.17 33.90
C ASN B 962 22.41 4.03 33.92
N ILE B 963 22.59 3.06 34.80
CA ILE B 963 21.72 1.89 34.80
C ILE B 963 20.36 2.20 35.42
N LEU B 964 20.23 3.29 36.16
CA LEU B 964 18.93 3.67 36.70
C LEU B 964 18.19 4.67 35.82
N LEU B 965 18.91 5.51 35.07
CA LEU B 965 18.25 6.37 34.13
C LEU B 965 17.73 5.60 32.92
N VAL B 966 18.44 4.53 32.55
CA VAL B 966 17.98 3.67 31.46
C VAL B 966 16.69 2.96 31.86
N ASN B 967 16.58 2.52 33.11
CA ASN B 967 15.34 1.95 33.60
C ASN B 967 14.23 2.97 33.67
N LEU B 968 14.58 4.25 33.85
CA LEU B 968 13.57 5.29 33.82
C LEU B 968 13.08 5.54 32.41
N LEU B 969 13.98 5.58 31.44
CA LEU B 969 13.58 5.83 30.06
C LEU B 969 12.92 4.61 29.44
N VAL B 970 13.27 3.40 29.88
CA VAL B 970 12.54 2.22 29.44
C VAL B 970 11.11 2.27 29.94
N ALA B 971 10.91 2.80 31.15
CA ALA B 971 9.56 3.01 31.68
C ALA B 971 8.80 4.05 30.89
N MET B 972 9.49 5.07 30.38
CA MET B 972 8.82 6.09 29.58
C MET B 972 8.39 5.53 28.23
N PHE B 973 9.31 4.93 27.49
CA PHE B 973 9.10 4.61 26.10
C PHE B 973 8.73 3.15 25.86
N GLY B 974 8.63 2.34 26.91
CA GLY B 974 8.28 0.94 26.74
C GLY B 974 6.85 0.68 26.32
N TYR B 975 5.97 1.67 26.44
CA TYR B 975 4.61 1.50 25.95
C TYR B 975 4.53 1.45 24.43
N THR B 976 5.51 2.02 23.73
CA THR B 976 5.44 2.13 22.27
C THR B 976 5.60 0.78 21.60
N VAL B 977 6.65 0.05 21.95
CA VAL B 977 7.04 -1.15 21.22
C VAL B 977 6.10 -2.28 21.56
N GLY B 978 5.76 -3.09 20.54
CA GLY B 978 4.86 -4.20 20.73
C GLY B 978 3.82 -4.31 19.63
N ASN B 983 -4.00 -1.97 13.86
CA ASN B 983 -4.46 -2.97 14.82
C ASN B 983 -4.48 -2.40 16.23
N ASN B 984 -4.04 -1.15 16.37
CA ASN B 984 -3.95 -0.54 17.69
C ASN B 984 -5.30 -0.07 18.22
N ASP B 985 -6.29 0.09 17.34
CA ASP B 985 -7.62 0.49 17.81
C ASP B 985 -8.32 -0.66 18.51
N GLN B 986 -8.11 -1.88 18.04
CA GLN B 986 -8.76 -3.03 18.66
C GLN B 986 -8.07 -3.49 19.93
N VAL B 987 -6.90 -2.94 20.25
CA VAL B 987 -6.24 -3.30 21.50
C VAL B 987 -6.89 -2.58 22.68
N TRP B 988 -7.13 -1.29 22.54
CA TRP B 988 -7.73 -0.54 23.64
C TRP B 988 -9.24 -0.68 23.68
N LYS B 989 -9.89 -0.99 22.57
CA LYS B 989 -11.33 -1.24 22.60
C LYS B 989 -11.65 -2.56 23.27
N PHE B 990 -10.71 -3.50 23.26
CA PHE B 990 -10.87 -4.70 24.07
C PHE B 990 -10.66 -4.39 25.54
N GLN B 991 -9.72 -3.49 25.85
CA GLN B 991 -9.44 -3.18 27.24
C GLN B 991 -10.51 -2.29 27.85
N ARG B 992 -11.00 -1.31 27.07
CA ARG B 992 -12.14 -0.51 27.51
C ARG B 992 -13.39 -1.36 27.69
N PHE B 993 -13.54 -2.42 26.90
CA PHE B 993 -14.62 -3.35 27.13
C PHE B 993 -14.38 -4.19 28.37
N PHE B 994 -13.14 -4.64 28.56
CA PHE B 994 -12.85 -5.56 29.65
C PHE B 994 -12.89 -4.88 31.00
N LEU B 995 -12.57 -3.58 31.06
CA LEU B 995 -12.62 -2.88 32.33
C LEU B 995 -14.05 -2.50 32.69
N VAL B 996 -14.85 -2.09 31.72
CA VAL B 996 -16.21 -1.66 32.01
C VAL B 996 -17.09 -2.86 32.34
N GLN B 997 -16.89 -3.97 31.65
CA GLN B 997 -17.61 -5.19 32.00
C GLN B 997 -17.13 -5.78 33.32
N GLU B 998 -15.90 -5.46 33.74
CA GLU B 998 -15.46 -5.86 35.07
C GLU B 998 -16.14 -5.02 36.14
N TYR B 999 -16.40 -3.74 35.86
CA TYR B 999 -17.10 -2.93 36.84
C TYR B 999 -18.60 -3.24 36.84
N CYS B 1000 -19.18 -3.47 35.67
CA CYS B 1000 -20.60 -3.81 35.58
C CYS B 1000 -20.91 -5.16 36.21
N SER B 1001 -19.91 -6.02 36.40
CA SER B 1001 -20.06 -7.29 37.10
C SER B 1001 -19.96 -7.13 38.62
N ARG B 1002 -19.98 -5.90 39.13
CA ARG B 1002 -20.10 -5.66 40.57
C ARG B 1002 -21.58 -5.53 40.92
N LEU B 1003 -21.86 -5.06 42.14
CA LEU B 1003 -23.24 -4.81 42.54
C LEU B 1003 -23.72 -3.51 41.92
N THR B 1004 -25.00 -3.49 41.53
CA THR B 1004 -25.60 -2.33 40.91
C THR B 1004 -26.26 -1.38 41.92
N ILE B 1005 -25.82 -1.41 43.16
CA ILE B 1005 -26.36 -0.57 44.21
C ILE B 1005 -25.23 0.24 44.83
N PRO B 1006 -25.47 1.48 45.24
CA PRO B 1006 -24.38 2.35 45.72
C PRO B 1006 -23.81 1.90 47.07
N PHE B 1007 -22.75 2.58 47.50
CA PHE B 1007 -22.00 2.16 48.69
C PHE B 1007 -22.70 2.07 50.05
N PRO B 1008 -23.54 3.04 50.38
CA PRO B 1008 -24.23 3.01 51.67
C PRO B 1008 -25.35 1.97 51.74
N PHE B 1009 -25.71 1.41 50.58
CA PHE B 1009 -26.84 0.50 50.49
C PHE B 1009 -26.40 -0.91 50.13
N VAL B 1010 -25.12 -1.22 50.26
CA VAL B 1010 -24.66 -2.60 50.04
C VAL B 1010 -25.15 -3.50 51.17
N ILE B 1011 -25.32 -2.95 52.37
CA ILE B 1011 -25.83 -3.72 53.50
C ILE B 1011 -27.30 -4.06 53.34
N PHE B 1012 -28.04 -3.35 52.49
CA PHE B 1012 -29.44 -3.66 52.25
C PHE B 1012 -29.63 -4.80 51.26
N ALA B 1013 -28.56 -5.25 50.62
CA ALA B 1013 -28.62 -6.37 49.67
C ALA B 1013 -27.28 -7.10 49.60
N ASN B 1044 -34.80 -20.65 21.23
CA ASN B 1044 -34.47 -21.10 19.89
C ASN B 1044 -35.23 -20.29 18.85
N GLU B 1045 -35.85 -19.19 19.30
CA GLU B 1045 -36.53 -18.28 18.38
C GLU B 1045 -35.57 -17.27 17.76
N ILE B 1046 -34.45 -16.99 18.42
CA ILE B 1046 -33.44 -16.12 17.84
C ILE B 1046 -32.38 -16.88 17.06
N LEU B 1047 -32.19 -18.16 17.35
CA LEU B 1047 -31.29 -18.97 16.53
C LEU B 1047 -31.87 -19.20 15.14
N ALA B 1048 -33.20 -19.21 15.04
CA ALA B 1048 -33.84 -19.22 13.73
C ALA B 1048 -33.72 -17.87 13.03
N TRP B 1049 -33.47 -16.80 13.77
CA TRP B 1049 -33.30 -15.49 13.14
C TRP B 1049 -31.91 -15.35 12.53
N GLU B 1050 -30.86 -15.79 13.23
CA GLU B 1050 -29.54 -15.68 12.65
C GLU B 1050 -29.24 -16.75 11.62
N ALA B 1051 -30.05 -17.81 11.56
CA ALA B 1051 -29.97 -18.71 10.42
C ALA B 1051 -30.40 -18.00 9.15
N VAL B 1052 -31.33 -17.04 9.26
CA VAL B 1052 -31.62 -16.17 8.13
C VAL B 1052 -30.47 -15.21 7.90
N MET B 1053 -29.88 -14.68 8.99
CA MET B 1053 -28.78 -13.73 8.87
C MET B 1053 -27.50 -14.38 8.39
N LYS B 1054 -27.35 -15.68 8.57
CA LYS B 1054 -26.17 -16.36 8.05
C LYS B 1054 -26.27 -16.54 6.54
N GLU B 1055 -27.44 -16.97 6.06
CA GLU B 1055 -27.64 -17.16 4.63
C GLU B 1055 -27.56 -15.86 3.86
N ASN B 1056 -27.95 -14.75 4.46
CA ASN B 1056 -27.69 -13.45 3.84
C ASN B 1056 -26.22 -13.13 3.84
N TYR B 1057 -25.47 -13.62 4.83
CA TYR B 1057 -24.04 -13.34 4.89
C TYR B 1057 -23.26 -14.21 3.92
N LEU B 1058 -23.66 -15.47 3.75
CA LEU B 1058 -22.96 -16.37 2.85
C LEU B 1058 -23.15 -15.97 1.40
N VAL B 1059 -24.24 -15.28 1.10
CA VAL B 1059 -24.42 -14.69 -0.23
C VAL B 1059 -23.39 -13.60 -0.47
N LYS B 1060 -23.08 -12.82 0.58
CA LYS B 1060 -22.13 -11.71 0.44
C LYS B 1060 -20.73 -12.20 0.10
N ILE B 1061 -20.23 -13.18 0.85
CA ILE B 1061 -18.86 -13.65 0.63
C ILE B 1061 -18.74 -14.53 -0.61
N ASN B 1062 -19.83 -15.13 -1.08
CA ASN B 1062 -19.74 -15.97 -2.27
C ASN B 1062 -19.71 -15.13 -3.53
N THR B 1063 -20.54 -14.08 -3.61
CA THR B 1063 -20.54 -13.17 -4.74
C THR B 1063 -19.46 -12.10 -4.64
N LYS B 1064 -18.49 -12.24 -3.74
CA LYS B 1064 -17.30 -11.41 -3.78
C LYS B 1064 -16.25 -11.94 -4.74
N ALA B 1065 -16.54 -13.04 -5.44
CA ALA B 1065 -15.66 -13.56 -6.49
C ALA B 1065 -15.94 -12.81 -7.79
N ASN B 1066 -15.54 -11.55 -7.80
CA ASN B 1066 -15.60 -10.69 -8.97
C ASN B 1066 -14.24 -10.45 -9.60
N ASP B 1067 -13.20 -10.30 -8.78
CA ASP B 1067 -11.84 -10.25 -9.28
C ASP B 1067 -11.31 -11.61 -9.70
N SER B 1068 -11.99 -12.69 -9.30
CA SER B 1068 -11.76 -14.00 -9.88
C SER B 1068 -12.69 -14.29 -11.05
N SER B 1069 -13.83 -13.61 -11.11
CA SER B 1069 -14.66 -13.66 -12.31
C SER B 1069 -14.09 -12.82 -13.43
N GLU B 1070 -13.35 -11.75 -13.08
CA GLU B 1070 -12.64 -10.97 -14.09
C GLU B 1070 -11.44 -11.73 -14.63
N GLU B 1071 -10.95 -12.75 -13.92
CA GLU B 1071 -10.08 -13.75 -14.53
C GLU B 1071 -10.89 -14.51 -15.56
N MET B 1072 -10.51 -14.38 -16.83
CA MET B 1072 -11.36 -14.72 -17.95
C MET B 1072 -11.19 -16.16 -18.41
N VAL B 1073 -10.87 -17.08 -17.50
CA VAL B 1073 -10.63 -18.48 -17.86
C VAL B 1073 -11.90 -19.17 -18.35
N HIS B 1074 -13.07 -18.62 -18.04
CA HIS B 1074 -14.29 -19.02 -18.73
C HIS B 1074 -14.43 -18.35 -20.08
N ARG B 1075 -14.00 -17.08 -20.19
CA ARG B 1075 -14.06 -16.36 -21.46
C ARG B 1075 -12.90 -16.70 -22.38
N PHE B 1076 -11.82 -17.28 -21.87
CA PHE B 1076 -10.77 -17.77 -22.74
C PHE B 1076 -11.18 -19.06 -23.44
N ARG B 1077 -12.18 -19.77 -22.92
CA ARG B 1077 -12.58 -21.05 -23.46
C ARG B 1077 -14.01 -21.07 -23.98
N GLN B 1078 -14.83 -20.04 -23.70
CA GLN B 1078 -16.17 -19.99 -24.26
C GLN B 1078 -16.18 -19.62 -25.73
N LEU B 1079 -15.13 -18.97 -26.23
CA LEU B 1079 -15.04 -18.71 -27.65
C LEU B 1079 -14.33 -19.82 -28.39
N ASP B 1080 -13.58 -20.67 -27.67
CA ASP B 1080 -13.02 -21.87 -28.28
C ASP B 1080 -14.12 -22.82 -28.72
N ALA B 1081 -15.22 -22.88 -27.95
CA ALA B 1081 -16.40 -23.59 -28.43
C ALA B 1081 -17.11 -22.79 -29.53
N LYS B 1082 -16.95 -21.47 -29.53
CA LYS B 1082 -17.58 -20.66 -30.57
C LYS B 1082 -16.75 -20.66 -31.85
N LEU B 1083 -15.42 -20.69 -31.73
CA LEU B 1083 -14.60 -20.79 -32.93
C LEU B 1083 -14.62 -22.20 -33.50
N SER B 1084 -14.82 -23.22 -32.66
CA SER B 1084 -15.00 -24.56 -33.19
C SER B 1084 -16.39 -24.76 -33.77
N ASP B 1085 -17.35 -23.96 -33.32
CA ASP B 1085 -18.66 -23.91 -33.97
C ASP B 1085 -18.54 -23.34 -35.38
N LEU B 1086 -17.66 -22.36 -35.56
CA LEU B 1086 -17.37 -21.84 -36.89
C LEU B 1086 -16.46 -22.77 -37.67
N LYS B 1087 -15.62 -23.54 -36.97
CA LYS B 1087 -14.63 -24.39 -37.63
C LYS B 1087 -15.29 -25.57 -38.35
N GLY B 1088 -16.19 -26.28 -37.66
CA GLY B 1088 -16.80 -27.46 -38.23
C GLY B 1088 -17.78 -27.19 -39.36
N LEU B 1089 -18.35 -25.98 -39.39
CA LEU B 1089 -19.25 -25.64 -40.48
C LEU B 1089 -18.46 -25.26 -41.72
N LEU B 1090 -17.22 -24.77 -41.54
CA LEU B 1090 -16.32 -24.55 -42.66
C LEU B 1090 -15.92 -25.84 -43.35
N LYS B 1091 -15.84 -26.95 -42.61
CA LYS B 1091 -15.32 -28.17 -43.19
C LYS B 1091 -16.40 -28.93 -43.96
N GLU B 1092 -17.63 -28.93 -43.45
CA GLU B 1092 -18.70 -29.70 -44.09
C GLU B 1092 -19.22 -29.05 -45.36
N ILE B 1093 -19.09 -27.73 -45.49
CA ILE B 1093 -19.54 -27.05 -46.70
C ILE B 1093 -18.56 -27.33 -47.85
N SER B 1094 -17.31 -27.65 -47.53
CA SER B 1094 -16.37 -28.10 -48.55
C SER B 1094 -16.73 -29.49 -49.08
N SER B 1095 -17.39 -30.31 -48.27
CA SER B 1095 -17.74 -31.67 -48.66
C SER B 1095 -18.92 -31.73 -49.61
N LYS B 1096 -19.71 -30.65 -49.69
CA LYS B 1096 -20.89 -30.63 -50.53
C LYS B 1096 -20.59 -30.25 -51.98
N ILE B 1097 -19.62 -29.37 -52.20
CA ILE B 1097 -19.33 -28.88 -53.55
C ILE B 1097 -18.34 -29.76 -54.30
N LYS B 1098 -17.90 -30.86 -53.71
CA LYS B 1098 -16.98 -31.77 -54.39
C LYS B 1098 -17.68 -32.54 -55.51
N LYS C 108 39.79 12.07 -33.96
CA LYS C 108 41.06 12.22 -34.66
C LYS C 108 41.16 11.33 -35.89
N ARG C 109 40.97 10.04 -35.70
CA ARG C 109 41.28 9.07 -36.74
C ARG C 109 40.17 9.00 -37.77
N GLY C 110 40.21 7.96 -38.60
CA GLY C 110 39.34 7.88 -39.75
C GLY C 110 40.16 7.86 -41.02
N LYS C 111 40.22 6.70 -41.66
CA LYS C 111 41.04 6.51 -42.85
C LYS C 111 40.15 6.45 -44.08
N TYR C 112 40.64 7.00 -45.18
CA TYR C 112 39.88 7.10 -46.42
C TYR C 112 40.74 6.64 -47.58
N ILE C 113 40.11 5.95 -48.53
CA ILE C 113 40.79 5.44 -49.72
C ILE C 113 39.90 5.72 -50.92
N ARG C 114 40.43 6.43 -51.91
CA ARG C 114 39.75 6.60 -53.18
C ARG C 114 39.85 5.30 -53.98
N LEU C 115 38.71 4.82 -54.48
CA LEU C 115 38.68 3.55 -55.20
C LEU C 115 37.68 3.61 -56.34
N SER C 116 37.92 2.77 -57.34
CA SER C 116 37.09 2.72 -58.54
C SER C 116 35.89 1.78 -58.34
N THR C 123 41.43 -9.19 -52.68
CA THR C 123 42.47 -8.25 -53.13
C THR C 123 42.45 -7.00 -52.27
N LEU C 124 41.27 -6.67 -51.78
CA LEU C 124 41.04 -5.52 -50.91
C LEU C 124 41.12 -5.89 -49.44
N TYR C 125 40.73 -7.12 -49.10
CA TYR C 125 40.51 -7.51 -47.72
C TYR C 125 41.81 -7.59 -46.94
N ASP C 126 42.91 -7.97 -47.59
CA ASP C 126 44.18 -8.09 -46.89
C ASP C 126 44.75 -6.73 -46.51
N LEU C 127 44.35 -5.66 -47.20
CA LEU C 127 44.80 -4.33 -46.88
C LEU C 127 44.04 -3.70 -45.73
N MET C 128 43.19 -4.45 -45.04
CA MET C 128 42.53 -3.99 -43.83
C MET C 128 42.53 -4.99 -42.69
N THR C 129 42.88 -6.26 -42.93
CA THR C 129 43.05 -7.20 -41.84
C THR C 129 44.51 -7.46 -41.48
N GLN C 130 45.44 -7.11 -42.36
CA GLN C 130 46.86 -7.25 -42.08
C GLN C 130 47.52 -5.93 -41.74
N HIS C 131 47.07 -4.85 -42.35
CA HIS C 131 47.61 -3.53 -42.08
C HIS C 131 46.87 -2.80 -40.96
N TRP C 132 45.58 -3.08 -40.77
CA TRP C 132 44.75 -2.23 -39.92
C TRP C 132 44.26 -2.93 -38.65
N HIS C 133 43.50 -4.02 -38.77
CA HIS C 133 42.75 -4.47 -37.60
C HIS C 133 42.42 -5.95 -37.68
N LEU C 134 41.47 -6.39 -36.85
CA LEU C 134 41.30 -7.78 -36.47
C LEU C 134 40.37 -8.53 -37.43
N LYS C 135 39.93 -9.71 -36.99
CA LYS C 135 39.09 -10.65 -37.72
C LYS C 135 37.63 -10.46 -37.31
N THR C 136 36.72 -10.97 -38.13
CA THR C 136 35.29 -10.79 -37.92
C THR C 136 34.63 -12.06 -37.42
N PRO C 137 34.07 -12.07 -36.21
CA PRO C 137 33.09 -13.10 -35.87
C PRO C 137 31.68 -12.80 -36.37
N ASN C 138 31.43 -11.61 -36.92
CA ASN C 138 30.13 -11.24 -37.44
C ASN C 138 30.37 -10.11 -38.43
N LEU C 139 29.34 -9.83 -39.25
CA LEU C 139 29.47 -8.81 -40.28
C LEU C 139 28.08 -8.37 -40.71
N VAL C 140 27.73 -7.11 -40.44
CA VAL C 140 26.39 -6.59 -40.65
C VAL C 140 26.43 -5.62 -41.84
N ILE C 141 25.40 -5.65 -42.67
CA ILE C 141 25.25 -4.77 -43.83
C ILE C 141 23.99 -3.96 -43.65
N SER C 142 24.14 -2.64 -43.53
CA SER C 142 22.99 -1.75 -43.48
C SER C 142 22.90 -1.02 -44.82
N VAL C 143 21.82 -1.26 -45.57
CA VAL C 143 21.63 -0.62 -46.87
C VAL C 143 20.39 0.26 -46.81
N THR C 144 20.61 1.55 -46.96
CA THR C 144 19.58 2.54 -47.24
C THR C 144 19.94 3.38 -48.45
N GLY C 145 21.22 3.66 -48.64
CA GLY C 145 21.65 4.59 -49.66
C GLY C 145 21.46 6.02 -49.17
N GLY C 146 21.77 6.96 -50.06
CA GLY C 146 21.76 8.36 -49.70
C GLY C 146 20.39 8.97 -49.53
N ALA C 147 19.57 8.42 -48.65
CA ALA C 147 18.29 9.03 -48.29
C ALA C 147 18.59 10.20 -47.37
N LYS C 148 18.40 11.41 -47.88
CA LYS C 148 18.72 12.60 -47.10
C LYS C 148 17.76 12.77 -45.92
N ASN C 149 16.55 12.25 -46.04
CA ASN C 149 15.59 12.20 -44.95
C ASN C 149 15.46 10.78 -44.44
N PHE C 150 15.30 10.64 -43.13
CA PHE C 150 15.05 9.34 -42.52
C PHE C 150 14.34 9.60 -41.19
N ALA C 151 13.08 9.19 -41.12
CA ALA C 151 12.29 9.38 -39.91
C ALA C 151 12.76 8.42 -38.82
N LEU C 152 13.59 8.90 -37.90
CA LEU C 152 14.02 8.04 -36.80
C LEU C 152 12.95 8.13 -35.70
N LYS C 153 12.20 7.05 -35.55
CA LYS C 153 11.19 6.94 -34.51
C LYS C 153 11.90 6.64 -33.20
N PRO C 154 11.18 6.58 -32.08
CA PRO C 154 11.77 5.92 -30.89
C PRO C 154 12.07 4.44 -31.11
N ARG C 155 11.38 3.78 -32.06
CA ARG C 155 11.65 2.36 -32.30
C ARG C 155 12.89 2.17 -33.16
N MET C 156 13.00 2.89 -34.28
CA MET C 156 14.15 2.74 -35.16
C MET C 156 15.42 3.31 -34.54
N ARG C 157 15.27 4.22 -33.59
CA ARG C 157 16.42 4.66 -32.79
C ARG C 157 16.89 3.54 -31.88
N LYS C 158 16.00 2.63 -31.50
CA LYS C 158 16.32 1.54 -30.59
C LYS C 158 16.82 0.30 -31.32
N ILE C 159 16.30 0.02 -32.52
CA ILE C 159 16.72 -1.14 -33.29
C ILE C 159 18.17 -0.98 -33.73
N PHE C 160 18.54 0.20 -34.20
CA PHE C 160 19.89 0.47 -34.66
C PHE C 160 20.79 0.98 -33.55
N SER C 161 20.35 0.90 -32.29
CA SER C 161 21.23 1.06 -31.15
C SER C 161 21.51 -0.25 -30.45
N ARG C 162 20.56 -1.19 -30.48
CA ARG C 162 20.84 -2.55 -30.05
C ARG C 162 21.78 -3.25 -31.01
N LEU C 163 21.70 -2.90 -32.30
CA LEU C 163 22.51 -3.56 -33.32
C LEU C 163 23.99 -3.25 -33.15
N ILE C 164 24.32 -2.01 -32.82
CA ILE C 164 25.72 -1.65 -32.64
C ILE C 164 26.25 -2.22 -31.32
N TYR C 165 25.38 -2.39 -30.33
CA TYR C 165 25.77 -3.08 -29.12
C TYR C 165 26.06 -4.55 -29.40
N ILE C 166 25.32 -5.15 -30.32
CA ILE C 166 25.57 -6.53 -30.74
C ILE C 166 26.90 -6.62 -31.48
N ALA C 167 27.16 -5.67 -32.38
CA ALA C 167 28.46 -5.61 -33.05
C ALA C 167 29.59 -5.23 -32.11
N GLN C 168 29.29 -4.56 -31.01
CA GLN C 168 30.29 -4.36 -29.97
C GLN C 168 30.58 -5.66 -29.24
N SER C 169 29.55 -6.47 -29.01
CA SER C 169 29.71 -7.72 -28.29
C SER C 169 30.39 -8.79 -29.13
N LYS C 170 29.93 -8.97 -30.36
CA LYS C 170 30.49 -10.00 -31.22
C LYS C 170 31.74 -9.54 -31.94
N GLY C 171 31.96 -8.23 -32.08
CA GLY C 171 33.12 -7.73 -32.78
C GLY C 171 32.96 -7.75 -34.28
N ALA C 172 31.96 -7.03 -34.79
CA ALA C 172 31.58 -7.12 -36.19
C ALA C 172 32.08 -5.92 -36.97
N TRP C 173 31.97 -6.03 -38.30
CA TRP C 173 32.13 -4.91 -39.21
C TRP C 173 30.76 -4.51 -39.72
N ILE C 174 30.51 -3.22 -39.81
CA ILE C 174 29.22 -2.70 -40.21
C ILE C 174 29.43 -1.90 -41.49
N PHE C 175 29.25 -2.55 -42.64
CA PHE C 175 29.37 -1.85 -43.90
C PHE C 175 28.13 -1.03 -44.16
N THR C 176 28.30 0.25 -44.47
CA THR C 176 27.19 1.11 -44.85
C THR C 176 27.72 2.21 -45.76
N GLY C 177 26.81 3.03 -46.26
CA GLY C 177 27.20 4.15 -47.10
C GLY C 177 27.68 5.32 -46.25
N GLY C 178 28.97 5.59 -46.23
CA GLY C 178 29.52 6.53 -45.28
C GLY C 178 29.25 8.00 -45.53
N THR C 179 28.00 8.38 -45.76
CA THR C 179 27.62 9.77 -45.97
C THR C 179 26.73 10.25 -44.83
N HIS C 180 26.78 11.55 -44.60
CA HIS C 180 26.29 12.17 -43.36
C HIS C 180 24.80 12.51 -43.47
N TYR C 181 23.96 11.49 -43.68
CA TYR C 181 22.55 11.72 -43.92
C TYR C 181 21.71 10.60 -43.33
N GLY C 182 20.77 10.97 -42.46
CA GLY C 182 19.73 10.05 -42.02
C GLY C 182 20.19 8.91 -41.13
N LEU C 183 20.05 7.68 -41.63
CA LEU C 183 20.46 6.51 -40.87
C LEU C 183 21.97 6.39 -40.79
N MET C 184 22.65 6.61 -41.91
CA MET C 184 24.09 6.40 -41.97
C MET C 184 24.87 7.44 -41.18
N LYS C 185 24.28 8.60 -40.93
CA LYS C 185 24.84 9.52 -39.95
C LYS C 185 24.39 9.18 -38.54
N TYR C 186 23.31 8.43 -38.39
CA TYR C 186 22.90 7.96 -37.08
C TYR C 186 23.66 6.71 -36.68
N ILE C 187 23.91 5.81 -37.65
CA ILE C 187 24.73 4.63 -37.41
C ILE C 187 26.15 5.04 -37.03
N GLY C 188 26.67 6.09 -37.68
CA GLY C 188 27.97 6.59 -37.32
C GLY C 188 28.03 7.20 -35.94
N GLU C 189 26.98 7.90 -35.53
CA GLU C 189 27.04 8.58 -34.25
C GLU C 189 26.69 7.67 -33.08
N VAL C 190 26.11 6.49 -33.34
CA VAL C 190 25.99 5.50 -32.29
C VAL C 190 27.32 4.79 -32.09
N VAL C 191 28.10 4.67 -33.16
CA VAL C 191 29.42 4.04 -33.08
C VAL C 191 30.36 4.84 -32.19
N ARG C 192 30.37 6.16 -32.32
CA ARG C 192 31.17 6.97 -31.41
C ARG C 192 30.55 7.02 -30.02
N ASP C 193 29.27 6.72 -29.88
CA ASP C 193 28.70 6.60 -28.54
C ASP C 193 29.16 5.33 -27.84
N ASN C 194 29.43 4.27 -28.60
CA ASN C 194 29.90 3.04 -27.98
C ASN C 194 31.40 3.07 -27.75
N THR C 195 32.15 3.87 -28.51
CA THR C 195 33.55 4.09 -28.18
C THR C 195 33.74 5.10 -27.05
N ILE C 196 32.68 5.82 -26.67
CA ILE C 196 32.75 6.65 -25.48
C ILE C 196 32.45 5.81 -24.24
N SER C 197 31.37 5.04 -24.29
CA SER C 197 31.04 4.13 -23.20
C SER C 197 31.72 2.77 -23.38
N ASN C 203 35.60 -4.13 -30.15
CA ASN C 203 35.23 -2.79 -30.59
C ASN C 203 34.58 -2.82 -31.96
N VAL C 204 33.89 -1.74 -32.30
CA VAL C 204 33.06 -1.67 -33.50
C VAL C 204 33.88 -1.05 -34.62
N VAL C 205 33.83 -1.68 -35.79
CA VAL C 205 34.55 -1.22 -36.96
C VAL C 205 33.49 -0.89 -38.01
N ALA C 206 33.10 0.38 -38.08
CA ALA C 206 32.02 0.80 -38.98
C ALA C 206 32.62 1.31 -40.28
N ILE C 207 32.91 0.36 -41.18
CA ILE C 207 33.51 0.70 -42.46
C ILE C 207 32.45 1.31 -43.37
N GLY C 208 32.77 2.44 -43.98
CA GLY C 208 31.86 3.13 -44.88
C GLY C 208 32.32 3.01 -46.31
N ILE C 209 31.36 2.81 -47.22
CA ILE C 209 31.65 2.65 -48.65
C ILE C 209 30.67 3.52 -49.42
N ALA C 210 31.20 4.50 -50.16
CA ALA C 210 30.38 5.41 -50.95
C ALA C 210 31.17 5.99 -52.13
N PRO C 244 22.21 18.58 -53.23
CA PRO C 244 22.37 18.02 -54.58
C PRO C 244 23.46 16.95 -54.62
N LEU C 245 24.44 17.07 -53.74
CA LEU C 245 25.53 16.12 -53.61
C LEU C 245 25.73 15.80 -52.13
N TYR C 246 26.04 14.54 -51.84
CA TYR C 246 26.16 14.10 -50.46
C TYR C 246 27.46 14.57 -49.84
N CYS C 247 27.41 14.84 -48.54
CA CYS C 247 28.58 15.16 -47.75
C CYS C 247 29.01 13.95 -46.94
N LEU C 248 30.31 13.87 -46.67
CA LEU C 248 30.89 12.68 -46.06
C LEU C 248 30.56 12.66 -44.57
N ASP C 249 30.52 11.46 -43.99
CA ASP C 249 30.18 11.29 -42.58
C ASP C 249 31.46 11.23 -41.76
N ASN C 250 31.56 12.10 -40.77
CA ASN C 250 32.73 12.17 -39.90
C ASN C 250 32.55 11.35 -38.63
N ASN C 251 32.11 10.10 -38.76
CA ASN C 251 32.00 9.25 -37.60
C ASN C 251 32.33 7.78 -37.88
N HIS C 252 32.76 7.45 -39.08
CA HIS C 252 33.05 6.07 -39.45
C HIS C 252 34.55 5.82 -39.30
N THR C 253 34.90 4.58 -38.97
CA THR C 253 36.28 4.28 -38.64
C THR C 253 37.14 4.22 -39.89
N HIS C 254 36.64 3.59 -40.95
CA HIS C 254 37.37 3.51 -42.22
C HIS C 254 36.42 3.83 -43.36
N LEU C 255 36.82 4.74 -44.22
CA LEU C 255 36.02 5.12 -45.38
C LEU C 255 36.64 4.54 -46.63
N LEU C 256 35.80 4.10 -47.56
CA LEU C 256 36.22 3.42 -48.77
C LEU C 256 35.49 3.98 -49.98
N LEU C 257 35.44 5.31 -50.09
CA LEU C 257 34.77 5.94 -51.22
C LEU C 257 35.61 5.81 -52.48
N THR C 267 24.85 4.46 -55.99
CA THR C 267 24.78 4.38 -57.44
C THR C 267 25.98 3.61 -58.00
N THR C 268 27.11 4.30 -58.14
CA THR C 268 28.30 3.72 -58.74
C THR C 268 29.13 2.89 -57.78
N GLU C 269 28.81 2.90 -56.49
CA GLU C 269 29.63 2.26 -55.48
C GLU C 269 29.17 0.86 -55.11
N ALA C 270 27.95 0.46 -55.50
CA ALA C 270 27.37 -0.79 -55.03
C ALA C 270 27.73 -1.97 -55.92
N LYS C 271 29.00 -2.09 -56.25
CA LYS C 271 29.53 -3.32 -56.83
C LYS C 271 30.80 -3.76 -56.12
N VAL C 272 31.65 -2.82 -55.71
CA VAL C 272 32.81 -3.17 -54.90
C VAL C 272 32.38 -3.50 -53.48
N ARG C 273 31.24 -2.96 -53.03
CA ARG C 273 30.70 -3.32 -51.72
C ARG C 273 30.18 -4.76 -51.71
N THR C 274 29.50 -5.15 -52.79
CA THR C 274 28.99 -6.51 -52.89
C THR C 274 30.12 -7.51 -53.04
N GLN C 275 31.03 -7.28 -53.99
CA GLN C 275 32.15 -8.20 -54.25
C GLN C 275 33.16 -8.24 -53.11
N LEU C 276 33.09 -7.33 -52.14
CA LEU C 276 33.85 -7.48 -50.92
C LEU C 276 33.12 -8.37 -49.91
N GLU C 277 31.86 -8.07 -49.62
CA GLU C 277 31.12 -8.86 -48.65
C GLU C 277 30.78 -10.25 -49.18
N LYS C 278 30.81 -10.46 -50.49
CA LYS C 278 30.69 -11.80 -51.04
C LYS C 278 31.99 -12.57 -50.92
N TYR C 279 33.12 -11.87 -50.72
CA TYR C 279 34.38 -12.57 -50.51
C TYR C 279 34.55 -12.98 -49.05
N ILE C 280 34.03 -12.19 -48.11
CA ILE C 280 34.13 -12.57 -46.71
C ILE C 280 33.22 -13.73 -46.39
N SER C 281 32.08 -13.83 -47.09
CA SER C 281 31.26 -15.03 -47.01
C SER C 281 31.94 -16.24 -47.64
N GLU C 282 32.86 -16.01 -48.58
CA GLU C 282 33.56 -17.09 -49.25
C GLU C 282 34.66 -17.70 -48.42
N ARG C 283 35.06 -17.07 -47.33
CA ARG C 283 36.30 -17.46 -46.65
C ARG C 283 36.09 -18.71 -45.81
N VAL C 284 37.21 -19.35 -45.47
CA VAL C 284 37.26 -20.53 -44.63
C VAL C 284 38.12 -20.20 -43.41
N ILE C 285 37.59 -20.46 -42.23
CA ILE C 285 38.16 -19.97 -40.98
C ILE C 285 38.45 -21.15 -40.07
N PRO C 286 39.68 -21.28 -39.54
CA PRO C 286 39.99 -22.41 -38.68
C PRO C 286 39.47 -22.29 -37.26
N GLU C 287 39.02 -21.10 -36.84
CA GLU C 287 38.31 -20.98 -35.56
C GLU C 287 36.99 -21.74 -35.62
N SER C 288 36.25 -21.57 -36.73
CA SER C 288 35.15 -22.45 -37.15
C SER C 288 34.00 -22.52 -36.14
N ASN C 289 33.33 -21.39 -35.98
CA ASN C 289 32.09 -21.40 -35.19
C ASN C 289 30.86 -21.55 -36.08
N TYR C 290 30.79 -20.76 -37.15
CA TYR C 290 29.71 -20.82 -38.14
C TYR C 290 30.09 -21.73 -39.31
N GLY C 291 30.63 -22.91 -38.99
CA GLY C 291 31.30 -23.72 -40.00
C GLY C 291 32.44 -22.99 -40.67
N GLY C 292 33.18 -22.19 -39.90
CA GLY C 292 34.02 -21.17 -40.50
C GLY C 292 33.13 -20.05 -41.04
N LYS C 293 33.45 -19.60 -42.25
CA LYS C 293 32.54 -18.96 -43.18
C LYS C 293 32.10 -17.53 -42.83
N ILE C 294 32.41 -17.02 -41.63
CA ILE C 294 32.26 -15.61 -41.23
C ILE C 294 30.84 -15.06 -41.42
N PRO C 295 29.94 -15.23 -40.43
CA PRO C 295 28.52 -14.85 -40.59
C PRO C 295 28.20 -13.45 -41.12
N ILE C 296 27.57 -13.39 -42.30
CA ILE C 296 27.18 -12.14 -42.93
C ILE C 296 25.68 -11.95 -42.77
N VAL C 297 25.27 -10.80 -42.26
CA VAL C 297 23.87 -10.41 -42.19
C VAL C 297 23.72 -9.10 -42.96
N CYS C 298 22.58 -8.94 -43.63
CA CYS C 298 22.27 -7.70 -44.35
C CYS C 298 20.95 -7.15 -43.82
N PHE C 299 20.98 -5.96 -43.21
CA PHE C 299 19.74 -5.34 -42.80
C PHE C 299 19.07 -4.59 -43.94
N ALA C 300 17.83 -4.18 -43.68
CA ALA C 300 17.02 -3.41 -44.63
C ALA C 300 15.89 -2.77 -43.86
N GLN C 301 15.72 -1.46 -44.03
CA GLN C 301 14.64 -0.77 -43.34
C GLN C 301 13.90 0.26 -44.19
N GLY C 302 14.44 0.70 -45.33
CA GLY C 302 13.88 1.79 -46.09
C GLY C 302 13.64 1.40 -47.54
N GLY C 303 13.16 2.38 -48.30
CA GLY C 303 12.76 2.17 -49.67
C GLY C 303 13.74 2.76 -50.67
N GLY C 304 13.37 2.66 -51.93
CA GLY C 304 14.22 3.06 -53.03
C GLY C 304 14.70 1.88 -53.85
N LYS C 305 15.23 2.22 -55.03
CA LYS C 305 15.73 1.20 -55.94
C LYS C 305 17.00 0.57 -55.40
N GLU C 306 17.81 1.33 -54.67
CA GLU C 306 19.14 0.86 -54.30
C GLU C 306 19.08 -0.22 -53.23
N THR C 307 18.22 -0.04 -52.23
CA THR C 307 18.05 -1.07 -51.21
C THR C 307 17.27 -2.27 -51.71
N LEU C 308 16.67 -2.20 -52.89
CA LEU C 308 15.98 -3.36 -53.43
C LEU C 308 16.94 -4.28 -54.16
N LYS C 309 17.88 -3.73 -54.90
CA LYS C 309 18.89 -4.57 -55.53
C LYS C 309 19.96 -5.02 -54.55
N SER C 310 20.07 -4.36 -53.40
CA SER C 310 21.01 -4.81 -52.38
C SER C 310 20.53 -6.10 -51.71
N ILE C 311 19.22 -6.21 -51.50
CA ILE C 311 18.65 -7.47 -51.03
C ILE C 311 18.76 -8.53 -52.13
N ASN C 312 18.62 -8.13 -53.39
CA ASN C 312 18.77 -9.03 -54.52
C ASN C 312 20.19 -9.60 -54.60
N VAL C 313 21.18 -8.71 -54.70
CA VAL C 313 22.54 -9.18 -54.97
C VAL C 313 23.14 -9.84 -53.75
N ALA C 314 22.53 -9.68 -52.58
CA ALA C 314 22.88 -10.51 -51.43
C ALA C 314 22.34 -11.93 -51.62
N ILE C 315 21.01 -12.06 -51.74
CA ILE C 315 20.36 -13.37 -51.71
C ILE C 315 20.68 -14.18 -52.97
N LYS C 316 20.68 -13.51 -54.13
CA LYS C 316 20.80 -14.23 -55.40
C LYS C 316 22.22 -14.73 -55.62
N SER C 317 23.22 -13.87 -55.37
CA SER C 317 24.59 -14.22 -55.72
C SER C 317 25.15 -15.28 -54.77
N LYS C 318 25.25 -14.96 -53.50
CA LYS C 318 25.74 -15.90 -52.50
C LYS C 318 24.63 -16.09 -51.48
N ILE C 319 24.94 -16.74 -50.36
CA ILE C 319 23.96 -16.90 -49.30
C ILE C 319 24.38 -16.11 -48.06
N PRO C 320 24.23 -14.76 -48.03
CA PRO C 320 24.04 -14.10 -46.73
C PRO C 320 22.57 -13.94 -46.44
N CYS C 321 22.15 -14.22 -45.21
CA CYS C 321 20.78 -13.99 -44.82
C CYS C 321 20.51 -12.50 -44.72
N VAL C 322 19.25 -12.12 -44.90
CA VAL C 322 18.83 -10.73 -44.96
C VAL C 322 17.72 -10.54 -43.94
N VAL C 323 17.80 -9.47 -43.16
CA VAL C 323 16.81 -9.15 -42.14
C VAL C 323 16.14 -7.83 -42.51
N VAL C 324 14.81 -7.83 -42.58
CA VAL C 324 14.05 -6.61 -42.82
C VAL C 324 13.16 -6.36 -41.62
N GLU C 325 12.49 -5.21 -41.62
CA GLU C 325 11.49 -4.94 -40.59
C GLU C 325 10.37 -4.08 -41.13
N GLY C 326 9.23 -4.15 -40.46
CA GLY C 326 8.02 -3.49 -40.88
C GLY C 326 7.92 -2.04 -40.47
N SER C 327 8.89 -1.22 -40.87
CA SER C 327 8.80 0.23 -40.72
C SER C 327 9.66 0.86 -41.81
N GLY C 328 9.03 1.29 -42.89
CA GLY C 328 9.74 1.78 -44.04
C GLY C 328 8.90 1.64 -45.29
N ARG C 329 9.52 1.97 -46.42
CA ARG C 329 8.76 1.94 -47.67
C ARG C 329 8.71 0.53 -48.27
N ILE C 330 9.85 -0.02 -48.67
CA ILE C 330 9.85 -1.32 -49.33
C ILE C 330 10.28 -2.43 -48.41
N ALA C 331 10.88 -2.13 -47.27
CA ALA C 331 11.08 -3.17 -46.26
C ALA C 331 9.78 -3.56 -45.59
N ASP C 332 8.76 -2.68 -45.64
CA ASP C 332 7.42 -3.07 -45.25
C ASP C 332 6.72 -3.88 -46.33
N VAL C 333 7.14 -3.74 -47.59
CA VAL C 333 6.58 -4.54 -48.66
C VAL C 333 6.99 -5.99 -48.51
N ILE C 334 8.28 -6.25 -48.32
CA ILE C 334 8.74 -7.61 -48.16
C ILE C 334 8.42 -8.14 -46.77
N ALA C 335 8.10 -7.28 -45.82
CA ALA C 335 7.52 -7.73 -44.57
C ALA C 335 6.07 -8.15 -44.73
N SER C 336 5.42 -7.75 -45.82
CA SER C 336 4.06 -8.17 -46.12
C SER C 336 3.98 -9.30 -47.14
N LEU C 337 5.05 -9.52 -47.91
CA LEU C 337 5.07 -10.55 -48.95
C LEU C 337 5.86 -11.77 -48.52
N VAL C 338 5.87 -12.09 -47.23
CA VAL C 338 6.47 -13.32 -46.75
C VAL C 338 5.49 -14.21 -46.01
N GLU C 339 4.39 -13.67 -45.48
CA GLU C 339 3.35 -14.49 -44.86
C GLU C 339 2.27 -14.89 -45.86
N ALA C 340 2.72 -15.35 -47.03
CA ALA C 340 1.82 -15.61 -48.15
C ALA C 340 2.50 -16.55 -49.13
N GLU C 341 1.82 -17.62 -49.50
CA GLU C 341 2.23 -18.48 -50.60
C GLU C 341 1.18 -18.39 -51.68
N GLY C 342 1.55 -17.83 -52.83
CA GLY C 342 0.62 -17.68 -53.93
C GLY C 342 1.22 -18.10 -55.25
N THR C 343 2.08 -19.13 -55.21
CA THR C 343 2.91 -19.59 -56.33
C THR C 343 3.70 -18.42 -56.92
N LEU C 344 4.56 -17.86 -56.06
CA LEU C 344 5.52 -16.78 -56.27
C LEU C 344 4.84 -15.41 -56.37
N ALA C 345 3.50 -15.38 -56.41
CA ALA C 345 2.66 -14.17 -56.35
C ALA C 345 3.02 -13.19 -57.47
N SER C 346 2.70 -13.62 -58.70
CA SER C 346 3.28 -13.03 -59.91
C SER C 346 2.89 -11.57 -60.12
N SER C 347 1.77 -11.12 -59.55
CA SER C 347 1.40 -9.71 -59.66
C SER C 347 0.94 -9.13 -58.33
N CYS C 348 1.16 -9.82 -57.21
CA CYS C 348 0.87 -9.24 -55.91
C CYS C 348 1.91 -8.21 -55.49
N VAL C 349 3.05 -8.16 -56.19
CA VAL C 349 3.98 -7.04 -56.05
C VAL C 349 3.31 -5.74 -56.48
N LYS C 350 2.50 -5.79 -57.53
CA LYS C 350 1.63 -4.70 -57.90
C LYS C 350 0.45 -4.53 -56.95
N GLU C 351 -0.06 -5.63 -56.38
CA GLU C 351 -1.13 -5.51 -55.41
C GLU C 351 -0.62 -5.13 -54.03
N SER C 352 0.68 -5.29 -53.78
CA SER C 352 1.34 -4.57 -52.72
C SER C 352 2.00 -3.34 -53.34
N LEU C 353 2.81 -2.61 -52.57
CA LEU C 353 3.77 -1.61 -53.04
C LEU C 353 3.14 -0.35 -53.64
N LEU C 354 1.83 -0.36 -53.88
CA LEU C 354 1.08 0.77 -54.41
C LEU C 354 0.16 1.39 -53.37
N ARG C 355 -0.43 0.55 -52.54
CA ARG C 355 -1.37 0.95 -51.51
C ARG C 355 -0.67 1.31 -50.21
N PHE C 356 0.67 1.21 -50.19
CA PHE C 356 1.46 1.52 -49.01
C PHE C 356 2.65 2.41 -49.30
N LEU C 357 2.90 2.78 -50.57
CA LEU C 357 3.87 3.78 -51.01
C LEU C 357 3.47 4.26 -52.41
N PRO C 358 2.48 5.15 -52.50
CA PRO C 358 1.82 5.39 -53.79
C PRO C 358 2.53 6.38 -54.70
N ARG C 359 3.65 6.98 -54.29
CA ARG C 359 4.22 8.06 -55.08
C ARG C 359 5.49 7.67 -55.84
N THR C 360 6.07 6.51 -55.55
CA THR C 360 7.31 6.13 -56.22
C THR C 360 7.08 5.46 -57.58
N ILE C 361 5.88 4.92 -57.80
CA ILE C 361 5.57 4.23 -59.06
C ILE C 361 5.31 5.23 -60.17
N SER C 362 4.66 6.35 -59.85
CA SER C 362 4.42 7.41 -60.82
C SER C 362 5.61 8.37 -60.89
N ARG C 363 6.81 7.80 -61.01
CA ARG C 363 8.03 8.56 -61.23
C ARG C 363 8.99 7.87 -62.18
N LEU C 364 8.60 6.75 -62.77
CA LEU C 364 9.49 5.96 -63.61
C LEU C 364 8.65 5.15 -64.59
N SER C 365 9.32 4.49 -65.53
CA SER C 365 8.65 3.77 -66.60
C SER C 365 8.01 2.48 -66.10
N GLU C 366 7.22 1.86 -66.97
CA GLU C 366 6.52 0.63 -66.62
C GLU C 366 7.43 -0.59 -66.76
N GLU C 367 8.30 -0.59 -67.76
CA GLU C 367 9.17 -1.74 -68.02
C GLU C 367 10.22 -1.92 -66.94
N GLU C 368 10.59 -0.86 -66.24
CA GLU C 368 11.41 -0.97 -65.04
C GLU C 368 10.57 -1.16 -63.79
N THR C 369 9.31 -0.72 -63.80
CA THR C 369 8.41 -1.05 -62.70
C THR C 369 8.06 -2.53 -62.70
N GLU C 370 7.89 -3.11 -63.88
CA GLU C 370 7.76 -4.56 -63.95
C GLU C 370 9.08 -5.26 -63.64
N SER C 371 10.21 -4.58 -63.86
CA SER C 371 11.49 -5.14 -63.45
C SER C 371 11.63 -5.14 -61.93
N TRP C 372 10.95 -4.22 -61.25
CA TRP C 372 10.90 -4.28 -59.79
C TRP C 372 10.09 -5.47 -59.31
N ILE C 373 9.08 -5.87 -60.08
CA ILE C 373 8.37 -7.11 -59.79
C ILE C 373 9.29 -8.30 -60.05
N LYS C 374 10.13 -8.20 -61.08
CA LYS C 374 11.16 -9.21 -61.28
C LYS C 374 12.24 -9.12 -60.20
N TRP C 375 12.49 -7.92 -59.66
CA TRP C 375 13.44 -7.80 -58.56
C TRP C 375 12.90 -8.45 -57.29
N ILE C 376 11.65 -8.14 -56.94
CA ILE C 376 11.11 -8.59 -55.66
C ILE C 376 10.84 -10.09 -55.67
N LYS C 377 10.37 -10.64 -56.79
CA LYS C 377 9.98 -12.05 -56.81
C LYS C 377 11.17 -13.00 -56.78
N GLU C 378 12.37 -12.55 -57.13
CA GLU C 378 13.53 -13.43 -56.97
C GLU C 378 14.18 -13.29 -55.61
N VAL C 379 13.77 -12.30 -54.81
CA VAL C 379 14.11 -12.31 -53.38
C VAL C 379 13.35 -13.44 -52.69
N LEU C 380 12.06 -13.56 -52.97
CA LEU C 380 11.20 -14.55 -52.32
C LEU C 380 11.38 -15.97 -52.85
N GLU C 381 12.36 -16.20 -53.73
CA GLU C 381 12.63 -17.57 -54.18
C GLU C 381 13.21 -18.42 -53.06
N SER C 382 13.85 -17.79 -52.07
CA SER C 382 14.30 -18.48 -50.87
C SER C 382 13.79 -17.70 -49.66
N PRO C 383 12.69 -18.12 -49.04
CA PRO C 383 12.19 -17.41 -47.86
C PRO C 383 12.90 -17.80 -46.57
N HIS C 384 13.89 -18.68 -46.65
CA HIS C 384 14.71 -19.02 -45.49
C HIS C 384 15.89 -18.07 -45.34
N LEU C 385 15.97 -17.02 -46.15
CA LEU C 385 16.97 -15.98 -45.99
C LEU C 385 16.32 -14.63 -45.71
N LEU C 386 15.20 -14.63 -44.99
CA LEU C 386 14.41 -13.41 -44.86
C LEU C 386 13.71 -13.43 -43.50
N THR C 387 14.34 -12.80 -42.52
CA THR C 387 13.75 -12.63 -41.21
C THR C 387 13.15 -11.25 -41.11
N VAL C 388 12.01 -11.14 -40.44
CA VAL C 388 11.29 -9.88 -40.30
C VAL C 388 11.24 -9.53 -38.83
N ILE C 389 11.78 -8.36 -38.48
CA ILE C 389 11.63 -7.82 -37.13
C ILE C 389 10.26 -7.17 -37.08
N LYS C 390 9.26 -7.91 -36.58
CA LYS C 390 7.89 -7.46 -36.65
C LYS C 390 7.63 -6.35 -35.64
N ILE C 391 6.48 -5.68 -35.80
CA ILE C 391 6.24 -4.43 -35.09
C ILE C 391 5.81 -4.71 -33.65
N GLU C 392 5.12 -5.82 -33.40
CA GLU C 392 4.62 -6.14 -32.08
C GLU C 392 5.71 -6.66 -31.13
N GLU C 393 6.95 -6.74 -31.57
CA GLU C 393 8.07 -7.16 -30.72
C GLU C 393 8.53 -5.99 -29.85
N ALA C 394 7.68 -5.64 -28.88
CA ALA C 394 7.92 -4.50 -28.01
C ALA C 394 8.70 -4.96 -26.77
N GLY C 395 9.98 -5.26 -27.01
CA GLY C 395 10.83 -5.73 -25.93
C GLY C 395 12.28 -5.71 -26.34
N ASP C 396 13.15 -5.82 -25.34
CA ASP C 396 14.57 -5.93 -25.59
C ASP C 396 14.91 -7.28 -26.19
N GLU C 397 16.11 -7.37 -26.76
CA GLU C 397 16.68 -8.57 -27.38
C GLU C 397 15.75 -9.10 -28.49
N ILE C 398 15.48 -8.22 -29.44
CA ILE C 398 14.75 -8.62 -30.64
C ILE C 398 15.56 -8.41 -31.91
N VAL C 399 16.63 -7.62 -31.87
CA VAL C 399 17.54 -7.57 -33.00
C VAL C 399 18.37 -8.85 -33.05
N SER C 400 18.95 -9.24 -31.91
CA SER C 400 19.71 -10.49 -31.86
C SER C 400 18.81 -11.71 -31.96
N ASN C 401 17.53 -11.59 -31.62
CA ASN C 401 16.60 -12.67 -31.89
C ASN C 401 16.32 -12.83 -33.36
N ALA C 402 16.53 -11.79 -34.15
CA ALA C 402 16.35 -11.86 -35.59
C ALA C 402 17.64 -12.13 -36.33
N ILE C 403 18.77 -11.63 -35.83
CA ILE C 403 20.06 -11.90 -36.46
C ILE C 403 20.45 -13.36 -36.28
N SER C 404 20.24 -13.89 -35.07
CA SER C 404 20.60 -15.29 -34.82
C SER C 404 19.66 -16.24 -35.54
N PHE C 405 18.38 -15.88 -35.64
CA PHE C 405 17.45 -16.72 -36.37
C PHE C 405 17.70 -16.64 -37.87
N ALA C 406 18.26 -15.53 -38.36
CA ALA C 406 18.68 -15.47 -39.74
C ALA C 406 19.93 -16.29 -39.96
N LEU C 407 20.86 -16.27 -39.00
CA LEU C 407 22.08 -17.07 -39.15
C LEU C 407 21.80 -18.54 -38.91
N TYR C 408 20.80 -18.87 -38.09
CA TYR C 408 20.45 -20.27 -37.88
C TYR C 408 19.77 -20.85 -39.11
N LYS C 409 18.98 -20.04 -39.81
CA LYS C 409 18.34 -20.49 -41.04
C LYS C 409 19.36 -20.78 -42.13
N ALA C 410 20.32 -19.87 -42.32
CA ALA C 410 21.30 -20.04 -43.38
C ALA C 410 22.29 -21.15 -43.06
N PHE C 411 22.55 -21.40 -41.78
CA PHE C 411 23.47 -22.47 -41.42
C PHE C 411 22.80 -23.84 -41.55
N SER C 412 21.61 -23.99 -40.97
CA SER C 412 20.96 -25.30 -40.91
C SER C 412 20.43 -25.74 -42.26
N THR C 413 20.22 -24.83 -43.21
CA THR C 413 19.74 -25.19 -44.54
C THR C 413 20.91 -25.26 -45.53
N ASN C 414 22.06 -25.71 -45.05
CA ASN C 414 23.19 -26.01 -45.92
C ASN C 414 23.11 -27.40 -46.52
N GLU C 415 22.23 -28.26 -45.99
CA GLU C 415 22.05 -29.67 -46.39
C GLU C 415 23.34 -30.47 -46.23
N HIS C 416 24.19 -30.05 -45.29
CA HIS C 416 25.43 -30.73 -44.96
C HIS C 416 25.56 -31.03 -43.48
N ASP C 417 24.86 -30.28 -42.62
CA ASP C 417 24.99 -30.40 -41.17
C ASP C 417 23.86 -31.21 -40.55
N ARG C 418 23.37 -32.23 -41.26
CA ARG C 418 22.39 -33.14 -40.67
C ARG C 418 23.03 -34.02 -39.59
N ASP C 419 24.28 -34.43 -39.81
CA ASP C 419 25.04 -35.11 -38.78
C ASP C 419 25.69 -34.13 -37.81
N ASN C 420 25.74 -32.84 -38.15
CA ASN C 420 26.39 -31.83 -37.31
C ASN C 420 25.32 -31.11 -36.50
N TRP C 421 24.86 -31.79 -35.44
CA TRP C 421 23.99 -31.16 -34.46
C TRP C 421 24.77 -30.23 -33.53
N ASN C 422 26.08 -30.44 -33.40
CA ASN C 422 26.89 -29.68 -32.47
C ASN C 422 27.21 -28.28 -32.99
N GLY C 423 27.40 -28.16 -34.31
CA GLY C 423 27.62 -26.85 -34.88
C GLY C 423 26.40 -25.96 -34.83
N GLN C 424 25.21 -26.56 -34.85
CA GLN C 424 23.99 -25.78 -34.60
C GLN C 424 23.87 -25.39 -33.14
N LEU C 425 24.49 -26.16 -32.25
CA LEU C 425 24.38 -25.85 -30.82
C LEU C 425 25.28 -24.69 -30.43
N LYS C 426 26.54 -24.71 -30.89
CA LYS C 426 27.48 -23.65 -30.54
C LYS C 426 27.09 -22.33 -31.17
N LEU C 427 26.40 -22.36 -32.31
CA LEU C 427 25.85 -21.14 -32.89
C LEU C 427 24.70 -20.62 -32.04
N LEU C 428 23.77 -21.50 -31.68
CA LEU C 428 22.64 -21.11 -30.87
C LEU C 428 23.00 -20.88 -29.41
N LEU C 429 24.23 -21.18 -28.99
CA LEU C 429 24.68 -20.91 -27.63
C LEU C 429 25.36 -19.55 -27.52
N GLU C 430 26.10 -19.15 -28.57
CA GLU C 430 26.77 -17.86 -28.57
C GLU C 430 25.78 -16.72 -28.53
N TRP C 431 24.79 -16.75 -29.42
CA TRP C 431 23.60 -15.96 -29.21
C TRP C 431 22.76 -16.62 -28.14
N ASN C 432 21.98 -15.84 -27.41
CA ASN C 432 21.24 -16.40 -26.28
C ASN C 432 19.87 -16.91 -26.72
N GLN C 433 19.90 -17.92 -27.59
CA GLN C 433 18.68 -18.46 -28.18
C GLN C 433 18.29 -19.75 -27.45
N LEU C 434 17.68 -19.57 -26.27
CA LEU C 434 17.31 -20.73 -25.47
C LEU C 434 16.11 -21.45 -26.05
N ASP C 435 15.03 -20.70 -26.31
CA ASP C 435 13.79 -21.31 -26.77
C ASP C 435 13.86 -21.82 -28.20
N LEU C 436 14.94 -21.50 -28.92
CA LEU C 436 15.19 -22.13 -30.21
C LEU C 436 16.04 -23.38 -30.07
N ALA C 437 16.96 -23.41 -29.11
CA ALA C 437 17.79 -24.59 -28.93
C ALA C 437 17.06 -25.72 -28.23
N SER C 438 15.97 -25.42 -27.54
CA SER C 438 15.27 -26.47 -26.82
C SER C 438 14.38 -27.28 -27.75
N ASP C 439 13.76 -26.64 -28.73
CA ASP C 439 12.78 -27.30 -29.59
C ASP C 439 13.32 -27.65 -30.97
N GLU C 440 14.53 -27.23 -31.30
CA GLU C 440 15.14 -27.61 -32.57
C GLU C 440 16.33 -28.54 -32.41
N ILE C 441 16.84 -28.74 -31.20
CA ILE C 441 18.01 -29.56 -31.00
C ILE C 441 17.72 -30.66 -30.00
N PHE C 442 17.23 -30.30 -28.82
CA PHE C 442 16.97 -31.26 -27.74
C PHE C 442 15.51 -31.70 -27.82
N THR C 443 15.21 -32.57 -28.78
CA THR C 443 13.85 -33.06 -28.96
C THR C 443 13.73 -34.58 -29.04
N ASN C 444 14.81 -35.31 -28.78
CA ASN C 444 14.90 -36.77 -28.66
C ASN C 444 14.65 -37.52 -29.96
N ASP C 445 14.31 -36.85 -31.05
CA ASP C 445 14.40 -37.48 -32.36
C ASP C 445 15.81 -37.39 -32.91
N ARG C 446 16.51 -36.29 -32.61
CA ARG C 446 17.92 -36.20 -32.92
C ARG C 446 18.71 -37.03 -31.92
N ASN C 447 19.77 -37.66 -32.40
CA ASN C 447 20.52 -38.63 -31.61
C ASN C 447 21.77 -37.97 -31.04
N TRP C 448 21.75 -37.73 -29.73
CA TRP C 448 22.93 -37.32 -28.99
C TRP C 448 23.07 -38.24 -27.79
N GLU C 449 24.31 -38.48 -27.38
CA GLU C 449 24.59 -39.42 -26.30
C GLU C 449 24.83 -38.74 -24.96
N SER C 450 24.69 -37.41 -24.90
CA SER C 450 24.99 -36.59 -23.70
C SER C 450 26.41 -36.80 -23.19
N ALA C 451 27.34 -37.07 -24.10
CA ALA C 451 28.75 -37.19 -23.79
C ALA C 451 29.58 -36.08 -24.41
N ASP C 452 29.17 -35.59 -25.57
CA ASP C 452 29.76 -34.43 -26.21
C ASP C 452 29.15 -33.12 -25.75
N LEU C 453 28.33 -33.15 -24.70
CA LEU C 453 27.70 -31.97 -24.13
C LEU C 453 28.58 -31.31 -23.07
N GLN C 454 29.88 -31.56 -23.08
CA GLN C 454 30.77 -31.12 -22.02
C GLN C 454 31.62 -29.91 -22.41
N ASP C 455 32.22 -29.93 -23.60
CA ASP C 455 32.89 -28.74 -24.10
C ASP C 455 31.90 -27.64 -24.45
N VAL C 456 30.66 -28.00 -24.78
CA VAL C 456 29.61 -27.00 -24.97
C VAL C 456 29.19 -26.45 -23.62
N MET C 457 29.28 -27.26 -22.56
CA MET C 457 28.93 -26.82 -21.22
C MET C 457 29.96 -25.84 -20.66
N PHE C 458 31.24 -26.09 -20.93
CA PHE C 458 32.28 -25.21 -20.42
C PHE C 458 32.24 -23.84 -21.08
N THR C 459 31.71 -23.77 -22.31
CA THR C 459 31.50 -22.48 -22.93
C THR C 459 30.25 -21.80 -22.40
N ALA C 460 29.24 -22.57 -21.99
CA ALA C 460 28.04 -21.97 -21.43
C ALA C 460 28.27 -21.39 -20.05
N LEU C 461 29.32 -21.83 -19.36
CA LEU C 461 29.65 -21.29 -18.05
C LEU C 461 30.45 -20.01 -18.15
N VAL C 462 31.41 -19.94 -19.09
CA VAL C 462 32.34 -18.83 -19.08
C VAL C 462 31.76 -17.60 -19.77
N LYS C 463 30.86 -17.78 -20.74
CA LYS C 463 30.23 -16.65 -21.41
C LYS C 463 28.97 -16.19 -20.71
N ASP C 464 28.64 -16.78 -19.57
CA ASP C 464 27.46 -16.48 -18.75
C ASP C 464 26.17 -16.61 -19.56
N ARG C 465 25.91 -17.86 -19.95
CA ARG C 465 24.61 -18.26 -20.47
C ARG C 465 23.93 -19.07 -19.39
N PRO C 466 23.20 -18.45 -18.46
CA PRO C 466 22.61 -19.22 -17.37
C PRO C 466 21.44 -20.09 -17.82
N LYS C 467 20.69 -19.65 -18.82
CA LYS C 467 19.59 -20.45 -19.33
C LYS C 467 20.06 -21.67 -20.09
N PHE C 468 21.29 -21.63 -20.61
CA PHE C 468 21.83 -22.79 -21.31
C PHE C 468 22.52 -23.76 -20.38
N VAL C 469 23.04 -23.28 -19.26
CA VAL C 469 23.53 -24.17 -18.21
C VAL C 469 22.38 -24.98 -17.64
N ARG C 470 21.21 -24.34 -17.46
CA ARG C 470 20.05 -25.06 -16.97
C ARG C 470 19.52 -26.06 -17.99
N LEU C 471 19.61 -25.72 -19.28
CA LEU C 471 19.12 -26.62 -20.31
C LEU C 471 20.05 -27.81 -20.49
N PHE C 472 21.35 -27.64 -20.27
CA PHE C 472 22.27 -28.76 -20.40
C PHE C 472 22.12 -29.72 -19.23
N LEU C 473 21.79 -29.21 -18.04
CA LEU C 473 21.62 -30.08 -16.89
C LEU C 473 20.32 -30.87 -16.95
N GLU C 474 19.25 -30.26 -17.44
CA GLU C 474 17.97 -30.97 -17.46
C GLU C 474 17.82 -31.87 -18.68
N ASN C 475 18.78 -31.85 -19.60
CA ASN C 475 18.81 -32.80 -20.70
C ASN C 475 19.78 -33.94 -20.45
N GLY C 476 20.36 -34.01 -19.26
CA GLY C 476 21.24 -35.09 -18.88
C GLY C 476 22.70 -34.70 -18.98
N LEU C 477 23.27 -34.31 -17.84
CA LEU C 477 24.68 -33.97 -17.75
C LEU C 477 25.06 -34.06 -16.28
N ASN C 478 25.89 -35.02 -15.92
CA ASN C 478 26.29 -35.18 -14.54
C ASN C 478 27.32 -34.11 -14.21
N LEU C 479 26.90 -33.09 -13.46
CA LEU C 479 27.78 -31.99 -13.12
C LEU C 479 28.88 -32.40 -12.14
N ARG C 480 28.69 -33.50 -11.41
CA ARG C 480 29.76 -34.00 -10.57
C ARG C 480 30.87 -34.62 -11.39
N LYS C 481 30.51 -35.37 -12.46
CA LYS C 481 31.51 -35.92 -13.36
C LYS C 481 32.19 -34.82 -14.17
N PHE C 482 31.43 -33.80 -14.57
CA PHE C 482 31.97 -32.76 -15.44
C PHE C 482 32.99 -31.89 -14.71
N LEU C 483 32.72 -31.50 -13.48
CA LEU C 483 33.59 -30.61 -12.73
C LEU C 483 34.80 -31.40 -12.22
N THR C 484 35.75 -31.64 -13.12
CA THR C 484 36.96 -32.34 -12.72
C THR C 484 37.92 -31.35 -12.06
N THR C 485 39.11 -31.86 -11.72
CA THR C 485 40.07 -31.09 -10.94
C THR C 485 40.67 -29.94 -11.73
N GLU C 486 40.74 -30.07 -13.06
CA GLU C 486 41.37 -29.06 -13.88
C GLU C 486 40.37 -28.09 -14.48
N VAL C 487 39.09 -28.46 -14.58
CA VAL C 487 38.08 -27.52 -15.07
C VAL C 487 37.90 -26.38 -14.09
N LEU C 488 38.02 -26.67 -12.78
CA LEU C 488 37.93 -25.62 -11.78
C LEU C 488 39.13 -24.69 -11.81
N ARG C 489 40.29 -25.17 -12.29
CA ARG C 489 41.45 -24.29 -12.39
C ARG C 489 41.63 -23.69 -13.78
N GLU C 490 40.88 -24.15 -14.79
CA GLU C 490 40.67 -23.35 -15.98
C GLU C 490 39.56 -22.32 -15.81
N LEU C 491 39.05 -22.15 -14.60
CA LEU C 491 37.92 -21.30 -14.34
C LEU C 491 38.21 -20.25 -13.29
N TYR C 492 39.19 -20.48 -12.40
CA TYR C 492 39.51 -19.57 -11.32
C TYR C 492 40.71 -18.68 -11.61
N THR C 493 41.40 -18.87 -12.73
CA THR C 493 42.46 -17.95 -13.10
C THR C 493 42.32 -17.53 -14.56
N ASN C 494 41.77 -18.40 -15.40
CA ASN C 494 41.53 -18.03 -16.79
C ASN C 494 40.29 -17.15 -16.91
N ASN C 495 39.20 -17.54 -16.26
CA ASN C 495 37.92 -16.88 -16.38
C ASN C 495 37.49 -16.25 -15.06
N PHE C 496 38.45 -15.71 -14.32
CA PHE C 496 38.19 -14.97 -13.10
C PHE C 496 38.59 -13.52 -13.34
N SER C 497 37.64 -12.61 -13.15
CA SER C 497 37.91 -11.20 -13.38
C SER C 497 38.84 -10.66 -12.31
N SER C 498 39.85 -9.89 -12.73
CA SER C 498 40.83 -9.39 -11.79
C SER C 498 40.30 -8.24 -10.94
N LEU C 499 39.22 -7.59 -11.37
CA LEU C 499 38.60 -6.55 -10.56
C LEU C 499 37.96 -7.15 -9.32
N VAL C 500 37.39 -8.34 -9.44
CA VAL C 500 36.87 -9.05 -8.28
C VAL C 500 38.01 -9.55 -7.41
N PHE C 501 39.07 -10.09 -8.03
CA PHE C 501 40.20 -10.61 -7.29
C PHE C 501 40.98 -9.49 -6.59
N LYS C 502 41.02 -8.30 -7.18
CA LYS C 502 41.57 -7.15 -6.47
C LYS C 502 40.65 -6.74 -5.33
N ASN C 503 39.34 -6.84 -5.55
CA ASN C 503 38.38 -6.60 -4.48
C ASN C 503 38.38 -7.73 -3.46
N LEU C 504 38.81 -8.92 -3.85
CA LEU C 504 38.96 -10.01 -2.88
C LEU C 504 40.16 -9.78 -1.98
N GLN C 505 41.16 -9.05 -2.45
CA GLN C 505 42.30 -8.68 -1.61
C GLN C 505 41.88 -7.71 -0.51
N ILE C 506 41.07 -6.71 -0.88
CA ILE C 506 40.71 -5.65 0.07
C ILE C 506 39.74 -6.19 1.11
N ALA C 507 38.84 -7.08 0.72
CA ALA C 507 37.91 -7.67 1.67
C ALA C 507 38.63 -8.61 2.64
N LYS C 508 39.63 -9.34 2.14
CA LYS C 508 40.38 -10.25 3.01
C LYS C 508 41.24 -9.50 4.01
N ASN C 509 41.72 -8.31 3.65
CA ASN C 509 42.62 -7.58 4.53
C ASN C 509 41.88 -6.63 5.47
N SER C 510 40.86 -5.93 4.98
CA SER C 510 40.20 -4.90 5.79
C SER C 510 39.07 -5.45 6.65
N TYR C 511 38.31 -6.42 6.15
CA TYR C 511 37.19 -7.00 6.89
C TYR C 511 37.38 -8.51 6.88
N ASN C 512 38.23 -9.01 7.75
CA ASN C 512 38.65 -10.40 7.71
C ASN C 512 37.76 -11.26 8.59
N ASP C 513 37.24 -12.34 8.01
CA ASP C 513 36.44 -13.32 8.73
C ASP C 513 37.00 -14.71 8.48
N ALA C 514 36.45 -15.68 9.20
CA ALA C 514 36.92 -17.06 9.06
C ALA C 514 36.46 -17.68 7.75
N LEU C 515 35.33 -17.23 7.21
CA LEU C 515 34.85 -17.77 5.95
C LEU C 515 35.68 -17.25 4.78
N LEU C 516 36.03 -15.96 4.82
CA LEU C 516 36.81 -15.35 3.74
C LEU C 516 38.19 -15.96 3.65
N THR C 517 38.80 -16.30 4.79
CA THR C 517 40.12 -16.92 4.79
C THR C 517 40.08 -18.30 4.16
N PHE C 518 38.97 -19.02 4.27
CA PHE C 518 38.84 -20.25 3.50
C PHE C 518 38.57 -19.95 2.04
N VAL C 519 37.85 -18.87 1.75
CA VAL C 519 37.56 -18.52 0.36
C VAL C 519 38.79 -17.94 -0.31
N TRP C 520 39.53 -17.07 0.39
CA TRP C 520 40.76 -16.50 -0.16
C TRP C 520 41.83 -17.56 -0.36
N LYS C 521 41.86 -18.58 0.49
CA LYS C 521 42.82 -19.65 0.28
C LYS C 521 42.37 -20.64 -0.78
N MET C 522 41.07 -20.77 -1.04
CA MET C 522 40.66 -21.73 -2.06
C MET C 522 40.62 -21.10 -3.45
N VAL C 523 40.57 -19.77 -3.52
CA VAL C 523 40.84 -19.10 -4.79
C VAL C 523 42.31 -19.23 -5.12
N GLU C 524 43.18 -19.13 -4.11
CA GLU C 524 44.61 -19.11 -4.32
C GLU C 524 45.15 -20.48 -4.74
N ASP C 525 44.66 -21.56 -4.11
CA ASP C 525 45.21 -22.87 -4.42
C ASP C 525 44.75 -23.42 -5.78
N PHE C 526 43.80 -22.74 -6.43
CA PHE C 526 43.49 -23.04 -7.81
C PHE C 526 44.33 -22.21 -8.79
N ARG C 527 44.72 -21.00 -8.38
CA ARG C 527 45.66 -20.18 -9.15
C ARG C 527 47.11 -20.46 -8.79
N ARG C 528 47.38 -21.50 -8.02
CA ARG C 528 48.73 -21.90 -7.66
C ARG C 528 49.10 -23.29 -8.15
N GLY C 529 48.20 -24.25 -8.01
CA GLY C 529 48.45 -25.60 -8.48
C GLY C 529 48.44 -25.69 -10.00
N ARG C 553 36.14 -33.38 -2.53
CA ARG C 553 36.79 -32.08 -2.46
C ARG C 553 35.74 -30.99 -2.61
N HIS C 554 34.47 -31.41 -2.64
CA HIS C 554 33.27 -30.58 -2.88
C HIS C 554 33.42 -29.75 -4.14
N PRO C 555 33.31 -30.34 -5.33
CA PRO C 555 33.53 -29.56 -6.55
C PRO C 555 32.37 -28.64 -6.88
N LEU C 556 31.13 -29.05 -6.59
CA LEU C 556 29.96 -28.22 -6.89
C LEU C 556 29.92 -26.96 -6.05
N GLN C 557 30.48 -27.00 -4.85
CA GLN C 557 30.50 -25.82 -4.01
C GLN C 557 31.74 -24.97 -4.25
N ALA C 558 32.57 -25.33 -5.20
CA ALA C 558 33.63 -24.45 -5.68
C ALA C 558 33.21 -23.70 -6.94
N LEU C 559 32.44 -24.36 -7.81
CA LEU C 559 31.81 -23.69 -8.94
C LEU C 559 30.78 -22.68 -8.46
N PHE C 560 30.12 -22.96 -7.34
CA PHE C 560 29.12 -22.04 -6.82
C PHE C 560 29.78 -20.78 -6.27
N ILE C 561 30.91 -20.90 -5.59
CA ILE C 561 31.63 -19.73 -5.10
C ILE C 561 32.23 -18.94 -6.25
N TRP C 562 32.66 -19.64 -7.33
CA TRP C 562 33.17 -18.97 -8.51
C TRP C 562 32.14 -18.06 -9.14
N SER C 563 30.90 -18.51 -9.20
CA SER C 563 29.82 -17.73 -9.77
C SER C 563 29.11 -16.83 -8.77
N VAL C 564 29.53 -16.84 -7.51
CA VAL C 564 28.99 -15.90 -6.52
C VAL C 564 29.93 -14.72 -6.34
N LEU C 565 31.24 -14.96 -6.37
CA LEU C 565 32.23 -13.90 -6.20
C LEU C 565 32.16 -12.88 -7.34
N GLN C 566 31.84 -13.32 -8.54
CA GLN C 566 31.80 -12.46 -9.71
C GLN C 566 30.42 -11.86 -9.95
N ASN C 567 29.49 -12.01 -8.99
CA ASN C 567 28.12 -11.50 -9.07
C ASN C 567 27.39 -12.00 -10.30
N LYS C 568 27.64 -13.25 -10.69
CA LYS C 568 26.85 -13.88 -11.73
C LYS C 568 25.48 -14.16 -11.13
N LYS C 569 24.53 -13.29 -11.46
CA LYS C 569 23.27 -13.24 -10.74
C LYS C 569 22.40 -14.47 -11.00
N GLU C 570 22.35 -14.93 -12.25
CA GLU C 570 21.46 -16.02 -12.60
C GLU C 570 22.18 -17.33 -12.90
N LEU C 571 23.49 -17.30 -13.13
CA LEU C 571 24.23 -18.54 -13.24
C LEU C 571 24.36 -19.21 -11.88
N SER C 572 24.55 -18.41 -10.84
CA SER C 572 24.71 -18.94 -9.50
C SER C 572 23.40 -19.49 -8.94
N LYS C 573 22.26 -19.07 -9.47
CA LYS C 573 20.99 -19.68 -9.10
C LYS C 573 20.79 -21.05 -9.73
N VAL C 574 21.56 -21.38 -10.76
CA VAL C 574 21.46 -22.70 -11.38
C VAL C 574 22.36 -23.68 -10.65
N ILE C 575 23.56 -23.25 -10.28
CA ILE C 575 24.50 -24.13 -9.58
C ILE C 575 24.06 -24.34 -8.13
N TRP C 576 23.30 -23.39 -7.57
CA TRP C 576 22.82 -23.56 -6.21
C TRP C 576 21.82 -24.71 -6.11
N GLU C 577 21.03 -24.93 -7.16
CA GLU C 577 20.07 -26.02 -7.16
C GLU C 577 20.72 -27.39 -7.38
N GLN C 578 22.02 -27.44 -7.69
CA GLN C 578 22.71 -28.71 -7.83
C GLN C 578 23.59 -29.04 -6.63
N THR C 579 23.76 -28.11 -5.69
CA THR C 579 24.59 -28.37 -4.53
C THR C 579 23.90 -29.32 -3.58
N ARG C 580 24.66 -29.85 -2.62
CA ARG C 580 24.11 -30.80 -1.66
C ARG C 580 23.61 -30.10 -0.41
N GLY C 581 24.47 -29.34 0.26
CA GLY C 581 24.01 -28.55 1.37
C GLY C 581 23.47 -27.25 0.84
N CYS C 582 22.17 -27.17 0.67
CA CYS C 582 21.59 -26.04 -0.06
C CYS C 582 21.18 -24.89 0.84
N THR C 583 20.75 -25.17 2.06
CA THR C 583 20.51 -24.09 3.00
C THR C 583 21.83 -23.53 3.52
N LEU C 584 22.85 -24.38 3.59
CA LEU C 584 24.15 -23.94 4.07
C LEU C 584 24.87 -23.09 3.03
N ALA C 585 24.86 -23.53 1.77
CA ALA C 585 25.51 -22.76 0.72
C ALA C 585 24.75 -21.49 0.38
N ALA C 586 23.45 -21.43 0.65
CA ALA C 586 22.74 -20.18 0.48
C ALA C 586 23.06 -19.18 1.58
N LEU C 587 23.55 -19.64 2.71
CA LEU C 587 23.97 -18.74 3.77
C LEU C 587 25.44 -18.38 3.67
N GLY C 588 26.27 -19.30 3.20
CA GLY C 588 27.67 -18.98 3.00
C GLY C 588 27.89 -18.03 1.85
N ALA C 589 27.08 -18.14 0.79
CA ALA C 589 27.12 -17.15 -0.26
C ALA C 589 26.59 -15.81 0.23
N SER C 590 25.54 -15.83 1.05
CA SER C 590 24.98 -14.59 1.59
C SER C 590 25.92 -13.91 2.56
N LYS C 591 26.86 -14.64 3.16
CA LYS C 591 27.88 -14.01 3.99
C LYS C 591 29.07 -13.54 3.16
N LEU C 592 29.45 -14.32 2.16
CA LEU C 592 30.59 -13.98 1.32
C LEU C 592 30.33 -12.72 0.51
N LEU C 593 29.09 -12.52 0.07
CA LEU C 593 28.75 -11.30 -0.63
C LEU C 593 28.62 -10.12 0.32
N LYS C 594 28.08 -10.36 1.51
CA LYS C 594 27.91 -9.28 2.49
C LYS C 594 29.24 -8.76 3.01
N SER C 595 30.30 -9.57 2.92
CA SER C 595 31.63 -9.09 3.26
C SER C 595 32.31 -8.40 2.08
N MET C 596 32.05 -8.85 0.87
CA MET C 596 32.58 -8.18 -0.32
C MET C 596 31.79 -6.93 -0.69
N ALA C 597 30.62 -6.73 -0.08
CA ALA C 597 29.88 -5.48 -0.22
C ALA C 597 30.19 -4.50 0.89
N LYS C 598 31.03 -4.88 1.84
CA LYS C 598 31.55 -3.93 2.81
C LYS C 598 32.74 -3.15 2.28
N VAL C 599 33.26 -3.54 1.12
CA VAL C 599 34.34 -2.80 0.47
C VAL C 599 33.75 -1.61 -0.27
N LYS C 600 34.33 -0.44 -0.05
CA LYS C 600 33.90 0.79 -0.72
C LYS C 600 34.78 1.12 -1.92
N ASN C 601 35.39 0.12 -2.54
CA ASN C 601 36.22 0.35 -3.72
C ASN C 601 35.37 0.67 -4.94
N ASP C 602 34.16 0.13 -5.00
CA ASP C 602 33.23 0.39 -6.10
C ASP C 602 31.84 0.12 -5.54
N ILE C 603 31.02 1.16 -5.40
CA ILE C 603 29.71 0.98 -4.79
C ILE C 603 28.66 0.47 -5.75
N ASN C 604 29.00 0.31 -7.04
CA ASN C 604 28.10 -0.38 -7.94
C ASN C 604 28.21 -1.88 -7.76
N ALA C 605 29.44 -2.40 -7.73
CA ALA C 605 29.64 -3.82 -7.44
C ALA C 605 29.32 -4.14 -5.98
N ALA C 606 29.50 -3.19 -5.08
CA ALA C 606 29.14 -3.40 -3.69
C ALA C 606 27.65 -3.17 -3.43
N GLY C 607 26.93 -2.63 -4.39
CA GLY C 607 25.50 -2.47 -4.24
C GLY C 607 24.78 -3.65 -4.84
N GLU C 608 25.41 -4.28 -5.83
CA GLU C 608 24.82 -5.45 -6.45
C GLU C 608 25.03 -6.69 -5.60
N SER C 609 26.20 -6.83 -5.00
CA SER C 609 26.48 -8.02 -4.19
C SER C 609 25.79 -7.97 -2.85
N GLU C 610 25.50 -6.77 -2.33
CA GLU C 610 24.63 -6.69 -1.16
C GLU C 610 23.20 -7.08 -1.53
N GLU C 611 22.76 -6.74 -2.74
CA GLU C 611 21.44 -7.12 -3.20
C GLU C 611 21.34 -8.60 -3.47
N LEU C 612 22.42 -9.21 -3.99
CA LEU C 612 22.44 -10.64 -4.21
C LEU C 612 22.53 -11.41 -2.91
N ALA C 613 23.18 -10.84 -1.89
CA ALA C 613 23.25 -11.49 -0.59
C ALA C 613 21.90 -11.45 0.12
N ASN C 614 21.12 -10.40 -0.10
CA ASN C 614 19.81 -10.30 0.51
C ASN C 614 18.79 -11.23 -0.12
N GLU C 615 19.10 -11.82 -1.27
CA GLU C 615 18.21 -12.78 -1.90
C GLU C 615 18.78 -14.19 -1.87
N TYR C 616 19.94 -14.39 -1.25
CA TYR C 616 20.37 -15.69 -0.78
C TYR C 616 19.95 -15.96 0.64
N GLU C 617 19.93 -14.92 1.48
CA GLU C 617 19.32 -15.06 2.79
C GLU C 617 17.83 -15.31 2.67
N THR C 618 17.17 -14.65 1.71
CA THR C 618 15.77 -14.95 1.42
C THR C 618 15.63 -16.33 0.80
N ARG C 619 16.62 -16.75 0.00
CA ARG C 619 16.61 -18.09 -0.56
C ARG C 619 16.78 -19.15 0.52
N ALA C 620 17.49 -18.83 1.60
CA ALA C 620 17.69 -19.75 2.70
C ALA C 620 16.60 -19.66 3.76
N VAL C 621 15.80 -18.59 3.78
CA VAL C 621 14.65 -18.56 4.65
C VAL C 621 13.57 -19.50 4.13
N GLU C 622 13.18 -19.31 2.88
CA GLU C 622 12.04 -20.02 2.33
C GLU C 622 12.36 -21.46 1.98
N LEU C 623 13.64 -21.81 1.87
CA LEU C 623 13.99 -23.22 1.82
C LEU C 623 13.89 -23.84 3.20
N PHE C 624 14.29 -23.11 4.23
CA PHE C 624 14.26 -23.68 5.57
C PHE C 624 12.86 -23.72 6.16
N THR C 625 11.98 -22.78 5.80
CA THR C 625 10.59 -22.91 6.22
C THR C 625 9.90 -24.05 5.49
N GLU C 626 10.39 -24.42 4.30
CA GLU C 626 9.93 -25.65 3.68
C GLU C 626 10.45 -26.87 4.44
N CYS C 627 11.68 -26.79 4.93
CA CYS C 627 12.24 -27.89 5.72
C CYS C 627 11.59 -27.98 7.09
N TYR C 628 11.13 -26.86 7.63
CA TYR C 628 10.51 -26.86 8.95
C TYR C 628 9.01 -27.12 8.90
N SER C 629 8.37 -27.00 7.73
CA SER C 629 6.99 -27.43 7.59
C SER C 629 6.88 -28.94 7.49
N ASN C 630 7.98 -29.62 7.19
CA ASN C 630 8.14 -31.05 7.44
C ASN C 630 8.59 -31.24 8.88
N ASP C 631 9.13 -32.41 9.21
CA ASP C 631 9.39 -32.73 10.61
C ASP C 631 10.52 -31.87 11.17
N GLU C 632 10.30 -31.37 12.39
CA GLU C 632 11.22 -30.41 13.00
C GLU C 632 12.50 -31.07 13.47
N ASP C 633 12.49 -32.37 13.71
CA ASP C 633 13.68 -33.04 14.21
C ASP C 633 14.73 -33.21 13.11
N LEU C 634 14.31 -33.18 11.85
CA LEU C 634 15.26 -33.24 10.74
C LEU C 634 15.72 -31.86 10.31
N ALA C 635 14.85 -30.85 10.41
CA ALA C 635 15.26 -29.50 10.05
C ALA C 635 16.22 -28.91 11.08
N GLU C 636 16.06 -29.28 12.35
CA GLU C 636 17.00 -28.86 13.38
C GLU C 636 18.22 -29.77 13.46
N GLN C 637 18.14 -30.96 12.86
CA GLN C 637 19.35 -31.73 12.59
C GLN C 637 20.19 -31.04 11.53
N LEU C 638 19.56 -30.26 10.67
CA LEU C 638 20.23 -29.62 9.54
C LEU C 638 20.81 -28.27 9.90
N LEU C 639 20.27 -27.61 10.93
CA LEU C 639 20.79 -26.31 11.36
C LEU C 639 22.21 -26.44 11.88
N THR C 640 22.52 -27.54 12.55
CA THR C 640 23.80 -27.77 13.18
C THR C 640 24.59 -28.84 12.46
N TYR C 641 24.53 -28.86 11.13
CA TYR C 641 25.27 -29.85 10.36
C TYR C 641 26.73 -29.47 10.28
N SER C 642 27.60 -30.48 10.41
CA SER C 642 29.05 -30.29 10.55
C SER C 642 29.76 -29.91 9.26
N CYS C 643 29.01 -29.67 8.18
CA CYS C 643 29.33 -28.97 6.93
C CYS C 643 30.40 -29.62 6.06
N GLU C 644 31.08 -30.66 6.57
CA GLU C 644 32.24 -31.30 5.92
C GLU C 644 33.27 -30.28 5.42
N ALA C 645 33.47 -29.23 6.21
CA ALA C 645 34.24 -28.02 5.88
C ALA C 645 33.73 -27.36 4.60
N TRP C 646 32.50 -26.85 4.68
CA TRP C 646 32.05 -25.87 3.68
C TRP C 646 32.82 -24.57 3.86
N GLY C 647 32.64 -23.93 5.01
CA GLY C 647 33.49 -22.85 5.44
C GLY C 647 34.05 -23.19 6.81
N GLY C 648 33.67 -24.37 7.30
CA GLY C 648 34.01 -24.76 8.65
C GLY C 648 32.97 -24.40 9.69
N SER C 649 31.70 -24.28 9.30
CA SER C 649 30.67 -23.83 10.23
C SER C 649 29.31 -24.28 9.73
N ASN C 650 28.36 -24.36 10.65
CA ASN C 650 27.01 -24.82 10.34
C ASN C 650 26.18 -23.64 9.84
N CYS C 651 24.88 -23.86 9.67
CA CYS C 651 24.01 -22.81 9.16
C CYS C 651 23.76 -21.72 10.19
N LEU C 652 23.80 -22.07 11.48
CA LEU C 652 23.57 -21.06 12.50
C LEU C 652 24.78 -20.17 12.70
N GLU C 653 25.98 -20.75 12.73
CA GLU C 653 27.18 -19.96 12.88
C GLU C 653 27.42 -19.08 11.66
N LEU C 654 27.02 -19.54 10.49
CA LEU C 654 27.20 -18.78 9.27
C LEU C 654 26.14 -17.70 9.09
N ALA C 655 25.11 -17.68 9.94
CA ALA C 655 24.07 -16.67 9.87
C ALA C 655 24.21 -15.58 10.92
N VAL C 656 24.85 -15.87 12.05
CA VAL C 656 25.08 -14.84 13.05
C VAL C 656 26.19 -13.90 12.60
N GLU C 657 27.27 -14.46 12.06
CA GLU C 657 28.38 -13.62 11.62
C GLU C 657 28.03 -12.81 10.37
N ALA C 658 27.11 -13.31 9.55
CA ALA C 658 26.61 -12.53 8.43
C ALA C 658 25.59 -11.49 8.86
N ARG C 659 25.13 -11.55 10.11
CA ARG C 659 24.01 -10.76 10.64
C ARG C 659 22.78 -10.91 9.76
N ASP C 660 22.51 -12.15 9.35
CA ASP C 660 21.35 -12.47 8.54
C ASP C 660 20.11 -12.45 9.42
N GLN C 661 19.53 -11.28 9.61
CA GLN C 661 18.44 -11.12 10.56
C GLN C 661 17.15 -11.78 10.09
N GLN C 662 17.00 -12.03 8.79
CA GLN C 662 15.78 -12.67 8.33
C GLN C 662 15.84 -14.19 8.49
N PHE C 663 17.03 -14.78 8.41
CA PHE C 663 17.15 -16.21 8.62
C PHE C 663 16.97 -16.58 10.08
N ILE C 664 17.32 -15.66 10.98
CA ILE C 664 17.31 -15.98 12.39
C ILE C 664 16.00 -15.57 13.06
N ALA C 665 15.29 -14.60 12.50
CA ALA C 665 13.98 -14.25 13.00
C ALA C 665 12.86 -15.16 12.52
N GLN C 666 13.17 -16.17 11.75
CA GLN C 666 12.08 -17.02 11.29
C GLN C 666 11.68 -17.97 12.41
N PRO C 667 10.41 -18.42 12.44
CA PRO C 667 9.94 -19.22 13.58
C PRO C 667 10.58 -20.58 13.71
N GLY C 668 11.28 -21.08 12.70
CA GLY C 668 11.97 -22.35 12.86
C GLY C 668 13.22 -22.22 13.70
N VAL C 669 13.94 -21.12 13.53
CA VAL C 669 15.18 -20.91 14.26
C VAL C 669 14.87 -20.43 15.68
N GLN C 670 13.84 -19.61 15.84
CA GLN C 670 13.44 -19.17 17.17
C GLN C 670 12.90 -20.31 18.00
N ASN C 671 12.18 -21.25 17.38
CA ASN C 671 11.73 -22.43 18.11
C ASN C 671 12.89 -23.34 18.46
N PHE C 672 13.94 -23.36 17.65
CA PHE C 672 15.10 -24.17 17.95
C PHE C 672 15.84 -23.63 19.16
N LEU C 673 15.99 -22.30 19.24
CA LEU C 673 16.72 -21.69 20.34
C LEU C 673 15.97 -21.80 21.65
N SER C 674 14.65 -21.63 21.61
CA SER C 674 13.83 -21.77 22.80
C SER C 674 13.75 -23.22 23.29
N LYS C 675 14.14 -24.19 22.47
CA LYS C 675 14.36 -25.54 22.94
C LYS C 675 15.78 -25.76 23.40
N GLN C 676 16.74 -25.04 22.83
CA GLN C 676 18.10 -25.10 23.33
C GLN C 676 18.24 -24.40 24.67
N TRP C 677 17.36 -23.44 24.96
CA TRP C 677 17.43 -22.73 26.22
C TRP C 677 16.62 -23.41 27.31
N TYR C 678 15.44 -23.91 26.96
CA TYR C 678 14.68 -24.70 27.93
C TYR C 678 15.28 -26.07 28.12
N GLY C 679 16.13 -26.52 27.21
CA GLY C 679 16.85 -27.76 27.40
C GLY C 679 15.94 -28.96 27.23
N GLU C 680 16.18 -29.98 28.05
CA GLU C 680 15.37 -31.19 28.01
C GLU C 680 14.06 -31.03 28.76
N ILE C 681 13.83 -29.89 29.42
CA ILE C 681 12.50 -29.57 29.91
C ILE C 681 11.63 -29.15 28.74
N SER C 682 10.40 -29.64 28.72
CA SER C 682 9.45 -29.17 27.73
C SER C 682 9.05 -27.74 28.03
N ARG C 683 8.72 -26.99 26.99
CA ARG C 683 8.31 -25.60 27.15
C ARG C 683 6.86 -25.46 27.58
N ASP C 684 6.16 -26.56 27.81
CA ASP C 684 4.75 -26.53 28.19
C ASP C 684 4.53 -26.83 29.66
N THR C 685 5.57 -26.78 30.49
CA THR C 685 5.40 -27.20 31.89
C THR C 685 4.68 -26.11 32.69
N LYS C 686 5.37 -25.00 32.91
CA LYS C 686 4.96 -23.64 33.30
C LYS C 686 6.26 -22.88 33.43
N ASN C 687 6.16 -21.58 33.72
CA ASN C 687 7.36 -20.84 34.07
C ASN C 687 7.69 -21.01 35.55
N TRP C 688 6.69 -20.82 36.43
CA TRP C 688 6.92 -20.91 37.86
C TRP C 688 7.18 -22.34 38.32
N LYS C 689 6.71 -23.33 37.54
CA LYS C 689 6.86 -24.73 37.91
C LYS C 689 8.32 -25.16 37.88
N ILE C 690 9.13 -24.53 37.04
CA ILE C 690 10.55 -24.83 36.99
C ILE C 690 11.27 -24.22 38.18
N ILE C 691 10.86 -23.02 38.59
CA ILE C 691 11.56 -22.28 39.64
C ILE C 691 11.33 -22.92 41.00
N MET C 692 10.10 -23.35 41.28
CA MET C 692 9.79 -23.96 42.57
C MET C 692 10.40 -25.35 42.73
N CYS C 693 10.91 -25.95 41.65
CA CYS C 693 11.65 -27.19 41.78
C CYS C 693 13.11 -26.96 42.17
N LEU C 694 13.61 -25.72 42.03
CA LEU C 694 14.94 -25.41 42.52
C LEU C 694 14.96 -25.35 44.05
N PHE C 695 13.97 -24.69 44.63
CA PHE C 695 13.88 -24.57 46.09
C PHE C 695 13.53 -25.87 46.77
N PHE C 696 12.91 -26.80 46.04
CA PHE C 696 12.51 -28.09 46.60
C PHE C 696 12.87 -29.15 45.57
N PHE C 697 14.03 -29.79 45.76
CA PHE C 697 14.48 -30.86 44.86
C PHE C 697 13.54 -32.06 44.69
N PRO C 698 12.79 -32.55 45.69
CA PRO C 698 11.91 -33.70 45.41
C PRO C 698 10.70 -33.41 44.54
N LEU C 699 10.45 -32.18 44.10
CA LEU C 699 9.36 -31.96 43.15
C LEU C 699 9.76 -32.30 41.71
N ILE C 700 11.04 -32.52 41.44
CA ILE C 700 11.46 -32.89 40.09
C ILE C 700 11.14 -34.35 39.81
N GLY C 701 11.24 -35.21 40.83
CA GLY C 701 11.04 -36.64 40.63
C GLY C 701 9.60 -37.06 40.44
N CYS C 702 8.65 -36.17 40.69
CA CYS C 702 7.24 -36.47 40.46
C CYS C 702 6.89 -36.20 39.00
N GLY C 703 5.59 -36.18 38.70
CA GLY C 703 5.13 -35.81 37.37
C GLY C 703 4.81 -34.32 37.28
N PHE C 704 5.53 -33.53 38.07
CA PHE C 704 5.33 -32.09 38.09
C PHE C 704 5.82 -31.46 36.80
N ILE C 705 7.07 -31.70 36.45
CA ILE C 705 7.67 -31.24 35.20
C ILE C 705 7.57 -32.39 34.20
N SER C 706 7.35 -32.06 32.93
CA SER C 706 6.93 -33.01 31.90
C SER C 706 7.95 -33.02 30.77
N PHE C 707 9.20 -33.33 31.13
CA PHE C 707 10.44 -33.10 30.38
C PHE C 707 10.41 -33.36 28.89
N ARG C 708 10.22 -34.60 28.48
CA ARG C 708 10.28 -34.94 27.06
C ARG C 708 9.34 -36.11 26.73
N PHE C 719 14.40 -42.07 35.17
CA PHE C 719 15.68 -42.58 35.64
C PHE C 719 16.75 -41.48 35.59
N LEU C 720 17.02 -40.91 36.76
CA LEU C 720 18.00 -39.83 36.97
C LEU C 720 17.71 -38.63 36.06
N TYR C 721 16.54 -38.04 36.27
CA TYR C 721 16.16 -36.81 35.59
C TYR C 721 16.79 -35.58 36.21
N TYR C 722 17.54 -35.73 37.30
CA TYR C 722 18.18 -34.58 37.93
C TYR C 722 19.34 -34.07 37.09
N VAL C 723 20.07 -34.98 36.43
CA VAL C 723 21.17 -34.55 35.59
C VAL C 723 20.66 -33.97 34.28
N SER C 724 19.39 -34.21 33.93
CA SER C 724 18.75 -33.58 32.79
C SER C 724 18.09 -32.26 33.15
N PHE C 725 17.61 -32.13 34.39
CA PHE C 725 16.98 -30.89 34.82
C PHE C 725 18.03 -29.82 35.07
N PHE C 726 19.13 -30.17 35.74
CA PHE C 726 20.14 -29.21 36.13
C PHE C 726 21.21 -29.00 35.07
N THR C 727 20.94 -29.37 33.82
CA THR C 727 21.81 -29.02 32.72
C THR C 727 21.15 -28.11 31.70
N SER C 728 19.84 -27.90 31.80
CA SER C 728 19.17 -26.99 30.89
C SER C 728 19.52 -25.56 31.26
N PRO C 729 19.89 -24.71 30.30
CA PRO C 729 20.40 -23.38 30.65
C PRO C 729 19.36 -22.42 31.19
N PHE C 730 18.09 -22.78 31.19
CA PHE C 730 17.12 -21.99 31.95
C PHE C 730 17.27 -22.25 33.43
N VAL C 731 17.63 -23.47 33.81
CA VAL C 731 17.82 -23.82 35.21
C VAL C 731 19.19 -23.36 35.68
N VAL C 732 20.19 -23.42 34.81
CA VAL C 732 21.51 -22.90 35.16
C VAL C 732 21.47 -21.39 35.33
N PHE C 733 20.67 -20.70 34.53
CA PHE C 733 20.53 -19.26 34.71
C PHE C 733 19.70 -18.93 35.95
N SER C 734 18.68 -19.72 36.23
CA SER C 734 17.86 -19.46 37.40
C SER C 734 18.62 -19.77 38.68
N TRP C 735 19.49 -20.77 38.68
CA TRP C 735 20.27 -21.06 39.87
C TRP C 735 21.41 -20.07 40.05
N ASN C 736 21.99 -19.58 38.97
CA ASN C 736 23.08 -18.62 39.10
C ASN C 736 22.61 -17.29 39.64
N VAL C 737 21.40 -16.87 39.28
CA VAL C 737 20.86 -15.63 39.83
C VAL C 737 20.45 -15.83 41.29
N ILE C 738 19.87 -16.99 41.61
CA ILE C 738 19.50 -17.31 42.98
C ILE C 738 20.75 -17.42 43.86
N PHE C 739 21.82 -17.98 43.30
CA PHE C 739 23.09 -18.01 44.02
C PHE C 739 23.68 -16.61 44.17
N TYR C 740 23.53 -15.77 43.15
CA TYR C 740 24.15 -14.45 43.19
C TYR C 740 23.43 -13.53 44.16
N ILE C 741 22.14 -13.74 44.40
CA ILE C 741 21.46 -12.97 45.42
C ILE C 741 21.86 -13.44 46.80
N ALA C 742 21.92 -14.76 47.01
CA ALA C 742 22.41 -15.31 48.27
C ALA C 742 23.89 -15.03 48.48
N PHE C 743 24.65 -14.81 47.41
CA PHE C 743 26.01 -14.31 47.58
C PHE C 743 26.03 -12.87 48.03
N LEU C 744 25.05 -12.07 47.62
CA LEU C 744 25.01 -10.67 48.04
C LEU C 744 24.38 -10.51 49.42
N LEU C 745 23.49 -11.41 49.82
CA LEU C 745 22.95 -11.39 51.17
C LEU C 745 23.94 -11.92 52.19
N LEU C 746 24.94 -12.68 51.75
CA LEU C 746 26.00 -13.14 52.62
C LEU C 746 27.16 -12.16 52.64
N PHE C 747 27.41 -11.47 51.53
CA PHE C 747 28.40 -10.40 51.51
C PHE C 747 27.90 -9.17 52.26
N ALA C 748 26.60 -9.06 52.50
CA ALA C 748 26.09 -8.00 53.36
C ALA C 748 26.28 -8.34 54.83
N TYR C 749 26.17 -9.61 55.20
CA TYR C 749 26.40 -10.00 56.58
C TYR C 749 27.88 -9.92 56.95
N VAL C 750 28.76 -10.25 56.00
CA VAL C 750 30.19 -10.15 56.22
C VAL C 750 30.61 -8.70 56.41
N LEU C 751 29.98 -7.80 55.67
CA LEU C 751 30.38 -6.39 55.69
C LEU C 751 29.90 -5.69 56.96
N LEU C 752 28.70 -6.01 57.45
CA LEU C 752 28.16 -5.30 58.61
C LEU C 752 28.45 -6.04 59.91
N MET C 753 27.96 -7.27 60.06
CA MET C 753 28.03 -7.96 61.34
C MET C 753 29.40 -8.57 61.59
N ASP C 754 30.03 -9.09 60.55
CA ASP C 754 31.33 -9.73 60.63
C ASP C 754 32.40 -8.66 60.38
N PHE C 755 33.63 -9.08 60.01
CA PHE C 755 34.74 -8.21 59.59
C PHE C 755 35.25 -7.37 60.76
N GLN C 756 35.59 -8.04 61.86
CA GLN C 756 36.12 -7.30 63.01
C GLN C 756 37.63 -7.07 62.88
N LYS C 757 38.42 -8.13 62.96
CA LYS C 757 39.84 -8.03 62.62
C LYS C 757 40.38 -9.24 61.88
N GLU C 758 39.79 -10.43 62.07
CA GLU C 758 40.31 -11.66 61.52
C GLU C 758 39.37 -12.17 60.43
N PRO C 759 39.91 -12.60 59.30
CA PRO C 759 39.05 -13.23 58.28
C PRO C 759 38.53 -14.58 58.75
N THR C 760 37.43 -14.57 59.48
CA THR C 760 36.85 -15.80 60.00
C THR C 760 36.12 -16.55 58.88
N ALA C 761 35.42 -17.64 59.26
CA ALA C 761 34.95 -18.66 58.32
C ALA C 761 33.96 -18.14 57.28
N LEU C 762 33.32 -16.99 57.54
CA LEU C 762 32.46 -16.40 56.52
C LEU C 762 33.29 -15.78 55.39
N GLU C 763 34.36 -15.06 55.74
CA GLU C 763 35.10 -14.33 54.72
C GLU C 763 35.98 -15.22 53.86
N ILE C 764 36.38 -16.40 54.36
CA ILE C 764 37.15 -17.32 53.52
C ILE C 764 36.28 -17.88 52.41
N ILE C 765 35.03 -18.25 52.72
CA ILE C 765 34.17 -18.73 51.66
C ILE C 765 33.72 -17.59 50.76
N LEU C 766 33.80 -16.34 51.22
CA LEU C 766 33.60 -15.20 50.33
C LEU C 766 34.66 -15.13 49.26
N TYR C 767 35.88 -15.58 49.56
CA TYR C 767 36.86 -15.75 48.49
C TYR C 767 36.43 -16.86 47.54
N VAL C 768 35.97 -18.00 48.09
CA VAL C 768 35.66 -19.16 47.26
C VAL C 768 34.45 -18.89 46.36
N LEU C 769 33.49 -18.11 46.84
CA LEU C 769 32.39 -17.71 45.97
C LEU C 769 32.85 -16.69 44.94
N VAL C 770 33.80 -15.82 45.30
CA VAL C 770 34.35 -14.88 44.33
C VAL C 770 35.34 -15.60 43.41
N PHE C 771 35.98 -16.67 43.90
CA PHE C 771 36.92 -17.42 43.07
C PHE C 771 36.22 -18.12 41.92
N VAL C 772 35.05 -18.72 42.18
CA VAL C 772 34.28 -19.32 41.09
C VAL C 772 33.64 -18.25 40.22
N LEU C 773 33.50 -17.02 40.73
CA LEU C 773 33.16 -15.88 39.88
C LEU C 773 34.36 -15.37 39.11
N LEU C 774 35.57 -15.82 39.45
CA LEU C 774 36.76 -15.51 38.68
C LEU C 774 37.25 -16.69 37.87
N CYS C 775 37.11 -17.91 38.38
CA CYS C 775 37.54 -19.10 37.64
C CYS C 775 36.71 -19.31 36.39
N ASP C 776 35.43 -18.95 36.42
CA ASP C 776 34.64 -19.01 35.20
C ASP C 776 34.99 -17.88 34.25
N GLU C 777 35.52 -16.77 34.77
CA GLU C 777 35.89 -15.66 33.90
C GLU C 777 37.16 -15.95 33.12
N VAL C 778 38.16 -16.56 33.77
CA VAL C 778 39.39 -16.92 33.07
C VAL C 778 39.13 -18.05 32.08
N ARG C 779 38.23 -18.97 32.39
CA ARG C 779 37.86 -19.97 31.40
C ARG C 779 36.92 -19.42 30.34
N GLN C 780 36.37 -18.23 30.55
CA GLN C 780 35.68 -17.49 29.49
C GLN C 780 36.56 -16.34 28.98
N TRP C 781 37.79 -16.24 29.47
CA TRP C 781 38.74 -15.27 28.92
C TRP C 781 39.32 -15.70 27.59
N TYR C 782 38.95 -16.88 27.09
CA TYR C 782 39.19 -17.21 25.70
C TYR C 782 38.22 -16.42 24.82
N MET C 783 38.40 -16.59 23.50
CA MET C 783 37.61 -16.00 22.41
C MET C 783 37.26 -14.53 22.58
N ASN C 784 38.16 -13.75 23.17
CA ASN C 784 37.90 -12.34 23.43
C ASN C 784 38.34 -11.43 22.30
N GLY C 785 39.53 -11.67 21.73
CA GLY C 785 40.06 -10.84 20.67
C GLY C 785 40.34 -9.40 21.04
N SER C 786 40.47 -9.11 22.34
CA SER C 786 40.52 -7.77 22.94
C SER C 786 39.33 -6.90 22.54
N LYS C 787 38.18 -7.52 22.28
CA LYS C 787 36.94 -6.80 22.00
C LYS C 787 35.77 -7.28 22.84
N TYR C 788 35.94 -8.39 23.56
CA TYR C 788 34.92 -8.83 24.52
C TYR C 788 34.80 -7.85 25.68
N PHE C 789 35.89 -7.17 26.03
CA PHE C 789 35.91 -6.21 27.12
C PHE C 789 35.54 -4.80 26.68
N SER C 790 34.88 -4.65 25.53
CA SER C 790 34.56 -3.34 24.97
C SER C 790 33.09 -2.99 25.12
N ASP C 791 32.47 -3.32 26.25
CA ASP C 791 31.03 -3.09 26.40
C ASP C 791 30.63 -2.45 27.71
N LEU C 792 31.58 -2.25 28.65
CA LEU C 792 31.43 -1.60 29.95
C LEU C 792 30.49 -2.36 30.90
N TRP C 793 30.14 -3.60 30.56
CA TRP C 793 29.45 -4.50 31.48
C TRP C 793 30.11 -5.85 31.57
N ASN C 794 31.13 -6.11 30.75
CA ASN C 794 31.95 -7.31 30.86
C ASN C 794 33.38 -7.01 31.24
N VAL C 795 33.86 -5.81 30.95
CA VAL C 795 35.09 -5.34 31.57
C VAL C 795 34.80 -4.90 32.99
N MET C 796 33.55 -4.49 33.27
CA MET C 796 33.14 -4.16 34.63
C MET C 796 33.13 -5.39 35.51
N ASP C 797 32.89 -6.57 34.94
CA ASP C 797 32.92 -7.80 35.71
C ASP C 797 34.33 -8.13 36.20
N THR C 798 35.33 -7.95 35.34
CA THR C 798 36.71 -8.22 35.74
C THR C 798 37.24 -7.13 36.66
N LEU C 799 36.87 -5.88 36.39
CA LEU C 799 37.30 -4.77 37.24
C LEU C 799 36.55 -4.71 38.56
N ALA C 800 35.51 -5.52 38.76
CA ALA C 800 34.90 -5.62 40.06
C ALA C 800 35.56 -6.66 40.93
N ILE C 801 36.27 -7.61 40.32
CA ILE C 801 36.99 -8.60 41.10
C ILE C 801 38.42 -8.13 41.37
N PHE C 802 39.03 -7.43 40.41
CA PHE C 802 40.37 -6.91 40.63
C PHE C 802 40.37 -5.73 41.59
N TYR C 803 39.23 -5.06 41.74
CA TYR C 803 39.04 -4.11 42.82
C TYR C 803 38.59 -4.79 44.11
N PHE C 804 38.27 -6.08 44.05
CA PHE C 804 37.93 -6.88 45.22
C PHE C 804 39.12 -7.68 45.72
N ILE C 805 39.97 -8.14 44.80
CA ILE C 805 41.20 -8.83 45.18
C ILE C 805 42.14 -7.89 45.93
N ALA C 806 42.15 -6.61 45.51
CA ALA C 806 42.86 -5.58 46.26
C ALA C 806 42.25 -5.32 47.62
N GLY C 807 41.01 -5.75 47.85
CA GLY C 807 40.44 -5.72 49.17
C GLY C 807 40.82 -6.89 50.05
N ILE C 808 41.45 -7.92 49.47
CA ILE C 808 41.95 -9.04 50.26
C ILE C 808 43.43 -8.76 50.53
N VAL C 809 44.05 -7.97 49.67
CA VAL C 809 45.42 -7.52 49.90
C VAL C 809 45.45 -6.59 51.11
N PHE C 810 44.57 -5.60 51.14
CA PHE C 810 44.48 -4.67 52.26
C PHE C 810 43.93 -5.33 53.51
N ARG C 811 43.25 -6.47 53.37
CA ARG C 811 42.73 -7.19 54.52
C ARG C 811 43.86 -7.82 55.32
N LEU C 812 44.81 -8.45 54.64
CA LEU C 812 45.90 -9.18 55.29
C LEU C 812 47.14 -8.29 55.43
N HIS C 813 46.97 -7.18 56.14
CA HIS C 813 48.08 -6.31 56.47
C HIS C 813 48.18 -5.98 57.95
N SER C 814 47.15 -6.27 58.74
CA SER C 814 47.11 -6.26 60.21
C SER C 814 47.22 -4.88 60.85
N ASP C 815 47.36 -3.80 60.08
CA ASP C 815 47.41 -2.46 60.64
C ASP C 815 46.08 -1.76 60.40
N GLU C 816 45.71 -0.87 61.33
CA GLU C 816 44.43 -0.18 61.24
C GLU C 816 44.39 0.86 60.15
N SER C 817 45.56 1.35 59.71
CA SER C 817 45.62 2.34 58.63
C SER C 817 45.28 1.73 57.27
N SER C 818 45.30 0.40 57.15
CA SER C 818 44.92 -0.26 55.91
C SER C 818 43.88 -1.35 56.10
N TRP C 819 43.53 -1.70 57.34
CA TRP C 819 42.36 -2.54 57.54
C TRP C 819 41.09 -1.79 57.21
N TYR C 820 40.99 -0.53 57.65
CA TYR C 820 39.84 0.29 57.30
C TYR C 820 39.85 0.65 55.82
N SER C 821 41.03 0.76 55.22
CA SER C 821 41.11 0.94 53.78
C SER C 821 40.74 -0.33 53.02
N GLY C 822 40.76 -1.48 53.70
CA GLY C 822 40.21 -2.70 53.15
C GLY C 822 38.74 -2.88 53.36
N ARG C 823 38.12 -2.05 54.19
CA ARG C 823 36.67 -2.06 54.32
C ARG C 823 35.99 -1.09 53.37
N VAL C 824 36.59 0.09 53.14
CA VAL C 824 35.98 1.05 52.23
C VAL C 824 36.15 0.62 50.79
N ILE C 825 37.07 -0.32 50.52
CA ILE C 825 37.17 -0.91 49.19
C ILE C 825 36.33 -2.16 49.07
N PHE C 826 35.79 -2.67 50.18
CA PHE C 826 34.76 -3.70 50.10
C PHE C 826 33.38 -3.09 49.98
N CYS C 827 33.12 -2.00 50.71
CA CYS C 827 31.81 -1.36 50.65
C CYS C 827 31.59 -0.68 49.29
N LEU C 828 32.65 -0.10 48.72
CA LEU C 828 32.53 0.42 47.36
C LEU C 828 32.37 -0.69 46.35
N ASP C 829 32.98 -1.84 46.58
CA ASP C 829 32.82 -2.96 45.68
C ASP C 829 31.50 -3.69 45.88
N TYR C 830 30.83 -3.48 47.00
CA TYR C 830 29.50 -4.05 47.17
C TYR C 830 28.49 -3.39 46.24
N ILE C 831 28.69 -2.12 45.92
CA ILE C 831 27.80 -1.46 44.99
C ILE C 831 28.04 -1.93 43.57
N VAL C 832 29.28 -2.32 43.25
CA VAL C 832 29.54 -2.80 41.89
C VAL C 832 28.91 -4.16 41.68
N PHE C 833 28.89 -4.99 42.72
CA PHE C 833 28.31 -6.31 42.60
C PHE C 833 26.79 -6.24 42.54
N THR C 834 26.20 -5.19 43.09
CA THR C 834 24.74 -5.06 43.04
C THR C 834 24.28 -4.46 41.73
N LEU C 835 25.07 -3.55 41.15
CA LEU C 835 24.73 -3.01 39.84
C LEU C 835 24.80 -4.08 38.75
N ARG C 836 25.66 -5.08 38.94
CA ARG C 836 25.63 -6.22 38.04
C ARG C 836 24.37 -7.06 38.23
N LEU C 837 23.84 -7.09 39.45
CA LEU C 837 22.56 -7.77 39.65
C LEU C 837 21.42 -6.92 39.09
N ILE C 838 21.54 -5.61 39.19
CA ILE C 838 20.54 -4.72 38.61
C ILE C 838 20.57 -4.80 37.10
N HIS C 839 21.77 -4.91 36.51
CA HIS C 839 21.88 -5.06 35.07
C HIS C 839 21.36 -6.41 34.61
N ILE C 840 21.47 -7.45 35.43
CA ILE C 840 20.93 -8.75 35.06
C ILE C 840 19.41 -8.70 35.06
N PHE C 841 18.81 -8.05 36.07
CA PHE C 841 17.37 -7.87 36.09
C PHE C 841 16.89 -6.94 34.98
N THR C 842 17.72 -5.98 34.59
CA THR C 842 17.33 -5.04 33.55
C THR C 842 17.29 -5.71 32.18
N VAL C 843 18.29 -6.52 31.87
CA VAL C 843 18.34 -7.20 30.58
C VAL C 843 17.31 -8.31 30.51
N SER C 844 17.23 -9.13 31.56
CA SER C 844 16.37 -10.29 31.54
C SER C 844 14.89 -9.96 31.64
N ARG C 845 14.52 -8.73 31.97
CA ARG C 845 13.12 -8.35 31.85
C ARG C 845 12.82 -7.76 30.48
N ASN C 846 13.71 -6.93 29.96
CA ASN C 846 13.54 -6.31 28.65
C ASN C 846 14.18 -7.12 27.54
N LEU C 847 14.24 -8.44 27.70
CA LEU C 847 14.77 -9.32 26.66
C LEU C 847 13.62 -9.65 25.74
N GLY C 848 13.43 -8.82 24.73
CA GLY C 848 12.32 -8.95 23.83
C GLY C 848 12.32 -7.81 22.84
N PRO C 849 11.16 -7.16 22.65
CA PRO C 849 11.13 -5.99 21.78
C PRO C 849 11.87 -4.79 22.35
N LYS C 850 12.09 -4.75 23.66
CA LYS C 850 12.75 -3.63 24.31
C LYS C 850 14.25 -3.81 24.40
N ILE C 851 14.81 -4.86 23.81
CA ILE C 851 16.25 -5.06 23.90
C ILE C 851 16.99 -4.25 22.85
N ILE C 852 16.27 -3.63 21.93
CA ILE C 852 16.89 -2.70 20.99
C ILE C 852 16.83 -1.28 21.51
N MET C 853 15.72 -0.91 22.15
CA MET C 853 15.61 0.38 22.81
C MET C 853 16.61 0.50 23.95
N LEU C 854 16.59 -0.48 24.85
CA LEU C 854 17.70 -0.65 25.79
C LEU C 854 18.93 -1.10 25.02
N GLN C 855 20.11 -0.80 25.59
CA GLN C 855 21.46 -1.09 25.11
C GLN C 855 21.86 -0.22 23.92
N ARG C 856 20.90 0.49 23.34
CA ARG C 856 21.14 1.67 22.53
C ARG C 856 20.99 2.92 23.37
N MET C 857 20.06 2.93 24.31
CA MET C 857 19.99 3.99 25.29
C MET C 857 21.05 3.88 26.36
N MET C 858 21.68 2.71 26.50
CA MET C 858 22.73 2.59 27.50
C MET C 858 24.01 3.26 27.02
N ILE C 859 24.35 3.13 25.74
CA ILE C 859 25.51 3.83 25.21
C ILE C 859 25.20 5.27 24.85
N ASP C 860 23.92 5.66 24.89
CA ASP C 860 23.54 7.04 24.67
C ASP C 860 23.52 7.85 25.96
N VAL C 861 23.33 7.19 27.10
CA VAL C 861 23.43 7.87 28.38
C VAL C 861 24.88 7.92 28.84
N PHE C 862 25.67 6.89 28.49
CA PHE C 862 27.11 6.91 28.78
C PHE C 862 27.81 8.04 28.04
N PHE C 863 27.33 8.41 26.86
CA PHE C 863 27.89 9.56 26.19
C PHE C 863 27.46 10.86 26.85
N PHE C 864 26.25 10.90 27.39
CA PHE C 864 25.82 12.11 28.08
C PHE C 864 26.53 12.26 29.42
N LEU C 865 26.76 11.15 30.12
CA LEU C 865 27.49 11.22 31.38
C LEU C 865 28.96 11.52 31.15
N PHE C 866 29.48 11.14 29.98
CA PHE C 866 30.85 11.53 29.65
C PHE C 866 30.95 13.01 29.36
N LEU C 867 29.98 13.56 28.64
CA LEU C 867 29.95 14.99 28.38
C LEU C 867 29.62 15.78 29.64
N PHE C 868 28.89 15.18 30.57
CA PHE C 868 28.67 15.83 31.85
C PHE C 868 29.92 15.80 32.71
N ALA C 869 30.73 14.75 32.58
CA ALA C 869 31.98 14.70 33.32
C ALA C 869 33.01 15.67 32.75
N VAL C 870 32.98 15.89 31.44
CA VAL C 870 33.84 16.89 30.82
C VAL C 870 33.46 18.28 31.29
N TRP C 871 32.16 18.55 31.40
CA TRP C 871 31.72 19.86 31.84
C TRP C 871 31.98 20.08 33.33
N MET C 872 31.90 19.03 34.14
CA MET C 872 32.18 19.17 35.56
C MET C 872 33.67 19.37 35.82
N VAL C 873 34.52 18.86 34.92
CA VAL C 873 35.96 19.14 35.02
C VAL C 873 36.24 20.60 34.71
N ALA C 874 35.62 21.12 33.64
CA ALA C 874 35.79 22.52 33.30
C ALA C 874 35.10 23.45 34.29
N PHE C 875 34.07 22.98 34.97
CA PHE C 875 33.50 23.76 36.06
C PHE C 875 34.43 23.73 37.27
N GLY C 876 35.22 22.68 37.41
CA GLY C 876 36.13 22.60 38.55
C GLY C 876 37.33 23.49 38.39
N VAL C 877 37.84 23.63 37.17
CA VAL C 877 38.95 24.54 36.91
C VAL C 877 38.50 25.98 37.10
N ALA C 878 37.29 26.30 36.65
CA ALA C 878 36.77 27.66 36.79
C ALA C 878 36.50 28.00 38.25
N ARG C 879 36.01 27.03 39.03
CA ARG C 879 35.75 27.29 40.43
C ARG C 879 37.02 27.32 41.26
N GLN C 880 38.03 26.53 40.88
CA GLN C 880 39.31 26.58 41.59
C GLN C 880 40.11 27.82 41.21
N GLY C 881 40.04 28.24 39.95
CA GLY C 881 40.77 29.41 39.52
C GLY C 881 40.19 30.72 40.03
N ILE C 882 38.90 30.75 40.32
CA ILE C 882 38.28 31.97 40.83
C ILE C 882 38.54 32.11 42.32
N LEU C 883 38.38 31.02 43.08
CA LEU C 883 38.49 31.08 44.52
C LEU C 883 39.96 31.14 44.94
N ARG C 884 40.19 31.02 46.25
CA ARG C 884 41.46 31.39 46.85
C ARG C 884 42.50 30.30 46.64
N LYS C 885 43.60 30.39 47.39
CA LYS C 885 44.81 29.56 47.24
C LYS C 885 45.34 29.67 45.82
N ASN C 886 45.76 30.90 45.49
CA ASN C 886 46.13 31.25 44.11
C ASN C 886 47.40 30.55 43.67
N GLU C 887 48.52 30.81 44.35
CA GLU C 887 49.76 30.08 44.11
C GLU C 887 50.18 29.46 45.44
N HIS C 888 49.51 28.36 45.78
CA HIS C 888 49.89 27.48 46.90
C HIS C 888 49.32 26.11 46.52
N ARG C 889 50.14 25.29 45.85
CA ARG C 889 49.61 24.13 45.15
C ARG C 889 50.57 22.96 45.23
N TRP C 890 50.05 21.80 44.84
CA TRP C 890 50.75 20.52 44.77
C TRP C 890 50.09 19.72 43.65
N GLU C 891 50.24 18.40 43.71
CA GLU C 891 49.29 17.47 43.09
C GLU C 891 47.95 17.33 43.90
N TRP C 892 47.77 18.19 44.92
CA TRP C 892 46.47 18.40 45.54
C TRP C 892 45.44 18.89 44.53
N ILE C 893 45.86 19.69 43.56
CA ILE C 893 44.93 20.33 42.64
C ILE C 893 44.35 19.33 41.66
N PHE C 894 45.21 18.56 40.99
CA PHE C 894 44.82 17.61 39.96
C PHE C 894 43.98 16.45 40.48
N ARG C 895 43.89 16.27 41.79
CA ARG C 895 43.02 15.27 42.39
C ARG C 895 41.80 15.87 43.07
N SER C 896 41.73 17.20 43.18
CA SER C 896 40.58 17.86 43.79
C SER C 896 39.62 18.43 42.75
N VAL C 897 40.16 19.04 41.69
CA VAL C 897 39.38 19.68 40.62
C VAL C 897 38.41 18.70 39.98
N ILE C 898 38.80 17.43 39.90
CA ILE C 898 37.90 16.39 39.45
C ILE C 898 36.76 16.17 40.46
N TYR C 899 37.02 16.38 41.75
CA TYR C 899 36.03 16.04 42.77
C TYR C 899 35.35 17.22 43.47
N GLU C 900 35.95 18.42 43.46
CA GLU C 900 35.30 19.58 44.06
C GLU C 900 33.91 19.94 43.54
N PRO C 901 33.56 19.81 42.24
CA PRO C 901 32.16 20.06 41.88
C PRO C 901 31.21 18.99 42.39
N TYR C 902 31.67 17.76 42.60
CA TYR C 902 30.79 16.74 43.15
C TYR C 902 30.62 16.91 44.65
N LEU C 903 31.62 17.49 45.34
CA LEU C 903 31.39 17.98 46.69
C LEU C 903 30.50 19.22 46.70
N ALA C 904 30.48 19.98 45.62
CA ALA C 904 29.54 21.08 45.46
C ALA C 904 28.20 20.62 44.89
N MET C 905 28.02 19.31 44.69
CA MET C 905 26.78 18.73 44.20
C MET C 905 26.15 17.79 45.21
N PHE C 906 26.94 16.92 45.82
CA PHE C 906 26.43 15.98 46.82
C PHE C 906 26.30 16.65 48.18
N PHE C 945 33.02 42.98 42.54
CA PHE C 945 33.13 41.68 41.89
C PHE C 945 31.96 41.37 40.92
N PRO C 946 30.69 41.73 41.24
CA PRO C 946 29.70 41.68 40.14
C PRO C 946 29.64 42.98 39.34
N GLU C 947 30.72 43.30 38.63
CA GLU C 947 30.75 44.58 37.91
C GLU C 947 29.91 44.50 36.63
N TRP C 948 30.31 43.67 35.68
CA TRP C 948 29.46 43.37 34.54
C TRP C 948 29.61 41.92 34.09
N ILE C 949 30.31 41.06 34.83
CA ILE C 949 30.54 39.68 34.41
C ILE C 949 29.49 38.73 34.95
N THR C 950 28.61 39.19 35.83
CA THR C 950 27.61 38.30 36.42
C THR C 950 26.50 37.98 35.43
N ILE C 951 26.17 38.91 34.54
CA ILE C 951 25.16 38.67 33.51
C ILE C 951 25.66 37.68 32.46
N PRO C 952 26.91 37.73 31.96
CA PRO C 952 27.38 36.59 31.12
C PRO C 952 27.69 35.32 31.90
N LEU C 953 27.66 35.33 33.23
CA LEU C 953 27.71 34.07 33.95
C LEU C 953 26.39 33.32 33.81
N VAL C 954 25.28 34.03 33.68
CA VAL C 954 24.00 33.38 33.46
C VAL C 954 23.91 32.88 32.03
N CYS C 955 24.51 33.58 31.07
CA CYS C 955 24.59 33.10 29.70
C CYS C 955 25.48 31.87 29.55
N ILE C 956 26.26 31.53 30.56
CA ILE C 956 26.90 30.22 30.60
C ILE C 956 25.91 29.17 31.05
N TYR C 957 25.11 29.49 32.06
CA TYR C 957 24.06 28.58 32.52
C TYR C 957 22.85 28.57 31.61
N MET C 958 22.82 29.40 30.57
CA MET C 958 21.84 29.23 29.50
C MET C 958 22.45 28.56 28.28
N LEU C 959 23.76 28.35 28.26
CA LEU C 959 24.42 27.56 27.23
C LEU C 959 24.79 26.17 27.71
N SER C 960 25.31 26.05 28.92
CA SER C 960 25.67 24.75 29.44
C SER C 960 24.44 23.94 29.81
N THR C 961 23.34 24.61 30.13
CA THR C 961 22.09 23.89 30.31
C THR C 961 21.56 23.39 28.98
N ASN C 962 21.73 24.19 27.94
CA ASN C 962 21.18 23.85 26.63
C ASN C 962 21.92 22.69 26.00
N ILE C 963 23.26 22.73 26.02
CA ILE C 963 24.02 21.70 25.33
C ILE C 963 24.06 20.40 26.13
N LEU C 964 23.72 20.42 27.41
CA LEU C 964 23.65 19.19 28.18
C LEU C 964 22.24 18.62 28.25
N LEU C 965 21.21 19.44 28.16
CA LEU C 965 19.87 18.91 28.08
C LEU C 965 19.59 18.30 26.72
N VAL C 966 20.21 18.83 25.66
CA VAL C 966 20.08 18.26 24.33
C VAL C 966 20.73 16.88 24.29
N ASN C 967 21.88 16.72 24.95
CA ASN C 967 22.48 15.39 25.06
C ASN C 967 21.64 14.44 25.89
N LEU C 968 20.85 14.97 26.83
CA LEU C 968 19.96 14.13 27.59
C LEU C 968 18.78 13.68 26.73
N LEU C 969 18.21 14.59 25.94
CA LEU C 969 17.07 14.22 25.11
C LEU C 969 17.49 13.39 23.90
N VAL C 970 18.72 13.57 23.41
CA VAL C 970 19.23 12.68 22.38
C VAL C 970 19.36 11.26 22.92
N ALA C 971 19.75 11.14 24.19
CA ALA C 971 19.80 9.84 24.86
C ALA C 971 18.41 9.24 25.01
N MET C 972 17.40 10.07 25.24
CA MET C 972 16.03 9.56 25.36
C MET C 972 15.51 9.05 24.03
N PHE C 973 15.57 9.89 22.99
CA PHE C 973 14.86 9.62 21.76
C PHE C 973 15.74 9.04 20.66
N GLY C 974 17.03 8.82 20.93
CA GLY C 974 17.92 8.28 19.92
C GLY C 974 17.68 6.83 19.57
N TYR C 975 16.92 6.10 20.38
CA TYR C 975 16.58 4.73 20.05
C TYR C 975 15.60 4.65 18.87
N THR C 976 14.82 5.71 18.62
CA THR C 976 13.78 5.65 17.61
C THR C 976 14.35 5.62 16.20
N VAL C 977 15.24 6.54 15.89
CA VAL C 977 15.68 6.76 14.52
C VAL C 977 16.66 5.67 14.13
N GLY C 978 16.55 5.22 12.87
CA GLY C 978 17.39 4.16 12.37
C GLY C 978 16.63 3.13 11.56
N ASN C 983 10.22 -4.26 9.50
CA ASN C 983 11.54 -4.87 9.61
C ASN C 983 12.05 -4.80 11.04
N ASN C 984 11.26 -4.19 11.93
CA ASN C 984 11.70 -4.02 13.31
C ASN C 984 11.54 -5.29 14.13
N ASP C 985 10.73 -6.24 13.67
CA ASP C 985 10.60 -7.49 14.40
C ASP C 985 11.84 -8.36 14.25
N GLN C 986 12.46 -8.32 13.08
CA GLN C 986 13.65 -9.13 12.86
C GLN C 986 14.91 -8.53 13.45
N VAL C 987 14.85 -7.29 13.93
CA VAL C 987 16.01 -6.68 14.57
C VAL C 987 16.19 -7.23 15.99
N TRP C 988 15.10 -7.28 16.76
CA TRP C 988 15.21 -7.76 18.13
C TRP C 988 15.17 -9.28 18.21
N LYS C 989 14.60 -9.97 17.23
CA LYS C 989 14.64 -11.42 17.23
C LYS C 989 16.03 -11.94 16.90
N PHE C 990 16.83 -11.15 16.18
CA PHE C 990 18.24 -11.47 16.03
C PHE C 990 18.99 -11.23 17.32
N GLN C 991 18.63 -10.18 18.05
CA GLN C 991 19.35 -9.85 19.27
C GLN C 991 18.97 -10.78 20.41
N ARG C 992 17.68 -11.13 20.51
CA ARG C 992 17.25 -12.14 21.47
C ARG C 992 17.86 -13.50 21.16
N PHE C 993 18.10 -13.79 19.89
CA PHE C 993 18.83 -15.00 19.54
C PHE C 993 20.30 -14.88 19.91
N PHE C 994 20.91 -13.72 19.64
CA PHE C 994 22.34 -13.58 19.84
C PHE C 994 22.72 -13.53 21.31
N LEU C 995 21.83 -13.01 22.16
CA LEU C 995 22.13 -12.97 23.59
C LEU C 995 21.95 -14.33 24.24
N VAL C 996 20.90 -15.06 23.84
CA VAL C 996 20.63 -16.34 24.47
C VAL C 996 21.64 -17.38 24.02
N GLN C 997 22.04 -17.35 22.75
CA GLN C 997 23.10 -18.24 22.29
C GLN C 997 24.45 -17.85 22.84
N GLU C 998 24.62 -16.59 23.26
CA GLU C 998 25.85 -16.22 23.96
C GLU C 998 25.86 -16.78 25.38
N TYR C 999 24.70 -16.84 26.03
CA TYR C 999 24.67 -17.42 27.35
C TYR C 999 24.73 -18.94 27.29
N CYS C 1000 24.06 -19.56 26.31
CA CYS C 1000 24.10 -21.01 26.15
C CYS C 1000 25.49 -21.51 25.78
N SER C 1001 26.36 -20.64 25.27
CA SER C 1001 27.75 -20.97 24.98
C SER C 1001 28.64 -20.86 26.21
N ARG C 1002 28.07 -20.70 27.40
CA ARG C 1002 28.82 -20.79 28.64
C ARG C 1002 28.79 -22.23 29.14
N LEU C 1003 29.22 -22.45 30.38
CA LEU C 1003 29.15 -23.77 30.97
C LEU C 1003 27.72 -24.07 31.41
N THR C 1004 27.31 -25.32 31.26
CA THR C 1004 25.96 -25.76 31.60
C THR C 1004 25.85 -26.27 33.04
N ILE C 1005 26.75 -25.84 33.91
CA ILE C 1005 26.75 -26.26 35.31
C ILE C 1005 26.68 -25.02 36.18
N PRO C 1006 26.02 -25.08 37.33
CA PRO C 1006 25.81 -23.88 38.16
C PRO C 1006 27.09 -23.39 38.82
N PHE C 1007 26.99 -22.25 39.49
CA PHE C 1007 28.17 -21.56 40.04
C PHE C 1007 29.06 -22.26 41.07
N PRO C 1008 28.46 -22.96 42.03
CA PRO C 1008 29.26 -23.65 43.04
C PRO C 1008 29.95 -24.91 42.52
N PHE C 1009 29.57 -25.34 41.32
CA PHE C 1009 30.07 -26.59 40.76
C PHE C 1009 30.91 -26.37 39.52
N VAL C 1010 31.38 -25.13 39.30
CA VAL C 1010 32.31 -24.89 38.19
C VAL C 1010 33.66 -25.50 38.49
N ILE C 1011 34.03 -25.59 39.78
CA ILE C 1011 35.29 -26.21 40.17
C ILE C 1011 35.28 -27.72 39.97
N PHE C 1012 34.11 -28.34 39.85
CA PHE C 1012 34.03 -29.77 39.60
C PHE C 1012 34.19 -30.11 38.13
N ALA C 1013 34.22 -29.12 37.25
CA ALA C 1013 34.42 -29.35 35.82
C ALA C 1013 35.07 -28.13 35.17
N ASN C 1044 25.56 -37.46 5.71
CA ASN C 1044 25.03 -37.19 4.38
C ASN C 1044 23.66 -37.83 4.20
N GLU C 1045 23.09 -38.29 5.31
CA GLU C 1045 21.73 -38.82 5.28
C GLU C 1045 20.67 -37.73 5.39
N ILE C 1046 21.02 -36.57 5.96
CA ILE C 1046 20.10 -35.45 6.01
C ILE C 1046 20.26 -34.51 4.82
N LEU C 1047 21.43 -34.51 4.17
CA LEU C 1047 21.58 -33.73 2.94
C LEU C 1047 20.78 -34.34 1.82
N ALA C 1048 20.57 -35.65 1.84
CA ALA C 1048 19.64 -36.29 0.93
C ALA C 1048 18.20 -35.96 1.27
N TRP C 1049 17.91 -35.56 2.51
CA TRP C 1049 16.55 -35.20 2.87
C TRP C 1049 16.19 -33.81 2.37
N GLU C 1050 17.10 -32.85 2.51
CA GLU C 1050 16.78 -31.50 2.03
C GLU C 1050 16.93 -31.37 0.52
N ALA C 1051 17.59 -32.32 -0.14
CA ALA C 1051 17.51 -32.38 -1.59
C ALA C 1051 16.09 -32.69 -2.04
N VAL C 1052 15.35 -33.48 -1.24
CA VAL C 1052 13.92 -33.63 -1.49
C VAL C 1052 13.19 -32.34 -1.14
N MET C 1053 13.58 -31.69 -0.04
CA MET C 1053 12.91 -30.48 0.38
C MET C 1053 13.22 -29.29 -0.52
N LYS C 1054 14.33 -29.34 -1.24
CA LYS C 1054 14.62 -28.27 -2.18
C LYS C 1054 13.74 -28.39 -3.43
N GLU C 1055 13.61 -29.60 -3.96
CA GLU C 1055 12.79 -29.82 -5.15
C GLU C 1055 11.31 -29.55 -4.88
N ASN C 1056 10.84 -29.80 -3.66
CA ASN C 1056 9.50 -29.35 -3.30
C ASN C 1056 9.43 -27.83 -3.23
N TYR C 1057 10.53 -27.17 -2.89
CA TYR C 1057 10.53 -25.72 -2.79
C TYR C 1057 10.61 -25.06 -4.16
N LEU C 1058 11.40 -25.65 -5.07
CA LEU C 1058 11.55 -25.08 -6.40
C LEU C 1058 10.27 -25.20 -7.21
N VAL C 1059 9.43 -26.18 -6.88
CA VAL C 1059 8.11 -26.28 -7.48
C VAL C 1059 7.24 -25.10 -7.04
N LYS C 1060 7.39 -24.67 -5.78
CA LYS C 1060 6.58 -23.58 -5.24
C LYS C 1060 6.88 -22.26 -5.94
N ILE C 1061 8.15 -21.91 -6.07
CA ILE C 1061 8.51 -20.62 -6.67
C ILE C 1061 8.36 -20.63 -8.19
N ASN C 1062 8.37 -21.79 -8.84
CA ASN C 1062 8.21 -21.81 -10.28
C ASN C 1062 6.75 -21.67 -10.69
N THR C 1063 5.85 -22.34 -9.98
CA THR C 1063 4.42 -22.20 -10.24
C THR C 1063 3.81 -20.97 -9.56
N LYS C 1064 4.62 -20.05 -9.07
CA LYS C 1064 4.10 -18.74 -8.67
C LYS C 1064 3.99 -17.78 -9.83
N ALA C 1065 4.31 -18.22 -11.05
CA ALA C 1065 4.09 -17.43 -12.26
C ALA C 1065 2.65 -17.60 -12.72
N ASN C 1066 1.74 -17.01 -11.94
CA ASN C 1066 0.33 -16.95 -12.26
C ASN C 1066 -0.11 -15.57 -12.70
N ASP C 1067 0.44 -14.52 -12.08
CA ASP C 1067 0.20 -13.16 -12.55
C ASP C 1067 1.01 -12.84 -13.80
N SER C 1068 1.99 -13.67 -14.15
CA SER C 1068 2.61 -13.62 -15.47
C SER C 1068 1.95 -14.58 -16.45
N SER C 1069 1.27 -15.62 -15.95
CA SER C 1069 0.44 -16.45 -16.79
C SER C 1069 -0.87 -15.74 -17.14
N GLU C 1070 -1.35 -14.87 -16.24
CA GLU C 1070 -2.51 -14.04 -16.56
C GLU C 1070 -2.18 -12.96 -17.57
N GLU C 1071 -0.90 -12.63 -17.75
CA GLU C 1071 -0.47 -11.91 -18.94
C GLU C 1071 -0.67 -12.82 -20.14
N MET C 1072 -1.56 -12.42 -21.04
CA MET C 1072 -2.15 -13.32 -22.03
C MET C 1072 -1.36 -13.36 -23.33
N VAL C 1073 -0.03 -13.16 -23.28
CA VAL C 1073 0.79 -13.14 -24.48
C VAL C 1073 0.84 -14.49 -25.19
N HIS C 1074 0.50 -15.58 -24.48
CA HIS C 1074 0.22 -16.84 -25.15
C HIS C 1074 -1.20 -16.87 -25.71
N ARG C 1075 -2.15 -16.26 -25.01
CA ARG C 1075 -3.54 -16.20 -25.48
C ARG C 1075 -3.77 -15.11 -26.50
N PHE C 1076 -2.88 -14.12 -26.60
CA PHE C 1076 -2.97 -13.15 -27.68
C PHE C 1076 -2.53 -13.74 -29.01
N ARG C 1077 -1.77 -14.84 -28.98
CA ARG C 1077 -1.21 -15.43 -30.19
C ARG C 1077 -1.71 -16.85 -30.46
N GLN C 1078 -2.38 -17.50 -29.51
CA GLN C 1078 -2.92 -18.82 -29.76
C GLN C 1078 -4.18 -18.78 -30.62
N LEU C 1079 -4.87 -17.64 -30.66
CA LEU C 1079 -5.99 -17.50 -31.57
C LEU C 1079 -5.58 -16.96 -32.92
N ASP C 1080 -4.40 -16.35 -33.01
CA ASP C 1080 -3.83 -15.97 -34.30
C ASP C 1080 -3.55 -17.20 -35.15
N ALA C 1081 -3.12 -18.29 -34.52
CA ALA C 1081 -3.05 -19.56 -35.22
C ALA C 1081 -4.43 -20.14 -35.47
N LYS C 1082 -5.40 -19.80 -34.61
CA LYS C 1082 -6.76 -20.30 -34.80
C LYS C 1082 -7.52 -19.47 -35.85
N LEU C 1083 -7.26 -18.16 -35.89
CA LEU C 1083 -7.89 -17.35 -36.94
C LEU C 1083 -7.23 -17.58 -38.30
N SER C 1084 -5.93 -17.93 -38.31
CA SER C 1084 -5.30 -18.30 -39.57
C SER C 1084 -5.69 -19.70 -39.99
N ASP C 1085 -6.10 -20.54 -39.04
CA ASP C 1085 -6.71 -21.82 -39.38
C ASP C 1085 -8.04 -21.62 -40.08
N LEU C 1086 -8.79 -20.61 -39.65
CA LEU C 1086 -10.02 -20.25 -40.33
C LEU C 1086 -9.75 -19.47 -41.62
N LYS C 1087 -8.63 -18.75 -41.68
CA LYS C 1087 -8.32 -17.90 -42.82
C LYS C 1087 -8.00 -18.72 -44.06
N GLY C 1088 -7.11 -19.71 -43.93
CA GLY C 1088 -6.68 -20.49 -45.07
C GLY C 1088 -7.74 -21.41 -45.64
N LEU C 1089 -8.72 -21.81 -44.82
CA LEU C 1089 -9.79 -22.65 -45.34
C LEU C 1089 -10.80 -21.80 -46.10
N LEU C 1090 -10.91 -20.52 -45.76
CA LEU C 1090 -11.71 -19.58 -46.53
C LEU C 1090 -11.17 -19.38 -47.94
N LYS C 1091 -9.85 -19.46 -48.11
CA LYS C 1091 -9.26 -19.12 -49.40
C LYS C 1091 -9.33 -20.29 -50.37
N GLU C 1092 -9.12 -21.52 -49.88
CA GLU C 1092 -9.10 -22.68 -50.75
C GLU C 1092 -10.48 -23.09 -51.24
N ILE C 1093 -11.53 -22.78 -50.48
CA ILE C 1093 -12.89 -23.11 -50.91
C ILE C 1093 -13.33 -22.19 -52.04
N SER C 1094 -12.74 -20.99 -52.13
CA SER C 1094 -12.97 -20.13 -53.29
C SER C 1094 -12.34 -20.69 -54.55
N SER C 1095 -11.26 -21.47 -54.41
CA SER C 1095 -10.55 -22.00 -55.57
C SER C 1095 -11.27 -23.18 -56.21
N LYS C 1096 -12.20 -23.79 -55.49
CA LYS C 1096 -12.91 -24.96 -56.00
C LYS C 1096 -14.11 -24.60 -56.86
N ILE C 1097 -14.81 -23.52 -56.54
CA ILE C 1097 -16.02 -23.17 -57.26
C ILE C 1097 -15.75 -22.31 -58.50
N LYS C 1098 -14.49 -22.03 -58.82
CA LYS C 1098 -14.16 -21.25 -60.00
C LYS C 1098 -14.41 -22.06 -61.28
N LYS D 108 -27.25 41.29 -21.41
CA LYS D 108 -27.67 42.56 -21.95
C LYS D 108 -27.82 42.54 -23.46
N ARG D 109 -26.74 42.17 -24.15
CA ARG D 109 -26.67 42.35 -25.59
C ARG D 109 -27.42 41.23 -26.31
N GLY D 110 -27.20 41.14 -27.61
CA GLY D 110 -27.98 40.26 -28.45
C GLY D 110 -28.72 41.06 -29.49
N LYS D 111 -28.28 40.97 -30.74
CA LYS D 111 -28.82 41.76 -31.83
C LYS D 111 -29.68 40.88 -32.71
N TYR D 112 -30.77 41.45 -33.23
CA TYR D 112 -31.74 40.71 -34.01
C TYR D 112 -32.06 41.50 -35.27
N ILE D 113 -32.24 40.79 -36.39
CA ILE D 113 -32.58 41.38 -37.67
C ILE D 113 -33.68 40.55 -38.31
N ARG D 114 -34.79 41.18 -38.64
CA ARG D 114 -35.83 40.53 -39.43
C ARG D 114 -35.38 40.44 -40.88
N LEU D 115 -35.47 39.26 -41.47
CA LEU D 115 -35.01 39.05 -42.84
C LEU D 115 -35.91 38.07 -43.57
N SER D 116 -35.91 38.19 -44.89
CA SER D 116 -36.75 37.37 -45.75
C SER D 116 -36.07 36.05 -46.09
N THR D 123 -23.58 39.97 -49.51
CA THR D 123 -24.45 41.11 -49.33
C THR D 123 -24.81 41.28 -47.86
N LEU D 124 -24.86 40.15 -47.17
CA LEU D 124 -25.17 40.10 -45.74
C LEU D 124 -23.92 40.11 -44.89
N TYR D 125 -22.83 39.54 -45.40
CA TYR D 125 -21.65 39.27 -44.59
C TYR D 125 -20.93 40.55 -44.17
N ASP D 126 -20.96 41.58 -45.01
CA ASP D 126 -20.27 42.82 -44.68
C ASP D 126 -20.97 43.57 -43.56
N LEU D 127 -22.26 43.33 -43.36
CA LEU D 127 -23.01 43.97 -42.28
C LEU D 127 -22.80 43.31 -40.93
N MET D 128 -21.87 42.35 -40.82
CA MET D 128 -21.49 41.75 -39.55
C MET D 128 -19.99 41.61 -39.34
N THR D 129 -19.17 41.78 -40.38
CA THR D 129 -17.72 41.81 -40.20
C THR D 129 -17.15 43.21 -40.23
N GLN D 130 -17.88 44.19 -40.75
CA GLN D 130 -17.44 45.58 -40.76
C GLN D 130 -18.12 46.41 -39.69
N HIS D 131 -19.39 46.13 -39.41
CA HIS D 131 -20.13 46.85 -38.40
C HIS D 131 -20.02 46.21 -37.02
N TRP D 132 -19.83 44.90 -36.94
CA TRP D 132 -19.98 44.20 -35.67
C TRP D 132 -18.69 43.60 -35.13
N HIS D 133 -18.02 42.70 -35.85
CA HIS D 133 -17.00 41.89 -35.19
C HIS D 133 -15.99 41.36 -36.21
N LEU D 134 -15.23 40.35 -35.78
CA LEU D 134 -13.95 39.98 -36.38
C LEU D 134 -14.13 38.95 -37.50
N LYS D 135 -13.01 38.35 -37.90
CA LYS D 135 -12.89 37.40 -38.99
C LYS D 135 -12.91 35.97 -38.42
N THR D 136 -13.17 35.00 -39.29
CA THR D 136 -13.32 33.61 -38.89
C THR D 136 -12.12 32.78 -39.27
N PRO D 137 -11.36 32.22 -38.32
CA PRO D 137 -10.48 31.09 -38.66
C PRO D 137 -11.19 29.75 -38.71
N ASN D 138 -12.45 29.68 -38.32
CA ASN D 138 -13.23 28.44 -38.35
C ASN D 138 -14.70 28.83 -38.39
N LEU D 139 -15.55 27.86 -38.73
CA LEU D 139 -16.97 28.14 -38.85
C LEU D 139 -17.73 26.83 -38.75
N VAL D 140 -18.52 26.66 -37.70
CA VAL D 140 -19.21 25.40 -37.40
C VAL D 140 -20.69 25.59 -37.67
N ILE D 141 -21.34 24.55 -38.22
CA ILE D 141 -22.77 24.54 -38.50
C ILE D 141 -23.40 23.41 -37.71
N SER D 142 -24.29 23.73 -36.78
CA SER D 142 -25.05 22.72 -36.06
C SER D 142 -26.48 22.74 -36.57
N VAL D 143 -26.91 21.65 -37.21
CA VAL D 143 -28.26 21.55 -37.75
C VAL D 143 -29.02 20.45 -37.01
N THR D 144 -30.04 20.85 -36.30
CA THR D 144 -31.09 19.96 -35.78
C THR D 144 -32.47 20.45 -36.17
N GLY D 145 -32.66 21.77 -36.25
CA GLY D 145 -33.98 22.31 -36.44
C GLY D 145 -34.74 22.33 -35.13
N GLY D 146 -35.99 22.77 -35.22
CA GLY D 146 -36.79 22.95 -34.03
C GLY D 146 -37.29 21.68 -33.38
N ALA D 147 -36.38 20.79 -33.00
CA ALA D 147 -36.73 19.61 -32.22
C ALA D 147 -36.97 20.08 -30.79
N LYS D 148 -38.24 20.06 -30.36
CA LYS D 148 -38.58 20.54 -29.02
C LYS D 148 -38.03 19.61 -27.95
N ASN D 149 -37.84 18.33 -28.27
CA ASN D 149 -37.19 17.38 -27.38
C ASN D 149 -35.82 17.04 -27.92
N PHE D 150 -34.87 16.86 -27.02
CA PHE D 150 -33.53 16.43 -27.38
C PHE D 150 -32.92 15.76 -26.15
N ALA D 151 -32.71 14.45 -26.24
CA ALA D 151 -32.13 13.69 -25.14
C ALA D 151 -30.65 14.02 -25.00
N LEU D 152 -30.31 14.90 -24.06
CA LEU D 152 -28.90 15.20 -23.83
C LEU D 152 -28.35 14.16 -22.85
N LYS D 153 -27.53 13.26 -23.37
CA LYS D 153 -26.88 12.24 -22.57
C LYS D 153 -25.72 12.91 -21.84
N PRO D 154 -25.01 12.18 -20.97
CA PRO D 154 -23.67 12.67 -20.57
C PRO D 154 -22.68 12.75 -21.73
N ARG D 155 -22.88 11.98 -22.80
CA ARG D 155 -21.96 12.05 -23.93
C ARG D 155 -22.25 13.26 -24.82
N MET D 156 -23.51 13.46 -25.20
CA MET D 156 -23.86 14.58 -26.07
C MET D 156 -23.74 15.92 -25.35
N ARG D 157 -23.82 15.90 -24.02
CA ARG D 157 -23.48 17.09 -23.24
C ARG D 157 -21.99 17.40 -23.32
N LYS D 158 -21.16 16.38 -23.55
CA LYS D 158 -19.72 16.55 -23.61
C LYS D 158 -19.22 16.88 -25.02
N ILE D 159 -19.86 16.32 -26.05
CA ILE D 159 -19.46 16.59 -27.43
C ILE D 159 -19.70 18.04 -27.79
N PHE D 160 -20.87 18.57 -27.41
CA PHE D 160 -21.21 19.94 -27.69
C PHE D 160 -20.77 20.90 -26.60
N SER D 161 -19.93 20.45 -25.67
CA SER D 161 -19.20 21.35 -24.79
C SER D 161 -17.73 21.44 -25.15
N ARG D 162 -17.16 20.36 -25.69
CA ARG D 162 -15.83 20.45 -26.27
C ARG D 162 -15.84 21.28 -27.54
N LEU D 163 -16.96 21.25 -28.28
CA LEU D 163 -17.05 21.96 -29.55
C LEU D 163 -17.02 23.47 -29.36
N ILE D 164 -17.68 23.98 -28.32
CA ILE D 164 -17.67 25.41 -28.09
C ILE D 164 -16.33 25.85 -27.51
N TYR D 165 -15.65 24.96 -26.81
CA TYR D 165 -14.29 25.26 -26.38
C TYR D 165 -13.35 25.33 -27.57
N ILE D 166 -13.58 24.51 -28.59
CA ILE D 166 -12.81 24.57 -29.82
C ILE D 166 -13.09 25.88 -30.57
N ALA D 167 -14.36 26.26 -30.64
CA ALA D 167 -14.71 27.56 -31.23
C ALA D 167 -14.24 28.73 -30.37
N GLN D 168 -14.06 28.52 -29.07
CA GLN D 168 -13.41 29.55 -28.26
C GLN D 168 -11.93 29.66 -28.59
N SER D 169 -11.28 28.52 -28.85
CA SER D 169 -9.85 28.49 -29.13
C SER D 169 -9.55 29.02 -30.52
N LYS D 170 -10.27 28.53 -31.53
CA LYS D 170 -10.01 28.95 -32.89
C LYS D 170 -10.70 30.27 -33.25
N GLY D 171 -11.73 30.66 -32.52
CA GLY D 171 -12.44 31.89 -32.83
C GLY D 171 -13.44 31.72 -33.95
N ALA D 172 -14.41 30.83 -33.79
CA ALA D 172 -15.32 30.44 -34.85
C ALA D 172 -16.67 31.13 -34.71
N TRP D 173 -17.47 31.01 -35.77
CA TRP D 173 -18.89 31.32 -35.73
C TRP D 173 -19.67 30.01 -35.74
N ILE D 174 -20.72 29.95 -34.93
CA ILE D 174 -21.50 28.74 -34.79
C ILE D 174 -22.92 29.08 -35.24
N PHE D 175 -23.21 28.81 -36.51
CA PHE D 175 -24.55 29.04 -37.02
C PHE D 175 -25.46 27.91 -36.57
N THR D 176 -26.61 28.27 -35.98
CA THR D 176 -27.62 27.30 -35.61
C THR D 176 -28.98 27.98 -35.62
N GLY D 177 -30.02 27.19 -35.38
CA GLY D 177 -31.36 27.74 -35.31
C GLY D 177 -31.61 28.36 -33.96
N GLY D 178 -31.67 29.70 -33.88
CA GLY D 178 -31.68 30.37 -32.60
C GLY D 178 -32.98 30.31 -31.81
N THR D 179 -33.54 29.13 -31.62
CA THR D 179 -34.75 28.95 -30.83
C THR D 179 -34.46 28.13 -29.59
N HIS D 180 -35.27 28.37 -28.56
CA HIS D 180 -34.97 27.96 -27.19
C HIS D 180 -35.46 26.53 -26.90
N TYR D 181 -34.92 25.57 -27.66
CA TYR D 181 -35.41 24.19 -27.57
C TYR D 181 -34.27 23.20 -27.77
N GLY D 182 -34.08 22.32 -26.80
CA GLY D 182 -33.21 21.17 -26.96
C GLY D 182 -31.73 21.45 -27.07
N LEU D 183 -31.16 21.15 -28.24
CA LEU D 183 -29.75 21.38 -28.48
C LEU D 183 -29.44 22.86 -28.64
N MET D 184 -30.27 23.57 -29.40
CA MET D 184 -29.99 24.97 -29.71
C MET D 184 -30.17 25.87 -28.51
N LYS D 185 -30.93 25.45 -27.50
CA LYS D 185 -30.90 26.14 -26.22
C LYS D 185 -29.77 25.64 -25.34
N TYR D 186 -29.23 24.46 -25.61
CA TYR D 186 -28.06 23.99 -24.89
C TYR D 186 -26.79 24.56 -25.49
N ILE D 187 -26.73 24.68 -26.82
CA ILE D 187 -25.61 25.34 -27.48
C ILE D 187 -25.51 26.79 -27.07
N GLY D 188 -26.65 27.45 -26.91
CA GLY D 188 -26.65 28.82 -26.44
C GLY D 188 -26.19 28.96 -25.01
N GLU D 189 -26.56 28.01 -24.14
CA GLU D 189 -26.21 28.17 -22.74
C GLU D 189 -24.80 27.68 -22.42
N VAL D 190 -24.16 26.96 -23.34
CA VAL D 190 -22.74 26.68 -23.17
C VAL D 190 -21.93 27.90 -23.62
N VAL D 191 -22.47 28.66 -24.56
CA VAL D 191 -21.81 29.87 -25.04
C VAL D 191 -21.72 30.92 -23.94
N ARG D 192 -22.79 31.12 -23.17
CA ARG D 192 -22.69 32.02 -22.03
C ARG D 192 -21.88 31.42 -20.90
N ASP D 193 -21.71 30.10 -20.86
CA ASP D 193 -20.80 29.51 -19.89
C ASP D 193 -19.34 29.78 -20.24
N ASN D 194 -19.02 29.90 -21.52
CA ASN D 194 -17.66 30.20 -21.90
C ASN D 194 -17.36 31.69 -21.85
N THR D 195 -18.37 32.55 -21.95
CA THR D 195 -18.16 33.96 -21.69
C THR D 195 -18.16 34.29 -20.21
N ILE D 196 -18.56 33.34 -19.35
CA ILE D 196 -18.38 33.52 -17.92
C ILE D 196 -16.98 33.10 -17.50
N SER D 197 -16.55 31.93 -17.95
CA SER D 197 -15.19 31.46 -17.69
C SER D 197 -14.23 31.95 -18.78
N ASN D 203 -13.12 34.83 -28.72
CA ASN D 203 -14.45 34.67 -28.14
C ASN D 203 -15.40 34.01 -29.14
N VAL D 204 -16.51 33.49 -28.62
CA VAL D 204 -17.43 32.69 -29.40
C VAL D 204 -18.54 33.58 -29.92
N VAL D 205 -18.85 33.45 -31.20
CA VAL D 205 -19.89 34.22 -31.86
C VAL D 205 -20.93 33.23 -32.33
N ALA D 206 -21.98 33.02 -31.52
CA ALA D 206 -22.99 32.01 -31.83
C ALA D 206 -24.16 32.69 -32.54
N ILE D 207 -24.03 32.84 -33.84
CA ILE D 207 -25.05 33.49 -34.65
C ILE D 207 -26.22 32.52 -34.84
N GLY D 208 -27.43 33.01 -34.59
CA GLY D 208 -28.64 32.20 -34.72
C GLY D 208 -29.44 32.65 -35.93
N ILE D 209 -30.00 31.67 -36.65
CA ILE D 209 -30.78 31.93 -37.86
C ILE D 209 -32.05 31.10 -37.79
N ALA D 210 -33.20 31.76 -37.75
CA ALA D 210 -34.49 31.07 -37.69
C ALA D 210 -35.60 31.94 -38.26
N PRO D 244 -46.68 24.86 -30.06
CA PRO D 244 -47.13 24.94 -31.46
C PRO D 244 -46.25 25.87 -32.28
N LEU D 245 -45.66 26.85 -31.63
CA LEU D 245 -44.74 27.80 -32.25
C LEU D 245 -43.51 27.94 -31.37
N TYR D 246 -42.35 28.07 -31.99
CA TYR D 246 -41.09 28.12 -31.26
C TYR D 246 -40.90 29.48 -30.60
N CYS D 247 -40.25 29.46 -29.44
CA CYS D 247 -39.85 30.67 -28.74
C CYS D 247 -38.36 30.92 -28.96
N LEU D 248 -37.98 32.19 -28.94
CA LEU D 248 -36.63 32.59 -29.30
C LEU D 248 -35.67 32.26 -28.17
N ASP D 249 -34.40 32.05 -28.51
CA ASP D 249 -33.39 31.68 -27.53
C ASP D 249 -32.65 32.94 -27.06
N ASN D 250 -32.64 33.16 -25.75
CA ASN D 250 -32.00 34.32 -25.16
C ASN D 250 -30.57 34.02 -24.73
N ASN D 251 -29.77 33.41 -25.60
CA ASN D 251 -28.37 33.19 -25.29
C ASN D 251 -27.44 33.32 -26.47
N HIS D 252 -27.94 33.68 -27.64
CA HIS D 252 -27.12 33.78 -28.84
C HIS D 252 -26.67 35.22 -29.02
N THR D 253 -25.49 35.39 -29.61
CA THR D 253 -24.91 36.72 -29.68
C THR D 253 -25.59 37.57 -30.74
N HIS D 254 -25.87 36.99 -31.91
CA HIS D 254 -26.56 37.71 -32.97
C HIS D 254 -27.66 36.81 -33.54
N LEU D 255 -28.87 37.34 -33.63
CA LEU D 255 -29.99 36.60 -34.18
C LEU D 255 -30.33 37.14 -35.56
N LEU D 256 -30.69 36.24 -36.47
CA LEU D 256 -30.95 36.57 -37.87
C LEU D 256 -32.24 35.93 -38.34
N LEU D 257 -33.30 36.07 -37.55
CA LEU D 257 -34.58 35.50 -37.93
C LEU D 257 -35.23 36.32 -39.05
N THR D 267 -37.71 25.48 -41.58
CA THR D 267 -38.61 25.41 -42.72
C THR D 267 -38.27 26.50 -43.75
N THR D 268 -38.76 27.71 -43.51
CA THR D 268 -38.59 28.81 -44.45
C THR D 268 -37.24 29.50 -44.34
N GLU D 269 -36.45 29.18 -43.33
CA GLU D 269 -35.21 29.92 -43.08
C GLU D 269 -33.98 29.24 -43.66
N ALA D 270 -34.07 27.99 -44.11
CA ALA D 270 -32.89 27.24 -44.52
C ALA D 270 -32.56 27.44 -45.99
N LYS D 271 -32.56 28.67 -46.43
CA LYS D 271 -31.96 29.03 -47.71
C LYS D 271 -31.03 30.21 -47.59
N VAL D 272 -31.37 31.18 -46.74
CA VAL D 272 -30.45 32.29 -46.46
C VAL D 272 -29.30 31.80 -45.57
N ARG D 273 -29.53 30.75 -44.79
CA ARG D 273 -28.46 30.16 -43.98
C ARG D 273 -27.45 29.45 -44.86
N THR D 274 -27.93 28.71 -45.87
CA THR D 274 -27.04 28.02 -46.79
C THR D 274 -26.27 29.01 -47.66
N GLN D 275 -26.97 29.94 -48.30
CA GLN D 275 -26.34 30.92 -49.19
C GLN D 275 -25.44 31.91 -48.46
N LEU D 276 -25.50 31.97 -47.14
CA LEU D 276 -24.50 32.70 -46.37
C LEU D 276 -23.26 31.85 -46.14
N GLU D 277 -23.42 30.63 -45.60
CA GLU D 277 -22.27 29.79 -45.32
C GLU D 277 -21.61 29.26 -46.60
N LYS D 278 -22.33 29.26 -47.72
CA LYS D 278 -21.71 28.96 -49.00
C LYS D 278 -20.91 30.14 -49.53
N TYR D 279 -21.18 31.35 -49.03
CA TYR D 279 -20.39 32.51 -49.43
C TYR D 279 -19.09 32.60 -48.63
N ILE D 280 -19.12 32.20 -47.37
CA ILE D 280 -17.91 32.25 -46.55
C ILE D 280 -16.93 31.17 -46.99
N SER D 281 -17.44 30.04 -47.48
CA SER D 281 -16.58 29.06 -48.12
C SER D 281 -16.02 29.55 -49.45
N GLU D 282 -16.71 30.50 -50.09
CA GLU D 282 -16.28 31.05 -51.37
C GLU D 282 -15.15 32.06 -51.24
N ARG D 283 -14.86 32.53 -50.04
CA ARG D 283 -14.00 33.69 -49.90
C ARG D 283 -12.53 33.31 -50.06
N VAL D 284 -11.71 34.34 -50.32
CA VAL D 284 -10.27 34.21 -50.47
C VAL D 284 -9.62 35.10 -49.43
N ILE D 285 -8.71 34.54 -48.65
CA ILE D 285 -8.20 35.17 -47.43
C ILE D 285 -6.68 35.29 -47.55
N PRO D 286 -6.11 36.49 -47.35
CA PRO D 286 -4.65 36.63 -47.47
C PRO D 286 -3.86 36.12 -46.27
N GLU D 287 -4.53 35.85 -45.14
CA GLU D 287 -3.85 35.16 -44.05
C GLU D 287 -3.47 33.74 -44.46
N SER D 288 -4.40 33.04 -45.11
CA SER D 288 -4.15 31.83 -45.91
C SER D 288 -3.55 30.68 -45.09
N ASN D 289 -4.36 30.17 -44.16
CA ASN D 289 -3.97 28.94 -43.47
C ASN D 289 -4.57 27.71 -44.13
N TYR D 290 -5.88 27.75 -44.40
CA TYR D 290 -6.60 26.68 -45.09
C TYR D 290 -6.65 26.94 -46.60
N GLY D 291 -5.51 27.28 -47.18
CA GLY D 291 -5.49 27.85 -48.53
C GLY D 291 -6.35 29.09 -48.65
N GLY D 292 -6.36 29.93 -47.63
CA GLY D 292 -7.44 30.89 -47.48
C GLY D 292 -8.70 30.18 -47.08
N LYS D 293 -9.80 30.57 -47.74
CA LYS D 293 -11.00 29.75 -47.92
C LYS D 293 -11.88 29.51 -46.69
N ILE D 294 -11.43 29.90 -45.48
CA ILE D 294 -12.24 29.94 -44.25
C ILE D 294 -12.92 28.63 -43.90
N PRO D 295 -12.25 27.70 -43.19
CA PRO D 295 -12.78 26.35 -42.93
C PRO D 295 -14.21 26.22 -42.40
N ILE D 296 -15.10 25.61 -43.17
CA ILE D 296 -16.49 25.41 -42.80
C ILE D 296 -16.69 23.95 -42.43
N VAL D 297 -17.26 23.72 -41.25
CA VAL D 297 -17.65 22.39 -40.81
C VAL D 297 -19.14 22.42 -40.53
N CYS D 298 -19.83 21.32 -40.83
CA CYS D 298 -21.25 21.18 -40.53
C CYS D 298 -21.47 19.96 -39.65
N PHE D 299 -21.95 20.16 -38.43
CA PHE D 299 -22.28 19.00 -37.59
C PHE D 299 -23.65 18.44 -37.90
N ALA D 300 -23.92 17.27 -37.33
CA ALA D 300 -25.20 16.60 -37.46
C ALA D 300 -25.30 15.56 -36.37
N GLN D 301 -26.40 15.58 -35.62
CA GLN D 301 -26.58 14.59 -34.55
C GLN D 301 -27.99 14.01 -34.46
N GLY D 302 -29.00 14.61 -35.08
CA GLY D 302 -30.37 14.21 -34.89
C GLY D 302 -31.07 13.92 -36.21
N GLY D 303 -32.35 13.59 -36.10
CA GLY D 303 -33.15 13.18 -37.23
C GLY D 303 -34.13 14.24 -37.69
N GLY D 304 -34.92 13.85 -38.67
CA GLY D 304 -35.87 14.75 -39.30
C GLY D 304 -35.47 15.06 -40.74
N LYS D 305 -36.44 15.63 -41.45
CA LYS D 305 -36.23 16.00 -42.85
C LYS D 305 -35.27 17.16 -42.97
N GLU D 306 -35.27 18.07 -42.00
CA GLU D 306 -34.53 19.32 -42.15
C GLU D 306 -33.03 19.11 -42.04
N THR D 307 -32.60 18.28 -41.09
CA THR D 307 -31.17 17.97 -40.98
C THR D 307 -30.69 17.02 -42.07
N LEU D 308 -31.59 16.43 -42.86
CA LEU D 308 -31.15 15.59 -43.96
C LEU D 308 -30.83 16.42 -45.19
N LYS D 309 -31.65 17.43 -45.48
CA LYS D 309 -31.32 18.31 -46.59
C LYS D 309 -30.22 19.30 -46.25
N SER D 310 -29.95 19.50 -44.96
CA SER D 310 -28.84 20.37 -44.58
C SER D 310 -27.49 19.70 -44.86
N ILE D 311 -27.41 18.39 -44.66
CA ILE D 311 -26.23 17.64 -45.09
C ILE D 311 -26.15 17.61 -46.61
N ASN D 312 -27.30 17.53 -47.28
CA ASN D 312 -27.34 17.57 -48.73
C ASN D 312 -26.83 18.88 -49.29
N VAL D 313 -27.44 19.99 -48.89
CA VAL D 313 -27.13 21.26 -49.51
C VAL D 313 -25.76 21.78 -49.08
N ALA D 314 -25.18 21.18 -48.03
CA ALA D 314 -23.76 21.41 -47.75
C ALA D 314 -22.89 20.67 -48.77
N ILE D 315 -23.01 19.34 -48.82
CA ILE D 315 -22.09 18.51 -49.59
C ILE D 315 -22.29 18.72 -51.10
N LYS D 316 -23.55 18.82 -51.53
CA LYS D 316 -23.84 18.84 -52.97
C LYS D 316 -23.46 20.17 -53.58
N SER D 317 -23.82 21.28 -52.94
CA SER D 317 -23.64 22.59 -53.55
C SER D 317 -22.17 22.99 -53.58
N LYS D 318 -21.55 23.14 -52.42
CA LYS D 318 -20.15 23.49 -52.32
C LYS D 318 -19.46 22.35 -51.58
N ILE D 319 -18.20 22.56 -51.19
CA ILE D 319 -17.48 21.57 -50.41
C ILE D 319 -17.21 22.10 -48.99
N PRO D 320 -18.21 22.13 -48.08
CA PRO D 320 -17.87 22.04 -46.66
C PRO D 320 -17.96 20.59 -46.20
N CYS D 321 -16.98 20.15 -45.43
CA CYS D 321 -17.05 18.81 -44.85
C CYS D 321 -18.13 18.76 -43.78
N VAL D 322 -18.66 17.56 -43.56
CA VAL D 322 -19.78 17.35 -42.65
C VAL D 322 -19.37 16.28 -41.66
N VAL D 323 -19.63 16.50 -40.37
CA VAL D 323 -19.31 15.55 -39.32
C VAL D 323 -20.61 15.10 -38.68
N VAL D 324 -20.80 13.78 -38.61
CA VAL D 324 -21.95 13.19 -37.93
C VAL D 324 -21.44 12.34 -36.78
N GLU D 325 -22.38 11.84 -35.97
CA GLU D 325 -22.00 10.89 -34.92
C GLU D 325 -23.14 9.90 -34.67
N GLY D 326 -22.75 8.76 -34.11
CA GLY D 326 -23.65 7.65 -33.89
C GLY D 326 -24.46 7.76 -32.62
N SER D 327 -25.24 8.84 -32.48
CA SER D 327 -26.23 8.95 -31.40
C SER D 327 -27.32 9.90 -31.89
N GLY D 328 -28.42 9.33 -32.37
CA GLY D 328 -29.48 10.12 -32.97
C GLY D 328 -30.28 9.27 -33.93
N ARG D 329 -31.20 9.92 -34.63
CA ARG D 329 -32.08 9.18 -35.51
C ARG D 329 -31.44 8.93 -36.88
N ILE D 330 -31.17 9.99 -37.64
CA ILE D 330 -30.64 9.80 -38.99
C ILE D 330 -29.14 10.06 -39.06
N ALA D 331 -28.56 10.70 -38.05
CA ALA D 331 -27.11 10.75 -38.00
C ALA D 331 -26.52 9.40 -37.62
N ASP D 332 -27.30 8.53 -37.00
CA ASP D 332 -26.91 7.13 -36.84
C ASP D 332 -27.10 6.34 -38.12
N VAL D 333 -27.98 6.78 -39.01
CA VAL D 333 -28.16 6.10 -40.30
C VAL D 333 -26.93 6.30 -41.16
N ILE D 334 -26.47 7.55 -41.30
CA ILE D 334 -25.29 7.81 -42.11
C ILE D 334 -24.02 7.40 -41.39
N ALA D 335 -24.08 7.21 -40.07
CA ALA D 335 -22.97 6.57 -39.38
C ALA D 335 -22.92 5.08 -39.64
N SER D 336 -24.01 4.49 -40.15
CA SER D 336 -24.05 3.09 -40.51
C SER D 336 -23.89 2.86 -42.01
N LEU D 337 -24.12 3.89 -42.84
CA LEU D 337 -24.04 3.76 -44.29
C LEU D 337 -22.75 4.38 -44.84
N VAL D 338 -21.66 4.33 -44.07
CA VAL D 338 -20.36 4.75 -44.58
C VAL D 338 -19.32 3.66 -44.50
N GLU D 339 -19.51 2.64 -43.66
CA GLU D 339 -18.59 1.50 -43.63
C GLU D 339 -19.08 0.37 -44.54
N ALA D 340 -19.44 0.75 -45.77
CA ALA D 340 -20.09 -0.16 -46.70
C ALA D 340 -19.96 0.38 -48.10
N GLU D 341 -19.48 -0.45 -49.02
CA GLU D 341 -19.51 -0.16 -50.45
C GLU D 341 -20.41 -1.18 -51.11
N GLY D 342 -21.54 -0.74 -51.65
CA GLY D 342 -22.47 -1.64 -52.29
C GLY D 342 -22.98 -1.09 -53.61
N THR D 343 -22.09 -0.39 -54.32
CA THR D 343 -22.39 0.37 -55.54
C THR D 343 -23.57 1.32 -55.30
N LEU D 344 -23.32 2.26 -54.37
CA LEU D 344 -24.17 3.36 -53.90
C LEU D 344 -25.33 2.87 -53.03
N ALA D 345 -25.52 1.55 -52.91
CA ALA D 345 -26.46 0.89 -52.01
C ALA D 345 -27.90 1.39 -52.24
N SER D 346 -28.42 1.02 -53.42
CA SER D 346 -29.60 1.67 -53.99
C SER D 346 -30.86 1.50 -53.17
N SER D 347 -30.95 0.46 -52.34
CA SER D 347 -32.10 0.28 -51.47
C SER D 347 -31.71 -0.10 -50.05
N CYS D 348 -30.44 0.03 -49.68
CA CYS D 348 -30.04 -0.20 -48.29
C CYS D 348 -30.43 0.98 -47.40
N VAL D 349 -30.80 2.13 -47.99
CA VAL D 349 -31.43 3.20 -47.25
C VAL D 349 -32.75 2.72 -46.66
N LYS D 350 -33.50 1.91 -47.42
CA LYS D 350 -34.66 1.21 -46.89
C LYS D 350 -34.28 0.06 -45.96
N GLU D 351 -33.15 -0.60 -46.20
CA GLU D 351 -32.71 -1.66 -45.30
C GLU D 351 -32.03 -1.09 -44.06
N SER D 352 -31.61 0.16 -44.10
CA SER D 352 -31.37 0.93 -42.89
C SER D 352 -32.62 1.75 -42.61
N LEU D 353 -32.57 2.65 -41.63
CA LEU D 353 -33.51 3.75 -41.42
C LEU D 353 -34.92 3.30 -40.99
N LEU D 354 -35.21 2.01 -41.05
CA LEU D 354 -36.48 1.42 -40.65
C LEU D 354 -36.36 0.60 -39.39
N ARG D 355 -35.25 -0.11 -39.25
CA ARG D 355 -34.98 -0.99 -38.13
C ARG D 355 -34.31 -0.24 -36.99
N PHE D 356 -34.07 1.07 -37.15
CA PHE D 356 -33.44 1.89 -36.14
C PHE D 356 -34.17 3.21 -35.89
N LEU D 357 -35.26 3.49 -36.62
CA LEU D 357 -36.19 4.60 -36.38
C LEU D 357 -37.51 4.28 -37.08
N PRO D 358 -38.34 3.42 -36.48
CA PRO D 358 -39.44 2.82 -37.24
C PRO D 358 -40.70 3.66 -37.33
N ARG D 359 -40.75 4.85 -36.74
CA ARG D 359 -42.02 5.57 -36.69
C ARG D 359 -42.09 6.77 -37.62
N THR D 360 -40.98 7.19 -38.22
CA THR D 360 -41.00 8.36 -39.09
C THR D 360 -41.41 8.04 -40.51
N ILE D 361 -41.29 6.78 -40.93
CA ILE D 361 -41.64 6.37 -42.29
C ILE D 361 -43.15 6.25 -42.46
N SER D 362 -43.84 5.78 -41.43
CA SER D 362 -45.29 5.70 -41.44
C SER D 362 -45.93 7.00 -40.97
N ARG D 363 -45.45 8.11 -41.55
CA ARG D 363 -46.02 9.43 -41.32
C ARG D 363 -46.03 10.28 -42.58
N LEU D 364 -45.63 9.73 -43.73
CA LEU D 364 -45.50 10.52 -44.95
C LEU D 364 -45.64 9.57 -46.14
N SER D 365 -45.69 10.15 -47.34
CA SER D 365 -45.93 9.39 -48.56
C SER D 365 -44.72 8.56 -48.94
N GLU D 366 -44.91 7.70 -49.95
CA GLU D 366 -43.83 6.83 -50.43
C GLU D 366 -42.91 7.56 -51.41
N GLU D 367 -43.49 8.43 -52.25
CA GLU D 367 -42.71 9.12 -53.26
C GLU D 367 -41.74 10.14 -52.67
N GLU D 368 -42.04 10.64 -51.48
CA GLU D 368 -41.08 11.44 -50.72
C GLU D 368 -40.19 10.58 -49.83
N THR D 369 -40.66 9.40 -49.43
CA THR D 369 -39.80 8.46 -48.73
C THR D 369 -38.73 7.90 -49.67
N GLU D 370 -39.09 7.65 -50.93
CA GLU D 370 -38.08 7.32 -51.91
C GLU D 370 -37.21 8.52 -52.26
N SER D 371 -37.74 9.74 -52.08
CA SER D 371 -36.92 10.93 -52.25
C SER D 371 -35.90 11.07 -51.13
N TRP D 372 -36.20 10.52 -49.94
CA TRP D 372 -35.21 10.46 -48.88
C TRP D 372 -34.09 9.49 -49.23
N ILE D 373 -34.41 8.43 -49.97
CA ILE D 373 -33.37 7.55 -50.50
C ILE D 373 -32.56 8.29 -51.56
N LYS D 374 -33.22 9.14 -52.35
CA LYS D 374 -32.49 10.03 -53.24
C LYS D 374 -31.72 11.09 -52.47
N TRP D 375 -32.24 11.51 -51.32
CA TRP D 375 -31.51 12.47 -50.49
C TRP D 375 -30.25 11.84 -49.91
N ILE D 376 -30.37 10.64 -49.33
CA ILE D 376 -29.25 10.03 -48.61
C ILE D 376 -28.17 9.56 -49.57
N LYS D 377 -28.55 9.02 -50.73
CA LYS D 377 -27.57 8.44 -51.63
C LYS D 377 -26.70 9.48 -52.33
N GLU D 378 -27.14 10.73 -52.41
CA GLU D 378 -26.25 11.76 -52.97
C GLU D 378 -25.38 12.41 -51.91
N VAL D 379 -25.63 12.14 -50.63
CA VAL D 379 -24.66 12.47 -49.60
C VAL D 379 -23.44 11.57 -49.74
N LEU D 380 -23.68 10.26 -49.91
CA LEU D 380 -22.61 9.27 -49.99
C LEU D 380 -21.88 9.26 -51.33
N GLU D 381 -22.18 10.20 -52.24
CA GLU D 381 -21.43 10.27 -53.49
C GLU D 381 -20.00 10.73 -53.26
N SER D 382 -19.75 11.44 -52.16
CA SER D 382 -18.39 11.79 -51.74
C SER D 382 -18.23 11.40 -50.28
N PRO D 383 -17.63 10.23 -49.99
CA PRO D 383 -17.43 9.84 -48.59
C PRO D 383 -16.22 10.48 -47.94
N HIS D 384 -15.50 11.33 -48.66
CA HIS D 384 -14.41 12.11 -48.09
C HIS D 384 -14.88 13.40 -47.45
N LEU D 385 -16.19 13.63 -47.38
CA LEU D 385 -16.76 14.78 -46.68
C LEU D 385 -17.64 14.31 -45.54
N LEU D 386 -17.28 13.20 -44.89
CA LEU D 386 -18.20 12.61 -43.93
C LEU D 386 -17.36 11.90 -42.85
N THR D 387 -17.12 12.60 -41.76
CA THR D 387 -16.44 12.04 -40.61
C THR D 387 -17.48 11.63 -39.57
N VAL D 388 -17.23 10.51 -38.90
CA VAL D 388 -18.15 9.98 -37.92
C VAL D 388 -17.46 9.97 -36.56
N ILE D 389 -18.03 10.69 -35.59
CA ILE D 389 -17.56 10.61 -34.21
C ILE D 389 -18.17 9.34 -33.63
N LYS D 390 -17.39 8.26 -33.64
CA LYS D 390 -17.92 6.95 -33.28
C LYS D 390 -18.12 6.86 -31.78
N ILE D 391 -18.84 5.81 -31.36
CA ILE D 391 -19.33 5.75 -29.98
C ILE D 391 -18.22 5.27 -29.04
N GLU D 392 -17.30 4.43 -29.52
CA GLU D 392 -16.24 3.89 -28.69
C GLU D 392 -15.12 4.89 -28.40
N GLU D 393 -15.22 6.12 -28.90
CA GLU D 393 -14.22 7.16 -28.64
C GLU D 393 -14.47 7.77 -27.26
N ALA D 394 -14.18 6.98 -26.23
CA ALA D 394 -14.43 7.37 -24.84
C ALA D 394 -13.19 8.08 -24.29
N GLY D 395 -12.97 9.30 -24.78
CA GLY D 395 -11.83 10.07 -24.35
C GLY D 395 -11.95 11.52 -24.78
N ASP D 396 -11.13 12.36 -24.18
CA ASP D 396 -11.05 13.75 -24.56
C ASP D 396 -10.39 13.89 -25.92
N GLU D 397 -10.59 15.07 -26.52
CA GLU D 397 -10.04 15.46 -27.82
C GLU D 397 -10.47 14.48 -28.92
N ILE D 398 -11.78 14.33 -29.05
CA ILE D 398 -12.36 13.56 -30.13
C ILE D 398 -13.26 14.40 -31.02
N VAL D 399 -13.71 15.56 -30.58
CA VAL D 399 -14.39 16.49 -31.48
C VAL D 399 -13.38 17.13 -32.42
N SER D 400 -12.28 17.63 -31.88
CA SER D 400 -11.23 18.21 -32.72
C SER D 400 -10.49 17.15 -33.51
N ASN D 401 -10.49 15.90 -33.06
CA ASN D 401 -9.95 14.82 -33.88
C ASN D 401 -10.85 14.53 -35.07
N ALA D 402 -12.13 14.89 -35.00
CA ALA D 402 -13.03 14.71 -36.12
C ALA D 402 -13.18 15.96 -36.97
N ILE D 403 -13.09 17.13 -36.37
CA ILE D 403 -13.18 18.37 -37.14
C ILE D 403 -11.93 18.56 -37.98
N SER D 404 -10.76 18.27 -37.41
CA SER D 404 -9.51 18.43 -38.16
C SER D 404 -9.39 17.36 -39.24
N PHE D 405 -9.85 16.15 -38.96
CA PHE D 405 -9.81 15.10 -39.97
C PHE D 405 -10.82 15.38 -41.08
N ALA D 406 -11.91 16.08 -40.76
CA ALA D 406 -12.82 16.51 -41.81
C ALA D 406 -12.22 17.64 -42.63
N LEU D 407 -11.51 18.56 -41.98
CA LEU D 407 -10.88 19.65 -42.71
C LEU D 407 -9.66 19.17 -43.47
N TYR D 408 -8.98 18.13 -42.97
CA TYR D 408 -7.84 17.59 -43.70
C TYR D 408 -8.29 16.83 -44.94
N LYS D 409 -9.44 16.17 -44.88
CA LYS D 409 -9.98 15.47 -46.03
C LYS D 409 -10.38 16.45 -47.13
N ALA D 410 -11.07 17.52 -46.77
CA ALA D 410 -11.54 18.48 -47.77
C ALA D 410 -10.40 19.30 -48.34
N PHE D 411 -9.34 19.52 -47.56
CA PHE D 411 -8.20 20.27 -48.07
C PHE D 411 -7.35 19.42 -49.00
N SER D 412 -6.97 18.22 -48.55
CA SER D 412 -6.04 17.39 -49.30
C SER D 412 -6.64 16.80 -50.57
N THR D 413 -7.98 16.73 -50.66
CA THR D 413 -8.64 16.21 -51.86
C THR D 413 -9.12 17.35 -52.74
N ASN D 414 -8.33 18.43 -52.79
CA ASN D 414 -8.57 19.50 -53.74
C ASN D 414 -7.93 19.24 -55.10
N GLU D 415 -7.04 18.24 -55.17
CA GLU D 415 -6.27 17.88 -56.39
C GLU D 415 -5.44 19.04 -56.90
N HIS D 416 -5.02 19.92 -56.00
CA HIS D 416 -4.17 21.05 -56.31
C HIS D 416 -2.96 21.15 -55.39
N ASP D 417 -3.02 20.56 -54.19
CA ASP D 417 -1.97 20.67 -53.19
C ASP D 417 -1.07 19.43 -53.15
N ARG D 418 -0.83 18.81 -54.31
CA ARG D 418 0.12 17.70 -54.36
C ARG D 418 1.54 18.21 -54.19
N ASP D 419 1.84 19.38 -54.74
CA ASP D 419 3.12 20.04 -54.47
C ASP D 419 3.11 20.82 -53.17
N ASN D 420 1.92 21.05 -52.58
CA ASN D 420 1.78 21.82 -51.35
C ASN D 420 1.67 20.88 -50.17
N TRP D 421 2.82 20.32 -49.78
CA TRP D 421 2.91 19.55 -48.54
C TRP D 421 2.92 20.44 -47.32
N ASN D 422 3.29 21.71 -47.49
CA ASN D 422 3.43 22.62 -46.35
C ASN D 422 2.08 23.13 -45.87
N GLY D 423 1.14 23.34 -46.78
CA GLY D 423 -0.19 23.74 -46.38
C GLY D 423 -0.95 22.66 -45.65
N GLN D 424 -0.64 21.40 -45.95
CA GLN D 424 -1.19 20.31 -45.14
C GLN D 424 -0.53 20.24 -43.79
N LEU D 425 0.70 20.74 -43.67
CA LEU D 425 1.39 20.66 -42.39
C LEU D 425 0.88 21.72 -41.43
N LYS D 426 0.74 22.96 -41.89
CA LYS D 426 0.28 24.04 -41.02
C LYS D 426 -1.17 23.84 -40.60
N LEU D 427 -1.96 23.17 -41.41
CA LEU D 427 -3.31 22.80 -41.00
C LEU D 427 -3.26 21.73 -39.92
N LEU D 428 -2.48 20.69 -40.14
CA LEU D 428 -2.35 19.61 -39.17
C LEU D 428 -1.52 19.99 -37.95
N LEU D 429 -0.89 21.16 -37.95
CA LEU D 429 -0.16 21.65 -36.79
C LEU D 429 -1.02 22.51 -35.88
N GLU D 430 -1.93 23.30 -36.47
CA GLU D 430 -2.82 24.16 -35.70
C GLU D 430 -3.75 23.33 -34.83
N TRP D 431 -4.41 22.35 -35.42
CA TRP D 431 -5.00 21.28 -34.65
C TRP D 431 -3.89 20.36 -34.21
N ASN D 432 -4.07 19.70 -33.07
CA ASN D 432 -2.98 18.88 -32.52
C ASN D 432 -3.05 17.45 -33.06
N GLN D 433 -2.87 17.34 -34.37
CA GLN D 433 -2.99 16.06 -35.06
C GLN D 433 -1.59 15.49 -35.32
N LEU D 434 -1.01 14.90 -34.27
CA LEU D 434 0.35 14.38 -34.38
C LEU D 434 0.37 13.08 -35.17
N ASP D 435 -0.48 12.12 -34.79
CA ASP D 435 -0.46 10.81 -35.41
C ASP D 435 -1.03 10.82 -36.83
N LEU D 436 -1.61 11.93 -37.27
CA LEU D 436 -1.96 12.09 -38.67
C LEU D 436 -0.85 12.76 -39.45
N ALA D 437 -0.10 13.66 -38.83
CA ALA D 437 0.98 14.31 -39.54
C ALA D 437 2.21 13.43 -39.69
N SER D 438 2.33 12.39 -38.87
CA SER D 438 3.51 11.54 -38.95
C SER D 438 3.41 10.55 -40.10
N ASP D 439 2.21 10.03 -40.37
CA ASP D 439 2.03 8.97 -41.35
C ASP D 439 1.43 9.46 -42.67
N GLU D 440 1.04 10.72 -42.75
CA GLU D 440 0.56 11.27 -44.01
C GLU D 440 1.47 12.33 -44.60
N ILE D 441 2.47 12.79 -43.86
CA ILE D 441 3.35 13.84 -44.36
C ILE D 441 4.80 13.39 -44.30
N PHE D 442 5.25 12.96 -43.13
CA PHE D 442 6.65 12.56 -42.94
C PHE D 442 6.77 11.05 -43.14
N THR D 443 6.74 10.64 -44.41
CA THR D 443 6.85 9.21 -44.73
C THR D 443 7.91 8.89 -45.77
N ASN D 444 8.74 9.85 -46.16
CA ASN D 444 9.93 9.73 -47.02
C ASN D 444 9.60 9.39 -48.48
N ASP D 445 8.34 9.15 -48.82
CA ASP D 445 7.96 9.14 -50.22
C ASP D 445 7.68 10.56 -50.71
N ARG D 446 7.14 11.40 -49.83
CA ARG D 446 7.01 12.82 -50.14
C ARG D 446 8.38 13.47 -49.99
N ASN D 447 8.66 14.45 -50.86
CA ASN D 447 9.98 15.04 -50.97
C ASN D 447 10.00 16.37 -50.22
N TRP D 448 10.67 16.38 -49.08
CA TRP D 448 10.99 17.60 -48.36
C TRP D 448 12.48 17.61 -48.07
N GLU D 449 13.05 18.80 -48.04
CA GLU D 449 14.50 18.95 -47.86
C GLU D 449 14.90 19.28 -46.43
N SER D 450 13.94 19.33 -45.49
CA SER D 450 14.14 19.73 -44.09
C SER D 450 14.79 21.11 -43.97
N ALA D 451 14.49 21.99 -44.92
CA ALA D 451 14.95 23.37 -44.89
C ALA D 451 13.80 24.35 -44.71
N ASP D 452 12.62 24.01 -45.22
CA ASP D 452 11.40 24.77 -45.00
C ASP D 452 10.67 24.34 -43.74
N LEU D 453 11.29 23.53 -42.91
CA LEU D 453 10.71 23.08 -41.65
C LEU D 453 11.02 24.03 -40.49
N GLN D 454 11.34 25.28 -40.79
CA GLN D 454 11.80 26.22 -39.77
C GLN D 454 10.75 27.23 -39.36
N ASP D 455 10.04 27.83 -40.32
CA ASP D 455 8.89 28.66 -39.99
C ASP D 455 7.74 27.84 -39.44
N VAL D 456 7.65 26.56 -39.82
CA VAL D 456 6.68 25.67 -39.20
C VAL D 456 7.11 25.32 -37.79
N MET D 457 8.42 25.30 -37.54
CA MET D 457 8.92 25.00 -36.20
C MET D 457 8.68 26.16 -35.24
N PHE D 458 8.83 27.39 -35.72
CA PHE D 458 8.63 28.55 -34.85
C PHE D 458 7.17 28.70 -34.46
N THR D 459 6.25 28.19 -35.29
CA THR D 459 4.85 28.16 -34.90
C THR D 459 4.56 27.02 -33.94
N ALA D 460 5.29 25.91 -34.05
CA ALA D 460 5.09 24.81 -33.12
C ALA D 460 5.59 25.11 -31.72
N LEU D 461 6.48 26.09 -31.59
CA LEU D 461 6.98 26.49 -30.27
C LEU D 461 6.04 27.47 -29.60
N VAL D 462 5.48 28.42 -30.34
CA VAL D 462 4.75 29.50 -29.69
C VAL D 462 3.33 29.09 -29.36
N LYS D 463 2.73 28.18 -30.12
CA LYS D 463 1.38 27.73 -29.83
C LYS D 463 1.36 26.54 -28.89
N ASP D 464 2.52 26.13 -28.38
CA ASP D 464 2.70 25.00 -27.46
C ASP D 464 2.13 23.71 -28.05
N ARG D 465 2.78 23.27 -29.13
CA ARG D 465 2.59 21.93 -29.67
C ARG D 465 3.83 21.14 -29.33
N PRO D 466 3.90 20.51 -28.15
CA PRO D 466 5.13 19.80 -27.78
C PRO D 466 5.36 18.54 -28.58
N LYS D 467 4.28 17.85 -28.98
CA LYS D 467 4.43 16.65 -29.78
C LYS D 467 4.88 16.94 -31.20
N PHE D 468 4.66 18.17 -31.68
CA PHE D 468 5.10 18.54 -33.00
C PHE D 468 6.51 19.09 -33.00
N VAL D 469 6.95 19.67 -31.88
CA VAL D 469 8.35 20.01 -31.73
C VAL D 469 9.21 18.76 -31.72
N ARG D 470 8.73 17.70 -31.07
CA ARG D 470 9.47 16.44 -31.06
C ARG D 470 9.48 15.79 -32.43
N LEU D 471 8.38 15.92 -33.18
CA LEU D 471 8.33 15.31 -34.51
C LEU D 471 9.19 16.06 -35.51
N PHE D 472 9.35 17.37 -35.33
CA PHE D 472 10.20 18.12 -36.25
C PHE D 472 11.67 17.85 -35.99
N LEU D 473 12.04 17.58 -34.74
CA LEU D 473 13.42 17.29 -34.41
C LEU D 473 13.83 15.90 -34.86
N GLU D 474 12.94 14.92 -34.73
CA GLU D 474 13.31 13.56 -35.10
C GLU D 474 13.16 13.28 -36.58
N ASN D 475 12.65 14.24 -37.35
CA ASN D 475 12.64 14.14 -38.80
C ASN D 475 13.75 14.94 -39.45
N GLY D 476 14.65 15.50 -38.64
CA GLY D 476 15.80 16.22 -39.15
C GLY D 476 15.61 17.72 -39.09
N LEU D 477 16.13 18.33 -38.03
CA LEU D 477 16.08 19.78 -37.88
C LEU D 477 17.15 20.14 -36.85
N ASN D 478 18.20 20.83 -37.31
CA ASN D 478 19.27 21.19 -36.39
C ASN D 478 18.80 22.36 -35.55
N LEU D 479 18.49 22.08 -34.27
CA LEU D 479 18.00 23.11 -33.38
C LEU D 479 19.06 24.14 -33.01
N ARG D 480 20.34 23.79 -33.16
CA ARG D 480 21.39 24.78 -32.95
C ARG D 480 21.43 25.79 -34.09
N LYS D 481 21.24 25.33 -35.33
CA LYS D 481 21.16 26.25 -36.46
C LYS D 481 19.89 27.07 -36.42
N PHE D 482 18.79 26.47 -35.98
CA PHE D 482 17.49 27.15 -36.01
C PHE D 482 17.43 28.29 -35.00
N LEU D 483 17.92 28.07 -33.78
CA LEU D 483 17.85 29.06 -32.71
C LEU D 483 18.91 30.14 -32.95
N THR D 484 18.59 31.05 -33.88
CA THR D 484 19.50 32.15 -34.13
C THR D 484 19.31 33.24 -33.08
N THR D 485 20.04 34.34 -33.27
CA THR D 485 20.09 35.40 -32.26
C THR D 485 18.77 36.16 -32.17
N GLU D 486 18.01 36.21 -33.25
CA GLU D 486 16.78 36.98 -33.27
C GLU D 486 15.54 36.13 -33.00
N VAL D 487 15.63 34.81 -33.19
CA VAL D 487 14.50 33.94 -32.86
C VAL D 487 14.27 33.93 -31.36
N LEU D 488 15.35 34.00 -30.59
CA LEU D 488 15.23 34.05 -29.14
C LEU D 488 14.65 35.38 -28.66
N ARG D 489 14.81 36.45 -29.44
CA ARG D 489 14.23 37.73 -29.06
C ARG D 489 12.88 37.99 -29.71
N GLU D 490 12.48 37.19 -30.71
CA GLU D 490 11.06 37.10 -31.06
C GLU D 490 10.30 36.15 -30.17
N LEU D 491 10.91 35.67 -29.10
CA LEU D 491 10.33 34.66 -28.24
C LEU D 491 10.28 35.09 -26.78
N TYR D 492 11.13 36.02 -26.37
CA TYR D 492 11.20 36.47 -24.99
C TYR D 492 10.46 37.78 -24.74
N THR D 493 9.96 38.44 -25.77
CA THR D 493 9.13 39.63 -25.54
C THR D 493 7.85 39.55 -26.34
N ASN D 494 7.89 38.87 -27.50
CA ASN D 494 6.67 38.70 -28.28
C ASN D 494 5.80 37.60 -27.69
N ASN D 495 6.41 36.47 -27.35
CA ASN D 495 5.69 35.29 -26.89
C ASN D 495 6.05 34.95 -25.45
N PHE D 496 6.24 35.97 -24.63
CA PHE D 496 6.46 35.81 -23.20
C PHE D 496 5.27 36.42 -22.48
N SER D 497 4.61 35.61 -21.65
CA SER D 497 3.43 36.08 -20.93
C SER D 497 3.83 37.06 -19.85
N SER D 498 3.11 38.17 -19.76
CA SER D 498 3.46 39.21 -18.81
C SER D 498 3.11 38.85 -17.38
N LEU D 499 2.21 37.87 -17.18
CA LEU D 499 1.91 37.41 -15.83
C LEU D 499 3.10 36.68 -15.23
N VAL D 500 3.85 35.95 -16.06
CA VAL D 500 5.08 35.32 -15.60
C VAL D 500 6.16 36.38 -15.38
N PHE D 501 6.25 37.35 -16.29
CA PHE D 501 7.26 38.41 -16.17
C PHE D 501 6.97 39.33 -14.98
N LYS D 502 5.70 39.54 -14.65
CA LYS D 502 5.37 40.24 -13.43
C LYS D 502 5.72 39.38 -12.21
N ASN D 503 5.50 38.08 -12.32
CA ASN D 503 5.93 37.17 -11.28
C ASN D 503 7.43 37.00 -11.24
N LEU D 504 8.12 37.26 -12.36
CA LEU D 504 9.58 37.25 -12.35
C LEU D 504 10.14 38.47 -11.62
N GLN D 505 9.39 39.57 -11.60
CA GLN D 505 9.79 40.74 -10.83
C GLN D 505 9.75 40.45 -9.34
N ILE D 506 8.67 39.81 -8.87
CA ILE D 506 8.47 39.59 -7.45
C ILE D 506 9.45 38.54 -6.92
N ALA D 507 9.76 37.53 -7.72
CA ALA D 507 10.74 36.52 -7.30
C ALA D 507 12.14 37.10 -7.26
N LYS D 508 12.47 37.98 -8.20
CA LYS D 508 13.80 38.60 -8.21
C LYS D 508 13.99 39.56 -7.04
N ASN D 509 12.91 40.20 -6.58
CA ASN D 509 13.04 41.20 -5.52
C ASN D 509 12.88 40.59 -4.13
N SER D 510 11.93 39.68 -3.94
CA SER D 510 11.63 39.17 -2.61
C SER D 510 12.48 37.97 -2.23
N TYR D 511 12.79 37.08 -3.16
CA TYR D 511 13.59 35.89 -2.87
C TYR D 511 14.73 35.86 -3.89
N ASN D 512 15.76 36.64 -3.62
CA ASN D 512 16.81 36.86 -4.61
C ASN D 512 17.94 35.85 -4.42
N ASP D 513 18.30 35.18 -5.52
CA ASP D 513 19.42 34.25 -5.55
C ASP D 513 20.35 34.61 -6.69
N ALA D 514 21.50 33.93 -6.74
CA ALA D 514 22.48 34.19 -7.78
C ALA D 514 22.03 33.66 -9.13
N LEU D 515 21.21 32.60 -9.14
CA LEU D 515 20.74 32.05 -10.40
C LEU D 515 19.67 32.95 -11.01
N LEU D 516 18.77 33.48 -10.17
CA LEU D 516 17.69 34.34 -10.66
C LEU D 516 18.22 35.63 -11.26
N THR D 517 19.30 36.17 -10.67
CA THR D 517 19.90 37.39 -11.19
C THR D 517 20.51 37.16 -12.57
N PHE D 518 21.00 35.96 -12.85
CA PHE D 518 21.39 35.66 -14.21
C PHE D 518 20.18 35.44 -15.10
N VAL D 519 19.10 34.88 -14.54
CA VAL D 519 17.90 34.65 -15.34
C VAL D 519 17.16 35.96 -15.57
N TRP D 520 17.05 36.80 -14.54
CA TRP D 520 16.40 38.10 -14.70
C TRP D 520 17.17 39.01 -15.64
N LYS D 521 18.50 38.90 -15.66
CA LYS D 521 19.26 39.70 -16.60
C LYS D 521 19.25 39.12 -18.01
N MET D 522 19.03 37.82 -18.18
CA MET D 522 19.03 37.27 -19.53
C MET D 522 17.65 37.33 -20.15
N VAL D 523 16.60 37.46 -19.34
CA VAL D 523 15.30 37.82 -19.89
C VAL D 523 15.33 39.27 -20.36
N GLU D 524 16.02 40.13 -19.60
CA GLU D 524 16.02 41.57 -19.89
C GLU D 524 16.82 41.90 -21.13
N ASP D 525 17.99 41.26 -21.33
CA ASP D 525 18.81 41.63 -22.47
C ASP D 525 18.29 41.09 -23.79
N PHE D 526 17.24 40.26 -23.76
CA PHE D 526 16.52 39.91 -24.97
C PHE D 526 15.36 40.85 -25.23
N ARG D 527 14.77 41.42 -24.19
CA ARG D 527 13.76 42.45 -24.31
C ARG D 527 14.35 43.86 -24.35
N ARG D 528 15.67 43.98 -24.48
CA ARG D 528 16.34 45.26 -24.59
C ARG D 528 17.09 45.43 -25.89
N GLY D 529 17.80 44.40 -26.34
CA GLY D 529 18.52 44.46 -27.60
C GLY D 529 17.60 44.44 -28.80
N ARG D 553 26.91 31.16 -27.08
CA ARG D 553 26.06 31.99 -26.23
C ARG D 553 25.03 31.10 -25.54
N HIS D 554 25.18 29.77 -25.73
CA HIS D 554 24.29 28.72 -25.26
C HIS D 554 22.85 28.98 -25.67
N PRO D 555 22.50 28.80 -26.95
CA PRO D 555 21.13 29.13 -27.37
C PRO D 555 20.10 28.11 -26.92
N LEU D 556 20.47 26.82 -26.85
CA LEU D 556 19.53 25.79 -26.44
C LEU D 556 19.14 25.91 -24.98
N GLN D 557 20.01 26.45 -24.14
CA GLN D 557 19.69 26.65 -22.74
C GLN D 557 19.04 28.00 -22.49
N ALA D 558 18.77 28.78 -23.52
CA ALA D 558 17.90 29.94 -23.40
C ALA D 558 16.48 29.63 -23.82
N LEU D 559 16.31 28.78 -24.84
CA LEU D 559 15.00 28.27 -25.19
C LEU D 559 14.46 27.38 -24.08
N PHE D 560 15.33 26.69 -23.35
CA PHE D 560 14.88 25.83 -22.27
C PHE D 560 14.37 26.65 -21.09
N ILE D 561 15.04 27.75 -20.77
CA ILE D 561 14.56 28.63 -19.70
C ILE D 561 13.29 29.33 -20.11
N TRP D 562 13.14 29.66 -21.40
CA TRP D 562 11.92 30.27 -21.91
C TRP D 562 10.71 29.37 -21.70
N SER D 563 10.88 28.08 -21.91
CA SER D 563 9.80 27.12 -21.74
C SER D 563 9.72 26.56 -20.34
N VAL D 564 10.60 26.96 -19.44
CA VAL D 564 10.49 26.57 -18.03
C VAL D 564 9.83 27.65 -17.21
N LEU D 565 10.14 28.92 -17.51
CA LEU D 565 9.56 30.04 -16.77
C LEU D 565 8.05 30.13 -16.95
N GLN D 566 7.54 29.74 -18.13
CA GLN D 566 6.13 29.82 -18.43
C GLN D 566 5.37 28.56 -18.10
N ASN D 567 6.02 27.61 -17.40
CA ASN D 567 5.45 26.33 -17.00
C ASN D 567 4.92 25.53 -18.19
N LYS D 568 5.62 25.61 -19.31
CA LYS D 568 5.33 24.74 -20.44
C LYS D 568 5.77 23.35 -20.04
N LYS D 569 4.81 22.53 -19.65
CA LYS D 569 5.10 21.28 -18.95
C LYS D 569 5.75 20.25 -19.86
N GLU D 570 5.28 20.14 -21.10
CA GLU D 570 5.76 19.11 -22.00
C GLU D 570 6.61 19.64 -23.14
N LEU D 571 6.58 20.94 -23.41
CA LEU D 571 7.52 21.49 -24.37
C LEU D 571 8.92 21.52 -23.80
N SER D 572 9.03 21.83 -22.52
CA SER D 572 10.33 21.89 -21.87
C SER D 572 10.97 20.53 -21.68
N LYS D 573 10.18 19.45 -21.71
CA LYS D 573 10.75 18.12 -21.71
C LYS D 573 11.32 17.73 -23.06
N VAL D 574 10.97 18.44 -24.12
CA VAL D 574 11.53 18.16 -25.43
C VAL D 574 12.84 18.91 -25.62
N ILE D 575 12.90 20.16 -25.15
CA ILE D 575 14.11 20.95 -25.29
C ILE D 575 15.17 20.49 -24.30
N TRP D 576 14.76 19.88 -23.20
CA TRP D 576 15.74 19.36 -22.23
C TRP D 576 16.55 18.21 -22.82
N GLU D 577 15.93 17.40 -23.68
CA GLU D 577 16.64 16.31 -24.31
C GLU D 577 17.58 16.75 -25.43
N GLN D 578 17.56 18.03 -25.80
CA GLN D 578 18.48 18.55 -26.80
C GLN D 578 19.61 19.35 -26.19
N THR D 579 19.56 19.66 -24.90
CA THR D 579 20.60 20.44 -24.26
C THR D 579 21.87 19.61 -24.11
N ARG D 580 22.98 20.30 -23.80
CA ARG D 580 24.25 19.60 -23.66
C ARG D 580 24.51 19.21 -22.21
N GLY D 581 24.47 20.17 -21.30
CA GLY D 581 24.57 19.81 -19.90
C GLY D 581 23.20 19.47 -19.39
N CYS D 582 22.87 18.19 -19.35
CA CYS D 582 21.50 17.79 -19.11
C CYS D 582 21.19 17.54 -17.66
N THR D 583 22.15 17.07 -16.88
CA THR D 583 21.95 16.98 -15.43
C THR D 583 22.02 18.36 -14.82
N LEU D 584 22.80 19.25 -15.41
CA LEU D 584 22.94 20.60 -14.88
C LEU D 584 21.69 21.42 -15.16
N ALA D 585 21.18 21.36 -16.39
CA ALA D 585 19.99 22.12 -16.74
C ALA D 585 18.74 21.55 -16.10
N ALA D 586 18.74 20.28 -15.74
CA ALA D 586 17.62 19.73 -14.99
C ALA D 586 17.63 20.20 -13.54
N LEU D 587 18.78 20.62 -13.03
CA LEU D 587 18.84 21.16 -11.68
C LEU D 587 18.66 22.66 -11.66
N GLY D 588 19.13 23.36 -12.69
CA GLY D 588 18.91 24.78 -12.76
C GLY D 588 17.47 25.14 -13.03
N ALA D 589 16.78 24.33 -13.81
CA ALA D 589 15.34 24.50 -13.97
C ALA D 589 14.61 24.17 -12.68
N SER D 590 15.05 23.13 -11.98
CA SER D 590 14.42 22.75 -10.72
C SER D 590 14.65 23.77 -9.61
N LYS D 591 15.69 24.60 -9.73
CA LYS D 591 15.89 25.69 -8.79
C LYS D 591 15.13 26.93 -9.21
N LEU D 592 15.09 27.21 -10.51
CA LEU D 592 14.40 28.39 -11.02
C LEU D 592 12.91 28.32 -10.79
N LEU D 593 12.34 27.11 -10.87
CA LEU D 593 10.91 26.95 -10.58
C LEU D 593 10.65 26.98 -9.08
N LYS D 594 11.56 26.41 -8.28
CA LYS D 594 11.38 26.40 -6.83
C LYS D 594 11.48 27.78 -6.23
N SER D 595 12.14 28.71 -6.90
CA SER D 595 12.15 30.11 -6.47
C SER D 595 10.93 30.88 -6.95
N MET D 596 10.44 30.57 -8.16
CA MET D 596 9.21 31.18 -8.65
C MET D 596 7.96 30.57 -8.05
N ALA D 597 8.08 29.45 -7.35
CA ALA D 597 6.98 28.89 -6.58
C ALA D 597 7.01 29.33 -5.12
N LYS D 598 8.01 30.11 -4.73
CA LYS D 598 8.01 30.75 -3.43
C LYS D 598 7.20 32.03 -3.43
N VAL D 599 6.79 32.51 -4.60
CA VAL D 599 5.92 33.68 -4.71
C VAL D 599 4.49 33.27 -4.43
N LYS D 600 3.81 34.01 -3.55
CA LYS D 600 2.42 33.75 -3.22
C LYS D 600 1.47 34.68 -3.98
N ASN D 601 1.89 35.13 -5.16
CA ASN D 601 1.02 36.00 -5.96
C ASN D 601 -0.12 35.21 -6.61
N ASP D 602 0.11 33.94 -6.89
CA ASP D 602 -0.90 33.06 -7.46
C ASP D 602 -0.48 31.63 -7.09
N ILE D 603 -1.25 30.98 -6.24
CA ILE D 603 -0.86 29.65 -5.77
C ILE D 603 -1.23 28.54 -6.74
N ASN D 604 -1.92 28.86 -7.84
CA ASN D 604 -2.09 27.87 -8.88
C ASN D 604 -0.85 27.77 -9.75
N ALA D 605 -0.30 28.91 -10.17
CA ALA D 605 0.96 28.90 -10.89
C ALA D 605 2.12 28.54 -9.98
N ALA D 606 2.03 28.85 -8.70
CA ALA D 606 3.07 28.45 -7.75
C ALA D 606 2.91 27.02 -7.28
N GLY D 607 1.79 26.39 -7.58
CA GLY D 607 1.62 24.99 -7.23
C GLY D 607 2.02 24.11 -8.38
N GLU D 608 1.90 24.64 -9.60
CA GLU D 608 2.31 23.91 -10.78
C GLU D 608 3.82 23.93 -10.96
N SER D 609 4.45 25.08 -10.72
CA SER D 609 5.88 25.18 -10.91
C SER D 609 6.66 24.49 -9.80
N GLU D 610 6.08 24.38 -8.61
CA GLU D 610 6.69 23.52 -7.59
C GLU D 610 6.60 22.05 -7.99
N GLU D 611 5.49 21.67 -8.64
CA GLU D 611 5.32 20.31 -9.11
C GLU D 611 6.24 20.01 -10.28
N LEU D 612 6.46 20.99 -11.16
CA LEU D 612 7.39 20.81 -12.27
C LEU D 612 8.83 20.79 -11.80
N ALA D 613 9.14 21.51 -10.71
CA ALA D 613 10.49 21.47 -10.17
C ALA D 613 10.79 20.14 -9.49
N ASN D 614 9.77 19.53 -8.90
CA ASN D 614 9.97 18.24 -8.25
C ASN D 614 10.13 17.09 -9.24
N GLU D 615 9.84 17.32 -10.52
CA GLU D 615 10.04 16.32 -11.55
C GLU D 615 11.19 16.66 -12.49
N TYR D 616 11.86 17.79 -12.25
CA TYR D 616 13.18 18.04 -12.79
C TYR D 616 14.28 17.59 -11.86
N GLU D 617 14.05 17.70 -10.55
CA GLU D 617 14.95 17.08 -9.59
C GLU D 617 14.89 15.56 -9.72
N THR D 618 13.71 15.01 -9.95
CA THR D 618 13.59 13.58 -10.23
C THR D 618 14.18 13.25 -11.59
N ARG D 619 14.08 14.16 -12.55
CA ARG D 619 14.71 13.97 -13.85
C ARG D 619 16.23 13.99 -13.75
N ALA D 620 16.78 14.73 -12.79
CA ALA D 620 18.21 14.79 -12.58
C ALA D 620 18.72 13.73 -11.62
N VAL D 621 17.86 13.10 -10.85
CA VAL D 621 18.28 11.94 -10.05
C VAL D 621 18.51 10.76 -10.96
N GLU D 622 17.50 10.39 -11.75
CA GLU D 622 17.56 9.16 -12.52
C GLU D 622 18.43 9.29 -13.75
N LEU D 623 18.76 10.50 -14.18
CA LEU D 623 19.81 10.64 -15.18
C LEU D 623 21.18 10.46 -14.53
N PHE D 624 21.35 10.95 -13.30
CA PHE D 624 22.65 10.83 -12.68
C PHE D 624 22.92 9.45 -12.12
N THR D 625 21.89 8.71 -11.70
CA THR D 625 22.12 7.32 -11.36
C THR D 625 22.41 6.47 -12.58
N GLU D 626 21.95 6.90 -13.76
CA GLU D 626 22.41 6.29 -15.00
C GLU D 626 23.87 6.62 -15.26
N CYS D 627 24.28 7.85 -14.95
CA CYS D 627 25.67 8.25 -15.12
C CYS D 627 26.57 7.58 -14.10
N TYR D 628 26.04 7.28 -12.91
CA TYR D 628 26.84 6.66 -11.87
C TYR D 628 26.84 5.15 -11.94
N SER D 629 25.91 4.54 -12.68
CA SER D 629 25.99 3.11 -12.95
C SER D 629 27.04 2.78 -14.00
N ASN D 630 27.47 3.77 -14.76
CA ASN D 630 28.71 3.74 -15.53
C ASN D 630 29.85 4.15 -14.61
N ASP D 631 31.01 4.51 -15.16
CA ASP D 631 32.18 4.72 -14.34
C ASP D 631 32.03 5.97 -13.46
N GLU D 632 32.44 5.82 -12.20
CA GLU D 632 32.23 6.85 -11.20
C GLU D 632 33.16 8.04 -11.38
N ASP D 633 34.29 7.83 -12.06
CA ASP D 633 35.25 8.92 -12.23
C ASP D 633 34.77 9.93 -13.26
N LEU D 634 33.87 9.53 -14.15
CA LEU D 634 33.29 10.46 -15.11
C LEU D 634 32.02 11.12 -14.57
N ALA D 635 31.25 10.41 -13.76
CA ALA D 635 30.05 11.00 -13.20
C ALA D 635 30.39 12.02 -12.12
N GLU D 636 31.49 11.81 -11.39
CA GLU D 636 31.95 12.80 -10.43
C GLU D 636 32.81 13.88 -11.07
N GLN D 637 33.30 13.63 -12.28
CA GLN D 637 33.82 14.72 -13.10
C GLN D 637 32.71 15.66 -13.52
N LEU D 638 31.49 15.15 -13.61
CA LEU D 638 30.35 15.89 -14.10
C LEU D 638 29.64 16.67 -13.01
N LEU D 639 29.77 16.22 -11.75
CA LEU D 639 29.14 16.91 -10.63
C LEU D 639 29.72 18.30 -10.45
N THR D 640 31.01 18.44 -10.69
CA THR D 640 31.74 19.69 -10.48
C THR D 640 32.15 20.32 -11.80
N TYR D 641 31.28 20.26 -12.79
CA TYR D 641 31.59 20.85 -14.09
C TYR D 641 31.42 22.36 -14.03
N SER D 642 32.35 23.07 -14.68
CA SER D 642 32.46 24.53 -14.58
C SER D 642 31.40 25.29 -15.37
N CYS D 643 30.43 24.59 -15.95
CA CYS D 643 29.12 25.02 -16.45
C CYS D 643 29.15 25.98 -17.64
N GLU D 644 30.33 26.50 -18.00
CA GLU D 644 30.50 27.56 -19.01
C GLU D 644 29.53 28.72 -18.81
N ALA D 645 29.29 29.07 -17.55
CA ALA D 645 28.26 30.01 -17.08
C ALA D 645 26.86 29.60 -17.56
N TRP D 646 26.40 28.45 -17.07
CA TRP D 646 24.97 28.15 -17.14
C TRP D 646 24.20 29.09 -16.22
N GLY D 647 24.47 29.00 -14.92
CA GLY D 647 24.03 29.99 -13.96
C GLY D 647 25.25 30.49 -13.21
N GLY D 648 26.40 29.95 -13.57
CA GLY D 648 27.63 30.22 -12.85
C GLY D 648 27.92 29.25 -11.74
N SER D 649 27.44 28.01 -11.84
CA SER D 649 27.61 27.05 -10.75
C SER D 649 27.47 25.63 -11.31
N ASN D 650 28.03 24.68 -10.57
CA ASN D 650 28.03 23.29 -10.98
C ASN D 650 26.73 22.64 -10.52
N CYS D 651 26.64 21.31 -10.68
CA CYS D 651 25.42 20.60 -10.29
C CYS D 651 25.27 20.50 -8.78
N LEU D 652 26.38 20.49 -8.04
CA LEU D 652 26.29 20.40 -6.59
C LEU D 652 25.88 21.73 -5.97
N GLU D 653 26.45 22.82 -6.44
CA GLU D 653 26.10 24.13 -5.92
C GLU D 653 24.67 24.50 -6.28
N LEU D 654 24.19 24.04 -7.43
CA LEU D 654 22.83 24.32 -7.86
C LEU D 654 21.81 23.43 -7.19
N ALA D 655 22.24 22.42 -6.45
CA ALA D 655 21.33 21.53 -5.76
C ALA D 655 21.22 21.82 -4.27
N VAL D 656 22.26 22.40 -3.67
CA VAL D 656 22.17 22.78 -2.25
C VAL D 656 21.29 24.00 -2.08
N GLU D 657 21.46 25.00 -2.95
CA GLU D 657 20.68 26.22 -2.84
C GLU D 657 19.21 25.99 -3.21
N ALA D 658 18.95 25.02 -4.08
CA ALA D 658 17.57 24.63 -4.37
C ALA D 658 16.97 23.76 -3.28
N ARG D 659 17.79 23.31 -2.33
CA ARG D 659 17.43 22.31 -1.32
C ARG D 659 16.83 21.06 -1.96
N ASP D 660 17.45 20.63 -3.07
CA ASP D 660 17.04 19.43 -3.77
C ASP D 660 17.46 18.20 -2.98
N GLN D 661 16.65 17.79 -2.01
CA GLN D 661 17.05 16.73 -1.10
C GLN D 661 17.09 15.37 -1.77
N GLN D 662 16.41 15.19 -2.90
CA GLN D 662 16.45 13.88 -3.55
C GLN D 662 17.68 13.73 -4.43
N PHE D 663 18.19 14.84 -4.98
CA PHE D 663 19.42 14.74 -5.77
C PHE D 663 20.63 14.51 -4.89
N ILE D 664 20.58 14.98 -3.65
CA ILE D 664 21.75 14.92 -2.79
C ILE D 664 21.74 13.68 -1.91
N ALA D 665 20.58 13.12 -1.63
CA ALA D 665 20.51 11.87 -0.90
C ALA D 665 20.73 10.64 -1.76
N GLN D 666 21.01 10.80 -3.03
CA GLN D 666 21.23 9.61 -3.83
C GLN D 666 22.63 9.07 -3.56
N PRO D 667 22.84 7.75 -3.72
CA PRO D 667 24.14 7.17 -3.35
C PRO D 667 25.31 7.60 -4.19
N GLY D 668 25.10 8.23 -5.34
CA GLY D 668 26.22 8.73 -6.11
C GLY D 668 26.81 9.99 -5.52
N VAL D 669 25.96 10.87 -4.99
CA VAL D 669 26.42 12.11 -4.40
C VAL D 669 26.96 11.87 -3.00
N GLN D 670 26.35 10.97 -2.25
CA GLN D 670 26.85 10.63 -0.93
C GLN D 670 28.19 9.92 -1.00
N ASN D 671 28.40 9.10 -2.01
CA ASN D 671 29.71 8.47 -2.19
C ASN D 671 30.76 9.49 -2.63
N PHE D 672 30.33 10.53 -3.34
CA PHE D 672 31.27 11.58 -3.75
C PHE D 672 31.74 12.38 -2.56
N LEU D 673 30.82 12.70 -1.65
CA LEU D 673 31.17 13.52 -0.49
C LEU D 673 32.04 12.75 0.49
N SER D 674 31.74 11.46 0.70
CA SER D 674 32.55 10.63 1.57
C SER D 674 33.92 10.34 1.00
N LYS D 675 34.15 10.60 -0.28
CA LYS D 675 35.50 10.62 -0.82
C LYS D 675 36.12 12.00 -0.75
N GLN D 676 35.31 13.05 -0.80
CA GLN D 676 35.83 14.38 -0.58
C GLN D 676 36.20 14.62 0.87
N TRP D 677 35.58 13.89 1.80
CA TRP D 677 35.90 14.05 3.20
C TRP D 677 37.03 13.14 3.64
N TYR D 678 37.05 11.90 3.17
CA TYR D 678 38.18 11.04 3.45
C TYR D 678 39.41 11.44 2.64
N GLY D 679 39.23 12.23 1.58
CA GLY D 679 40.36 12.76 0.85
C GLY D 679 41.04 11.70 0.02
N GLU D 680 42.36 11.79 -0.06
CA GLU D 680 43.15 10.81 -0.79
C GLU D 680 43.38 9.53 0.00
N ILE D 681 42.95 9.47 1.26
CA ILE D 681 42.89 8.19 1.96
C ILE D 681 41.71 7.40 1.42
N SER D 682 41.93 6.10 1.20
CA SER D 682 40.82 5.23 0.85
C SER D 682 39.91 5.03 2.05
N ARG D 683 38.63 4.82 1.79
CA ARG D 683 37.66 4.61 2.84
C ARG D 683 37.68 3.19 3.41
N ASP D 684 38.58 2.34 2.92
CA ASP D 684 38.65 0.95 3.35
C ASP D 684 39.82 0.69 4.29
N THR D 685 40.44 1.72 4.85
CA THR D 685 41.65 1.49 5.64
C THR D 685 41.29 0.93 7.01
N LYS D 686 40.68 1.77 7.85
CA LYS D 686 39.89 1.54 9.05
C LYS D 686 39.54 2.95 9.54
N ASN D 687 38.77 3.03 10.61
CA ASN D 687 38.57 4.32 11.25
C ASN D 687 39.70 4.63 12.22
N TRP D 688 40.04 3.66 13.09
CA TRP D 688 41.08 3.87 14.09
C TRP D 688 42.46 3.92 13.47
N LYS D 689 42.64 3.31 12.30
CA LYS D 689 43.94 3.26 11.64
C LYS D 689 44.41 4.65 11.21
N ILE D 690 43.47 5.54 10.92
CA ILE D 690 43.81 6.91 10.55
C ILE D 690 44.21 7.70 11.79
N ILE D 691 43.55 7.46 12.92
CA ILE D 691 43.77 8.26 14.12
C ILE D 691 45.12 7.94 14.75
N MET D 692 45.48 6.65 14.79
CA MET D 692 46.76 6.27 15.39
C MET D 692 47.96 6.66 14.54
N CYS D 693 47.76 7.08 13.29
CA CYS D 693 48.85 7.65 12.52
C CYS D 693 49.08 9.13 12.83
N LEU D 694 48.12 9.79 13.49
CA LEU D 694 48.36 11.16 13.94
C LEU D 694 49.32 11.17 15.12
N PHE D 695 49.11 10.28 16.09
CA PHE D 695 49.96 10.22 17.27
C PHE D 695 51.35 9.68 16.96
N PHE D 696 51.50 8.93 15.86
CA PHE D 696 52.78 8.36 15.47
C PHE D 696 52.94 8.57 13.97
N PHE D 697 53.66 9.63 13.60
CA PHE D 697 53.91 9.92 12.19
C PHE D 697 54.59 8.83 11.36
N PRO D 698 55.53 8.00 11.86
CA PRO D 698 56.11 6.97 10.98
C PRO D 698 55.19 5.82 10.62
N LEU D 699 53.95 5.75 11.11
CA LEU D 699 53.05 4.71 10.63
C LEU D 699 52.40 5.05 9.30
N ILE D 700 52.52 6.29 8.84
CA ILE D 700 51.94 6.65 7.55
C ILE D 700 52.82 6.15 6.41
N GLY D 701 54.14 6.12 6.60
CA GLY D 701 55.05 5.72 5.54
C GLY D 701 55.09 4.23 5.25
N CYS D 702 54.48 3.42 6.10
CA CYS D 702 54.40 1.98 5.87
C CYS D 702 53.20 1.67 4.98
N GLY D 703 52.84 0.40 4.88
CA GLY D 703 51.65 -0.01 4.17
C GLY D 703 50.45 -0.11 5.09
N PHE D 704 50.45 0.71 6.14
CA PHE D 704 49.37 0.71 7.11
C PHE D 704 48.10 1.28 6.50
N ILE D 705 48.19 2.51 5.98
CA ILE D 705 47.09 3.16 5.28
C ILE D 705 47.29 2.90 3.78
N SER D 706 46.18 2.72 3.07
CA SER D 706 46.15 2.18 1.71
C SER D 706 45.53 3.20 0.76
N PHE D 707 46.13 4.39 0.71
CA PHE D 707 45.60 5.66 0.20
C PHE D 707 44.81 5.59 -1.09
N ARG D 708 45.44 5.23 -2.20
CA ARG D 708 44.77 5.24 -3.49
C ARG D 708 45.32 4.15 -4.41
N PHE D 719 55.86 8.29 -2.42
CA PHE D 719 56.68 9.48 -2.51
C PHE D 719 55.96 10.70 -1.94
N LEU D 720 56.33 11.04 -0.69
CA LEU D 720 55.77 12.17 0.07
C LEU D 720 54.25 12.06 0.20
N TYR D 721 53.81 10.98 0.85
CA TYR D 721 52.41 10.78 1.17
C TYR D 721 51.97 11.57 2.39
N TYR D 722 52.88 12.29 3.05
CA TYR D 722 52.52 13.08 4.20
C TYR D 722 51.71 14.31 3.80
N VAL D 723 52.03 14.90 2.65
CA VAL D 723 51.27 16.06 2.19
C VAL D 723 49.91 15.63 1.64
N SER D 724 49.74 14.34 1.33
CA SER D 724 48.44 13.81 0.94
C SER D 724 47.62 13.34 2.13
N PHE D 725 48.29 12.87 3.19
CA PHE D 725 47.59 12.43 4.39
C PHE D 725 47.07 13.61 5.18
N PHE D 726 47.89 14.65 5.35
CA PHE D 726 47.54 15.79 6.18
C PHE D 726 46.81 16.87 5.42
N THR D 727 46.23 16.56 4.27
CA THR D 727 45.34 17.48 3.59
C THR D 727 43.91 16.96 3.48
N SER D 728 43.68 15.69 3.79
CA SER D 728 42.33 15.15 3.78
C SER D 728 41.55 15.71 4.95
N PRO D 729 40.33 16.19 4.75
CA PRO D 729 39.62 16.89 5.83
C PRO D 729 39.14 15.99 6.96
N PHE D 730 39.27 14.68 6.85
CA PHE D 730 39.08 13.83 8.02
C PHE D 730 40.28 13.93 8.95
N VAL D 731 41.47 14.12 8.40
CA VAL D 731 42.67 14.25 9.22
C VAL D 731 42.79 15.67 9.75
N VAL D 732 42.36 16.66 8.96
CA VAL D 732 42.35 18.03 9.44
C VAL D 732 41.34 18.20 10.56
N PHE D 733 40.20 17.51 10.48
CA PHE D 733 39.23 17.58 11.57
C PHE D 733 39.71 16.80 12.78
N SER D 734 40.38 15.68 12.57
CA SER D 734 40.88 14.91 13.70
C SER D 734 42.04 15.61 14.39
N TRP D 735 42.87 16.32 13.65
CA TRP D 735 43.95 17.04 14.30
C TRP D 735 43.46 18.32 14.98
N ASN D 736 42.44 18.97 14.43
CA ASN D 736 41.94 20.19 15.05
C ASN D 736 41.24 19.90 16.36
N VAL D 737 40.57 18.76 16.49
CA VAL D 737 39.94 18.40 17.76
C VAL D 737 41.00 17.96 18.77
N ILE D 738 42.02 17.23 18.29
CA ILE D 738 43.12 16.81 19.15
C ILE D 738 43.92 18.02 19.63
N PHE D 739 44.08 19.01 18.75
CA PHE D 739 44.71 20.26 19.17
C PHE D 739 43.84 21.04 20.13
N TYR D 740 42.52 21.01 19.92
CA TYR D 740 41.64 21.81 20.75
C TYR D 740 41.51 21.22 22.15
N ILE D 741 41.69 19.92 22.30
CA ILE D 741 41.71 19.35 23.64
C ILE D 741 43.01 19.68 24.34
N ALA D 742 44.14 19.56 23.63
CA ALA D 742 45.43 19.95 24.18
C ALA D 742 45.53 21.46 24.38
N PHE D 743 44.73 22.25 23.66
CA PHE D 743 44.63 23.66 23.98
C PHE D 743 43.86 23.88 25.27
N LEU D 744 42.87 23.03 25.56
CA LEU D 744 42.11 23.18 26.80
C LEU D 744 42.82 22.58 27.99
N LEU D 745 43.67 21.57 27.79
CA LEU D 745 44.48 21.05 28.88
C LEU D 745 45.66 21.95 29.19
N LEU D 746 46.03 22.82 28.28
CA LEU D 746 47.06 23.81 28.54
C LEU D 746 46.48 25.09 29.09
N PHE D 747 45.26 25.44 28.67
CA PHE D 747 44.56 26.57 29.28
C PHE D 747 44.08 26.24 30.69
N ALA D 748 44.02 24.96 31.06
CA ALA D 748 43.74 24.62 32.45
C ALA D 748 44.98 24.75 33.32
N TYR D 749 46.17 24.46 32.76
CA TYR D 749 47.40 24.64 33.53
C TYR D 749 47.72 26.11 33.72
N VAL D 750 47.43 26.92 32.71
CA VAL D 750 47.68 28.37 32.82
C VAL D 750 46.77 28.97 33.87
N LEU D 751 45.54 28.48 33.96
CA LEU D 751 44.55 29.07 34.86
C LEU D 751 44.81 28.70 36.31
N LEU D 752 45.24 27.47 36.58
CA LEU D 752 45.42 27.03 37.96
C LEU D 752 46.86 27.21 38.44
N MET D 753 47.81 26.54 37.78
CA MET D 753 49.18 26.51 38.28
C MET D 753 49.95 27.79 37.96
N ASP D 754 49.72 28.34 36.79
CA ASP D 754 50.38 29.54 36.30
C ASP D 754 49.54 30.75 36.71
N PHE D 755 49.74 31.90 36.05
CA PHE D 755 48.94 33.13 36.21
C PHE D 755 49.14 33.74 37.59
N GLN D 756 50.40 33.99 37.95
CA GLN D 756 50.67 34.61 39.24
C GLN D 756 50.56 36.14 39.16
N LYS D 757 51.49 36.78 38.46
CA LYS D 757 51.35 38.20 38.14
C LYS D 757 51.83 38.56 36.75
N GLU D 758 52.76 37.81 36.17
CA GLU D 758 53.38 38.14 34.91
C GLU D 758 52.94 37.15 33.84
N PRO D 759 52.58 37.63 32.65
CA PRO D 759 52.27 36.70 31.55
C PRO D 759 53.53 35.99 31.08
N THR D 760 53.89 34.89 31.73
CA THR D 760 55.09 34.15 31.37
C THR D 760 54.83 33.32 30.11
N ALA D 761 55.81 32.47 29.74
CA ALA D 761 55.90 31.86 28.41
C ALA D 761 54.72 30.97 28.06
N LEU D 762 53.97 30.49 29.06
CA LEU D 762 52.77 29.73 28.76
C LEU D 762 51.66 30.63 28.24
N GLU D 763 51.46 31.81 28.88
CA GLU D 763 50.32 32.64 28.52
C GLU D 763 50.52 33.39 27.21
N ILE D 764 51.76 33.63 26.78
CA ILE D 764 51.98 34.25 25.48
C ILE D 764 51.57 33.30 24.35
N ILE D 765 51.92 32.02 24.47
CA ILE D 765 51.49 31.11 23.42
C ILE D 765 49.99 30.82 23.53
N LEU D 766 49.38 31.08 24.69
CA LEU D 766 47.92 31.04 24.78
C LEU D 766 47.27 32.11 23.92
N TYR D 767 47.94 33.25 23.75
CA TYR D 767 47.48 34.21 22.74
C TYR D 767 47.63 33.62 21.35
N VAL D 768 48.78 33.00 21.05
CA VAL D 768 49.07 32.53 19.70
C VAL D 768 48.14 31.38 19.32
N LEU D 769 47.77 30.54 20.27
CA LEU D 769 46.79 29.51 19.98
C LEU D 769 45.39 30.11 19.83
N VAL D 770 45.09 31.17 20.59
CA VAL D 770 43.81 31.85 20.40
C VAL D 770 43.85 32.73 19.16
N PHE D 771 45.04 33.20 18.77
CA PHE D 771 45.15 34.03 17.57
C PHE D 771 44.83 33.24 16.31
N VAL D 772 45.33 32.00 16.23
CA VAL D 772 44.97 31.17 15.09
C VAL D 772 43.53 30.68 15.19
N LEU D 773 42.93 30.72 16.38
CA LEU D 773 41.49 30.55 16.51
C LEU D 773 40.73 31.82 16.16
N LEU D 774 41.43 32.94 16.01
CA LEU D 774 40.81 34.16 15.53
C LEU D 774 41.21 34.49 14.10
N CYS D 775 42.45 34.16 13.71
CA CYS D 775 42.89 34.43 12.34
C CYS D 775 42.14 33.58 11.33
N ASP D 776 41.75 32.37 11.71
CA ASP D 776 40.90 31.59 10.82
C ASP D 776 39.47 32.09 10.81
N GLU D 777 39.04 32.77 11.87
CA GLU D 777 37.68 33.29 11.92
C GLU D 777 37.52 34.52 11.03
N VAL D 778 38.51 35.41 11.03
CA VAL D 778 38.46 36.59 10.15
C VAL D 778 38.61 36.18 8.69
N ARG D 779 39.41 35.15 8.41
CA ARG D 779 39.46 34.65 7.04
C ARG D 779 38.25 33.80 6.69
N GLN D 780 37.44 33.42 7.67
CA GLN D 780 36.12 32.86 7.42
C GLN D 780 35.03 33.87 7.71
N TRP D 781 35.41 35.12 8.04
CA TRP D 781 34.43 36.19 8.18
C TRP D 781 33.93 36.71 6.83
N TYR D 782 34.44 36.18 5.72
CA TYR D 782 33.80 36.37 4.43
C TYR D 782 32.52 35.52 4.37
N MET D 783 31.80 35.68 3.26
CA MET D 783 30.56 34.99 2.89
C MET D 783 29.53 34.84 4.01
N ASN D 784 29.44 35.85 4.88
CA ASN D 784 28.54 35.79 6.03
C ASN D 784 27.16 36.36 5.73
N GLY D 785 27.09 37.50 5.03
CA GLY D 785 25.83 38.15 4.73
C GLY D 785 25.03 38.62 5.92
N SER D 786 25.70 38.79 7.07
CA SER D 786 25.09 39.04 8.40
C SER D 786 24.05 37.98 8.77
N LYS D 787 24.22 36.74 8.28
CA LYS D 787 23.37 35.62 8.64
C LYS D 787 24.15 34.39 9.07
N TYR D 788 25.46 34.39 8.87
CA TYR D 788 26.31 33.34 9.40
C TYR D 788 26.34 33.34 10.93
N PHE D 789 26.19 34.52 11.53
CA PHE D 789 26.18 34.67 12.98
C PHE D 789 24.81 34.51 13.60
N SER D 790 23.87 33.88 12.90
CA SER D 790 22.49 33.75 13.36
C SER D 790 22.16 32.34 13.82
N ASP D 791 23.08 31.66 14.52
CA ASP D 791 22.86 30.28 14.91
C ASP D 791 23.21 29.97 16.36
N LEU D 792 23.77 30.93 17.11
CA LEU D 792 24.13 30.87 18.53
C LEU D 792 25.22 29.84 18.81
N TRP D 793 25.89 29.31 17.80
CA TRP D 793 27.09 28.50 17.96
C TRP D 793 28.22 28.96 17.08
N ASN D 794 27.99 29.94 16.21
CA ASN D 794 29.04 30.58 15.43
C ASN D 794 29.23 32.04 15.78
N VAL D 795 28.19 32.69 16.31
CA VAL D 795 28.39 33.97 16.97
C VAL D 795 28.97 33.74 18.35
N MET D 796 28.70 32.56 18.94
CA MET D 796 29.31 32.19 20.21
C MET D 796 30.81 32.00 20.07
N ASP D 797 31.28 31.61 18.89
CA ASP D 797 32.71 31.46 18.67
C ASP D 797 33.43 32.80 18.70
N THR D 798 32.83 33.82 18.08
CA THR D 798 33.45 35.14 18.07
C THR D 798 33.29 35.82 19.43
N LEU D 799 32.15 35.63 20.08
CA LEU D 799 31.93 36.22 21.40
C LEU D 799 32.67 35.48 22.51
N ALA D 800 33.29 34.34 22.21
CA ALA D 800 34.16 33.71 23.19
C ALA D 800 35.59 34.22 23.10
N ILE D 801 35.96 34.78 21.96
CA ILE D 801 37.29 35.37 21.84
C ILE D 801 37.27 36.84 22.22
N PHE D 802 36.19 37.55 21.89
CA PHE D 802 36.09 38.95 22.28
C PHE D 802 35.84 39.11 23.77
N TYR D 803 35.32 38.07 24.43
CA TYR D 803 35.31 38.01 25.88
C TYR D 803 36.61 37.48 26.45
N PHE D 804 37.49 36.97 25.59
CA PHE D 804 38.82 36.53 25.98
C PHE D 804 39.88 37.58 25.72
N ILE D 805 39.71 38.37 24.66
CA ILE D 805 40.61 39.49 24.38
C ILE D 805 40.49 40.55 25.47
N ALA D 806 39.28 40.74 25.98
CA ALA D 806 39.07 41.59 27.16
C ALA D 806 39.72 41.01 28.41
N GLY D 807 40.06 39.71 28.41
CA GLY D 807 40.85 39.16 29.48
C GLY D 807 42.33 39.37 29.34
N ILE D 808 42.78 39.84 28.18
CA ILE D 808 44.18 40.18 28.00
C ILE D 808 44.32 41.68 28.24
N VAL D 809 43.23 42.41 28.05
CA VAL D 809 43.20 43.83 28.41
C VAL D 809 43.31 43.99 29.91
N PHE D 810 42.48 43.25 30.66
CA PHE D 810 42.53 43.30 32.12
C PHE D 810 43.78 42.65 32.69
N ARG D 811 44.46 41.82 31.89
CA ARG D 811 45.70 41.21 32.34
C ARG D 811 46.82 42.23 32.42
N LEU D 812 46.94 43.08 31.41
CA LEU D 812 48.04 44.06 31.33
C LEU D 812 47.60 45.41 31.90
N HIS D 813 47.22 45.39 33.17
CA HIS D 813 46.90 46.62 33.90
C HIS D 813 47.65 46.77 35.21
N SER D 814 48.28 45.70 35.72
CA SER D 814 49.23 45.64 36.83
C SER D 814 48.63 45.95 38.20
N ASP D 815 47.34 46.25 38.30
CA ASP D 815 46.72 46.48 39.60
C ASP D 815 45.89 45.26 40.01
N GLU D 816 45.81 45.02 41.31
CA GLU D 816 45.11 43.85 41.81
C GLU D 816 43.59 43.97 41.67
N SER D 817 43.07 45.18 41.56
CA SER D 817 41.64 45.39 41.38
C SER D 817 41.15 44.99 39.99
N SER D 818 42.05 44.80 39.04
CA SER D 818 41.69 44.34 37.70
C SER D 818 42.52 43.16 37.22
N TRP D 819 43.56 42.76 37.96
CA TRP D 819 44.20 41.48 37.67
C TRP D 819 43.27 40.32 38.04
N TYR D 820 42.61 40.41 39.18
CA TYR D 820 41.64 39.39 39.56
C TYR D 820 40.40 39.45 38.69
N SER D 821 40.05 40.64 38.20
CA SER D 821 38.99 40.75 37.23
C SER D 821 39.40 40.21 35.87
N GLY D 822 40.70 40.05 35.62
CA GLY D 822 41.18 39.35 34.46
C GLY D 822 41.30 37.86 34.63
N ARG D 823 41.16 37.36 35.86
CA ARG D 823 41.09 35.92 36.08
C ARG D 823 39.68 35.39 36.06
N VAL D 824 38.71 36.15 36.60
CA VAL D 824 37.33 35.68 36.60
C VAL D 824 36.71 35.81 35.22
N ILE D 825 37.34 36.57 34.32
CA ILE D 825 36.92 36.60 32.93
C ILE D 825 37.68 35.59 32.09
N PHE D 826 38.73 34.98 32.64
CA PHE D 826 39.32 33.82 32.01
C PHE D 826 38.65 32.53 32.44
N CYS D 827 38.29 32.43 33.72
CA CYS D 827 37.62 31.23 34.21
C CYS D 827 36.21 31.11 33.66
N LEU D 828 35.52 32.23 33.51
CA LEU D 828 34.22 32.20 32.84
C LEU D 828 34.35 31.88 31.36
N ASP D 829 35.44 32.33 30.73
CA ASP D 829 35.66 32.02 29.34
C ASP D 829 36.19 30.60 29.13
N TYR D 830 36.70 29.96 30.18
CA TYR D 830 37.09 28.56 30.05
C TYR D 830 35.88 27.67 29.87
N ILE D 831 34.75 28.05 30.45
CA ILE D 831 33.54 27.24 30.26
C ILE D 831 32.99 27.44 28.86
N VAL D 832 33.20 28.60 28.25
CA VAL D 832 32.69 28.80 26.89
C VAL D 832 33.49 27.99 25.90
N PHE D 833 34.80 27.85 26.15
CA PHE D 833 35.64 27.08 25.24
C PHE D 833 35.38 25.59 25.38
N THR D 834 34.90 25.15 26.54
CA THR D 834 34.62 23.73 26.71
C THR D 834 33.25 23.36 26.15
N LEU D 835 32.28 24.27 26.25
CA LEU D 835 30.98 24.02 25.64
C LEU D 835 31.06 23.94 24.13
N ARG D 836 32.02 24.64 23.53
CA ARG D 836 32.27 24.46 22.11
C ARG D 836 32.89 23.10 21.83
N LEU D 837 33.66 22.56 22.77
CA LEU D 837 34.15 21.19 22.60
C LEU D 837 33.04 20.19 22.82
N ILE D 838 32.13 20.49 23.75
CA ILE D 838 30.98 19.62 24.00
C ILE D 838 30.05 19.65 22.80
N HIS D 839 29.88 20.82 22.18
CA HIS D 839 29.05 20.92 20.98
C HIS D 839 29.69 20.22 19.80
N ILE D 840 31.02 20.18 19.73
CA ILE D 840 31.69 19.46 18.65
C ILE D 840 31.49 17.95 18.83
N PHE D 841 31.60 17.45 20.06
CA PHE D 841 31.32 16.05 20.32
C PHE D 841 29.86 15.71 20.14
N THR D 842 28.97 16.66 20.39
CA THR D 842 27.54 16.42 20.25
C THR D 842 27.13 16.29 18.80
N VAL D 843 27.64 17.17 17.94
CA VAL D 843 27.29 17.13 16.53
C VAL D 843 27.97 15.94 15.84
N SER D 844 29.27 15.76 16.10
CA SER D 844 30.02 14.73 15.40
C SER D 844 29.68 13.32 15.83
N ARG D 845 28.93 13.12 16.91
CA ARG D 845 28.43 11.79 17.20
C ARG D 845 27.06 11.58 16.59
N ASN D 846 26.19 12.58 16.65
CA ASN D 846 24.85 12.50 16.10
C ASN D 846 24.80 13.02 14.66
N LEU D 847 25.89 12.91 13.92
CA LEU D 847 25.92 13.32 12.52
C LEU D 847 25.43 12.12 11.71
N GLY D 848 24.12 12.05 11.51
CA GLY D 848 23.51 10.93 10.86
C GLY D 848 22.01 11.10 10.85
N PRO D 849 21.27 10.05 11.23
CA PRO D 849 19.82 10.19 11.35
C PRO D 849 19.39 11.08 12.49
N LYS D 850 20.24 11.30 13.48
CA LYS D 850 19.91 12.11 14.64
C LYS D 850 20.27 13.58 14.46
N ILE D 851 20.72 13.98 13.27
CA ILE D 851 21.09 15.38 13.09
C ILE D 851 19.87 16.24 12.76
N ILE D 852 18.72 15.60 12.53
CA ILE D 852 17.48 16.35 12.38
C ILE D 852 16.76 16.50 13.71
N MET D 853 16.78 15.44 14.53
CA MET D 853 16.24 15.52 15.88
C MET D 853 17.02 16.52 16.71
N LEU D 854 18.33 16.36 16.77
CA LEU D 854 19.19 17.42 17.25
C LEU D 854 19.16 18.59 16.27
N GLN D 855 19.44 19.79 16.79
CA GLN D 855 19.49 21.11 16.12
C GLN D 855 18.10 21.62 15.75
N ARG D 856 17.09 20.76 15.85
CA ARG D 856 15.70 21.17 16.00
C ARG D 856 15.30 21.21 17.47
N MET D 857 15.81 20.27 18.26
CA MET D 857 15.67 20.35 19.70
C MET D 857 16.57 21.38 20.33
N MET D 858 17.60 21.84 19.62
CA MET D 858 18.46 22.86 20.19
C MET D 858 17.79 24.23 20.16
N ILE D 859 17.08 24.54 19.08
CA ILE D 859 16.33 25.80 19.03
C ILE D 859 14.99 25.68 19.72
N ASP D 860 14.59 24.48 20.13
CA ASP D 860 13.37 24.31 20.91
C ASP D 860 13.61 24.39 22.40
N VAL D 861 14.83 24.11 22.84
CA VAL D 861 15.19 24.30 24.24
C VAL D 861 15.60 25.75 24.49
N PHE D 862 16.23 26.38 23.49
CA PHE D 862 16.56 27.80 23.58
C PHE D 862 15.31 28.66 23.69
N PHE D 863 14.20 28.24 23.11
CA PHE D 863 12.96 28.96 23.29
C PHE D 863 12.39 28.71 24.67
N PHE D 864 12.57 27.52 25.22
CA PHE D 864 12.08 27.25 26.57
C PHE D 864 12.93 27.98 27.61
N LEU D 865 14.25 28.04 27.40
CA LEU D 865 15.10 28.78 28.31
C LEU D 865 14.89 30.28 28.20
N PHE D 866 14.46 30.76 27.04
CA PHE D 866 14.10 32.16 26.91
C PHE D 866 12.81 32.46 27.66
N LEU D 867 11.82 31.58 27.56
CA LEU D 867 10.58 31.76 28.31
C LEU D 867 10.80 31.54 29.79
N PHE D 868 11.77 30.72 30.17
CA PHE D 868 12.10 30.59 31.58
C PHE D 868 12.83 31.82 32.08
N ALA D 869 13.61 32.48 31.23
CA ALA D 869 14.27 33.71 31.64
C ALA D 869 13.29 34.86 31.75
N VAL D 870 12.25 34.87 30.91
CA VAL D 870 11.19 35.87 31.02
C VAL D 870 10.44 35.68 32.32
N TRP D 871 10.16 34.44 32.69
CA TRP D 871 9.44 34.18 33.93
C TRP D 871 10.28 34.47 35.16
N MET D 872 11.59 34.24 35.09
CA MET D 872 12.44 34.53 36.23
C MET D 872 12.62 36.04 36.41
N VAL D 873 12.50 36.81 35.33
CA VAL D 873 12.52 38.27 35.46
C VAL D 873 11.26 38.75 36.15
N ALA D 874 10.11 38.23 35.74
CA ALA D 874 8.85 38.59 36.40
C ALA D 874 8.74 38.03 37.80
N PHE D 875 9.43 36.93 38.10
CA PHE D 875 9.50 36.49 39.48
C PHE D 875 10.41 37.39 40.29
N GLY D 876 11.39 38.03 39.64
CA GLY D 876 12.29 38.91 40.35
C GLY D 876 11.65 40.23 40.72
N VAL D 877 10.80 40.76 39.83
CA VAL D 877 10.07 41.99 40.14
C VAL D 877 9.08 41.75 41.26
N ALA D 878 8.41 40.60 41.23
CA ALA D 878 7.43 40.27 42.27
C ALA D 878 8.11 40.04 43.62
N ARG D 879 9.29 39.43 43.61
CA ARG D 879 9.99 39.19 44.87
C ARG D 879 10.66 40.46 45.39
N GLN D 880 11.11 41.34 44.50
CA GLN D 880 11.67 42.62 44.96
C GLN D 880 10.59 43.58 45.40
N GLY D 881 9.43 43.58 44.73
CA GLY D 881 8.36 44.47 45.11
C GLY D 881 7.66 44.08 46.39
N ILE D 882 7.69 42.80 46.75
CA ILE D 882 7.05 42.36 47.98
C ILE D 882 7.96 42.63 49.17
N LEU D 883 9.24 42.31 49.06
CA LEU D 883 10.17 42.43 50.16
C LEU D 883 10.55 43.90 50.39
N ARG D 884 11.53 44.10 51.27
CA ARG D 884 11.79 45.41 51.86
C ARG D 884 12.58 46.29 50.89
N LYS D 885 13.12 47.39 51.42
CA LYS D 885 13.77 48.46 50.66
C LYS D 885 12.81 49.02 49.61
N ASN D 886 11.72 49.60 50.11
CA ASN D 886 10.60 50.01 49.29
C ASN D 886 10.97 51.18 48.37
N GLU D 887 11.33 52.33 48.95
CA GLU D 887 11.86 53.45 48.17
C GLU D 887 13.24 53.77 48.74
N HIS D 888 14.22 52.95 48.34
CA HIS D 888 15.64 53.19 48.57
C HIS D 888 16.36 52.44 47.45
N ARG D 889 16.62 53.14 46.34
CA ARG D 889 16.95 52.46 45.09
C ARG D 889 17.98 53.25 44.31
N TRP D 890 18.53 52.57 43.30
CA TRP D 890 19.51 53.08 42.35
C TRP D 890 19.30 52.31 41.06
N GLU D 891 20.35 52.27 40.22
CA GLU D 891 20.52 51.21 39.23
C GLU D 891 21.02 49.86 39.88
N TRP D 892 21.03 49.81 41.22
CA TRP D 892 21.13 48.54 41.94
C TRP D 892 20.00 47.59 41.59
N ILE D 893 18.80 48.12 41.34
CA ILE D 893 17.62 47.29 41.16
C ILE D 893 17.66 46.58 39.81
N PHE D 894 17.89 47.34 38.73
CA PHE D 894 17.87 46.81 37.37
C PHE D 894 18.99 45.82 37.08
N ARG D 895 19.98 45.69 37.96
CA ARG D 895 21.02 44.68 37.83
C ARG D 895 20.88 43.57 38.86
N SER D 896 19.97 43.68 39.81
CA SER D 896 19.74 42.64 40.80
C SER D 896 18.54 41.77 40.48
N VAL D 897 17.44 42.40 40.02
CA VAL D 897 16.18 41.71 39.71
C VAL D 897 16.38 40.61 38.68
N ILE D 898 17.32 40.83 37.76
CA ILE D 898 17.71 39.79 36.82
C ILE D 898 18.40 38.63 37.55
N TYR D 899 19.13 38.91 38.63
CA TYR D 899 19.94 37.88 39.27
C TYR D 899 19.44 37.38 40.62
N GLU D 900 18.61 38.14 41.33
CA GLU D 900 18.07 37.65 42.61
C GLU D 900 17.31 36.32 42.58
N PRO D 901 16.52 35.96 41.55
CA PRO D 901 15.95 34.61 41.56
C PRO D 901 16.97 33.52 41.34
N TYR D 902 18.07 33.81 40.64
CA TYR D 902 19.10 32.80 40.49
C TYR D 902 19.95 32.65 41.74
N LEU D 903 20.07 33.70 42.54
CA LEU D 903 20.58 33.54 43.90
C LEU D 903 19.57 32.84 44.80
N ALA D 904 18.28 32.93 44.48
CA ALA D 904 17.26 32.15 45.16
C ALA D 904 17.09 30.77 44.55
N MET D 905 17.91 30.40 43.58
CA MET D 905 17.88 29.09 42.94
C MET D 905 19.18 28.34 43.14
N PHE D 906 20.32 29.00 42.95
CA PHE D 906 21.62 28.36 43.13
C PHE D 906 22.01 28.32 44.61
N PHE D 945 -0.60 38.70 56.94
CA PHE D 945 -0.04 38.62 55.59
C PHE D 945 -0.58 37.42 54.76
N PRO D 946 -0.78 36.22 55.36
CA PRO D 946 -1.57 35.24 54.58
C PRO D 946 -3.07 35.37 54.84
N GLU D 947 -3.66 36.49 54.41
CA GLU D 947 -5.08 36.69 54.70
C GLU D 947 -5.96 35.86 53.77
N TRP D 948 -5.91 36.13 52.46
CA TRP D 948 -6.53 35.25 51.49
C TRP D 948 -5.74 35.19 50.19
N ILE D 949 -4.53 35.78 50.13
CA ILE D 949 -3.76 35.80 48.89
C ILE D 949 -2.81 34.62 48.76
N THR D 950 -2.67 33.81 49.81
CA THR D 950 -1.72 32.70 49.77
C THR D 950 -2.26 31.55 48.91
N ILE D 951 -3.57 31.37 48.88
CA ILE D 951 -4.18 30.34 48.04
C ILE D 951 -4.07 30.70 46.55
N PRO D 952 -4.31 31.95 46.10
CA PRO D 952 -3.96 32.24 44.70
C PRO D 952 -2.48 32.37 44.42
N LEU D 953 -1.61 32.34 45.43
CA LEU D 953 -0.19 32.21 45.14
C LEU D 953 0.14 30.80 44.67
N VAL D 954 -0.61 29.81 45.14
CA VAL D 954 -0.40 28.44 44.66
C VAL D 954 -0.98 28.29 43.26
N CYS D 955 -2.07 29.00 42.95
CA CYS D 955 -2.61 29.00 41.59
C CYS D 955 -1.69 29.70 40.59
N ILE D 956 -0.68 30.43 41.06
CA ILE D 956 0.39 30.88 40.18
C ILE D 956 1.35 29.74 39.92
N TYR D 957 1.69 28.99 40.96
CA TYR D 957 2.56 27.84 40.81
C TYR D 957 1.84 26.63 40.23
N MET D 958 0.54 26.72 39.99
CA MET D 958 -0.15 25.74 39.17
C MET D 958 -0.40 26.25 37.75
N LEU D 959 -0.11 27.51 37.49
CA LEU D 959 -0.13 28.06 36.14
C LEU D 959 1.25 28.22 35.55
N SER D 960 2.21 28.72 36.35
CA SER D 960 3.56 28.89 35.86
C SER D 960 4.27 27.56 35.72
N THR D 961 3.86 26.56 36.49
CA THR D 961 4.39 25.22 36.27
C THR D 961 3.82 24.64 34.99
N ASN D 962 2.55 24.92 34.71
CA ASN D 962 1.88 24.33 33.56
C ASN D 962 2.42 24.90 32.26
N ILE D 963 2.54 26.22 32.17
CA ILE D 963 2.94 26.84 30.92
C ILE D 963 4.45 26.68 30.67
N LEU D 964 5.23 26.35 31.68
CA LEU D 964 6.65 26.11 31.46
C LEU D 964 6.97 24.64 31.25
N LEU D 965 6.18 23.73 31.83
CA LEU D 965 6.38 22.32 31.55
C LEU D 965 5.90 21.97 30.15
N VAL D 966 4.88 22.67 29.64
CA VAL D 966 4.43 22.47 28.28
C VAL D 966 5.49 22.91 27.29
N ASN D 967 6.18 24.02 27.57
CA ASN D 967 7.29 24.44 26.74
C ASN D 967 8.47 23.47 26.82
N LEU D 968 8.59 22.76 27.94
CA LEU D 968 9.63 21.74 28.05
C LEU D 968 9.27 20.52 27.21
N LEU D 969 8.01 20.08 27.27
CA LEU D 969 7.61 18.90 26.50
C LEU D 969 7.48 19.21 25.01
N VAL D 970 7.16 20.45 24.65
CA VAL D 970 7.20 20.84 23.24
C VAL D 970 8.62 20.76 22.72
N ALA D 971 9.59 21.13 23.56
CA ALA D 971 11.00 20.99 23.20
C ALA D 971 11.41 19.53 23.06
N MET D 972 10.83 18.64 23.86
CA MET D 972 11.14 17.22 23.74
C MET D 972 10.58 16.64 22.45
N PHE D 973 9.29 16.81 22.22
CA PHE D 973 8.59 16.09 21.18
C PHE D 973 8.39 16.87 19.90
N GLY D 974 8.87 18.12 19.84
CA GLY D 974 8.71 18.93 18.64
C GLY D 974 9.53 18.49 17.46
N TYR D 975 10.54 17.63 17.67
CA TYR D 975 11.29 17.09 16.55
C TYR D 975 10.47 16.13 15.70
N THR D 976 9.43 15.50 16.27
CA THR D 976 8.69 14.46 15.57
C THR D 976 7.86 15.03 14.44
N VAL D 977 7.06 16.04 14.73
CA VAL D 977 6.04 16.51 13.80
C VAL D 977 6.69 17.32 12.69
N GLY D 978 6.19 17.16 11.48
CA GLY D 978 6.74 17.84 10.32
C GLY D 978 6.91 16.94 9.11
N ASN D 983 10.35 9.57 3.32
CA ASN D 983 11.02 10.79 2.89
C ASN D 983 11.96 11.29 3.97
N ASN D 984 12.01 10.60 5.10
CA ASN D 984 12.83 11.05 6.21
C ASN D 984 14.30 10.72 6.01
N ASP D 985 14.63 9.77 5.12
CA ASP D 985 16.03 9.47 4.87
C ASP D 985 16.70 10.59 4.08
N GLN D 986 15.97 11.20 3.16
CA GLN D 986 16.55 12.26 2.35
C GLN D 986 16.63 13.59 3.08
N VAL D 987 16.03 13.70 4.27
CA VAL D 987 16.13 14.94 5.03
C VAL D 987 17.47 15.03 5.73
N TRP D 988 17.90 13.95 6.37
CA TRP D 988 19.18 13.98 7.08
C TRP D 988 20.36 13.74 6.15
N LYS D 989 20.16 13.07 5.01
CA LYS D 989 21.25 12.90 4.06
C LYS D 989 21.56 14.21 3.35
N PHE D 990 20.58 15.11 3.26
CA PHE D 990 20.89 16.46 2.80
C PHE D 990 21.64 17.24 3.86
N GLN D 991 21.30 17.03 5.13
CA GLN D 991 21.94 17.79 6.20
C GLN D 991 23.33 17.27 6.48
N ARG D 992 23.52 15.96 6.45
CA ARG D 992 24.86 15.38 6.55
C ARG D 992 25.74 15.79 5.38
N PHE D 993 25.14 15.99 4.20
CA PHE D 993 25.90 16.55 3.08
C PHE D 993 26.20 18.02 3.31
N PHE D 994 25.24 18.78 3.81
CA PHE D 994 25.41 20.23 3.92
C PHE D 994 26.38 20.60 5.02
N LEU D 995 26.46 19.79 6.08
CA LEU D 995 27.40 20.09 7.16
C LEU D 995 28.82 19.72 6.78
N VAL D 996 28.99 18.57 6.10
CA VAL D 996 30.34 18.12 5.76
C VAL D 996 30.92 18.98 4.65
N GLN D 997 30.10 19.37 3.68
CA GLN D 997 30.57 20.30 2.65
C GLN D 997 30.80 21.69 3.20
N GLU D 998 30.15 22.04 4.31
CA GLU D 998 30.47 23.31 4.98
C GLU D 998 31.81 23.24 5.68
N TYR D 999 32.16 22.08 6.24
CA TYR D 999 33.48 21.96 6.85
C TYR D 999 34.57 21.80 5.81
N CYS D 1000 34.31 21.06 4.73
CA CYS D 1000 35.28 20.90 3.67
C CYS D 1000 35.57 22.20 2.93
N SER D 1001 34.67 23.18 3.03
CA SER D 1001 34.89 24.51 2.48
C SER D 1001 35.71 25.41 3.39
N ARG D 1002 36.32 24.86 4.44
CA ARG D 1002 37.28 25.59 5.26
C ARG D 1002 38.68 25.35 4.69
N LEU D 1003 39.70 25.74 5.44
CA LEU D 1003 41.07 25.48 5.02
C LEU D 1003 41.42 24.03 5.30
N THR D 1004 42.22 23.44 4.40
CA THR D 1004 42.62 22.05 4.50
C THR D 1004 43.92 21.86 5.25
N ILE D 1005 44.28 22.82 6.11
CA ILE D 1005 45.51 22.75 6.88
C ILE D 1005 45.17 22.86 8.36
N PRO D 1006 45.89 22.18 9.24
CA PRO D 1006 45.52 22.14 10.66
C PRO D 1006 45.74 23.48 11.38
N PHE D 1007 45.31 23.54 12.63
CA PHE D 1007 45.29 24.80 13.38
C PHE D 1007 46.58 25.58 13.61
N PRO D 1008 47.67 24.89 13.94
CA PRO D 1008 48.94 25.57 14.18
C PRO D 1008 49.60 26.08 12.90
N PHE D 1009 49.10 25.65 11.75
CA PHE D 1009 49.71 25.97 10.47
C PHE D 1009 48.82 26.85 9.61
N VAL D 1010 47.81 27.48 10.20
CA VAL D 1010 46.99 28.44 9.45
C VAL D 1010 47.80 29.69 9.16
N ILE D 1011 48.75 30.03 10.02
CA ILE D 1011 49.60 31.20 9.80
C ILE D 1011 50.59 30.98 8.66
N PHE D 1012 50.85 29.73 8.29
CA PHE D 1012 51.74 29.45 7.16
C PHE D 1012 51.05 29.57 5.81
N ALA D 1013 49.73 29.74 5.81
CA ALA D 1013 48.98 29.91 4.56
C ALA D 1013 47.71 30.72 4.81
N ASN D 1044 34.23 20.09 -22.58
CA ASN D 1044 33.10 19.61 -23.37
C ASN D 1044 33.31 18.16 -23.79
N GLU D 1045 34.31 17.51 -23.20
CA GLU D 1045 34.54 16.09 -23.44
C GLU D 1045 33.69 15.21 -22.55
N ILE D 1046 33.24 15.71 -21.41
CA ILE D 1046 32.33 14.96 -20.55
C ILE D 1046 30.87 15.26 -20.85
N LEU D 1047 30.58 16.42 -21.44
CA LEU D 1047 29.21 16.68 -21.87
C LEU D 1047 28.83 15.81 -23.04
N ALA D 1048 29.80 15.41 -23.86
CA ALA D 1048 29.57 14.40 -24.87
C ALA D 1048 29.40 13.01 -24.28
N TRP D 1049 29.88 12.79 -23.06
CA TRP D 1049 29.70 11.49 -22.44
C TRP D 1049 28.30 11.34 -21.86
N GLU D 1050 27.77 12.36 -21.22
CA GLU D 1050 26.42 12.25 -20.67
C GLU D 1050 25.35 12.42 -21.73
N ALA D 1051 25.69 12.93 -22.91
CA ALA D 1051 24.76 12.85 -24.03
C ALA D 1051 24.55 11.40 -24.45
N VAL D 1052 25.57 10.56 -24.29
CA VAL D 1052 25.38 9.13 -24.45
C VAL D 1052 24.58 8.58 -23.28
N MET D 1053 24.86 9.05 -22.06
CA MET D 1053 24.16 8.56 -20.88
C MET D 1053 22.71 9.04 -20.82
N LYS D 1054 22.39 10.13 -21.49
CA LYS D 1054 21.00 10.56 -21.54
C LYS D 1054 20.18 9.69 -22.46
N GLU D 1055 20.72 9.39 -23.66
CA GLU D 1055 20.01 8.55 -24.61
C GLU D 1055 19.83 7.13 -24.10
N ASN D 1056 20.76 6.63 -23.30
CA ASN D 1056 20.52 5.36 -22.62
C ASN D 1056 19.43 5.50 -21.57
N TYR D 1057 19.28 6.68 -20.97
CA TYR D 1057 18.26 6.89 -19.95
C TYR D 1057 16.88 7.07 -20.57
N LEU D 1058 16.81 7.77 -21.70
CA LEU D 1058 15.52 8.00 -22.34
C LEU D 1058 14.94 6.72 -22.93
N VAL D 1059 15.79 5.75 -23.24
CA VAL D 1059 15.32 4.42 -23.63
C VAL D 1059 14.65 3.73 -22.45
N LYS D 1060 15.18 3.93 -21.24
CA LYS D 1060 14.62 3.28 -20.05
C LYS D 1060 13.21 3.76 -19.74
N ILE D 1061 13.01 5.08 -19.73
CA ILE D 1061 11.70 5.61 -19.37
C ILE D 1061 10.68 5.47 -20.50
N ASN D 1062 11.12 5.32 -21.74
CA ASN D 1062 10.18 5.16 -22.84
C ASN D 1062 9.64 3.75 -22.92
N THR D 1063 10.51 2.75 -22.73
CA THR D 1063 10.08 1.36 -22.70
C THR D 1063 9.54 0.92 -21.35
N LYS D 1064 9.26 1.85 -20.44
CA LYS D 1064 8.50 1.52 -19.23
C LYS D 1064 7.01 1.55 -19.48
N ALA D 1065 6.56 1.80 -20.72
CA ALA D 1065 5.15 1.71 -21.09
C ALA D 1065 4.82 0.26 -21.42
N ASN D 1066 4.81 -0.56 -20.36
CA ASN D 1066 4.40 -1.95 -20.43
C ASN D 1066 3.03 -2.19 -19.82
N ASP D 1067 2.71 -1.50 -18.72
CA ASP D 1067 1.36 -1.53 -18.16
C ASP D 1067 0.39 -0.69 -18.97
N SER D 1068 0.89 0.16 -19.86
CA SER D 1068 0.05 0.79 -20.88
C SER D 1068 0.05 0.00 -22.18
N SER D 1069 1.08 -0.81 -22.42
CA SER D 1069 1.03 -1.76 -23.53
C SER D 1069 0.15 -2.95 -23.20
N GLU D 1070 0.03 -3.30 -21.92
CA GLU D 1070 -0.91 -4.34 -21.52
C GLU D 1070 -2.35 -3.85 -21.60
N GLU D 1071 -2.57 -2.54 -21.64
CA GLU D 1071 -3.84 -2.00 -22.10
C GLU D 1071 -3.98 -2.33 -23.58
N MET D 1072 -4.96 -3.15 -23.91
CA MET D 1072 -5.02 -3.86 -25.19
C MET D 1072 -5.76 -3.08 -26.26
N VAL D 1073 -5.73 -1.74 -26.21
CA VAL D 1073 -6.45 -0.90 -27.18
C VAL D 1073 -5.90 -1.05 -28.60
N HIS D 1074 -4.66 -1.55 -28.75
CA HIS D 1074 -4.19 -2.00 -30.05
C HIS D 1074 -4.70 -3.41 -30.36
N ARG D 1075 -4.79 -4.27 -29.35
CA ARG D 1075 -5.29 -5.63 -29.54
C ARG D 1075 -6.81 -5.70 -29.58
N PHE D 1076 -7.50 -4.68 -29.08
CA PHE D 1076 -8.95 -4.63 -29.25
C PHE D 1076 -9.34 -4.27 -30.68
N ARG D 1077 -8.42 -3.68 -31.45
CA ARG D 1077 -8.72 -3.21 -32.79
C ARG D 1077 -7.89 -3.90 -33.87
N GLN D 1078 -6.85 -4.66 -33.52
CA GLN D 1078 -6.10 -5.37 -34.53
C GLN D 1078 -6.82 -6.61 -35.03
N LEU D 1079 -7.78 -7.13 -34.26
CA LEU D 1079 -8.60 -8.24 -34.75
C LEU D 1079 -9.85 -7.73 -35.46
N ASP D 1080 -10.23 -6.46 -35.22
CA ASP D 1080 -11.30 -5.87 -36.00
C ASP D 1080 -10.92 -5.74 -37.47
N ALA D 1081 -9.64 -5.48 -37.74
CA ALA D 1081 -9.16 -5.59 -39.11
C ALA D 1081 -9.03 -7.04 -39.54
N LYS D 1082 -8.83 -7.95 -38.60
CA LYS D 1082 -8.73 -9.36 -38.94
C LYS D 1082 -10.11 -9.99 -39.11
N LEU D 1083 -11.10 -9.57 -38.32
CA LEU D 1083 -12.46 -10.06 -38.52
C LEU D 1083 -13.10 -9.43 -39.74
N SER D 1084 -12.72 -8.21 -40.10
CA SER D 1084 -13.21 -7.62 -41.35
C SER D 1084 -12.48 -8.21 -42.55
N ASP D 1085 -11.27 -8.74 -42.34
CA ASP D 1085 -10.60 -9.51 -43.39
C ASP D 1085 -11.37 -10.81 -43.65
N LEU D 1086 -11.92 -11.41 -42.61
CA LEU D 1086 -12.76 -12.57 -42.77
C LEU D 1086 -14.16 -12.20 -43.25
N LYS D 1087 -14.61 -10.98 -42.93
CA LYS D 1087 -15.97 -10.55 -43.27
C LYS D 1087 -16.14 -10.34 -44.77
N GLY D 1088 -15.21 -9.61 -45.39
CA GLY D 1088 -15.34 -9.28 -46.80
C GLY D 1088 -15.15 -10.46 -47.73
N LEU D 1089 -14.42 -11.49 -47.28
CA LEU D 1089 -14.25 -12.66 -48.12
C LEU D 1089 -15.49 -13.55 -48.05
N LEU D 1090 -16.23 -13.47 -46.95
CA LEU D 1090 -17.53 -14.14 -46.85
C LEU D 1090 -18.55 -13.56 -47.81
N LYS D 1091 -18.46 -12.26 -48.12
CA LYS D 1091 -19.49 -11.63 -48.93
C LYS D 1091 -19.26 -11.86 -50.42
N GLU D 1092 -18.01 -11.84 -50.86
CA GLU D 1092 -17.72 -11.96 -52.28
C GLU D 1092 -17.88 -13.38 -52.79
N ILE D 1093 -17.72 -14.40 -51.93
CA ILE D 1093 -17.91 -15.78 -52.34
C ILE D 1093 -19.39 -16.09 -52.54
N SER D 1094 -20.28 -15.33 -51.89
CA SER D 1094 -21.70 -15.44 -52.17
C SER D 1094 -22.05 -14.89 -53.54
N SER D 1095 -21.27 -13.93 -54.05
CA SER D 1095 -21.55 -13.29 -55.34
C SER D 1095 -21.18 -14.17 -56.52
N LYS D 1096 -20.35 -15.19 -56.29
CA LYS D 1096 -19.89 -16.05 -57.37
C LYS D 1096 -20.84 -17.18 -57.68
N ILE D 1097 -21.52 -17.72 -56.66
CA ILE D 1097 -22.40 -18.88 -56.86
C ILE D 1097 -23.82 -18.48 -57.26
N LYS D 1098 -24.09 -17.19 -57.43
CA LYS D 1098 -25.42 -16.76 -57.85
C LYS D 1098 -25.70 -17.11 -59.31
#